data_8WMM
#
_entry.id   8WMM
#
_cell.length_a   1.00
_cell.length_b   1.00
_cell.length_c   1.00
_cell.angle_alpha   90.00
_cell.angle_beta   90.00
_cell.angle_gamma   90.00
#
_symmetry.space_group_name_H-M   'P 1'
#
loop_
_entity.id
_entity.type
_entity.pdbx_description
1 polymer deadCbCas9
2 polymer TS
3 polymer sgRNA
4 polymer PcrIIC1
5 polymer NTS
6 non-polymer 'MAGNESIUM ION'
#
loop_
_entity_poly.entity_id
_entity_poly.type
_entity_poly.pdbx_seq_one_letter_code
_entity_poly.pdbx_strand_id
1 'polypeptide(L)'
;MIKNILGLALGTNSIGWALVKQDFENKQGEILGMGSRIIPMSQDILGDFGKGNSVSQTAERTKYRSVRRLRERFLLRRER
LHRVLYILNFLPEHYASQIDFEKRLGKFKVETEPKLVWKNTDGQFSFLFQNSFNEMLEDFKAAGQELKIPYDWTIYHLRK
KAISQKIEKEELAWILLNFNHKRGYYQLRGEDFEEEKDKTFVRLKVDRIVDSGENVKGKILYDVYFENGWKYDKQVVKTE
DWVDRTKEFIVSESILKNGETKRTFKAVDSEKDWIAIKTKTEQEIEHSHKTVGTYIYETLLQNPKQKIKGKLVRTIERKF
YKEELRQILEKQKEFHQELQSDDLYNDCIRELYRNNEVHQLTLRKKDFVHLFMEDIIFYQRPLRSQKSSVSNCTLEFRKY
KGENGAEHTQYLKAIPKSNPYYQEFRLWQWIFNLNLYTKDNDENVTKVFLNTTQDFENLFEFLNTRKEVDQKALLKHFKL
NEKTHRWNFVEDKKYPCNETKTMISSRLDKVENISDDFLTRDIEQKIWHIIYSVNDKVEYEKALKSFARKHHLDESSFFE
AFRKFPPFKSEYGSFSEKAIKKLLPLMRLGKYWNYAEIDKYSRERIQKIITGEYDENIKDKVREKSVHLTIENDFQGLQL
WLAQYIVYGRHSEASMIGKWNSANDLEVFLKDFKQHSLRNPIVEQVITETLRVVKDIWLKYGNGTKDFFNEIHIELGREM
KLPADDRKKLTNQITENENTNLRIKALLAEMMNDHSVENVRPFSPMQQEILKIYEDGVLKSDIEIEDDILKISKTAQPSS
SDLKRYKLWLEQKYKSPYTGQIIPLNKLFTPEYEIEAIIPQSRYFDDSFSNKIICESAVNKLKDNYIGLGFIKQFGGTII
ELGFGKSVKVFDTEEYEDFVKKHYANNRGKRNKLLMEDIPEKMIERQLNDTRYISKYISGILSNIVRVEDGSDEGVNSKN
IVPGNGKITTQLKQDWGLNDVWNDLILPRFERMNQLTNSKDFTAWNENHQKFLPTVPIEFSKGFSKKRIDHRHHALDALV
IACATTDHVNLLNNQSAKSDTKRYDLKKKLMKFEKVVYHHTQTGEKIEREIPKQFLKPWEKFTVDAKHNLESIIVSFKQN
LRVINKATNYYEKYVEKDGTKNKERVEQAGTNWAIRKPMHKDTVSGKVDLPWVKVPKGKILTATRKSLDSSFDLKSIGSI
TDTGIQKILKNYLAFKDGNPELAFSPEGIDDLNKNIEKYNDGKPHQPINKVRVFELGSKFQVGQTGNKKGKYVEAAKGTN
LFFAVYEDEKGKRSYETIPLNEVIERQKQGLTSVPLENEKGSRLLFDLSPNDLVYVPEIDENIDSNFVFSNLNKEKISRI
YKVEKTSGTECYFVRQDIAYLIKQYDAKTKIGELESQNKLQVTMTDDRIRITDTCVKINCDRLGNINFITKEKIKQIFNE
FR
;
A,B
2 'polydeoxyribonucleotide'
;(DC)(DG)(DT)(DT)(DT)(DT)(DG)(DT)(DC)(DT)(DC)(DG)(DG)(DC)(DT)(DC)(DC)(DC)(DC)(DG)
(DA)(DC)(DA)(DT)(DT)(DC)(DT)(DC)
;
C,F
3 'polyribonucleotide'
;GAGAAUGUCGGGGAGCCGAGGUUGUGAAUUGCUUUCAAAAAUUAUUGAGAAAUAAUUUUGAAAAGCAAUUCACAAUAAGG
AUUAUUCCGUUGUGAAAACAUUCAAGGCGGGGCAACUCGCCUUUUUU
;
D,O
4 'polypeptide(L)'
;MSLDKIAIDTNILLYAYDNRDLDKQDRAVEILLKKPFVTQLVVFEFIKVLERRFKMDKKEITKLTIKLLKEVIIPLSLHR
DIYNYSQFLLQRYNFGLSDILVLSDSILNNCTILLSEDMCNGMIVDKKLKIVNPFL
;
G,H
5 'polydeoxyribonucleotide'
;(DG)(DA)(DG)(DA)(DA)(DT)(DG)(DT)(DC)(DG)(DG)(DG)(DG)(DA)(DG)(DC)(DC)(DG)(DA)(DG)
(DA)(DC)(DA)(DA)(DA)(DA)(DC)(DG)
;
S,Y
#
loop_
_chem_comp.id
_chem_comp.type
_chem_comp.name
_chem_comp.formula
A RNA linking ADENOSINE-5'-MONOPHOSPHATE 'C10 H14 N5 O7 P'
C RNA linking CYTIDINE-5'-MONOPHOSPHATE 'C9 H14 N3 O8 P'
DA DNA linking 2'-DEOXYADENOSINE-5'-MONOPHOSPHATE 'C10 H14 N5 O6 P'
DC DNA linking 2'-DEOXYCYTIDINE-5'-MONOPHOSPHATE 'C9 H14 N3 O7 P'
DG DNA linking 2'-DEOXYGUANOSINE-5'-MONOPHOSPHATE 'C10 H14 N5 O7 P'
DT DNA linking THYMIDINE-5'-MONOPHOSPHATE 'C10 H15 N2 O8 P'
G RNA linking GUANOSINE-5'-MONOPHOSPHATE 'C10 H14 N5 O8 P'
MG non-polymer 'MAGNESIUM ION' 'Mg 2'
U RNA linking URIDINE-5'-MONOPHOSPHATE 'C9 H13 N2 O9 P'
#
# COMPACT_ATOMS: atom_id res chain seq x y z
N MET A 1 -13.34 32.96 -58.76
CA MET A 1 -14.54 33.05 -57.88
C MET A 1 -14.19 32.67 -56.45
N ILE A 2 -14.48 31.43 -56.06
CA ILE A 2 -14.17 30.96 -54.72
C ILE A 2 -12.67 30.72 -54.63
N LYS A 3 -12.03 31.28 -53.61
CA LYS A 3 -10.58 31.14 -53.45
C LYS A 3 -10.27 30.69 -52.03
N ASN A 4 -9.47 29.64 -51.91
CA ASN A 4 -8.94 29.20 -50.63
C ASN A 4 -7.65 29.97 -50.36
N ILE A 5 -7.64 30.74 -49.27
CA ILE A 5 -6.51 31.57 -48.92
C ILE A 5 -5.97 31.09 -47.59
N LEU A 6 -4.66 30.86 -47.52
CA LEU A 6 -4.00 30.37 -46.31
C LEU A 6 -3.02 31.44 -45.85
N GLY A 7 -3.33 32.08 -44.71
CA GLY A 7 -2.47 33.08 -44.14
C GLY A 7 -1.63 32.50 -43.02
N LEU A 8 -0.33 32.83 -43.05
CA LEU A 8 0.63 32.36 -42.06
C LEU A 8 1.33 33.55 -41.45
N ALA A 9 1.47 33.53 -40.12
CA ALA A 9 2.25 34.50 -39.37
C ALA A 9 3.32 33.74 -38.60
N LEU A 10 4.58 34.06 -38.86
CA LEU A 10 5.70 33.31 -38.32
C LEU A 10 6.47 34.15 -37.32
N GLY A 11 6.58 33.66 -36.08
CA GLY A 11 7.37 34.29 -35.06
C GLY A 11 8.66 33.54 -34.80
N THR A 12 9.36 33.99 -33.76
CA THR A 12 10.61 33.32 -33.39
C THR A 12 10.37 31.87 -33.00
N ASN A 13 9.30 31.62 -32.22
CA ASN A 13 8.98 30.26 -31.80
C ASN A 13 7.47 30.03 -31.83
N SER A 14 6.76 30.67 -32.76
CA SER A 14 5.32 30.55 -32.85
C SER A 14 4.90 30.59 -34.31
N ILE A 15 3.82 29.85 -34.62
CA ILE A 15 3.31 29.75 -35.98
C ILE A 15 1.80 29.90 -35.93
N GLY A 16 1.30 31.10 -36.26
CA GLY A 16 -0.13 31.31 -36.36
C GLY A 16 -0.59 31.03 -37.77
N TRP A 17 -1.73 30.36 -37.89
CA TRP A 17 -2.24 29.94 -39.18
C TRP A 17 -3.74 30.20 -39.26
N ALA A 18 -4.19 30.58 -40.46
CA ALA A 18 -5.61 30.77 -40.72
C ALA A 18 -5.90 30.32 -42.14
N LEU A 19 -7.03 29.63 -42.32
CA LEU A 19 -7.45 29.15 -43.64
C LEU A 19 -8.87 29.63 -43.87
N VAL A 20 -9.09 30.33 -44.98
CA VAL A 20 -10.37 30.96 -45.28
C VAL A 20 -10.78 30.59 -46.69
N LYS A 21 -12.09 30.55 -46.91
CA LYS A 21 -12.67 30.38 -48.24
C LYS A 21 -13.38 31.68 -48.58
N GLN A 22 -12.72 32.54 -49.34
CA GLN A 22 -13.18 33.89 -49.58
C GLN A 22 -13.65 34.05 -51.02
N ASP A 23 -14.71 34.85 -51.17
CA ASP A 23 -15.25 35.26 -52.46
C ASP A 23 -15.34 36.78 -52.39
N PHE A 24 -14.24 37.45 -52.71
CA PHE A 24 -14.14 38.88 -52.44
C PHE A 24 -15.11 39.69 -53.28
N GLU A 25 -15.34 39.30 -54.52
CA GLU A 25 -16.19 40.10 -55.41
C GLU A 25 -17.58 40.26 -54.84
N ASN A 26 -18.13 39.19 -54.25
CA ASN A 26 -19.47 39.21 -53.68
C ASN A 26 -19.49 39.53 -52.19
N LYS A 27 -18.33 39.84 -51.60
CA LYS A 27 -18.25 40.16 -50.17
C LYS A 27 -18.84 39.04 -49.32
N GLN A 28 -18.62 37.80 -49.75
CA GLN A 28 -19.02 36.61 -49.03
C GLN A 28 -17.78 35.96 -48.43
N GLY A 29 -17.99 34.80 -47.81
CA GLY A 29 -16.88 34.02 -47.30
C GLY A 29 -17.17 33.50 -45.91
N GLU A 30 -16.14 32.88 -45.34
CA GLU A 30 -16.24 32.30 -44.01
C GLU A 30 -14.86 31.77 -43.62
N ILE A 31 -14.62 31.74 -42.32
CA ILE A 31 -13.35 31.26 -41.76
C ILE A 31 -13.43 29.76 -41.62
N LEU A 32 -12.68 29.04 -42.46
CA LEU A 32 -12.64 27.59 -42.38
C LEU A 32 -11.87 27.11 -41.15
N GLY A 33 -10.78 27.78 -40.80
CA GLY A 33 -10.01 27.33 -39.65
C GLY A 33 -9.01 28.36 -39.19
N MET A 34 -8.58 28.19 -37.94
CA MET A 34 -7.65 29.11 -37.30
C MET A 34 -6.91 28.35 -36.21
N GLY A 35 -5.68 28.78 -35.94
CA GLY A 35 -4.93 28.11 -34.88
C GLY A 35 -3.54 28.70 -34.71
N SER A 36 -2.84 28.17 -33.72
CA SER A 36 -1.47 28.58 -33.41
C SER A 36 -0.70 27.38 -32.88
N ARG A 37 0.46 27.13 -33.47
CA ARG A 37 1.37 26.09 -33.02
C ARG A 37 2.55 26.76 -32.32
N ILE A 38 2.86 26.31 -31.11
CA ILE A 38 3.87 26.94 -30.27
C ILE A 38 5.03 25.99 -30.08
N ILE A 39 6.24 26.48 -30.31
CA ILE A 39 7.47 25.75 -30.02
C ILE A 39 8.04 26.31 -28.72
N PRO A 40 7.99 25.58 -27.61
CA PRO A 40 8.48 26.15 -26.35
C PRO A 40 9.95 26.51 -26.44
N MET A 41 10.29 27.69 -25.93
CA MET A 41 11.67 28.14 -25.79
C MET A 41 11.74 29.10 -24.61
N SER A 42 12.73 28.91 -23.75
CA SER A 42 12.89 29.79 -22.61
C SER A 42 13.23 31.21 -23.07
N GLN A 43 12.81 32.20 -22.28
CA GLN A 43 13.10 33.58 -22.60
C GLN A 43 14.60 33.85 -22.70
N ASP A 44 15.42 33.04 -22.02
CA ASP A 44 16.86 33.22 -22.11
C ASP A 44 17.34 33.03 -23.55
N ILE A 45 16.82 32.01 -24.24
CA ILE A 45 17.21 31.78 -25.62
C ILE A 45 16.78 32.95 -26.49
N LEU A 46 15.54 33.45 -26.28
CA LEU A 46 15.06 34.57 -27.07
C LEU A 46 15.92 35.81 -26.87
N GLY A 47 16.31 36.08 -25.62
CA GLY A 47 17.13 37.25 -25.34
C GLY A 47 18.59 37.10 -25.68
N ASP A 48 19.07 35.86 -25.83
CA ASP A 48 20.48 35.62 -26.13
C ASP A 48 20.76 35.49 -27.61
N PHE A 49 19.84 34.90 -28.39
CA PHE A 49 20.10 34.74 -29.81
C PHE A 49 20.18 36.08 -30.52
N GLY A 50 19.64 37.14 -29.93
CA GLY A 50 19.81 38.46 -30.49
C GLY A 50 21.27 38.89 -30.51
N LYS A 51 22.00 38.59 -29.44
CA LYS A 51 23.43 38.87 -29.36
C LYS A 51 24.28 37.65 -29.68
N GLY A 52 23.86 36.47 -29.22
CA GLY A 52 24.56 35.24 -29.55
C GLY A 52 25.57 34.83 -28.50
N ASN A 53 25.27 33.77 -27.75
CA ASN A 53 26.19 33.25 -26.74
C ASN A 53 25.97 31.74 -26.65
N SER A 54 26.73 30.99 -27.45
CA SER A 54 26.63 29.54 -27.49
C SER A 54 25.19 29.08 -27.42
N VAL A 55 24.30 29.74 -28.18
CA VAL A 55 22.86 29.44 -28.10
C VAL A 55 22.64 28.29 -29.08
N SER A 56 22.92 27.08 -28.61
CA SER A 56 22.74 25.89 -29.42
C SER A 56 22.92 24.64 -28.57
N GLN A 57 21.97 23.71 -28.66
CA GLN A 57 22.13 22.44 -27.95
C GLN A 57 23.26 21.62 -28.55
N THR A 58 23.43 21.69 -29.87
CA THR A 58 24.47 20.93 -30.54
C THR A 58 25.85 21.34 -30.04
N ALA A 59 26.07 22.64 -29.87
CA ALA A 59 27.37 23.11 -29.38
C ALA A 59 27.66 22.58 -27.99
N GLU A 60 26.66 22.60 -27.11
CA GLU A 60 26.84 22.07 -25.77
C GLU A 60 27.16 20.59 -25.79
N ARG A 61 26.46 19.83 -26.63
CA ARG A 61 26.74 18.40 -26.75
C ARG A 61 28.17 18.18 -27.23
N THR A 62 28.61 18.97 -28.21
CA THR A 62 29.98 18.84 -28.73
C THR A 62 31.00 19.18 -27.65
N LYS A 63 30.71 20.19 -26.83
CA LYS A 63 31.61 20.54 -25.74
C LYS A 63 31.78 19.38 -24.78
N TYR A 64 30.66 18.79 -24.35
CA TYR A 64 30.76 17.63 -23.48
C TYR A 64 31.53 16.50 -24.15
N ARG A 65 31.28 16.27 -25.43
CA ARG A 65 31.96 15.17 -26.13
C ARG A 65 33.46 15.39 -26.16
N SER A 66 33.90 16.62 -26.41
CA SER A 66 35.33 16.92 -26.43
C SER A 66 35.95 16.67 -25.06
N VAL A 67 35.28 17.11 -24.00
CA VAL A 67 35.79 16.87 -22.65
C VAL A 67 35.97 15.37 -22.43
N ARG A 68 34.94 14.59 -22.77
CA ARG A 68 35.00 13.15 -22.59
C ARG A 68 36.14 12.55 -23.39
N ARG A 69 36.35 13.03 -24.60
CA ARG A 69 37.40 12.49 -25.45
C ARG A 69 38.78 12.72 -24.83
N LEU A 70 39.02 13.92 -24.33
CA LEU A 70 40.29 14.19 -23.67
C LEU A 70 40.49 13.25 -22.49
N ARG A 71 39.45 13.08 -21.67
CA ARG A 71 39.55 12.18 -20.52
C ARG A 71 39.91 10.76 -20.96
N GLU A 72 39.21 10.26 -21.98
CA GLU A 72 39.43 8.90 -22.42
C GLU A 72 40.85 8.70 -22.93
N ARG A 73 41.37 9.68 -23.68
CA ARG A 73 42.72 9.54 -24.21
C ARG A 73 43.75 9.58 -23.09
N PHE A 74 43.52 10.39 -22.05
CA PHE A 74 44.43 10.35 -20.90
C PHE A 74 44.41 8.97 -20.25
N LEU A 75 43.22 8.39 -20.09
CA LEU A 75 43.14 7.05 -19.49
C LEU A 75 43.88 6.02 -20.34
N LEU A 76 43.74 6.13 -21.66
CA LEU A 76 44.43 5.19 -22.55
C LEU A 76 45.95 5.32 -22.39
N ARG A 77 46.45 6.55 -22.31
CA ARG A 77 47.88 6.74 -22.09
C ARG A 77 48.32 6.08 -20.79
N ARG A 78 47.54 6.27 -19.73
CA ARG A 78 47.89 5.66 -18.45
C ARG A 78 47.94 4.15 -18.56
N GLU A 79 46.96 3.55 -19.23
CA GLU A 79 46.93 2.09 -19.35
C GLU A 79 48.13 1.58 -20.13
N ARG A 80 48.50 2.28 -21.21
CA ARG A 80 49.68 1.86 -21.97
C ARG A 80 50.94 1.96 -21.12
N LEU A 81 51.07 3.03 -20.34
CA LEU A 81 52.18 3.12 -19.40
C LEU A 81 52.18 1.94 -18.44
N HIS A 82 51.01 1.58 -17.92
CA HIS A 82 50.94 0.45 -16.99
C HIS A 82 51.45 -0.81 -17.65
N ARG A 83 50.99 -1.10 -18.86
CA ARG A 83 51.42 -2.32 -19.54
C ARG A 83 52.93 -2.32 -19.76
N VAL A 84 53.47 -1.21 -20.28
CA VAL A 84 54.89 -1.16 -20.60
C VAL A 84 55.72 -1.34 -19.33
N LEU A 85 55.35 -0.64 -18.26
CA LEU A 85 56.12 -0.75 -17.02
C LEU A 85 56.02 -2.14 -16.43
N TYR A 86 54.85 -2.77 -16.49
CA TYR A 86 54.71 -4.12 -15.97
C TYR A 86 55.59 -5.09 -16.73
N ILE A 87 55.63 -4.98 -18.06
CA ILE A 87 56.53 -5.83 -18.84
C ILE A 87 57.98 -5.52 -18.46
N LEU A 88 58.31 -4.25 -18.29
CA LEU A 88 59.66 -3.88 -17.88
C LEU A 88 59.97 -4.30 -16.46
N ASN A 89 58.96 -4.71 -15.69
CA ASN A 89 59.15 -5.13 -14.30
C ASN A 89 59.62 -3.95 -13.44
N PHE A 90 58.88 -2.84 -13.49
CA PHE A 90 59.16 -1.69 -12.65
C PHE A 90 58.13 -1.44 -11.57
N LEU A 91 56.87 -1.78 -11.82
CA LEU A 91 55.82 -1.46 -10.85
C LEU A 91 56.06 -2.24 -9.56
N PRO A 92 55.71 -1.67 -8.40
CA PRO A 92 55.78 -2.45 -7.16
C PRO A 92 54.78 -3.59 -7.18
N GLU A 93 55.15 -4.68 -6.50
CA GLU A 93 54.35 -5.90 -6.58
C GLU A 93 52.93 -5.67 -6.08
N HIS A 94 52.80 -4.98 -4.95
CA HIS A 94 51.47 -4.74 -4.40
C HIS A 94 50.62 -3.91 -5.36
N TYR A 95 51.22 -2.94 -6.05
CA TYR A 95 50.48 -2.16 -7.03
C TYR A 95 50.14 -3.01 -8.25
N ALA A 96 51.12 -3.73 -8.79
CA ALA A 96 50.87 -4.51 -9.99
C ALA A 96 49.81 -5.58 -9.77
N SER A 97 49.70 -6.10 -8.55
CA SER A 97 48.78 -7.20 -8.29
C SER A 97 47.33 -6.83 -8.60
N GLN A 98 46.97 -5.56 -8.51
CA GLN A 98 45.58 -5.13 -8.65
C GLN A 98 45.24 -4.61 -10.04
N ILE A 99 46.16 -4.72 -10.99
CA ILE A 99 45.96 -4.22 -12.35
C ILE A 99 45.78 -5.42 -13.28
N ASP A 100 44.69 -5.41 -14.04
CA ASP A 100 44.42 -6.45 -15.02
C ASP A 100 45.37 -6.32 -16.20
N PHE A 101 45.97 -7.44 -16.60
CA PHE A 101 46.87 -7.48 -17.74
C PHE A 101 46.49 -8.54 -18.76
N GLU A 102 45.31 -9.15 -18.62
CA GLU A 102 44.90 -10.24 -19.49
C GLU A 102 43.70 -9.89 -20.36
N LYS A 103 42.60 -9.47 -19.76
CA LYS A 103 41.38 -9.13 -20.50
C LYS A 103 41.19 -7.63 -20.61
N ARG A 104 41.16 -6.92 -19.48
CA ARG A 104 41.03 -5.47 -19.46
C ARG A 104 42.43 -4.91 -19.24
N LEU A 105 43.20 -4.83 -20.33
CA LEU A 105 44.63 -4.57 -20.23
C LEU A 105 44.92 -3.28 -19.48
N GLY A 106 45.88 -3.34 -18.56
CA GLY A 106 46.38 -2.17 -17.88
C GLY A 106 45.42 -1.51 -16.89
N LYS A 107 44.15 -1.88 -16.91
CA LYS A 107 43.15 -1.25 -16.06
C LYS A 107 43.21 -1.81 -14.65
N PHE A 108 42.76 -1.01 -13.69
CA PHE A 108 42.65 -1.48 -12.31
C PHE A 108 41.54 -2.51 -12.21
N LYS A 109 41.74 -3.48 -11.32
CA LYS A 109 40.72 -4.49 -11.10
C LYS A 109 39.49 -3.87 -10.44
N VAL A 110 38.32 -4.42 -10.78
CA VAL A 110 37.05 -3.81 -10.39
C VAL A 110 37.03 -3.58 -8.88
N GLU A 111 36.42 -2.47 -8.47
CA GLU A 111 36.31 -2.09 -7.06
C GLU A 111 37.67 -2.11 -6.37
N THR A 112 38.62 -1.39 -6.96
CA THR A 112 39.93 -1.20 -6.35
C THR A 112 40.43 0.19 -6.69
N GLU A 113 41.15 0.80 -5.75
CA GLU A 113 41.75 2.13 -5.92
C GLU A 113 43.19 2.08 -5.43
N PRO A 114 44.03 1.28 -6.08
CA PRO A 114 45.40 1.12 -5.59
C PRO A 114 46.21 2.40 -5.71
N LYS A 115 47.19 2.53 -4.82
CA LYS A 115 48.12 3.64 -4.82
C LYS A 115 49.54 3.09 -4.94
N LEU A 116 50.29 3.60 -5.92
CA LEU A 116 51.59 3.04 -6.22
C LEU A 116 52.51 3.01 -5.01
N VAL A 117 52.43 4.03 -4.15
CA VAL A 117 53.43 4.24 -3.11
C VAL A 117 52.93 3.85 -1.73
N TRP A 118 51.63 3.69 -1.55
CA TRP A 118 51.04 3.35 -0.25
C TRP A 118 50.67 1.87 -0.28
N LYS A 119 51.35 1.07 0.55
CA LYS A 119 51.07 -0.36 0.63
C LYS A 119 50.16 -0.64 1.81
N ASN A 120 49.11 -1.41 1.57
CA ASN A 120 48.11 -1.74 2.58
C ASN A 120 48.39 -3.14 3.13
N THR A 121 48.85 -3.21 4.37
CA THR A 121 49.06 -4.48 5.05
C THR A 121 48.13 -4.55 6.25
N ASP A 122 47.26 -5.55 6.28
CA ASP A 122 46.29 -5.75 7.34
C ASP A 122 45.63 -4.44 7.76
N GLY A 123 45.14 -3.71 6.77
CA GLY A 123 44.38 -2.50 7.02
C GLY A 123 45.18 -1.29 7.40
N GLN A 124 46.51 -1.34 7.31
CA GLN A 124 47.38 -0.22 7.62
C GLN A 124 48.17 0.18 6.38
N PHE A 125 48.15 1.47 6.05
CA PHE A 125 48.84 1.99 4.89
C PHE A 125 50.22 2.50 5.30
N SER A 126 51.24 2.09 4.57
CA SER A 126 52.61 2.47 4.85
C SER A 126 53.25 3.02 3.58
N PHE A 127 54.10 4.03 3.75
CA PHE A 127 54.81 4.63 2.62
C PHE A 127 55.86 3.65 2.10
N LEU A 128 56.11 3.72 0.79
CA LEU A 128 56.96 2.74 0.14
C LEU A 128 58.42 3.18 0.08
N PHE A 129 58.69 4.47 -0.15
CA PHE A 129 60.05 4.97 -0.32
C PHE A 129 60.46 5.70 0.95
N GLN A 130 60.98 4.93 1.91
CA GLN A 130 61.37 5.51 3.20
C GLN A 130 62.69 6.26 3.09
N ASN A 131 63.69 5.68 2.41
CA ASN A 131 65.01 6.31 2.38
C ASN A 131 64.98 7.62 1.59
N SER A 132 64.19 7.67 0.51
CA SER A 132 64.02 8.91 -0.21
C SER A 132 63.36 9.97 0.67
N PHE A 133 62.38 9.55 1.47
CA PHE A 133 61.75 10.49 2.40
C PHE A 133 62.78 11.01 3.40
N ASN A 134 63.64 10.13 3.90
CA ASN A 134 64.67 10.58 4.83
C ASN A 134 65.65 11.56 4.17
N GLU A 135 66.00 11.30 2.91
CA GLU A 135 66.86 12.22 2.19
C GLU A 135 66.19 13.59 2.06
N MET A 136 64.90 13.60 1.73
CA MET A 136 64.19 14.87 1.60
C MET A 136 64.12 15.59 2.94
N LEU A 137 63.93 14.84 4.03
CA LEU A 137 63.94 15.46 5.35
C LEU A 137 65.32 16.04 5.69
N GLU A 138 66.38 15.34 5.30
CA GLU A 138 67.72 15.88 5.50
C GLU A 138 67.88 17.20 4.75
N ASP A 139 67.41 17.24 3.50
CA ASP A 139 67.51 18.47 2.72
C ASP A 139 66.72 19.59 3.37
N PHE A 140 65.51 19.28 3.85
CA PHE A 140 64.69 20.30 4.52
C PHE A 140 65.37 20.80 5.78
N LYS A 141 65.95 19.90 6.56
CA LYS A 141 66.68 20.32 7.76
C LYS A 141 67.82 21.25 7.38
N ALA A 142 68.56 20.91 6.33
CA ALA A 142 69.62 21.80 5.85
C ALA A 142 69.04 23.17 5.52
N ALA A 143 67.89 23.20 4.84
CA ALA A 143 67.23 24.47 4.57
C ALA A 143 66.69 25.12 5.84
N GLY A 144 66.62 24.36 6.94
CA GLY A 144 66.18 24.92 8.21
C GLY A 144 64.75 25.41 8.21
N GLN A 145 63.80 24.54 7.86
CA GLN A 145 62.39 24.88 7.89
C GLN A 145 61.61 24.09 8.93
N GLU A 146 61.57 22.77 8.76
CA GLU A 146 60.82 21.91 9.66
C GLU A 146 61.12 20.47 9.32
N LEU A 147 60.73 19.54 10.20
CA LEU A 147 61.02 18.12 9.99
C LEU A 147 59.76 17.27 9.86
N LYS A 148 58.60 17.87 9.62
CA LYS A 148 57.32 17.16 9.57
C LYS A 148 56.60 17.62 8.30
N ILE A 149 56.69 16.81 7.25
CA ILE A 149 56.12 17.15 5.95
C ILE A 149 55.42 15.93 5.38
N PRO A 150 54.41 16.15 4.52
CA PRO A 150 53.73 15.01 3.91
C PRO A 150 54.70 14.13 3.12
N TYR A 151 54.44 12.83 3.14
CA TYR A 151 55.32 11.89 2.46
C TYR A 151 55.33 12.12 0.96
N ASP A 152 54.16 12.43 0.39
CA ASP A 152 54.02 12.53 -1.06
C ASP A 152 54.89 13.62 -1.68
N TRP A 153 55.40 14.54 -0.87
CA TRP A 153 56.33 15.55 -1.40
C TRP A 153 57.63 14.93 -1.91
N THR A 154 57.90 13.67 -1.58
CA THR A 154 59.12 13.03 -2.05
C THR A 154 59.18 12.92 -3.56
N ILE A 155 58.04 13.02 -4.24
CA ILE A 155 58.04 12.95 -5.70
C ILE A 155 58.94 14.02 -6.28
N TYR A 156 58.84 15.25 -5.76
CA TYR A 156 59.66 16.34 -6.31
C TYR A 156 61.12 16.17 -5.95
N HIS A 157 61.42 15.65 -4.75
CA HIS A 157 62.81 15.39 -4.40
C HIS A 157 63.41 14.35 -5.33
N LEU A 158 62.66 13.31 -5.66
CA LEU A 158 63.14 12.33 -6.63
C LEU A 158 63.32 12.95 -8.00
N ARG A 159 62.36 13.79 -8.42
CA ARG A 159 62.48 14.44 -9.72
C ARG A 159 63.77 15.25 -9.81
N LYS A 160 64.08 16.00 -8.75
CA LYS A 160 65.36 16.70 -8.72
C LYS A 160 66.53 15.72 -8.71
N LYS A 161 66.41 14.65 -7.93
CA LYS A 161 67.53 13.74 -7.72
C LYS A 161 67.81 12.91 -8.97
N ALA A 162 66.76 12.53 -9.70
CA ALA A 162 66.95 11.68 -10.87
C ALA A 162 67.83 12.33 -11.93
N ILE A 163 67.92 13.67 -11.94
CA ILE A 163 68.67 14.36 -12.98
C ILE A 163 70.14 13.94 -12.95
N SER A 164 70.69 13.73 -11.76
CA SER A 164 72.10 13.39 -11.64
C SER A 164 72.39 12.28 -10.65
N GLN A 165 71.41 11.45 -10.30
CA GLN A 165 71.62 10.37 -9.34
C GLN A 165 70.71 9.21 -9.71
N LYS A 166 71.08 8.02 -9.24
CA LYS A 166 70.27 6.83 -9.49
C LYS A 166 69.12 6.75 -8.51
N ILE A 167 67.94 6.38 -9.02
CA ILE A 167 66.74 6.22 -8.21
C ILE A 167 66.18 4.82 -8.46
N GLU A 168 65.41 4.34 -7.49
CA GLU A 168 64.83 3.01 -7.61
C GLU A 168 63.80 2.98 -8.75
N LYS A 169 63.66 1.80 -9.36
CA LYS A 169 62.81 1.71 -10.54
C LYS A 169 61.36 2.05 -10.24
N GLU A 170 60.83 1.59 -9.10
CA GLU A 170 59.48 1.98 -8.71
C GLU A 170 59.36 3.50 -8.65
N GLU A 171 60.39 4.17 -8.16
CA GLU A 171 60.38 5.62 -8.13
C GLU A 171 60.32 6.19 -9.55
N LEU A 172 61.04 5.55 -10.48
CA LEU A 172 60.98 5.99 -11.87
C LEU A 172 59.58 5.83 -12.45
N ALA A 173 58.91 4.73 -12.12
CA ALA A 173 57.54 4.53 -12.60
C ALA A 173 56.61 5.59 -12.02
N TRP A 174 56.77 5.89 -10.73
CA TRP A 174 55.99 6.96 -10.12
C TRP A 174 56.21 8.27 -10.86
N ILE A 175 57.47 8.58 -11.15
CA ILE A 175 57.80 9.83 -11.84
C ILE A 175 57.16 9.86 -13.22
N LEU A 176 57.22 8.74 -13.94
CA LEU A 176 56.68 8.71 -15.30
C LEU A 176 55.17 8.90 -15.30
N LEU A 177 54.47 8.23 -14.38
CA LEU A 177 53.03 8.44 -14.30
C LEU A 177 52.70 9.88 -13.91
N ASN A 178 53.50 10.45 -13.00
CA ASN A 178 53.28 11.84 -12.63
C ASN A 178 53.43 12.76 -13.84
N PHE A 179 54.45 12.52 -14.67
CA PHE A 179 54.57 13.26 -15.91
C PHE A 179 53.35 13.08 -16.80
N ASN A 180 52.87 11.84 -16.94
CA ASN A 180 51.68 11.61 -17.74
C ASN A 180 50.51 12.45 -17.25
N HIS A 181 50.46 12.71 -15.94
CA HIS A 181 49.32 13.47 -15.40
C HIS A 181 49.27 14.88 -15.95
N LYS A 182 50.42 15.54 -16.08
CA LYS A 182 50.50 16.95 -16.49
C LYS A 182 51.36 17.04 -17.75
N ARG A 183 50.72 17.38 -18.88
CA ARG A 183 51.40 17.39 -20.17
C ARG A 183 51.83 18.76 -20.63
N GLY A 184 51.10 19.81 -20.29
CA GLY A 184 51.47 21.15 -20.65
C GLY A 184 50.84 21.63 -21.95
N TYR A 185 51.07 22.90 -22.25
CA TYR A 185 50.48 23.54 -23.42
C TYR A 185 51.32 23.27 -24.65
N TYR A 186 50.65 23.12 -25.79
CA TYR A 186 51.34 22.85 -27.05
C TYR A 186 50.37 23.11 -28.19
N GLN A 187 50.89 23.67 -29.28
CA GLN A 187 50.11 23.98 -30.46
C GLN A 187 50.57 23.12 -31.62
N LEU A 188 49.63 22.49 -32.31
CA LEU A 188 49.97 21.44 -33.27
C LEU A 188 50.82 22.00 -34.41
N ARG A 189 50.45 23.17 -34.93
CA ARG A 189 51.15 23.71 -36.09
C ARG A 189 52.60 24.05 -35.75
N GLY A 190 52.81 24.72 -34.63
CA GLY A 190 54.16 25.16 -34.27
C GLY A 190 54.49 26.48 -34.94
N GLU A 191 55.26 26.42 -36.02
CA GLU A 191 55.62 27.61 -36.79
C GLU A 191 56.22 28.69 -35.90
N ASP A 192 57.39 28.35 -35.34
CA ASP A 192 58.14 29.28 -34.51
C ASP A 192 58.14 30.67 -35.15
N PHE A 193 57.65 31.66 -34.39
CA PHE A 193 57.43 32.99 -34.92
C PHE A 193 58.76 33.73 -35.00
N GLU A 194 58.69 35.05 -35.18
CA GLU A 194 59.87 35.89 -35.26
C GLU A 194 60.95 35.41 -34.30
N GLU A 195 62.17 35.25 -34.81
CA GLU A 195 63.22 34.63 -34.00
C GLU A 195 63.33 35.31 -32.64
N GLU A 196 63.25 36.64 -32.61
CA GLU A 196 63.19 37.34 -31.33
C GLU A 196 61.91 36.99 -30.59
N LYS A 197 60.75 37.15 -31.24
CA LYS A 197 59.45 36.91 -30.63
C LYS A 197 59.45 37.33 -29.17
N ASP A 198 59.95 38.53 -28.90
CA ASP A 198 60.26 38.94 -27.52
C ASP A 198 59.17 38.51 -26.57
N LYS A 199 57.95 39.02 -26.77
CA LYS A 199 56.80 38.62 -25.97
C LYS A 199 57.18 38.50 -24.50
N THR A 200 58.04 39.39 -24.03
CA THR A 200 58.60 39.30 -22.69
C THR A 200 57.70 40.04 -21.70
N PHE A 201 57.35 39.36 -20.61
CA PHE A 201 56.54 39.97 -19.56
C PHE A 201 57.45 40.80 -18.66
N VAL A 202 57.28 42.11 -18.69
CA VAL A 202 58.12 43.04 -17.95
C VAL A 202 57.23 43.96 -17.13
N ARG A 203 57.76 44.42 -15.99
CA ARG A 203 57.08 45.34 -15.10
C ARG A 203 57.89 46.64 -15.08
N LEU A 204 57.28 47.72 -15.54
CA LEU A 204 57.96 48.99 -15.73
C LEU A 204 57.35 50.07 -14.85
N LYS A 205 58.17 51.07 -14.51
CA LYS A 205 57.75 52.22 -13.73
C LYS A 205 57.81 53.46 -14.61
N VAL A 206 56.79 54.30 -14.51
CA VAL A 206 56.74 55.52 -15.31
C VAL A 206 57.62 56.58 -14.66
N ASP A 207 58.60 57.08 -15.41
CA ASP A 207 59.52 58.11 -14.90
C ASP A 207 58.86 59.48 -14.94
N ARG A 208 58.52 59.96 -16.13
CA ARG A 208 57.86 61.25 -16.29
C ARG A 208 57.01 61.20 -17.55
N ILE A 209 56.11 62.16 -17.67
CA ILE A 209 55.25 62.30 -18.84
C ILE A 209 55.43 63.73 -19.35
N VAL A 210 56.29 63.87 -20.35
CA VAL A 210 56.46 65.16 -20.97
C VAL A 210 55.26 65.38 -21.88
N ASP A 211 54.45 66.38 -21.59
CA ASP A 211 53.31 66.66 -22.44
C ASP A 211 53.87 66.83 -23.84
N SER A 212 53.36 66.06 -24.78
CA SER A 212 53.94 66.03 -26.12
C SER A 212 53.44 67.17 -27.01
N GLY A 213 52.73 68.14 -26.44
CA GLY A 213 52.20 69.23 -27.24
C GLY A 213 51.31 68.74 -28.35
N GLU A 214 50.68 67.59 -28.14
CA GLU A 214 49.77 66.96 -29.09
C GLU A 214 48.35 67.25 -28.62
N ASN A 215 47.85 68.43 -28.96
CA ASN A 215 46.54 68.88 -28.48
C ASN A 215 45.45 68.15 -29.26
N VAL A 216 44.74 67.26 -28.57
CA VAL A 216 43.65 66.49 -29.15
C VAL A 216 42.45 66.56 -28.21
N LYS A 217 41.27 66.85 -28.78
CA LYS A 217 40.04 66.92 -28.01
C LYS A 217 40.18 67.90 -26.85
N GLY A 218 40.74 69.07 -27.13
CA GLY A 218 40.89 70.10 -26.12
C GLY A 218 41.80 69.70 -24.99
N LYS A 219 42.73 68.78 -25.24
CA LYS A 219 43.66 68.31 -24.23
C LYS A 219 44.90 67.80 -24.93
N ILE A 220 46.06 68.01 -24.32
CA ILE A 220 47.33 67.70 -24.96
C ILE A 220 47.82 66.36 -24.42
N LEU A 221 48.12 65.44 -25.33
CA LEU A 221 48.42 64.06 -24.97
C LEU A 221 49.85 63.93 -24.50
N TYR A 222 50.04 63.34 -23.31
CA TYR A 222 51.36 63.15 -22.74
C TYR A 222 51.99 61.86 -23.25
N ASP A 223 53.32 61.84 -23.25
CA ASP A 223 54.06 60.62 -23.55
C ASP A 223 54.48 59.98 -22.24
N VAL A 224 55.14 58.82 -22.32
CA VAL A 224 55.52 58.06 -21.14
C VAL A 224 56.93 57.53 -21.33
N TYR A 225 57.73 57.58 -20.26
CA TYR A 225 59.08 57.05 -20.25
C TYR A 225 59.21 56.01 -19.15
N PHE A 226 60.10 55.04 -19.37
CA PHE A 226 60.34 53.97 -18.43
C PHE A 226 61.81 53.96 -18.03
N GLU A 227 62.07 53.59 -16.77
CA GLU A 227 63.42 53.69 -16.24
C GLU A 227 64.43 52.98 -17.13
N ASN A 228 64.01 51.88 -17.76
CA ASN A 228 64.86 51.22 -18.74
C ASN A 228 65.21 52.12 -19.91
N GLY A 229 64.44 53.17 -20.14
CA GLY A 229 64.69 54.08 -21.25
C GLY A 229 63.82 53.77 -22.44
N TRP A 230 62.55 53.42 -22.18
CA TRP A 230 61.61 53.06 -23.22
C TRP A 230 60.46 54.05 -23.21
N LYS A 231 59.98 54.41 -24.40
CA LYS A 231 58.84 55.31 -24.55
C LYS A 231 57.61 54.50 -24.90
N TYR A 232 56.53 54.70 -24.15
CA TYR A 232 55.29 54.00 -24.44
C TYR A 232 54.77 54.43 -25.81
N ASP A 233 54.35 53.44 -26.60
CA ASP A 233 53.93 53.71 -27.97
C ASP A 233 52.72 54.64 -28.00
N LYS A 234 51.75 54.41 -27.11
CA LYS A 234 50.53 55.21 -27.10
C LYS A 234 50.63 56.33 -26.08
N GLN A 235 49.96 57.44 -26.38
CA GLN A 235 49.92 58.59 -25.50
C GLN A 235 48.86 58.38 -24.42
N VAL A 236 48.89 59.25 -23.41
CA VAL A 236 48.03 59.14 -22.24
C VAL A 236 47.34 60.47 -21.99
N VAL A 237 46.16 60.41 -21.38
CA VAL A 237 45.42 61.61 -20.99
C VAL A 237 45.27 61.64 -19.48
N LYS A 238 44.82 60.52 -18.90
CA LYS A 238 44.65 60.43 -17.45
C LYS A 238 46.02 60.23 -16.81
N THR A 239 46.54 61.32 -16.24
CA THR A 239 47.86 61.30 -15.59
C THR A 239 47.84 60.64 -14.22
N GLU A 240 46.69 60.62 -13.55
CA GLU A 240 46.66 60.18 -12.16
C GLU A 240 47.09 58.72 -12.03
N ASP A 241 46.61 57.85 -12.92
CA ASP A 241 46.88 56.42 -12.84
C ASP A 241 48.11 56.01 -13.63
N TRP A 242 49.01 56.95 -13.94
CA TRP A 242 50.20 56.63 -14.72
C TRP A 242 51.48 57.11 -14.05
N VAL A 243 51.43 58.28 -13.39
CA VAL A 243 52.63 58.84 -12.77
C VAL A 243 53.24 57.83 -11.81
N ASP A 244 54.54 57.59 -11.97
CA ASP A 244 55.33 56.67 -11.13
C ASP A 244 54.52 55.45 -10.72
N ARG A 245 53.85 54.86 -11.71
CA ARG A 245 53.08 53.63 -11.52
C ARG A 245 53.88 52.45 -12.05
N THR A 246 53.90 51.36 -11.28
CA THR A 246 54.58 50.14 -11.67
C THR A 246 53.61 49.29 -12.49
N LYS A 247 53.65 49.49 -13.81
CA LYS A 247 52.80 48.74 -14.72
C LYS A 247 53.58 47.59 -15.36
N GLU A 248 52.85 46.61 -15.86
CA GLU A 248 53.43 45.43 -16.50
C GLU A 248 52.81 45.25 -17.87
N PHE A 249 53.68 45.08 -18.88
CA PHE A 249 53.25 44.92 -20.25
C PHE A 249 53.88 43.66 -20.82
N ILE A 250 53.32 43.19 -21.94
CA ILE A 250 53.88 42.10 -22.72
C ILE A 250 54.39 42.73 -24.02
N VAL A 251 55.70 42.94 -24.08
CA VAL A 251 56.31 43.73 -25.15
C VAL A 251 56.87 42.80 -26.21
N SER A 252 56.62 43.12 -27.48
CA SER A 252 57.15 42.38 -28.61
C SER A 252 58.13 43.27 -29.36
N GLU A 253 59.33 42.74 -29.60
CA GLU A 253 60.40 43.46 -30.28
C GLU A 253 60.70 42.77 -31.61
N SER A 254 60.80 43.56 -32.68
CA SER A 254 61.13 43.05 -34.00
C SER A 254 62.22 43.91 -34.61
N ILE A 255 63.27 43.26 -35.11
CA ILE A 255 64.37 43.98 -35.75
C ILE A 255 63.88 44.52 -37.08
N LEU A 256 63.64 45.82 -37.14
CA LEU A 256 63.14 46.45 -38.35
C LEU A 256 64.24 46.50 -39.42
N LYS A 257 63.82 46.73 -40.67
CA LYS A 257 64.77 46.76 -41.77
C LYS A 257 65.88 47.77 -41.52
N ASN A 258 65.57 48.89 -40.84
CA ASN A 258 66.60 49.88 -40.56
C ASN A 258 67.67 49.31 -39.64
N GLY A 259 67.40 48.19 -38.96
CA GLY A 259 68.36 47.60 -38.05
C GLY A 259 68.12 48.05 -36.62
N GLU A 260 66.86 48.06 -36.21
CA GLU A 260 66.49 48.48 -34.86
C GLU A 260 65.21 47.77 -34.45
N THR A 261 65.02 47.67 -33.14
CA THR A 261 63.88 46.95 -32.60
C THR A 261 62.62 47.80 -32.67
N LYS A 262 61.57 47.23 -33.26
CA LYS A 262 60.25 47.88 -33.28
C LYS A 262 59.45 47.32 -32.11
N ARG A 263 59.75 47.83 -30.92
CA ARG A 263 59.09 47.36 -29.71
C ARG A 263 57.63 47.79 -29.70
N THR A 264 56.74 46.84 -29.42
CA THR A 264 55.32 47.10 -29.26
C THR A 264 54.95 46.94 -27.79
N PHE A 265 53.74 47.37 -27.46
CA PHE A 265 53.29 47.34 -26.07
C PHE A 265 51.87 46.78 -26.02
N LYS A 266 51.55 46.13 -24.90
CA LYS A 266 50.24 45.51 -24.69
C LYS A 266 50.04 45.36 -23.18
N ALA A 267 49.11 46.12 -22.63
CA ALA A 267 48.88 46.09 -21.19
C ALA A 267 48.19 44.79 -20.79
N VAL A 268 48.69 44.18 -19.71
CA VAL A 268 48.18 42.92 -19.20
C VAL A 268 48.10 43.01 -17.68
N ASP A 269 47.29 42.14 -17.08
CA ASP A 269 47.14 42.05 -15.63
C ASP A 269 47.54 40.65 -15.19
N SER A 270 48.58 40.56 -14.38
CA SER A 270 48.98 39.26 -13.85
C SER A 270 47.91 38.72 -12.91
N GLU A 271 47.84 37.40 -12.84
CA GLU A 271 46.82 36.69 -12.06
C GLU A 271 45.41 36.97 -12.59
N LYS A 272 45.30 37.60 -13.76
CA LYS A 272 44.01 37.74 -14.42
C LYS A 272 44.05 37.42 -15.91
N ASP A 273 45.21 37.48 -16.56
CA ASP A 273 45.34 37.20 -17.99
C ASP A 273 46.08 35.89 -18.17
N TRP A 274 45.54 35.02 -19.02
CA TRP A 274 46.14 33.71 -19.26
C TRP A 274 47.56 33.86 -19.80
N ILE A 275 47.73 34.67 -20.85
CA ILE A 275 49.04 34.82 -21.46
C ILE A 275 50.03 35.41 -20.46
N ALA A 276 49.60 36.41 -19.69
CA ALA A 276 50.51 37.05 -18.74
C ALA A 276 50.99 36.07 -17.70
N ILE A 277 50.06 35.31 -17.11
CA ILE A 277 50.44 34.33 -16.08
C ILE A 277 51.39 33.30 -16.68
N LYS A 278 51.04 32.77 -17.85
CA LYS A 278 51.86 31.73 -18.47
C LYS A 278 53.26 32.23 -18.75
N THR A 279 53.38 33.42 -19.35
CA THR A 279 54.70 33.93 -19.71
C THR A 279 55.50 34.27 -18.46
N LYS A 280 54.84 34.80 -17.42
CA LYS A 280 55.54 35.08 -16.18
C LYS A 280 56.12 33.82 -15.59
N THR A 281 55.33 32.75 -15.55
CA THR A 281 55.82 31.48 -15.02
C THR A 281 56.97 30.94 -15.86
N GLU A 282 56.84 31.02 -17.18
CA GLU A 282 57.91 30.53 -18.06
C GLU A 282 59.20 31.30 -17.81
N GLN A 283 59.12 32.63 -17.74
CA GLN A 283 60.31 33.44 -17.51
C GLN A 283 60.92 33.12 -16.15
N GLU A 284 60.09 32.97 -15.12
CA GLU A 284 60.61 32.67 -13.79
C GLU A 284 61.33 31.33 -13.79
N ILE A 285 60.76 30.32 -14.46
CA ILE A 285 61.42 29.01 -14.50
C ILE A 285 62.74 29.12 -15.27
N GLU A 286 62.72 29.79 -16.41
CA GLU A 286 63.93 29.88 -17.23
C GLU A 286 65.05 30.60 -16.47
N HIS A 287 64.72 31.70 -15.80
CA HIS A 287 65.75 32.46 -15.10
C HIS A 287 66.43 31.63 -14.02
N SER A 288 65.71 30.72 -13.38
CA SER A 288 66.31 29.83 -12.40
C SER A 288 67.32 28.87 -13.02
N HIS A 289 67.32 28.72 -14.35
CA HIS A 289 68.26 27.85 -15.04
C HIS A 289 68.18 26.43 -14.52
N LYS A 290 66.97 25.92 -14.35
CA LYS A 290 66.78 24.53 -13.92
C LYS A 290 65.41 24.04 -14.35
N THR A 291 65.28 22.72 -14.41
CA THR A 291 64.04 22.09 -14.85
C THR A 291 62.90 22.41 -13.89
N VAL A 292 61.68 22.25 -14.40
CA VAL A 292 60.49 22.64 -13.64
C VAL A 292 60.41 21.87 -12.33
N GLY A 293 60.80 20.60 -12.35
CA GLY A 293 60.70 19.80 -11.14
C GLY A 293 61.52 20.37 -10.00
N THR A 294 62.78 20.72 -10.27
CA THR A 294 63.63 21.26 -9.22
C THR A 294 63.22 22.67 -8.84
N TYR A 295 62.69 23.44 -9.79
CA TYR A 295 62.12 24.73 -9.45
C TYR A 295 61.01 24.59 -8.42
N ILE A 296 60.10 23.64 -8.65
CA ILE A 296 59.04 23.37 -7.68
C ILE A 296 59.64 22.92 -6.37
N TYR A 297 60.64 22.04 -6.42
CA TYR A 297 61.24 21.52 -5.21
C TYR A 297 61.84 22.62 -4.35
N GLU A 298 62.54 23.56 -4.99
CA GLU A 298 63.19 24.63 -4.24
C GLU A 298 62.19 25.66 -3.74
N THR A 299 61.19 26.00 -4.56
CA THR A 299 60.11 26.85 -4.07
C THR A 299 59.43 26.22 -2.87
N LEU A 300 59.38 24.89 -2.84
CA LEU A 300 58.77 24.19 -1.70
C LEU A 300 59.70 24.20 -0.50
N LEU A 301 61.01 24.09 -0.72
CA LEU A 301 61.96 24.21 0.38
C LEU A 301 61.87 25.58 1.03
N GLN A 302 61.75 26.65 0.23
CA GLN A 302 61.76 27.99 0.78
C GLN A 302 60.48 28.31 1.54
N ASN A 303 59.33 27.95 0.97
CA ASN A 303 58.02 28.28 1.55
C ASN A 303 57.18 27.01 1.65
N PRO A 304 57.34 26.24 2.73
CA PRO A 304 56.63 24.95 2.83
C PRO A 304 55.11 25.07 2.75
N LYS A 305 54.55 26.27 2.77
CA LYS A 305 53.11 26.43 2.65
C LYS A 305 52.65 26.63 1.21
N GLN A 306 53.55 26.52 0.24
CA GLN A 306 53.23 26.92 -1.13
C GLN A 306 52.18 25.99 -1.74
N LYS A 307 51.26 26.60 -2.48
CA LYS A 307 50.32 25.87 -3.31
C LYS A 307 50.95 25.63 -4.67
N ILE A 308 51.06 24.37 -5.08
CA ILE A 308 51.71 24.06 -6.35
C ILE A 308 50.68 23.99 -7.46
N LYS A 309 49.78 23.00 -7.39
CA LYS A 309 48.79 22.81 -8.44
C LYS A 309 47.81 23.98 -8.46
N GLY A 310 47.71 24.64 -9.60
CA GLY A 310 46.76 25.72 -9.77
C GLY A 310 47.24 27.06 -9.28
N LYS A 311 48.32 27.11 -8.51
CA LYS A 311 48.87 28.38 -8.04
C LYS A 311 50.28 28.65 -8.55
N LEU A 312 51.22 27.74 -8.33
CA LEU A 312 52.60 28.06 -8.66
C LEU A 312 52.88 27.85 -10.14
N VAL A 313 52.56 26.67 -10.67
CA VAL A 313 52.65 26.39 -12.09
C VAL A 313 51.28 25.89 -12.53
N ARG A 314 50.59 26.65 -13.37
CA ARG A 314 49.33 26.20 -13.94
C ARG A 314 49.56 25.55 -15.28
N THR A 315 50.09 26.32 -16.23
CA THR A 315 50.27 25.88 -17.60
C THR A 315 51.55 26.48 -18.17
N ILE A 316 52.34 25.65 -18.83
CA ILE A 316 53.60 26.07 -19.43
C ILE A 316 53.82 25.26 -20.70
N GLU A 317 54.70 25.76 -21.56
CA GLU A 317 54.99 25.08 -22.81
C GLU A 317 55.40 23.65 -22.55
N ARG A 318 54.95 22.74 -23.43
CA ARG A 318 55.29 21.33 -23.26
C ARG A 318 56.78 21.09 -23.33
N LYS A 319 57.54 22.05 -23.88
CA LYS A 319 58.98 21.86 -24.01
C LYS A 319 59.65 21.67 -22.65
N PHE A 320 59.18 22.39 -21.63
CA PHE A 320 59.75 22.22 -20.30
C PHE A 320 59.62 20.78 -19.82
N TYR A 321 58.39 20.25 -19.87
CA TYR A 321 58.15 18.88 -19.41
C TYR A 321 58.94 17.89 -20.24
N LYS A 322 58.95 18.07 -21.56
CA LYS A 322 59.67 17.15 -22.43
C LYS A 322 61.16 17.16 -22.12
N GLU A 323 61.74 18.34 -21.90
CA GLU A 323 63.16 18.43 -21.61
C GLU A 323 63.48 17.76 -20.27
N GLU A 324 62.66 18.03 -19.25
CA GLU A 324 62.91 17.40 -17.95
C GLU A 324 62.83 15.89 -18.05
N LEU A 325 61.80 15.38 -18.72
CA LEU A 325 61.63 13.94 -18.83
C LEU A 325 62.76 13.32 -19.64
N ARG A 326 63.20 13.99 -20.71
CA ARG A 326 64.31 13.48 -21.49
C ARG A 326 65.57 13.41 -20.65
N GLN A 327 65.85 14.46 -19.87
CA GLN A 327 67.02 14.44 -19.01
C GLN A 327 66.94 13.29 -18.01
N ILE A 328 65.78 13.12 -17.37
CA ILE A 328 65.64 12.08 -16.36
C ILE A 328 65.84 10.71 -16.99
N LEU A 329 65.17 10.45 -18.12
CA LEU A 329 65.29 9.15 -18.76
C LEU A 329 66.70 8.88 -19.23
N GLU A 330 67.36 9.89 -19.81
CA GLU A 330 68.73 9.69 -20.27
C GLU A 330 69.65 9.36 -19.10
N LYS A 331 69.51 10.08 -17.98
CA LYS A 331 70.36 9.81 -16.84
C LYS A 331 70.11 8.41 -16.27
N GLN A 332 68.83 8.02 -16.14
CA GLN A 332 68.52 6.71 -15.59
C GLN A 332 68.87 5.57 -16.53
N LYS A 333 68.92 5.82 -17.84
CA LYS A 333 69.32 4.78 -18.78
C LYS A 333 70.77 4.36 -18.55
N GLU A 334 71.54 5.20 -17.85
CA GLU A 334 72.93 4.88 -17.57
C GLU A 334 73.08 3.91 -16.40
N PHE A 335 71.99 3.63 -15.69
CA PHE A 335 72.06 2.85 -14.45
C PHE A 335 71.25 1.58 -14.48
N HIS A 336 70.04 1.61 -15.04
CA HIS A 336 69.14 0.46 -15.05
C HIS A 336 69.36 -0.32 -16.35
N GLN A 337 69.85 -1.56 -16.20
CA GLN A 337 70.10 -2.38 -17.38
C GLN A 337 68.84 -2.68 -18.17
N GLU A 338 67.69 -2.79 -17.51
CA GLU A 338 66.46 -3.12 -18.22
C GLU A 338 66.15 -2.10 -19.30
N LEU A 339 66.61 -0.86 -19.15
CA LEU A 339 66.45 0.14 -20.19
C LEU A 339 67.37 -0.08 -21.37
N GLN A 340 68.35 -0.98 -21.26
CA GLN A 340 69.25 -1.31 -22.36
C GLN A 340 69.00 -2.70 -22.95
N SER A 341 68.01 -3.43 -22.44
CA SER A 341 67.74 -4.77 -22.94
C SER A 341 66.90 -4.68 -24.21
N ASP A 342 67.53 -4.98 -25.35
CA ASP A 342 66.79 -4.97 -26.62
C ASP A 342 65.63 -5.96 -26.61
N ASP A 343 65.79 -7.07 -25.89
CA ASP A 343 64.70 -8.03 -25.79
C ASP A 343 63.48 -7.40 -25.13
N LEU A 344 63.70 -6.65 -24.05
CA LEU A 344 62.59 -5.99 -23.37
C LEU A 344 61.96 -4.91 -24.24
N TYR A 345 62.78 -4.16 -24.99
CA TYR A 345 62.24 -3.18 -25.91
C TYR A 345 61.35 -3.82 -26.96
N ASN A 346 61.82 -4.92 -27.54
CA ASN A 346 61.00 -5.65 -28.50
C ASN A 346 59.72 -6.17 -27.85
N ASP A 347 59.82 -6.68 -26.62
CA ASP A 347 58.65 -7.19 -25.93
C ASP A 347 57.61 -6.09 -25.75
N CYS A 348 58.05 -4.90 -25.30
CA CYS A 348 57.12 -3.80 -25.14
C CYS A 348 56.49 -3.40 -26.47
N ILE A 349 57.31 -3.35 -27.53
CA ILE A 349 56.78 -2.97 -28.83
C ILE A 349 55.70 -3.95 -29.28
N ARG A 350 55.97 -5.25 -29.14
CA ARG A 350 54.95 -6.24 -29.50
C ARG A 350 53.72 -6.10 -28.63
N GLU A 351 53.90 -5.84 -27.33
CA GLU A 351 52.76 -5.66 -26.44
C GLU A 351 51.86 -4.55 -26.93
N LEU A 352 52.44 -3.41 -27.29
CA LEU A 352 51.63 -2.27 -27.71
C LEU A 352 51.12 -2.42 -29.14
N TYR A 353 51.91 -3.04 -30.03
CA TYR A 353 51.64 -3.03 -31.46
C TYR A 353 51.73 -4.43 -32.03
N ARG A 354 51.05 -5.39 -31.39
CA ARG A 354 51.06 -6.75 -31.88
C ARG A 354 50.49 -6.86 -33.29
N ASN A 355 49.52 -6.02 -33.65
CA ASN A 355 48.86 -6.09 -34.95
C ASN A 355 49.37 -5.08 -35.96
N ASN A 356 50.31 -4.22 -35.59
CA ASN A 356 50.85 -3.21 -36.49
C ASN A 356 52.33 -3.50 -36.70
N GLU A 357 52.62 -4.36 -37.67
CA GLU A 357 54.00 -4.72 -37.96
C GLU A 357 54.80 -3.53 -38.48
N VAL A 358 54.16 -2.67 -39.27
CA VAL A 358 54.85 -1.50 -39.82
C VAL A 358 55.36 -0.61 -38.69
N HIS A 359 54.49 -0.29 -37.75
CA HIS A 359 54.89 0.58 -36.65
C HIS A 359 55.88 -0.12 -35.73
N GLN A 360 55.75 -1.45 -35.60
CA GLN A 360 56.71 -2.19 -34.81
C GLN A 360 58.09 -2.03 -35.42
N LEU A 361 58.19 -2.24 -36.72
CA LEU A 361 59.47 -2.12 -37.40
C LEU A 361 60.03 -0.72 -37.28
N THR A 362 59.17 0.30 -37.42
CA THR A 362 59.63 1.67 -37.28
C THR A 362 60.18 1.94 -35.88
N LEU A 363 59.48 1.45 -34.86
CA LEU A 363 59.93 1.64 -33.48
C LEU A 363 61.18 0.83 -33.15
N ARG A 364 61.40 -0.28 -33.87
CA ARG A 364 62.56 -1.12 -33.58
C ARG A 364 63.88 -0.38 -33.76
N LYS A 365 63.87 0.73 -34.49
CA LYS A 365 65.07 1.53 -34.69
C LYS A 365 65.26 2.59 -33.61
N LYS A 366 64.30 2.73 -32.70
CA LYS A 366 64.35 3.71 -31.63
C LYS A 366 64.72 3.01 -30.32
N ASP A 367 64.65 3.75 -29.21
CA ASP A 367 64.98 3.24 -27.89
C ASP A 367 63.87 3.58 -26.91
N PHE A 368 64.04 3.15 -25.65
CA PHE A 368 63.02 3.38 -24.64
C PHE A 368 62.72 4.86 -24.45
N VAL A 369 63.72 5.72 -24.64
CA VAL A 369 63.52 7.15 -24.45
C VAL A 369 62.44 7.65 -25.41
N HIS A 370 62.60 7.33 -26.70
CA HIS A 370 61.60 7.73 -27.69
C HIS A 370 60.25 7.11 -27.38
N LEU A 371 60.23 5.84 -26.99
CA LEU A 371 58.96 5.19 -26.68
C LEU A 371 58.23 5.90 -25.55
N PHE A 372 58.97 6.28 -24.51
CA PHE A 372 58.33 6.89 -23.34
C PHE A 372 57.85 8.30 -23.65
N MET A 373 58.68 9.13 -24.27
CA MET A 373 58.23 10.51 -24.52
C MET A 373 57.41 10.60 -25.80
N GLU A 374 57.99 10.18 -26.92
CA GLU A 374 57.40 10.53 -28.21
C GLU A 374 56.13 9.73 -28.52
N ASP A 375 56.07 8.46 -28.12
CA ASP A 375 54.97 7.61 -28.55
C ASP A 375 53.86 7.49 -27.51
N ILE A 376 54.21 7.45 -26.23
CA ILE A 376 53.22 7.14 -25.21
C ILE A 376 52.72 8.41 -24.53
N ILE A 377 53.62 9.13 -23.87
CA ILE A 377 53.20 10.24 -23.01
C ILE A 377 52.86 11.48 -23.85
N PHE A 378 53.74 11.85 -24.76
CA PHE A 378 53.62 13.12 -25.49
C PHE A 378 53.15 12.93 -26.92
N TYR A 379 52.34 11.91 -27.19
CA TYR A 379 51.77 11.72 -28.51
C TYR A 379 50.46 12.49 -28.63
N GLN A 380 50.43 13.48 -29.51
CA GLN A 380 49.23 14.25 -29.79
C GLN A 380 48.77 13.97 -31.20
N ARG A 381 47.50 13.61 -31.35
CA ARG A 381 46.98 13.24 -32.65
C ARG A 381 46.79 14.48 -33.52
N PRO A 382 46.96 14.36 -34.84
CA PRO A 382 46.70 15.49 -35.72
C PRO A 382 45.21 15.67 -35.97
N LEU A 383 44.89 16.85 -36.52
CA LEU A 383 43.50 17.17 -36.78
C LEU A 383 42.90 16.20 -37.80
N ARG A 384 41.62 15.93 -37.67
CA ARG A 384 40.92 15.12 -38.67
C ARG A 384 40.84 15.86 -39.99
N SER A 385 40.82 15.10 -41.08
CA SER A 385 40.70 15.71 -42.40
C SER A 385 39.29 16.21 -42.63
N GLN A 386 39.18 17.48 -43.05
CA GLN A 386 37.90 18.07 -43.40
C GLN A 386 37.65 18.07 -44.91
N LYS A 387 38.53 17.46 -45.69
CA LYS A 387 38.37 17.47 -47.14
C LYS A 387 37.08 16.80 -47.58
N SER A 388 36.54 15.87 -46.80
CA SER A 388 35.30 15.21 -47.19
C SER A 388 34.12 16.17 -47.19
N SER A 389 34.21 17.27 -46.44
CA SER A 389 33.10 18.22 -46.33
C SER A 389 33.16 19.32 -47.38
N VAL A 390 34.20 19.35 -48.21
CA VAL A 390 34.30 20.38 -49.22
C VAL A 390 33.09 20.33 -50.15
N SER A 391 32.71 21.49 -50.69
CA SER A 391 31.58 21.54 -51.60
C SER A 391 31.89 20.75 -52.87
N ASN A 392 30.87 20.60 -53.71
CA ASN A 392 30.97 19.82 -54.93
C ASN A 392 30.75 20.70 -56.16
N CYS A 393 31.36 20.28 -57.26
CA CYS A 393 31.19 20.99 -58.52
C CYS A 393 29.74 20.96 -58.96
N THR A 394 29.29 22.06 -59.55
CA THR A 394 27.94 22.15 -60.07
C THR A 394 27.81 21.63 -61.49
N LEU A 395 28.91 21.21 -62.11
CA LEU A 395 28.91 20.82 -63.51
C LEU A 395 29.27 19.36 -63.73
N GLU A 396 30.38 18.88 -63.18
CA GLU A 396 30.86 17.54 -63.46
C GLU A 396 30.36 16.57 -62.40
N PHE A 397 29.75 15.47 -62.86
CA PHE A 397 29.31 14.36 -62.03
C PHE A 397 30.01 13.09 -62.50
N ARG A 398 29.76 12.00 -61.80
CA ARG A 398 30.07 10.66 -62.30
C ARG A 398 28.95 9.74 -61.87
N LYS A 399 28.72 8.69 -62.66
CA LYS A 399 27.64 7.75 -62.39
C LYS A 399 28.23 6.35 -62.26
N TYR A 400 27.77 5.59 -61.28
CA TYR A 400 28.24 4.22 -61.11
C TYR A 400 27.14 3.38 -60.48
N LYS A 401 27.25 2.08 -60.72
CA LYS A 401 26.24 1.11 -60.28
C LYS A 401 26.75 0.36 -59.05
N GLY A 402 26.00 0.45 -57.96
CA GLY A 402 26.37 -0.22 -56.73
C GLY A 402 25.94 -1.67 -56.71
N GLU A 403 26.23 -2.32 -55.59
CA GLU A 403 25.87 -3.72 -55.42
C GLU A 403 24.36 -3.93 -55.37
N ASN A 404 23.58 -2.86 -55.18
CA ASN A 404 22.13 -2.95 -55.13
C ASN A 404 21.48 -2.92 -56.50
N GLY A 405 22.27 -2.94 -57.57
CA GLY A 405 21.72 -2.88 -58.91
C GLY A 405 21.13 -1.54 -59.26
N ALA A 406 21.49 -0.50 -58.52
CA ALA A 406 21.07 0.86 -58.78
C ALA A 406 22.18 1.58 -59.54
N GLU A 407 21.90 2.81 -59.95
CA GLU A 407 22.89 3.63 -60.65
C GLU A 407 22.83 5.02 -60.02
N HIS A 408 23.78 5.33 -59.15
CA HIS A 408 23.77 6.59 -58.42
C HIS A 408 25.04 7.38 -58.73
N THR A 409 24.99 8.66 -58.36
CA THR A 409 25.94 9.66 -58.82
C THR A 409 26.93 10.02 -57.71
N GLN A 410 28.21 9.96 -58.04
CA GLN A 410 29.28 10.52 -57.22
C GLN A 410 29.58 11.93 -57.69
N TYR A 411 29.96 12.78 -56.74
CA TYR A 411 30.24 14.18 -57.01
C TYR A 411 31.74 14.44 -57.04
N LEU A 412 32.12 15.47 -57.77
CA LEU A 412 33.52 15.91 -57.85
C LEU A 412 33.70 17.12 -56.96
N LYS A 413 34.72 17.09 -56.12
CA LYS A 413 34.97 18.17 -55.19
C LYS A 413 35.53 19.39 -55.91
N ALA A 414 35.24 20.56 -55.35
CA ALA A 414 35.67 21.81 -55.96
C ALA A 414 37.19 21.91 -55.97
N ILE A 415 37.68 22.90 -56.72
CA ILE A 415 39.12 23.11 -56.83
C ILE A 415 39.61 24.14 -55.81
N PRO A 416 40.72 23.83 -55.14
CA PRO A 416 41.29 24.86 -54.26
C PRO A 416 41.71 26.08 -55.06
N LYS A 417 41.24 27.25 -54.63
CA LYS A 417 41.46 28.46 -55.42
C LYS A 417 42.94 28.76 -55.62
N SER A 418 43.82 28.25 -54.75
CA SER A 418 45.25 28.41 -54.95
C SER A 418 45.76 27.60 -56.13
N ASN A 419 44.96 26.69 -56.66
CA ASN A 419 45.41 25.85 -57.76
C ASN A 419 45.80 26.72 -58.94
N PRO A 420 46.91 26.43 -59.63
CA PRO A 420 47.25 27.23 -60.81
C PRO A 420 46.15 27.28 -61.84
N TYR A 421 45.40 26.20 -62.02
CA TYR A 421 44.33 26.19 -63.01
C TYR A 421 43.28 27.24 -62.68
N TYR A 422 42.86 27.30 -61.41
CA TYR A 422 41.88 28.31 -60.99
C TYR A 422 42.47 29.71 -61.15
N GLN A 423 43.75 29.87 -60.85
CA GLN A 423 44.39 31.17 -61.02
C GLN A 423 44.32 31.62 -62.47
N GLU A 424 44.63 30.72 -63.40
CA GLU A 424 44.55 31.06 -64.82
C GLU A 424 43.13 31.39 -65.21
N PHE A 425 42.16 30.57 -64.78
CA PHE A 425 40.76 30.84 -65.11
C PHE A 425 40.35 32.24 -64.65
N ARG A 426 40.67 32.57 -63.40
CA ARG A 426 40.32 33.89 -62.88
C ARG A 426 41.03 34.99 -63.65
N LEU A 427 42.30 34.79 -63.99
CA LEU A 427 43.04 35.83 -64.71
C LEU A 427 42.44 36.07 -66.08
N TRP A 428 42.10 35.01 -66.80
CA TRP A 428 41.45 35.20 -68.10
C TRP A 428 40.12 35.93 -67.93
N GLN A 429 39.32 35.54 -66.94
CA GLN A 429 38.04 36.21 -66.73
C GLN A 429 38.25 37.71 -66.53
N TRP A 430 39.19 38.06 -65.64
CA TRP A 430 39.42 39.47 -65.38
C TRP A 430 39.89 40.19 -66.63
N ILE A 431 40.75 39.54 -67.42
CA ILE A 431 41.22 40.14 -68.67
C ILE A 431 40.03 40.46 -69.57
N PHE A 432 39.14 39.49 -69.77
CA PHE A 432 38.01 39.72 -70.66
C PHE A 432 37.12 40.85 -70.13
N ASN A 433 36.87 40.87 -68.82
CA ASN A 433 36.00 41.90 -68.27
C ASN A 433 36.63 43.29 -68.28
N LEU A 434 37.95 43.38 -68.48
CA LEU A 434 38.61 44.68 -68.42
C LEU A 434 38.23 45.55 -69.61
N ASN A 435 38.10 46.85 -69.35
CA ASN A 435 37.82 47.83 -70.38
C ASN A 435 38.08 49.22 -69.82
N LEU A 436 38.80 50.04 -70.60
CA LEU A 436 39.33 51.30 -70.14
C LEU A 436 38.41 52.46 -70.49
N TYR A 437 38.57 53.57 -69.75
CA TYR A 437 37.84 54.80 -69.98
C TYR A 437 38.77 55.99 -69.82
N THR A 438 38.42 57.08 -70.47
CA THR A 438 39.18 58.33 -70.39
C THR A 438 38.57 59.25 -69.36
N LYS A 439 39.42 59.89 -68.56
CA LYS A 439 38.94 60.76 -67.50
C LYS A 439 38.12 61.92 -68.06
N ASP A 440 38.61 62.53 -69.14
CA ASP A 440 38.04 63.79 -69.59
C ASP A 440 36.58 63.64 -70.01
N ASN A 441 36.34 62.87 -71.07
CA ASN A 441 35.02 62.77 -71.67
C ASN A 441 34.30 61.47 -71.37
N ASP A 442 34.89 60.57 -70.58
CA ASP A 442 34.26 59.32 -70.18
C ASP A 442 33.69 58.58 -71.39
N GLU A 443 34.58 58.21 -72.30
CA GLU A 443 34.24 57.44 -73.48
C GLU A 443 34.92 56.09 -73.41
N ASN A 444 34.32 55.10 -74.08
CA ASN A 444 34.82 53.72 -74.05
C ASN A 444 36.06 53.65 -74.95
N VAL A 445 37.16 54.19 -74.42
CA VAL A 445 38.40 54.31 -75.18
C VAL A 445 38.98 52.95 -75.58
N THR A 446 38.48 51.86 -75.00
CA THR A 446 39.02 50.55 -75.31
C THR A 446 38.74 50.20 -76.77
N LYS A 447 39.18 49.03 -77.21
CA LYS A 447 39.09 48.60 -78.61
C LYS A 447 40.15 49.32 -79.43
N VAL A 448 40.95 50.16 -78.78
CA VAL A 448 42.08 50.81 -79.43
C VAL A 448 43.41 50.37 -78.84
N PHE A 449 43.42 49.78 -77.65
CA PHE A 449 44.62 49.28 -77.01
C PHE A 449 44.61 47.77 -76.82
N LEU A 450 43.42 47.15 -76.75
CA LEU A 450 43.25 45.70 -76.72
C LEU A 450 42.26 45.38 -77.83
N ASN A 451 42.76 45.24 -79.04
CA ASN A 451 41.93 45.04 -80.23
C ASN A 451 42.35 43.85 -81.07
N THR A 452 43.64 43.51 -81.05
CA THR A 452 44.15 42.32 -81.72
C THR A 452 44.63 41.31 -80.69
N THR A 453 44.66 40.04 -81.10
CA THR A 453 45.03 38.98 -80.18
C THR A 453 46.43 39.22 -79.61
N GLN A 454 47.28 39.95 -80.33
CA GLN A 454 48.61 40.25 -79.81
C GLN A 454 48.53 41.09 -78.55
N ASP A 455 47.63 42.07 -78.51
CA ASP A 455 47.47 42.89 -77.32
C ASP A 455 47.06 42.03 -76.13
N PHE A 456 46.14 41.10 -76.35
CA PHE A 456 45.65 40.27 -75.24
C PHE A 456 46.74 39.30 -74.79
N GLU A 457 47.53 38.77 -75.73
CA GLU A 457 48.66 37.94 -75.34
C GLU A 457 49.67 38.73 -74.52
N ASN A 458 49.94 39.98 -74.91
CA ASN A 458 50.84 40.82 -74.14
C ASN A 458 50.31 41.05 -72.73
N LEU A 459 49.01 41.34 -72.62
CA LEU A 459 48.44 41.59 -71.30
C LEU A 459 48.52 40.34 -70.43
N PHE A 460 48.22 39.18 -71.00
CA PHE A 460 48.30 37.93 -70.23
C PHE A 460 49.73 37.64 -69.80
N GLU A 461 50.70 37.84 -70.71
CA GLU A 461 52.10 37.65 -70.35
C GLU A 461 52.49 38.56 -69.20
N PHE A 462 52.10 39.83 -69.26
CA PHE A 462 52.43 40.76 -68.19
C PHE A 462 51.80 40.32 -66.87
N LEU A 463 50.52 39.92 -66.91
CA LEU A 463 49.83 39.56 -65.68
C LEU A 463 50.44 38.33 -65.03
N ASN A 464 50.81 37.33 -65.82
CA ASN A 464 51.38 36.11 -65.23
C ASN A 464 52.55 36.43 -64.31
N THR A 465 53.46 37.28 -64.74
CA THR A 465 54.68 37.56 -63.98
C THR A 465 54.40 38.18 -62.62
N ARG A 466 53.23 38.78 -62.41
CA ARG A 466 52.92 39.49 -61.18
C ARG A 466 52.18 38.56 -60.22
N LYS A 467 51.91 39.09 -59.02
CA LYS A 467 51.00 38.46 -58.08
C LYS A 467 49.78 39.32 -57.80
N GLU A 468 49.78 40.57 -58.25
CA GLU A 468 48.66 41.48 -58.02
C GLU A 468 48.83 42.67 -58.94
N VAL A 469 47.71 43.29 -59.32
CA VAL A 469 47.71 44.41 -60.24
C VAL A 469 46.91 45.55 -59.62
N ASP A 470 47.17 46.76 -60.09
CA ASP A 470 46.56 47.97 -59.55
C ASP A 470 46.35 48.97 -60.67
N GLN A 471 45.73 50.10 -60.34
CA GLN A 471 45.48 51.16 -61.30
C GLN A 471 46.77 51.59 -61.99
N LYS A 472 47.79 51.93 -61.20
CA LYS A 472 49.00 52.51 -61.79
C LYS A 472 49.72 51.51 -62.68
N ALA A 473 49.87 50.27 -62.22
CA ALA A 473 50.60 49.28 -63.02
C ALA A 473 49.88 49.04 -64.35
N LEU A 474 48.56 48.85 -64.30
CA LEU A 474 47.81 48.57 -65.52
C LEU A 474 47.84 49.74 -66.48
N LEU A 475 47.67 50.97 -65.98
CA LEU A 475 47.72 52.12 -66.86
C LEU A 475 49.11 52.30 -67.44
N LYS A 476 50.15 52.12 -66.63
CA LYS A 476 51.52 52.28 -67.11
C LYS A 476 51.86 51.24 -68.16
N HIS A 477 51.26 50.06 -68.06
CA HIS A 477 51.49 49.00 -69.03
C HIS A 477 51.28 49.52 -70.44
N PHE A 478 50.11 50.08 -70.70
CA PHE A 478 49.78 50.63 -72.01
C PHE A 478 50.45 51.97 -72.26
N LYS A 479 51.36 52.38 -71.39
CA LYS A 479 52.04 53.68 -71.37
C LYS A 479 51.10 54.77 -70.86
N LEU A 480 49.83 54.45 -70.63
CA LEU A 480 48.89 55.43 -70.11
C LEU A 480 49.23 55.76 -68.66
N ASN A 481 48.78 56.94 -68.22
CA ASN A 481 49.02 57.41 -66.87
C ASN A 481 47.69 57.73 -66.19
N GLU A 482 47.78 58.10 -64.92
CA GLU A 482 46.58 58.42 -64.15
C GLU A 482 45.86 59.64 -64.70
N LYS A 483 46.62 60.64 -65.14
CA LYS A 483 46.06 61.98 -65.34
C LYS A 483 45.13 62.06 -66.54
N THR A 484 44.81 60.96 -67.20
CA THR A 484 43.85 61.00 -68.29
C THR A 484 42.88 59.83 -68.38
N HIS A 485 43.11 58.71 -67.67
CA HIS A 485 42.39 57.49 -67.98
C HIS A 485 42.08 56.72 -66.71
N ARG A 486 41.15 55.76 -66.86
CA ARG A 486 40.74 54.88 -65.77
C ARG A 486 40.34 53.53 -66.38
N TRP A 487 40.09 52.55 -65.50
CA TRP A 487 40.05 51.14 -65.89
C TRP A 487 38.75 50.45 -65.52
N ASN A 488 37.72 51.23 -65.16
CA ASN A 488 36.35 50.72 -65.01
C ASN A 488 36.15 49.91 -63.74
N PHE A 489 37.21 49.61 -62.99
CA PHE A 489 37.08 48.99 -61.69
C PHE A 489 37.35 50.00 -60.59
N VAL A 490 37.22 49.58 -59.32
CA VAL A 490 37.46 50.50 -58.22
C VAL A 490 38.84 51.12 -58.38
N GLU A 491 38.86 52.44 -58.59
CA GLU A 491 40.12 53.13 -58.91
C GLU A 491 41.28 52.85 -57.98
N ASP A 492 41.01 52.54 -56.72
CA ASP A 492 42.08 52.35 -55.75
C ASP A 492 42.20 50.90 -55.31
N LYS A 493 41.46 49.99 -55.95
CA LYS A 493 41.44 48.59 -55.55
C LYS A 493 42.46 47.79 -56.34
N LYS A 494 42.95 46.72 -55.72
CA LYS A 494 43.86 45.78 -56.36
C LYS A 494 43.14 44.46 -56.59
N TYR A 495 43.62 43.69 -57.56
CA TYR A 495 42.97 42.45 -57.93
C TYR A 495 43.98 41.33 -58.02
N PRO A 496 43.62 40.11 -57.61
CA PRO A 496 44.57 39.00 -57.70
C PRO A 496 45.05 38.80 -59.12
N CYS A 497 46.34 38.51 -59.25
CA CYS A 497 47.00 38.45 -60.56
C CYS A 497 47.91 37.22 -60.62
N ASN A 498 47.36 36.05 -60.26
CA ASN A 498 48.12 34.80 -60.28
C ASN A 498 49.29 34.88 -59.28
N GLU A 499 48.94 35.03 -58.01
CA GLU A 499 49.96 35.10 -56.97
C GLU A 499 50.65 33.77 -56.74
N THR A 500 49.97 32.65 -57.04
CA THR A 500 50.58 31.35 -56.83
C THR A 500 51.90 31.23 -57.58
N LYS A 501 51.84 31.32 -58.91
CA LYS A 501 53.05 31.18 -59.72
C LYS A 501 54.05 32.27 -59.39
N THR A 502 53.58 33.45 -59.00
CA THR A 502 54.50 34.52 -58.64
C THR A 502 55.34 34.07 -57.49
N MET A 503 54.69 33.83 -56.37
CA MET A 503 55.44 33.44 -55.18
C MET A 503 56.37 32.26 -55.48
N ILE A 504 55.87 31.28 -56.24
CA ILE A 504 56.69 30.13 -56.56
C ILE A 504 57.93 30.55 -57.33
N SER A 505 57.77 31.42 -58.32
CA SER A 505 58.89 31.89 -59.13
C SER A 505 59.85 32.73 -58.30
N SER A 506 59.33 33.54 -57.38
CA SER A 506 60.20 34.38 -56.57
C SER A 506 61.08 33.53 -55.66
N ARG A 507 60.47 32.56 -54.97
CA ARG A 507 61.28 31.68 -54.13
C ARG A 507 62.16 30.74 -54.94
N LEU A 508 61.83 30.47 -56.20
CA LEU A 508 62.73 29.75 -57.08
C LEU A 508 63.87 30.63 -57.57
N ASP A 509 63.64 31.95 -57.67
CA ASP A 509 64.70 32.86 -58.07
C ASP A 509 65.68 33.08 -56.94
N LYS A 510 65.21 33.11 -55.69
CA LYS A 510 66.13 33.33 -54.58
C LYS A 510 67.13 32.18 -54.43
N VAL A 511 66.78 31.00 -54.90
CA VAL A 511 67.66 29.83 -54.74
C VAL A 511 68.92 29.95 -55.58
N GLU A 512 68.84 30.62 -56.72
CA GLU A 512 70.00 30.78 -57.61
C GLU A 512 70.57 29.43 -58.01
N ASN A 513 71.79 29.44 -58.56
CA ASN A 513 72.49 28.22 -58.98
C ASN A 513 71.59 27.29 -59.80
N ILE A 514 70.66 27.86 -60.55
CA ILE A 514 69.80 27.10 -61.46
C ILE A 514 69.50 27.96 -62.67
N SER A 515 69.40 27.32 -63.83
CA SER A 515 69.06 28.04 -65.05
C SER A 515 67.67 28.63 -64.94
N ASP A 516 67.47 29.76 -65.62
CA ASP A 516 66.19 30.47 -65.53
C ASP A 516 65.17 29.87 -66.50
N ASP A 517 65.07 28.53 -66.50
CA ASP A 517 63.98 27.85 -67.19
C ASP A 517 63.49 26.64 -66.41
N PHE A 518 63.94 26.46 -65.16
CA PHE A 518 63.53 25.29 -64.40
C PHE A 518 62.03 25.28 -64.14
N LEU A 519 61.46 26.44 -63.84
CA LEU A 519 60.04 26.54 -63.50
C LEU A 519 59.21 26.43 -64.78
N THR A 520 58.73 25.23 -65.07
CA THR A 520 57.76 25.00 -66.13
C THR A 520 56.40 24.72 -65.51
N ARG A 521 55.37 24.70 -66.36
CA ARG A 521 54.01 24.51 -65.85
C ARG A 521 53.89 23.22 -65.06
N ASP A 522 54.46 22.13 -65.56
CA ASP A 522 54.40 20.87 -64.85
C ASP A 522 55.10 20.96 -63.50
N ILE A 523 56.30 21.52 -63.48
CA ILE A 523 57.03 21.67 -62.22
C ILE A 523 56.27 22.61 -61.29
N GLU A 524 55.62 23.63 -61.84
CA GLU A 524 54.82 24.54 -61.02
C GLU A 524 53.70 23.77 -60.33
N GLN A 525 52.97 22.94 -61.09
CA GLN A 525 51.90 22.17 -60.49
C GLN A 525 52.43 21.22 -59.43
N LYS A 526 53.56 20.56 -59.71
CA LYS A 526 54.13 19.65 -58.73
C LYS A 526 54.49 20.38 -57.43
N ILE A 527 55.10 21.56 -57.56
CA ILE A 527 55.48 22.32 -56.38
C ILE A 527 54.25 22.76 -55.60
N TRP A 528 53.21 23.22 -56.30
CA TRP A 528 51.99 23.63 -55.61
C TRP A 528 51.39 22.45 -54.86
N HIS A 529 51.35 21.28 -55.50
CA HIS A 529 50.81 20.11 -54.82
C HIS A 529 51.62 19.76 -53.59
N ILE A 530 52.95 19.83 -53.69
CA ILE A 530 53.79 19.54 -52.55
C ILE A 530 53.47 20.49 -51.40
N ILE A 531 53.30 21.77 -51.72
CA ILE A 531 53.02 22.76 -50.68
C ILE A 531 51.64 22.53 -50.08
N TYR A 532 50.68 22.13 -50.90
CA TYR A 532 49.28 22.11 -50.46
C TYR A 532 48.93 20.83 -49.71
N SER A 533 49.47 19.69 -50.13
CA SER A 533 49.06 18.41 -49.56
C SER A 533 49.85 18.03 -48.32
N VAL A 534 51.12 18.44 -48.22
CA VAL A 534 51.96 18.08 -47.08
C VAL A 534 51.93 19.26 -46.12
N ASN A 535 50.90 19.30 -45.29
CA ASN A 535 50.75 20.34 -44.27
C ASN A 535 51.26 19.84 -42.92
N ASP A 536 52.57 19.59 -42.86
CA ASP A 536 53.19 19.15 -41.62
C ASP A 536 54.68 19.46 -41.68
N LYS A 537 55.21 19.95 -40.56
CA LYS A 537 56.58 20.47 -40.55
C LYS A 537 57.58 19.41 -40.99
N VAL A 538 57.67 18.30 -40.25
CA VAL A 538 58.65 17.28 -40.58
C VAL A 538 58.37 16.69 -41.96
N GLU A 539 57.10 16.43 -42.25
CA GLU A 539 56.74 15.89 -43.55
C GLU A 539 57.09 16.88 -44.63
N TYR A 540 56.81 18.15 -44.37
CA TYR A 540 57.07 19.18 -45.37
C TYR A 540 58.56 19.30 -45.68
N GLU A 541 59.41 19.29 -44.65
CA GLU A 541 60.85 19.38 -44.90
C GLU A 541 61.36 18.13 -45.62
N LYS A 542 60.88 16.94 -45.24
CA LYS A 542 61.30 15.74 -45.95
C LYS A 542 60.88 15.78 -47.41
N ALA A 543 59.64 16.22 -47.68
CA ALA A 543 59.19 16.31 -49.06
C ALA A 543 60.01 17.34 -49.84
N LEU A 544 60.34 18.45 -49.19
CA LEU A 544 61.16 19.47 -49.84
C LEU A 544 62.49 18.89 -50.24
N LYS A 545 63.16 18.24 -49.30
CA LYS A 545 64.48 17.68 -49.57
C LYS A 545 64.42 16.61 -50.65
N SER A 546 63.40 15.75 -50.60
CA SER A 546 63.24 14.73 -51.63
C SER A 546 63.06 15.37 -53.00
N PHE A 547 62.21 16.39 -53.10
CA PHE A 547 62.01 17.06 -54.39
C PHE A 547 63.31 17.67 -54.88
N ALA A 548 64.06 18.30 -53.98
CA ALA A 548 65.35 18.87 -54.36
C ALA A 548 66.35 17.81 -54.78
N ARG A 549 66.20 16.57 -54.32
CA ARG A 549 67.09 15.51 -54.79
C ARG A 549 66.66 14.94 -56.13
N LYS A 550 65.38 14.65 -56.32
CA LYS A 550 64.93 14.05 -57.58
C LYS A 550 65.20 14.99 -58.75
N HIS A 551 64.89 16.27 -58.59
CA HIS A 551 65.31 17.30 -59.54
C HIS A 551 66.68 17.81 -59.12
N HIS A 552 67.62 17.83 -60.06
CA HIS A 552 69.03 18.05 -59.74
C HIS A 552 69.22 19.50 -59.32
N LEU A 553 68.66 19.83 -58.15
CA LEU A 553 68.75 21.16 -57.57
C LEU A 553 69.45 21.08 -56.22
N ASP A 554 70.44 21.95 -56.03
CA ASP A 554 71.20 21.98 -54.79
C ASP A 554 70.26 22.28 -53.62
N GLU A 555 70.12 21.34 -52.71
CA GLU A 555 69.23 21.49 -51.56
C GLU A 555 69.91 22.25 -50.42
N SER A 556 70.41 23.45 -50.74
CA SER A 556 71.02 24.33 -49.75
C SER A 556 70.21 25.60 -49.55
N SER A 557 69.93 26.35 -50.62
CA SER A 557 69.07 27.52 -50.50
C SER A 557 67.62 27.19 -50.83
N PHE A 558 67.37 26.02 -51.44
CA PHE A 558 66.01 25.69 -51.87
C PHE A 558 65.08 25.52 -50.67
N PHE A 559 65.49 24.70 -49.70
CA PHE A 559 64.64 24.51 -48.52
C PHE A 559 64.56 25.79 -47.71
N GLU A 560 65.67 26.52 -47.59
CA GLU A 560 65.62 27.81 -46.92
C GLU A 560 64.56 28.70 -47.54
N ALA A 561 64.51 28.76 -48.88
CA ALA A 561 63.49 29.54 -49.55
C ALA A 561 62.09 29.01 -49.25
N PHE A 562 61.93 27.69 -49.26
CA PHE A 562 60.60 27.09 -49.20
C PHE A 562 60.26 26.51 -47.84
N ARG A 563 61.16 26.57 -46.86
CA ARG A 563 60.79 26.08 -45.53
C ARG A 563 59.81 27.00 -44.82
N LYS A 564 59.73 28.26 -45.22
CA LYS A 564 58.86 29.24 -44.58
C LYS A 564 57.83 29.77 -45.58
N PHE A 565 57.40 28.92 -46.49
CA PHE A 565 56.34 29.29 -47.42
C PHE A 565 55.02 29.42 -46.65
N PRO A 566 54.32 30.54 -46.75
CA PRO A 566 53.05 30.67 -46.03
C PRO A 566 52.04 29.67 -46.53
N PRO A 567 51.34 28.96 -45.63
CA PRO A 567 50.32 28.01 -46.09
C PRO A 567 49.22 28.72 -46.88
N PHE A 568 48.69 28.01 -47.88
CA PHE A 568 47.62 28.55 -48.68
C PHE A 568 46.35 28.72 -47.85
N LYS A 569 45.62 29.80 -48.12
CA LYS A 569 44.35 30.03 -47.44
C LYS A 569 43.32 28.99 -47.89
N SER A 570 42.46 28.61 -46.94
CA SER A 570 41.43 27.62 -47.23
C SER A 570 40.25 28.24 -47.93
N GLU A 571 40.17 28.02 -49.23
CA GLU A 571 39.03 28.51 -50.01
C GLU A 571 39.01 27.78 -51.33
N TYR A 572 37.81 27.48 -51.82
CA TYR A 572 37.61 26.64 -52.99
C TYR A 572 36.65 27.33 -53.96
N GLY A 573 36.83 27.03 -55.25
CA GLY A 573 36.01 27.61 -56.29
C GLY A 573 34.68 26.90 -56.46
N SER A 574 33.89 27.40 -57.40
CA SER A 574 32.59 26.80 -57.67
C SER A 574 32.72 25.49 -58.44
N PHE A 575 33.62 25.43 -59.41
CA PHE A 575 33.80 24.26 -60.25
C PHE A 575 35.02 23.46 -59.81
N SER A 576 35.07 22.21 -60.29
CA SER A 576 36.19 21.33 -60.01
C SER A 576 37.30 21.56 -61.03
N GLU A 577 38.38 20.79 -60.88
CA GLU A 577 39.49 20.90 -61.83
C GLU A 577 39.07 20.47 -63.23
N LYS A 578 38.27 19.40 -63.33
CA LYS A 578 37.89 18.88 -64.63
C LYS A 578 37.14 19.92 -65.45
N ALA A 579 36.17 20.59 -64.84
CA ALA A 579 35.40 21.61 -65.54
C ALA A 579 36.30 22.77 -65.97
N ILE A 580 37.22 23.17 -65.09
CA ILE A 580 38.11 24.29 -65.42
C ILE A 580 39.02 23.91 -66.57
N LYS A 581 39.54 22.68 -66.56
CA LYS A 581 40.37 22.22 -67.67
C LYS A 581 39.59 22.23 -68.97
N LYS A 582 38.32 21.87 -68.91
CA LYS A 582 37.48 21.88 -70.10
C LYS A 582 37.22 23.27 -70.60
N LEU A 583 36.98 24.19 -69.68
CA LEU A 583 36.59 25.55 -70.07
C LEU A 583 37.78 26.40 -70.49
N LEU A 584 38.98 26.12 -69.99
CA LEU A 584 40.13 26.95 -70.36
C LEU A 584 40.40 26.95 -71.86
N PRO A 585 40.42 25.82 -72.56
CA PRO A 585 40.73 25.85 -74.00
C PRO A 585 39.85 26.81 -74.78
N LEU A 586 38.56 26.88 -74.45
CA LEU A 586 37.66 27.81 -75.13
C LEU A 586 38.02 29.26 -74.78
N MET A 587 38.40 29.50 -73.52
CA MET A 587 38.68 30.86 -73.09
C MET A 587 40.00 31.38 -73.61
N ARG A 588 40.99 30.50 -73.79
CA ARG A 588 42.30 30.95 -74.24
C ARG A 588 42.24 31.48 -75.66
N LEU A 589 43.20 32.33 -76.00
CA LEU A 589 43.29 32.92 -77.33
C LEU A 589 44.76 33.04 -77.71
N GLY A 590 45.01 33.17 -79.01
CA GLY A 590 46.37 33.35 -79.49
C GLY A 590 47.20 32.08 -79.40
N LYS A 591 48.52 32.28 -79.26
CA LYS A 591 49.43 31.14 -79.18
C LYS A 591 49.08 30.19 -78.04
N TYR A 592 48.51 30.71 -76.96
CA TYR A 592 48.01 29.85 -75.90
C TYR A 592 46.76 29.09 -76.30
N TRP A 593 46.16 29.43 -77.44
CA TRP A 593 44.95 28.80 -77.93
C TRP A 593 45.28 27.88 -79.09
N ASN A 594 44.72 26.67 -79.05
CA ASN A 594 44.92 25.69 -80.10
C ASN A 594 43.68 24.82 -80.17
N TYR A 595 43.27 24.46 -81.40
CA TYR A 595 42.02 23.74 -81.58
C TYR A 595 42.05 22.36 -80.92
N ALA A 596 43.16 21.65 -81.02
CA ALA A 596 43.22 20.27 -80.55
C ALA A 596 43.00 20.15 -79.04
N GLU A 597 43.07 21.25 -78.31
CA GLU A 597 42.92 21.24 -76.86
C GLU A 597 41.47 21.28 -76.40
N ILE A 598 40.54 21.07 -77.32
CA ILE A 598 39.12 21.07 -77.01
C ILE A 598 38.62 19.63 -77.09
N ASP A 599 37.97 19.17 -76.03
CA ASP A 599 37.61 17.75 -75.94
C ASP A 599 36.68 17.37 -77.09
N LYS A 600 36.47 16.06 -77.24
CA LYS A 600 35.76 15.55 -78.40
C LYS A 600 34.34 16.10 -78.48
N TYR A 601 33.61 16.09 -77.36
CA TYR A 601 32.23 16.55 -77.39
C TYR A 601 32.14 18.04 -77.70
N SER A 602 33.02 18.84 -77.10
CA SER A 602 32.98 20.28 -77.37
C SER A 602 33.38 20.57 -78.81
N ARG A 603 34.33 19.81 -79.35
CA ARG A 603 34.68 19.98 -80.76
C ARG A 603 33.51 19.59 -81.66
N GLU A 604 32.78 18.53 -81.31
CA GLU A 604 31.58 18.18 -82.06
C GLU A 604 30.56 19.30 -82.02
N ARG A 605 30.35 19.89 -80.84
CA ARG A 605 29.40 20.99 -80.72
C ARG A 605 29.86 22.19 -81.52
N ILE A 606 31.16 22.47 -81.53
CA ILE A 606 31.70 23.55 -82.34
C ILE A 606 31.41 23.30 -83.81
N GLN A 607 31.65 22.07 -84.27
CA GLN A 607 31.38 21.73 -85.66
C GLN A 607 29.91 21.92 -86.00
N LYS A 608 29.03 21.48 -85.10
CA LYS A 608 27.59 21.64 -85.33
C LYS A 608 27.22 23.11 -85.41
N ILE A 609 27.74 23.94 -84.50
CA ILE A 609 27.38 25.34 -84.46
C ILE A 609 27.85 26.05 -85.72
N ILE A 610 29.10 25.82 -86.13
CA ILE A 610 29.58 26.45 -87.36
C ILE A 610 28.76 25.96 -88.55
N THR A 611 28.48 24.66 -88.61
CA THR A 611 27.67 24.11 -89.68
C THR A 611 26.26 24.68 -89.70
N GLY A 612 25.72 25.06 -88.54
CA GLY A 612 24.35 25.53 -88.49
C GLY A 612 23.33 24.43 -88.60
N GLU A 613 23.72 23.17 -88.36
CA GLU A 613 22.80 22.05 -88.46
C GLU A 613 21.92 22.01 -87.22
N TYR A 614 21.05 21.00 -87.13
CA TYR A 614 20.04 20.91 -86.08
C TYR A 614 20.44 19.85 -85.07
N ASP A 615 20.45 20.22 -83.79
CA ASP A 615 20.72 19.29 -82.70
C ASP A 615 19.78 19.59 -81.55
N GLU A 616 19.23 18.55 -80.92
CA GLU A 616 18.32 18.73 -79.80
C GLU A 616 19.02 19.30 -78.58
N ASN A 617 20.34 19.11 -78.47
CA ASN A 617 21.10 19.63 -77.34
C ASN A 617 21.50 21.08 -77.52
N ILE A 618 21.12 21.71 -78.63
CA ILE A 618 21.47 23.10 -78.93
C ILE A 618 20.18 23.89 -79.06
N LYS A 619 20.09 24.99 -78.33
CA LYS A 619 18.89 25.82 -78.28
C LYS A 619 18.95 26.93 -79.35
N ASP A 620 17.80 27.59 -79.54
CA ASP A 620 17.75 28.69 -80.50
C ASP A 620 18.49 29.92 -79.97
N LYS A 621 18.43 30.14 -78.66
CA LYS A 621 19.20 31.22 -78.05
C LYS A 621 20.69 31.08 -78.39
N VAL A 622 21.14 29.83 -78.59
CA VAL A 622 22.53 29.60 -78.96
C VAL A 622 22.83 30.29 -80.28
N ARG A 623 22.13 29.87 -81.33
CA ARG A 623 22.41 30.42 -82.64
C ARG A 623 22.16 31.92 -82.64
N GLU A 624 21.23 32.40 -81.83
CA GLU A 624 21.07 33.84 -81.69
C GLU A 624 22.36 34.47 -81.17
N LYS A 625 22.94 33.90 -80.11
CA LYS A 625 24.17 34.43 -79.55
C LYS A 625 25.37 34.13 -80.42
N SER A 626 25.41 32.93 -81.02
CA SER A 626 26.56 32.45 -81.77
C SER A 626 26.44 32.74 -83.27
N VAL A 627 25.77 33.84 -83.63
CA VAL A 627 25.69 34.22 -85.03
C VAL A 627 27.08 34.56 -85.57
N HIS A 628 27.92 35.19 -84.74
CA HIS A 628 29.25 35.60 -85.16
C HIS A 628 30.23 34.43 -85.25
N LEU A 629 30.01 33.36 -84.50
CA LEU A 629 30.94 32.22 -84.48
C LEU A 629 30.77 31.37 -85.75
N THR A 630 31.04 32.02 -86.88
CA THR A 630 30.90 31.34 -88.17
C THR A 630 31.93 30.24 -88.34
N ILE A 631 33.20 30.56 -88.10
CA ILE A 631 34.31 29.66 -88.39
C ILE A 631 34.90 29.14 -87.09
N GLU A 632 35.61 28.02 -87.18
CA GLU A 632 36.27 27.46 -86.01
C GLU A 632 37.16 28.48 -85.33
N ASN A 633 37.82 29.34 -86.11
CA ASN A 633 38.74 30.32 -85.53
C ASN A 633 38.01 31.42 -84.75
N ASP A 634 36.69 31.51 -84.88
CA ASP A 634 35.93 32.41 -84.02
C ASP A 634 35.84 31.91 -82.59
N PHE A 635 36.17 30.65 -82.35
CA PHE A 635 36.11 30.06 -81.00
C PHE A 635 37.39 30.37 -80.24
N GLN A 636 37.60 31.67 -80.01
CA GLN A 636 38.75 32.16 -79.29
C GLN A 636 38.31 33.23 -78.30
N GLY A 637 38.96 33.25 -77.14
CA GLY A 637 38.68 34.29 -76.16
C GLY A 637 37.22 34.35 -75.75
N LEU A 638 36.60 33.20 -75.53
CA LEU A 638 35.19 33.17 -75.16
C LEU A 638 35.01 33.40 -73.67
N GLN A 639 34.07 34.28 -73.34
CA GLN A 639 33.79 34.60 -71.93
C GLN A 639 33.23 33.38 -71.20
N LEU A 640 33.00 33.53 -69.90
CA LEU A 640 32.59 32.36 -69.10
C LEU A 640 31.27 31.78 -69.58
N TRP A 641 30.28 32.64 -69.85
CA TRP A 641 28.95 32.13 -70.19
C TRP A 641 28.98 31.36 -71.50
N LEU A 642 29.63 31.91 -72.53
CA LEU A 642 29.68 31.22 -73.83
C LEU A 642 30.37 29.88 -73.70
N ALA A 643 31.57 29.85 -73.10
CA ALA A 643 32.31 28.60 -72.96
C ALA A 643 31.55 27.61 -72.10
N GLN A 644 30.92 28.09 -71.03
CA GLN A 644 30.11 27.23 -70.18
C GLN A 644 29.02 26.54 -70.99
N TYR A 645 28.25 27.33 -71.75
CA TYR A 645 27.18 26.74 -72.54
C TYR A 645 27.75 25.74 -73.54
N ILE A 646 28.83 26.12 -74.23
CA ILE A 646 29.37 25.27 -75.28
C ILE A 646 29.85 23.94 -74.70
N VAL A 647 30.51 23.98 -73.55
CA VAL A 647 31.04 22.77 -72.95
C VAL A 647 29.90 21.89 -72.45
N TYR A 648 28.88 22.48 -71.84
CA TYR A 648 27.86 21.70 -71.16
C TYR A 648 26.45 21.86 -71.73
N GLY A 649 26.18 22.94 -72.46
CA GLY A 649 24.91 23.05 -73.15
C GLY A 649 23.77 23.66 -72.34
N ARG A 650 24.06 24.32 -71.23
CA ARG A 650 23.05 25.01 -70.45
C ARG A 650 23.49 26.45 -70.22
N HIS A 651 22.59 27.40 -70.50
CA HIS A 651 22.87 28.81 -70.29
C HIS A 651 22.83 29.08 -68.79
N SER A 652 23.93 28.75 -68.12
CA SER A 652 24.04 28.90 -66.68
C SER A 652 22.93 28.13 -65.99
N GLU A 653 22.63 28.50 -64.74
CA GLU A 653 21.59 27.84 -63.95
C GLU A 653 20.23 28.39 -64.34
N ALA A 654 19.40 27.55 -64.97
CA ALA A 654 18.06 27.94 -65.36
C ALA A 654 16.99 27.51 -64.38
N SER A 655 17.37 26.87 -63.26
CA SER A 655 16.42 26.44 -62.25
C SER A 655 15.44 25.43 -62.83
N MET A 656 14.56 24.89 -61.97
CA MET A 656 13.58 23.90 -62.40
C MET A 656 12.16 24.30 -62.03
N ILE A 657 11.98 25.28 -61.14
CA ILE A 657 10.67 25.83 -60.80
C ILE A 657 9.86 24.82 -60.00
N GLY A 658 9.62 23.64 -60.58
CA GLY A 658 8.96 22.57 -59.85
C GLY A 658 7.52 22.84 -59.50
N LYS A 659 6.78 21.79 -59.15
CA LYS A 659 5.38 21.90 -58.77
C LYS A 659 4.96 20.63 -58.06
N TRP A 660 4.51 20.77 -56.81
CA TRP A 660 4.02 19.64 -56.03
C TRP A 660 2.56 19.39 -56.38
N ASN A 661 2.21 18.12 -56.59
CA ASN A 661 0.85 17.74 -56.98
C ASN A 661 0.05 17.15 -55.83
N SER A 662 0.65 16.96 -54.68
CA SER A 662 -0.05 16.38 -53.53
C SER A 662 0.82 16.53 -52.30
N ALA A 663 0.27 16.14 -51.16
CA ALA A 663 1.03 16.18 -49.91
C ALA A 663 2.18 15.19 -49.89
N ASN A 664 2.17 14.20 -50.79
CA ASN A 664 3.26 13.23 -50.81
C ASN A 664 4.58 13.90 -51.15
N ASP A 665 4.57 14.83 -52.09
CA ASP A 665 5.79 15.56 -52.43
C ASP A 665 6.29 16.35 -51.23
N LEU A 666 5.39 17.02 -50.52
CA LEU A 666 5.80 17.81 -49.36
C LEU A 666 6.38 16.92 -48.26
N GLU A 667 5.76 15.76 -48.01
CA GLU A 667 6.28 14.90 -46.96
C GLU A 667 7.62 14.30 -47.36
N VAL A 668 7.82 14.01 -48.65
CA VAL A 668 9.14 13.57 -49.10
C VAL A 668 10.16 14.67 -48.88
N PHE A 669 9.81 15.90 -49.23
CA PHE A 669 10.69 17.04 -48.98
C PHE A 669 11.07 17.12 -47.51
N LEU A 670 10.08 16.97 -46.62
CA LEU A 670 10.36 17.01 -45.19
C LEU A 670 11.27 15.86 -44.77
N LYS A 671 11.01 14.66 -45.29
CA LYS A 671 11.81 13.50 -44.92
C LYS A 671 13.27 13.68 -45.31
N ASP A 672 13.52 14.22 -46.50
N ASP A 672 13.52 14.22 -46.50
CA ASP A 672 14.88 14.37 -47.00
CA ASP A 672 14.88 14.37 -47.00
C ASP A 672 15.54 15.67 -46.56
C ASP A 672 15.54 15.67 -46.56
N PHE A 673 14.89 16.46 -45.72
CA PHE A 673 15.52 17.67 -45.21
C PHE A 673 16.74 17.31 -44.37
N LYS A 674 17.81 18.08 -44.52
CA LYS A 674 19.07 17.85 -43.82
C LYS A 674 19.20 18.83 -42.66
N GLN A 675 19.74 18.35 -41.54
CA GLN A 675 19.91 19.20 -40.37
C GLN A 675 21.08 20.16 -40.57
N HIS A 676 21.03 21.27 -39.83
CA HIS A 676 22.08 22.30 -39.87
C HIS A 676 22.19 22.93 -41.25
N SER A 677 21.13 22.84 -42.05
CA SER A 677 21.16 23.33 -43.43
C SER A 677 20.90 24.82 -43.55
N LEU A 678 20.50 25.49 -42.48
CA LEU A 678 20.10 26.88 -42.53
C LEU A 678 20.94 27.71 -41.55
N ARG A 679 20.56 28.98 -41.40
CA ARG A 679 21.37 29.93 -40.62
C ARG A 679 21.63 29.41 -39.21
N ASN A 680 20.58 29.04 -38.50
CA ASN A 680 20.70 28.66 -37.09
C ASN A 680 19.58 27.67 -36.77
N PRO A 681 19.70 26.94 -35.66
CA PRO A 681 18.65 25.95 -35.34
C PRO A 681 17.27 26.55 -35.19
N ILE A 682 17.15 27.80 -34.73
CA ILE A 682 15.83 28.36 -34.44
C ILE A 682 15.01 28.48 -35.72
N VAL A 683 15.59 29.09 -36.75
CA VAL A 683 14.84 29.27 -37.99
C VAL A 683 14.55 27.92 -38.63
N GLU A 684 15.48 26.98 -38.51
CA GLU A 684 15.24 25.65 -39.06
C GLU A 684 14.05 24.98 -38.38
N GLN A 685 14.00 25.05 -37.05
CA GLN A 685 12.87 24.46 -36.34
C GLN A 685 11.56 25.12 -36.75
N VAL A 686 11.56 26.46 -36.83
CA VAL A 686 10.33 27.16 -37.19
C VAL A 686 9.88 26.76 -38.59
N ILE A 687 10.82 26.71 -39.54
CA ILE A 687 10.46 26.39 -40.92
C ILE A 687 9.92 24.97 -41.02
N THR A 688 10.59 24.02 -40.37
CA THR A 688 10.15 22.63 -40.46
C THR A 688 8.78 22.45 -39.84
N GLU A 689 8.53 23.08 -38.68
CA GLU A 689 7.20 22.98 -38.08
C GLU A 689 6.15 23.65 -38.96
N THR A 690 6.51 24.76 -39.61
CA THR A 690 5.58 25.40 -40.52
C THR A 690 5.20 24.47 -41.65
N LEU A 691 6.19 23.78 -42.22
CA LEU A 691 5.89 22.83 -43.30
C LEU A 691 5.01 21.70 -42.81
N ARG A 692 5.30 21.17 -41.61
CA ARG A 692 4.45 20.10 -41.08
C ARG A 692 3.03 20.56 -40.88
N VAL A 693 2.85 21.79 -40.36
CA VAL A 693 1.51 22.31 -40.14
C VAL A 693 0.79 22.50 -41.47
N VAL A 694 1.50 23.00 -42.48
CA VAL A 694 0.89 23.17 -43.79
C VAL A 694 0.44 21.83 -44.35
N LYS A 695 1.27 20.80 -44.19
CA LYS A 695 0.88 19.47 -44.64
C LYS A 695 -0.36 18.99 -43.91
N ASP A 696 -0.42 19.18 -42.60
CA ASP A 696 -1.59 18.75 -41.84
C ASP A 696 -2.83 19.47 -42.31
N ILE A 697 -2.75 20.78 -42.53
CA ILE A 697 -3.91 21.53 -43.01
C ILE A 697 -4.34 21.01 -44.37
N TRP A 698 -3.35 20.79 -45.26
CA TRP A 698 -3.67 20.29 -46.59
C TRP A 698 -4.43 18.97 -46.51
N LEU A 699 -3.90 18.03 -45.72
CA LEU A 699 -4.56 16.72 -45.60
C LEU A 699 -5.95 16.87 -45.02
N LYS A 700 -6.11 17.69 -43.97
CA LYS A 700 -7.38 17.74 -43.26
C LYS A 700 -8.47 18.40 -44.11
N TYR A 701 -8.16 19.53 -44.73
CA TYR A 701 -9.18 20.33 -45.39
C TYR A 701 -9.23 20.16 -46.91
N GLY A 702 -8.27 19.46 -47.51
CA GLY A 702 -8.27 19.28 -48.94
C GLY A 702 -7.84 17.89 -49.37
N ASN A 703 -7.69 16.99 -48.40
CA ASN A 703 -7.30 15.61 -48.67
C ASN A 703 -5.98 15.51 -49.41
N GLY A 704 -5.16 16.57 -49.35
CA GLY A 704 -3.94 16.59 -50.12
C GLY A 704 -4.16 16.66 -51.61
N THR A 705 -5.37 16.98 -52.04
CA THR A 705 -5.67 17.07 -53.46
C THR A 705 -4.88 18.20 -54.11
N LYS A 706 -4.55 18.00 -55.37
CA LYS A 706 -3.74 18.96 -56.10
C LYS A 706 -4.42 20.33 -56.10
N ASP A 707 -3.60 21.39 -56.18
CA ASP A 707 -4.04 22.77 -56.24
C ASP A 707 -5.29 23.02 -55.39
N PHE A 708 -5.26 22.52 -54.16
CA PHE A 708 -6.32 22.83 -53.21
C PHE A 708 -6.20 24.25 -52.69
N PHE A 709 -4.99 24.68 -52.34
CA PHE A 709 -4.75 26.02 -51.83
C PHE A 709 -4.66 26.99 -53.00
N ASN A 710 -5.69 27.82 -53.18
CA ASN A 710 -5.64 28.80 -54.26
C ASN A 710 -4.53 29.81 -54.06
N GLU A 711 -4.34 30.29 -52.83
CA GLU A 711 -3.36 31.32 -52.57
C GLU A 711 -2.85 31.21 -51.13
N ILE A 712 -1.59 31.59 -50.95
CA ILE A 712 -0.93 31.57 -49.65
C ILE A 712 -0.31 32.93 -49.41
N HIS A 713 -0.56 33.46 -48.21
CA HIS A 713 0.03 34.73 -47.84
C HIS A 713 0.96 34.45 -46.67
N ILE A 714 1.97 35.26 -46.49
CA ILE A 714 2.97 35.07 -45.44
C ILE A 714 3.30 36.39 -44.77
N GLU A 715 3.59 36.33 -43.47
CA GLU A 715 4.09 37.49 -42.75
C GLU A 715 4.99 37.02 -41.61
N LEU A 716 5.92 37.88 -41.23
CA LEU A 716 6.88 37.60 -40.17
C LEU A 716 6.67 38.44 -38.92
N GLY A 717 6.65 39.76 -39.06
CA GLY A 717 6.49 40.65 -37.92
C GLY A 717 7.51 40.40 -36.83
N ASP A 930 16.70 40.34 -38.71
CA ASP A 930 17.20 39.08 -38.18
C ASP A 930 16.28 37.93 -38.59
N THR A 931 15.02 38.01 -38.20
CA THR A 931 14.04 37.02 -38.62
C THR A 931 13.78 37.06 -40.12
N ARG A 932 14.23 38.13 -40.79
CA ARG A 932 14.02 38.26 -42.23
C ARG A 932 14.39 37.00 -43.00
N TYR A 933 15.30 36.19 -42.44
CA TYR A 933 15.81 35.04 -43.18
C TYR A 933 14.68 34.13 -43.66
N ILE A 934 13.68 33.89 -42.81
CA ILE A 934 12.63 32.93 -43.13
C ILE A 934 11.61 33.58 -44.05
N SER A 935 11.85 34.83 -44.45
CA SER A 935 10.93 35.52 -45.34
C SER A 935 10.96 34.92 -46.75
N LYS A 936 12.16 34.72 -47.30
CA LYS A 936 12.27 34.30 -48.69
C LYS A 936 12.35 32.78 -48.85
N TYR A 937 13.03 32.08 -47.95
CA TYR A 937 13.16 30.64 -48.09
C TYR A 937 11.81 29.96 -48.02
N ILE A 938 10.97 30.39 -47.07
CA ILE A 938 9.66 29.77 -46.91
C ILE A 938 8.80 30.05 -48.13
N SER A 939 8.85 31.28 -48.65
CA SER A 939 8.09 31.62 -49.85
C SER A 939 8.55 30.76 -51.03
N GLY A 940 9.86 30.60 -51.19
CA GLY A 940 10.36 29.77 -52.28
C GLY A 940 9.92 28.33 -52.17
N ILE A 941 10.00 27.77 -50.96
CA ILE A 941 9.59 26.38 -50.78
C ILE A 941 8.09 26.22 -51.04
N LEU A 942 7.29 27.15 -50.54
CA LEU A 942 5.83 27.03 -50.65
C LEU A 942 5.31 27.42 -52.03
N SER A 943 6.14 28.08 -52.86
CA SER A 943 5.72 28.35 -54.22
C SER A 943 5.37 27.08 -54.97
N ASN A 944 5.94 25.94 -54.58
CA ASN A 944 5.70 24.67 -55.26
C ASN A 944 4.26 24.18 -55.11
N ILE A 945 3.48 24.77 -54.23
CA ILE A 945 2.13 24.28 -53.95
C ILE A 945 1.10 25.15 -54.68
N VAL A 946 1.42 26.43 -54.89
CA VAL A 946 0.44 27.37 -55.40
C VAL A 946 0.90 27.89 -56.75
N ARG A 947 1.70 27.09 -57.45
CA ARG A 947 2.24 27.51 -58.74
C ARG A 947 1.25 27.22 -59.87
N VAL A 948 1.55 27.75 -61.04
CA VAL A 948 0.79 27.50 -62.26
C VAL A 948 1.76 27.02 -63.33
N GLU A 949 1.40 25.94 -64.01
CA GLU A 949 2.28 25.32 -65.00
C GLU A 949 2.05 25.82 -66.42
N ASP A 950 1.19 26.81 -66.60
CA ASP A 950 0.86 27.31 -67.93
C ASP A 950 1.90 28.26 -68.50
N GLY A 951 2.91 28.62 -67.72
CA GLY A 951 3.97 29.50 -68.16
C GLY A 951 3.81 30.94 -67.72
N SER A 952 2.59 31.35 -67.33
CA SER A 952 2.40 32.70 -66.85
C SER A 952 3.18 32.95 -65.56
N ASP A 953 3.17 32.00 -64.64
CA ASP A 953 3.84 32.13 -63.34
C ASP A 953 5.25 31.56 -63.48
N GLU A 954 6.24 32.46 -63.59
CA GLU A 954 7.64 32.06 -63.64
C GLU A 954 8.46 33.07 -62.86
N GLY A 955 9.43 32.56 -62.10
CA GLY A 955 10.28 33.40 -61.29
C GLY A 955 10.74 32.65 -60.06
N VAL A 956 11.43 33.40 -59.19
CA VAL A 956 11.93 32.80 -57.95
C VAL A 956 10.75 32.35 -57.09
N ASN A 957 9.71 33.17 -56.99
CA ASN A 957 8.54 32.89 -56.18
C ASN A 957 7.29 32.98 -57.03
N SER A 958 6.32 32.12 -56.75
CA SER A 958 5.05 32.14 -57.47
C SER A 958 4.33 33.46 -57.21
N LYS A 959 3.65 33.95 -58.25
CA LYS A 959 2.92 35.22 -58.12
C LYS A 959 1.80 35.14 -57.09
N ASN A 960 1.35 33.94 -56.73
CA ASN A 960 0.30 33.78 -55.75
C ASN A 960 0.78 33.99 -54.32
N ILE A 961 2.10 33.96 -54.08
CA ILE A 961 2.65 34.24 -52.77
C ILE A 961 2.66 35.75 -52.60
N VAL A 962 2.03 36.24 -51.53
CA VAL A 962 1.82 37.66 -51.35
C VAL A 962 2.34 38.08 -49.97
N PRO A 963 3.64 38.30 -49.82
CA PRO A 963 4.14 38.78 -48.53
C PRO A 963 3.51 40.11 -48.16
N GLY A 964 3.22 40.28 -46.88
CA GLY A 964 2.60 41.48 -46.36
C GLY A 964 3.58 42.37 -45.62
N ASN A 965 3.03 43.42 -45.03
CA ASN A 965 3.80 44.33 -44.18
C ASN A 965 2.96 44.67 -42.96
N GLY A 966 3.66 45.10 -41.90
CA GLY A 966 2.97 45.47 -40.68
C GLY A 966 1.97 46.59 -40.89
N LYS A 967 2.20 47.45 -41.88
CA LYS A 967 1.29 48.56 -42.14
C LYS A 967 -0.09 48.04 -42.50
N ILE A 968 -0.17 47.14 -43.48
CA ILE A 968 -1.47 46.62 -43.88
C ILE A 968 -2.13 45.89 -42.72
N THR A 969 -1.37 45.05 -42.01
CA THR A 969 -1.96 44.28 -40.92
C THR A 969 -2.56 45.20 -39.87
N THR A 970 -1.79 46.18 -39.41
CA THR A 970 -2.29 47.05 -38.34
C THR A 970 -3.44 47.91 -38.83
N GLN A 971 -3.38 48.42 -40.05
CA GLN A 971 -4.43 49.30 -40.52
C GLN A 971 -5.72 48.52 -40.76
N LEU A 972 -5.62 47.29 -41.27
CA LEU A 972 -6.80 46.42 -41.34
C LEU A 972 -7.36 46.14 -39.95
N LYS A 973 -6.48 45.84 -38.98
CA LYS A 973 -6.95 45.49 -37.65
C LYS A 973 -7.68 46.66 -37.00
N GLN A 974 -7.14 47.88 -37.15
CA GLN A 974 -7.79 49.04 -36.57
C GLN A 974 -9.08 49.38 -37.29
N ASP A 975 -9.05 49.42 -38.63
CA ASP A 975 -10.26 49.71 -39.39
C ASP A 975 -11.31 48.62 -39.19
N TRP A 976 -10.89 47.36 -39.13
CA TRP A 976 -11.82 46.24 -39.01
C TRP A 976 -12.26 45.97 -37.59
N GLY A 977 -11.77 46.72 -36.60
CA GLY A 977 -12.22 46.53 -35.24
C GLY A 977 -11.70 45.28 -34.57
N LEU A 978 -10.86 44.50 -35.24
CA LEU A 978 -10.24 43.35 -34.59
C LEU A 978 -9.48 43.78 -33.34
N ASN A 979 -9.03 45.04 -33.31
CA ASN A 979 -8.46 45.58 -32.08
C ASN A 979 -9.49 45.59 -30.96
N ASP A 980 -10.73 45.97 -31.28
CA ASP A 980 -11.79 45.92 -30.28
C ASP A 980 -12.02 44.50 -29.79
N VAL A 981 -12.04 43.54 -30.71
CA VAL A 981 -12.26 42.15 -30.32
C VAL A 981 -11.13 41.67 -29.42
N TRP A 982 -9.88 42.02 -29.76
CA TRP A 982 -8.76 41.61 -28.94
C TRP A 982 -8.82 42.24 -27.56
N ASN A 983 -9.17 43.52 -27.50
CA ASN A 983 -9.30 44.19 -26.22
C ASN A 983 -10.36 43.53 -25.35
N ASP A 984 -11.52 43.21 -25.96
CA ASP A 984 -12.55 42.51 -25.21
C ASP A 984 -12.06 41.16 -24.73
N LEU A 985 -11.33 40.44 -25.58
CA LEU A 985 -10.85 39.12 -25.20
C LEU A 985 -9.89 39.19 -24.01
N ILE A 986 -8.97 40.16 -24.02
CA ILE A 986 -7.95 40.22 -22.97
C ILE A 986 -8.40 40.97 -21.73
N LEU A 987 -9.50 41.71 -21.81
CA LEU A 987 -9.96 42.52 -20.68
C LEU A 987 -10.11 41.76 -19.37
N PRO A 988 -10.74 40.57 -19.33
CA PRO A 988 -10.95 39.91 -18.04
C PRO A 988 -9.67 39.70 -17.25
N ARG A 989 -8.55 39.43 -17.92
CA ARG A 989 -7.28 39.37 -17.20
C ARG A 989 -6.99 40.69 -16.51
N PHE A 990 -7.35 41.80 -17.14
CA PHE A 990 -7.04 43.09 -16.55
C PHE A 990 -7.97 43.41 -15.38
N GLU A 991 -9.26 43.02 -15.45
CA GLU A 991 -10.07 43.13 -14.23
C GLU A 991 -9.53 42.19 -13.14
N ARG A 992 -9.02 41.02 -13.50
CA ARG A 992 -8.49 40.14 -12.47
C ARG A 992 -7.29 40.78 -11.80
N MET A 993 -6.42 41.41 -12.60
CA MET A 993 -5.27 42.09 -12.03
C MET A 993 -5.72 43.24 -11.14
N ASN A 994 -6.79 43.94 -11.53
CA ASN A 994 -7.31 45.01 -10.68
C ASN A 994 -7.77 44.47 -9.32
N GLN A 995 -8.54 43.40 -9.33
CA GLN A 995 -8.95 42.80 -8.07
C GLN A 995 -7.73 42.43 -7.25
N LEU A 996 -6.76 41.78 -7.89
CA LEU A 996 -5.57 41.31 -7.18
C LEU A 996 -4.84 42.48 -6.52
N THR A 997 -4.74 43.60 -7.22
CA THR A 997 -4.07 44.78 -6.68
C THR A 997 -4.98 45.64 -5.82
N ASN A 998 -6.28 45.34 -5.78
CA ASN A 998 -7.24 46.13 -5.00
C ASN A 998 -7.21 47.59 -5.45
N SER A 999 -7.02 47.79 -6.75
CA SER A 999 -6.94 49.14 -7.33
C SER A 999 -7.76 49.15 -8.62
N LYS A 1000 -7.66 50.25 -9.36
CA LYS A 1000 -8.35 50.39 -10.63
C LYS A 1000 -7.47 51.03 -11.68
N ASP A 1001 -6.15 50.78 -11.60
CA ASP A 1001 -5.20 51.36 -12.54
C ASP A 1001 -4.89 50.46 -13.72
N PHE A 1002 -5.40 49.23 -13.68
CA PHE A 1002 -5.18 48.27 -14.76
C PHE A 1002 -6.30 48.29 -15.79
N THR A 1003 -7.29 49.16 -15.62
CA THR A 1003 -8.40 49.28 -16.56
C THR A 1003 -8.85 50.73 -16.57
N ALA A 1004 -9.06 51.29 -17.77
CA ALA A 1004 -9.40 52.70 -17.91
C ALA A 1004 -10.70 52.84 -18.68
N TRP A 1005 -11.66 53.53 -18.09
CA TRP A 1005 -12.90 53.89 -18.78
C TRP A 1005 -12.58 54.81 -19.95
N ASN A 1006 -13.30 54.62 -21.07
CA ASN A 1006 -13.29 55.59 -22.15
C ASN A 1006 -14.71 55.82 -22.61
N GLU A 1007 -15.02 57.09 -22.84
CA GLU A 1007 -16.38 57.51 -23.20
C GLU A 1007 -16.64 57.47 -24.69
N ASN A 1008 -15.61 57.67 -25.52
CA ASN A 1008 -15.81 57.55 -26.96
C ASN A 1008 -16.37 56.18 -27.31
N HIS A 1009 -15.88 55.14 -26.65
CA HIS A 1009 -16.40 53.79 -26.80
C HIS A 1009 -17.26 53.35 -25.61
N GLN A 1010 -17.27 54.10 -24.52
CA GLN A 1010 -18.12 53.84 -23.37
C GLN A 1010 -17.87 52.43 -22.82
N LYS A 1011 -16.59 52.12 -22.59
CA LYS A 1011 -16.22 50.82 -22.02
C LYS A 1011 -14.84 50.93 -21.41
N PHE A 1012 -14.46 49.92 -20.63
CA PHE A 1012 -13.12 49.81 -20.09
C PHE A 1012 -12.18 49.26 -21.16
N LEU A 1013 -11.02 49.90 -21.29
CA LEU A 1013 -9.93 49.40 -22.08
C LEU A 1013 -8.80 48.98 -21.16
N PRO A 1014 -8.13 47.85 -21.45
CA PRO A 1014 -7.04 47.40 -20.57
C PRO A 1014 -5.89 48.39 -20.57
N THR A 1015 -5.24 48.51 -19.42
CA THR A 1015 -4.13 49.44 -19.27
C THR A 1015 -3.23 48.95 -18.14
N VAL A 1016 -2.04 49.51 -18.08
CA VAL A 1016 -1.06 49.16 -17.05
C VAL A 1016 -0.53 50.45 -16.43
N PRO A 1017 -0.24 50.48 -15.14
CA PRO A 1017 0.40 51.67 -14.56
C PRO A 1017 1.81 51.87 -15.12
N ILE A 1018 2.25 53.12 -15.10
CA ILE A 1018 3.52 53.48 -15.72
C ILE A 1018 4.65 52.66 -15.13
N GLU A 1019 4.65 52.47 -13.81
CA GLU A 1019 5.72 51.70 -13.18
C GLU A 1019 5.81 50.28 -13.73
N PHE A 1020 4.70 49.70 -14.15
CA PHE A 1020 4.68 48.37 -14.76
C PHE A 1020 4.56 48.44 -16.27
N SER A 1021 5.09 49.50 -16.89
CA SER A 1021 5.02 49.71 -18.33
C SER A 1021 6.39 49.68 -18.98
N LYS A 1022 7.34 48.91 -18.44
CA LYS A 1022 8.67 48.84 -19.04
C LYS A 1022 8.59 48.36 -20.48
N GLY A 1023 8.11 47.12 -20.69
CA GLY A 1023 8.04 46.54 -22.01
C GLY A 1023 6.71 45.87 -22.28
N PHE A 1024 5.67 46.31 -21.58
CA PHE A 1024 4.35 45.73 -21.76
C PHE A 1024 3.85 45.96 -23.18
N SER A 1025 3.25 44.92 -23.74
CA SER A 1025 2.56 45.02 -25.02
C SER A 1025 1.29 44.17 -24.94
N LYS A 1026 0.15 44.79 -25.26
CA LYS A 1026 -1.13 44.12 -25.08
C LYS A 1026 -1.25 42.85 -25.92
N LYS A 1027 -0.46 42.74 -27.00
CA LYS A 1027 -0.60 41.63 -27.93
C LYS A 1027 0.13 40.37 -27.50
N ARG A 1028 1.34 40.52 -26.96
CA ARG A 1028 2.24 39.40 -26.71
C ARG A 1028 1.89 38.60 -25.46
N ILE A 1029 0.82 38.96 -24.75
CA ILE A 1029 0.50 38.31 -23.48
C ILE A 1029 -0.39 37.10 -23.72
N ASP A 1030 -0.54 36.70 -24.99
CA ASP A 1030 -1.41 35.59 -25.33
C ASP A 1030 -0.80 34.80 -26.45
N HIS A 1031 -1.41 33.70 -26.84
CA HIS A 1031 -0.93 32.92 -27.98
C HIS A 1031 -1.84 33.08 -29.19
N ARG A 1032 -3.03 33.64 -28.99
CA ARG A 1032 -4.00 33.69 -30.08
C ARG A 1032 -3.81 34.89 -31.00
N HIS A 1033 -2.94 35.85 -30.63
CA HIS A 1033 -2.72 36.97 -31.53
C HIS A 1033 -2.00 36.52 -32.80
N HIS A 1034 -1.22 35.45 -32.71
CA HIS A 1034 -0.60 34.89 -33.91
C HIS A 1034 -1.69 34.49 -34.90
N ALA A 1035 -2.71 33.79 -34.42
CA ALA A 1035 -3.81 33.38 -35.29
C ALA A 1035 -4.57 34.59 -35.79
N LEU A 1036 -4.76 35.60 -34.94
CA LEU A 1036 -5.43 36.81 -35.38
C LEU A 1036 -4.69 37.44 -36.55
N ASP A 1037 -3.36 37.53 -36.43
CA ASP A 1037 -2.55 38.10 -37.50
C ASP A 1037 -2.64 37.24 -38.75
N ALA A 1038 -2.65 35.92 -38.59
CA ALA A 1038 -2.80 35.05 -39.74
C ALA A 1038 -4.12 35.31 -40.45
N LEU A 1039 -5.20 35.46 -39.69
CA LEU A 1039 -6.50 35.76 -40.28
C LEU A 1039 -6.46 37.08 -41.03
N VAL A 1040 -5.87 38.10 -40.41
CA VAL A 1040 -5.76 39.41 -41.06
C VAL A 1040 -5.04 39.27 -42.39
N ILE A 1041 -3.91 38.55 -42.39
CA ILE A 1041 -3.12 38.39 -43.60
C ILE A 1041 -3.90 37.64 -44.66
N ALA A 1042 -4.63 36.58 -44.28
CA ALA A 1042 -5.29 35.73 -45.26
C ALA A 1042 -6.32 36.48 -46.09
N CYS A 1043 -7.01 37.47 -45.52
CA CYS A 1043 -8.02 38.21 -46.26
C CYS A 1043 -7.46 39.42 -47.00
N ALA A 1044 -6.18 39.76 -46.81
CA ALA A 1044 -5.57 40.89 -47.50
C ALA A 1044 -5.23 40.43 -48.92
N THR A 1045 -5.99 40.91 -49.90
CA THR A 1045 -5.74 40.53 -51.28
C THR A 1045 -4.55 41.28 -51.84
N THR A 1046 -4.07 40.82 -53.00
CA THR A 1046 -2.94 41.49 -53.64
C THR A 1046 -3.24 42.96 -53.87
N ASP A 1047 -4.51 43.30 -54.09
CA ASP A 1047 -4.87 44.70 -54.26
C ASP A 1047 -4.53 45.51 -53.01
N HIS A 1048 -4.83 44.96 -51.83
CA HIS A 1048 -4.56 45.68 -50.59
C HIS A 1048 -3.07 45.94 -50.42
N VAL A 1049 -2.25 44.92 -50.64
CA VAL A 1049 -0.80 45.09 -50.45
C VAL A 1049 -0.26 46.09 -51.46
N ASN A 1050 -0.70 45.98 -52.72
CA ASN A 1050 -0.24 46.95 -53.72
C ASN A 1050 -0.65 48.36 -53.34
N LEU A 1051 -1.90 48.54 -52.90
CA LEU A 1051 -2.40 49.86 -52.55
C LEU A 1051 -1.67 50.47 -51.37
N LEU A 1052 -1.35 49.68 -50.35
CA LEU A 1052 -0.72 50.21 -49.15
C LEU A 1052 0.80 50.18 -49.20
N ASN A 1053 1.40 49.55 -50.23
CA ASN A 1053 2.84 49.64 -50.43
C ASN A 1053 3.23 50.67 -51.48
N ASN A 1054 2.34 50.98 -52.42
CA ASN A 1054 2.56 52.00 -53.42
C ASN A 1054 1.39 52.99 -53.45
N GLN A 1055 0.98 53.44 -52.27
CA GLN A 1055 -0.13 54.39 -52.18
C GLN A 1055 0.15 55.65 -52.98
N SER A 1056 1.42 56.00 -53.19
CA SER A 1056 1.77 57.09 -54.08
C SER A 1056 1.20 56.80 -55.46
N ALA A 1057 0.30 57.66 -55.93
CA ALA A 1057 -0.43 57.42 -57.17
C ALA A 1057 0.09 58.23 -58.34
N LYS A 1058 0.59 59.44 -58.10
CA LYS A 1058 0.92 60.41 -59.14
C LYS A 1058 -0.36 61.01 -59.73
N SER A 1059 -1.52 60.48 -59.32
CA SER A 1059 -2.81 60.96 -59.78
C SER A 1059 -3.90 60.30 -58.94
N ASP A 1060 -4.84 61.10 -58.42
CA ASP A 1060 -5.90 60.53 -57.61
C ASP A 1060 -6.73 59.53 -58.40
N THR A 1061 -6.94 59.80 -59.70
CA THR A 1061 -7.87 58.99 -60.48
C THR A 1061 -7.40 57.55 -60.63
N LYS A 1062 -6.13 57.35 -60.98
CA LYS A 1062 -5.66 56.00 -61.27
C LYS A 1062 -5.76 55.07 -60.07
N ARG A 1063 -5.53 55.59 -58.85
CA ARG A 1063 -5.70 54.81 -57.65
C ARG A 1063 -7.07 55.01 -56.99
N TYR A 1064 -7.92 55.87 -57.55
CA TYR A 1064 -9.26 56.03 -57.00
C TYR A 1064 -10.07 54.75 -57.13
N ASP A 1065 -9.82 53.97 -58.18
CA ASP A 1065 -10.57 52.72 -58.37
C ASP A 1065 -10.31 51.75 -57.21
N LEU A 1066 -9.04 51.58 -56.85
CA LEU A 1066 -8.72 50.71 -55.71
C LEU A 1066 -9.28 51.28 -54.42
N LYS A 1067 -9.22 52.60 -54.25
CA LYS A 1067 -9.84 53.23 -53.08
C LYS A 1067 -11.31 52.84 -52.97
N LYS A 1068 -12.07 53.03 -54.04
CA LYS A 1068 -13.50 52.72 -54.01
C LYS A 1068 -13.73 51.23 -53.78
N LYS A 1069 -12.96 50.37 -54.47
CA LYS A 1069 -13.17 48.93 -54.35
C LYS A 1069 -12.79 48.42 -52.96
N LEU A 1070 -11.92 49.15 -52.26
CA LEU A 1070 -11.40 48.67 -50.99
C LEU A 1070 -11.61 49.58 -49.77
N MET A 1071 -12.03 50.83 -49.96
CA MET A 1071 -12.21 51.75 -48.85
C MET A 1071 -13.61 52.35 -48.87
N LYS A 1072 -14.23 52.41 -47.69
CA LYS A 1072 -15.50 53.10 -47.54
C LYS A 1072 -15.31 54.61 -47.63
N PHE A 1073 -16.28 55.29 -48.23
CA PHE A 1073 -16.21 56.74 -48.38
C PHE A 1073 -17.28 57.42 -47.56
N PRO A 1092 -11.54 58.26 -48.38
CA PRO A 1092 -10.67 57.26 -47.76
C PRO A 1092 -10.74 57.28 -46.24
N LYS A 1093 -11.65 56.49 -45.68
CA LYS A 1093 -11.89 56.46 -44.24
C LYS A 1093 -11.56 55.10 -43.65
N GLN A 1094 -12.15 54.03 -44.18
CA GLN A 1094 -11.93 52.69 -43.67
C GLN A 1094 -12.10 51.70 -44.80
N PHE A 1095 -11.52 50.52 -44.64
CA PHE A 1095 -11.72 49.45 -45.60
C PHE A 1095 -13.00 48.68 -45.30
N LEU A 1096 -13.64 48.19 -46.36
CA LEU A 1096 -14.78 47.30 -46.23
C LEU A 1096 -14.35 45.95 -45.68
N LYS A 1097 -15.23 45.35 -44.88
CA LYS A 1097 -14.96 44.02 -44.38
C LYS A 1097 -14.90 43.01 -45.53
N PRO A 1098 -14.12 41.94 -45.38
CA PRO A 1098 -14.17 40.88 -46.39
C PRO A 1098 -15.58 40.36 -46.62
N TRP A 1099 -16.37 40.25 -45.56
CA TRP A 1099 -17.80 39.99 -45.68
C TRP A 1099 -18.50 40.57 -44.46
N GLU A 1100 -19.83 40.49 -44.46
CA GLU A 1100 -20.64 41.25 -43.51
C GLU A 1100 -20.31 40.86 -42.07
N LYS A 1101 -20.19 39.57 -41.79
CA LYS A 1101 -20.02 39.06 -40.44
C LYS A 1101 -18.58 38.72 -40.11
N PHE A 1102 -17.60 39.43 -40.68
CA PHE A 1102 -16.21 39.09 -40.43
C PHE A 1102 -15.86 39.25 -38.95
N THR A 1103 -16.29 40.34 -38.33
CA THR A 1103 -15.93 40.53 -36.92
C THR A 1103 -16.52 39.43 -36.05
N VAL A 1104 -17.78 39.08 -36.31
CA VAL A 1104 -18.44 38.04 -35.52
C VAL A 1104 -17.72 36.70 -35.72
N ASP A 1105 -17.41 36.37 -36.97
CA ASP A 1105 -16.73 35.11 -37.25
C ASP A 1105 -15.35 35.07 -36.61
N ALA A 1106 -14.60 36.17 -36.69
CA ALA A 1106 -13.29 36.22 -36.10
C ALA A 1106 -13.36 36.05 -34.58
N LYS A 1107 -14.31 36.72 -33.94
CA LYS A 1107 -14.49 36.56 -32.51
C LYS A 1107 -14.82 35.11 -32.17
N HIS A 1108 -15.79 34.53 -32.87
CA HIS A 1108 -16.25 33.19 -32.54
C HIS A 1108 -15.15 32.16 -32.77
N ASN A 1109 -14.31 32.38 -33.77
CA ASN A 1109 -13.21 31.44 -34.03
C ASN A 1109 -12.08 31.63 -33.03
N LEU A 1110 -11.72 32.87 -32.74
CA LEU A 1110 -10.63 33.14 -31.82
C LEU A 1110 -10.95 32.62 -30.42
N GLU A 1111 -12.21 32.76 -30.00
CA GLU A 1111 -12.58 32.29 -28.68
C GLU A 1111 -12.56 30.77 -28.56
N SER A 1112 -12.38 30.06 -29.66
CA SER A 1112 -12.40 28.59 -29.70
C SER A 1112 -11.13 28.06 -30.37
N ILE A 1113 -9.97 28.57 -29.94
CA ILE A 1113 -8.68 28.12 -30.45
C ILE A 1113 -7.89 27.51 -29.31
N ILE A 1114 -7.54 26.24 -29.45
CA ILE A 1114 -6.72 25.53 -28.48
C ILE A 1114 -5.28 25.62 -28.96
N VAL A 1115 -4.39 26.10 -28.09
CA VAL A 1115 -2.99 26.25 -28.46
C VAL A 1115 -2.31 24.88 -28.40
N SER A 1116 -1.69 24.48 -29.51
CA SER A 1116 -0.99 23.21 -29.60
C SER A 1116 0.50 23.45 -29.33
N PHE A 1117 1.05 22.69 -28.38
CA PHE A 1117 2.43 22.86 -27.95
C PHE A 1117 3.25 21.63 -28.34
N LYS A 1118 4.38 21.87 -29.00
CA LYS A 1118 5.33 20.81 -29.28
C LYS A 1118 5.94 20.31 -27.99
N GLN A 1119 6.19 19.01 -27.92
CA GLN A 1119 6.75 18.37 -26.74
C GLN A 1119 8.03 17.63 -27.10
N ASN A 1120 9.01 17.68 -26.19
CA ASN A 1120 10.26 16.94 -26.31
C ASN A 1120 10.38 16.05 -25.08
N LEU A 1121 10.11 14.76 -25.26
CA LEU A 1121 10.12 13.79 -24.17
C LEU A 1121 11.15 12.69 -24.39
N ARG A 1122 12.16 12.96 -25.21
CA ARG A 1122 13.22 11.99 -25.45
C ARG A 1122 13.96 11.70 -24.15
N VAL A 1123 14.15 10.41 -23.85
CA VAL A 1123 14.89 10.00 -22.67
C VAL A 1123 16.04 9.10 -23.09
N ILE A 1124 15.71 8.00 -23.77
CA ILE A 1124 16.69 7.07 -24.31
C ILE A 1124 16.47 6.96 -25.81
N ASN A 1125 17.56 6.84 -26.55
CA ASN A 1125 17.47 6.62 -27.99
C ASN A 1125 18.63 5.77 -28.43
N LYS A 1126 18.39 4.88 -29.40
CA LYS A 1126 19.45 3.98 -29.83
C LYS A 1126 20.58 4.78 -30.46
N ALA A 1127 21.81 4.32 -30.24
CA ALA A 1127 23.00 4.96 -30.79
C ALA A 1127 23.88 3.91 -31.42
N THR A 1128 24.55 4.30 -32.51
CA THR A 1128 25.44 3.42 -33.25
C THR A 1128 26.88 3.87 -33.05
N ASN A 1129 27.76 2.90 -32.78
CA ASN A 1129 29.17 3.16 -32.55
C ASN A 1129 29.98 2.33 -33.53
N TYR A 1130 30.79 2.99 -34.34
CA TYR A 1130 31.73 2.34 -35.24
C TYR A 1130 33.14 2.71 -34.81
N TYR A 1131 33.99 1.71 -34.58
CA TYR A 1131 35.34 1.94 -34.13
C TYR A 1131 36.34 1.15 -34.96
N GLU A 1132 37.54 1.70 -35.08
CA GLU A 1132 38.58 1.02 -35.83
C GLU A 1132 39.02 -0.23 -35.13
N LYS A 1133 39.39 -1.24 -35.89
CA LYS A 1133 39.77 -2.52 -35.31
C LYS A 1133 40.33 -3.39 -36.43
N TYR A 1134 41.24 -4.27 -36.06
CA TYR A 1134 41.87 -5.18 -37.03
C TYR A 1134 40.99 -6.41 -37.19
N VAL A 1135 40.44 -6.59 -38.38
CA VAL A 1135 39.61 -7.74 -38.72
C VAL A 1135 40.44 -8.72 -39.54
N GLU A 1136 40.17 -10.01 -39.35
CA GLU A 1136 40.89 -11.07 -40.04
C GLU A 1136 40.02 -11.57 -41.19
N LYS A 1137 40.45 -11.30 -42.42
CA LYS A 1137 39.74 -11.73 -43.62
C LYS A 1137 40.75 -12.30 -44.61
N ASP A 1138 40.42 -13.44 -45.20
CA ASP A 1138 41.26 -14.08 -46.21
C ASP A 1138 42.69 -14.24 -45.71
N GLY A 1139 42.82 -14.62 -44.44
CA GLY A 1139 44.13 -14.84 -43.86
C GLY A 1139 44.97 -13.59 -43.69
N THR A 1140 44.33 -12.43 -43.61
CA THR A 1140 45.05 -11.16 -43.49
C THR A 1140 44.37 -10.29 -42.44
N LYS A 1141 45.19 -9.59 -41.65
CA LYS A 1141 44.69 -8.60 -40.70
C LYS A 1141 44.63 -7.25 -41.37
N ASN A 1142 43.44 -6.67 -41.43
CA ASN A 1142 43.22 -5.38 -42.07
C ASN A 1142 42.41 -4.49 -41.14
N LYS A 1143 42.80 -3.22 -41.06
CA LYS A 1143 42.08 -2.27 -40.22
C LYS A 1143 40.79 -1.85 -40.90
N GLU A 1144 39.68 -1.90 -40.16
CA GLU A 1144 38.40 -1.45 -40.68
C GLU A 1144 37.50 -1.11 -39.49
N ARG A 1145 36.35 -0.53 -39.80
CA ARG A 1145 35.43 -0.05 -38.79
C ARG A 1145 34.42 -1.14 -38.44
N VAL A 1146 34.46 -1.59 -37.19
CA VAL A 1146 33.54 -2.58 -36.68
C VAL A 1146 32.46 -1.86 -35.87
N GLU A 1147 31.24 -2.35 -35.98
CA GLU A 1147 30.11 -1.79 -35.23
C GLU A 1147 30.08 -2.38 -33.83
N GLN A 1148 29.62 -1.58 -32.87
CA GLN A 1148 29.49 -2.07 -31.50
C GLN A 1148 28.26 -2.96 -31.40
N ALA A 1149 28.42 -4.11 -30.75
CA ALA A 1149 27.33 -5.07 -30.62
C ALA A 1149 26.45 -4.71 -29.43
N GLY A 1150 25.45 -5.56 -29.20
CA GLY A 1150 24.54 -5.35 -28.08
C GLY A 1150 23.74 -4.08 -28.24
N THR A 1151 22.79 -3.90 -27.31
CA THR A 1151 21.95 -2.73 -27.27
C THR A 1151 22.68 -1.67 -26.44
N ASN A 1152 22.98 -0.54 -27.07
CA ASN A 1152 23.67 0.57 -26.42
C ASN A 1152 22.79 1.81 -26.56
N TRP A 1153 22.15 2.20 -25.47
CA TRP A 1153 21.29 3.37 -25.49
C TRP A 1153 22.10 4.63 -25.27
N ALA A 1154 21.55 5.76 -25.71
CA ALA A 1154 22.09 7.08 -25.45
C ALA A 1154 21.05 7.86 -24.66
N ILE A 1155 21.48 8.42 -23.53
CA ILE A 1155 20.58 9.17 -22.66
C ILE A 1155 20.44 10.57 -23.23
N ARG A 1156 19.20 10.97 -23.53
CA ARG A 1156 18.94 12.20 -24.25
C ARG A 1156 18.57 13.37 -23.33
N LYS A 1157 18.94 13.29 -22.06
CA LYS A 1157 18.77 14.39 -21.13
C LYS A 1157 19.95 14.44 -20.18
N PRO A 1158 20.22 15.60 -19.57
CA PRO A 1158 21.23 15.66 -18.50
C PRO A 1158 20.71 14.96 -17.25
N MET A 1159 21.43 13.95 -16.80
CA MET A 1159 20.95 13.11 -15.71
C MET A 1159 21.01 13.80 -14.35
N HIS A 1160 21.82 14.84 -14.20
CA HIS A 1160 21.97 15.48 -12.90
C HIS A 1160 22.73 16.79 -13.07
N LYS A 1161 22.66 17.63 -12.03
CA LYS A 1161 23.40 18.87 -12.02
C LYS A 1161 24.89 18.58 -11.78
N ASP A 1162 25.72 19.57 -12.10
CA ASP A 1162 27.16 19.34 -12.13
C ASP A 1162 27.75 19.29 -10.72
N THR A 1163 27.21 20.07 -9.79
CA THR A 1163 27.79 20.15 -8.47
C THR A 1163 27.65 18.81 -7.74
N VAL A 1164 28.74 18.37 -7.11
CA VAL A 1164 28.79 17.09 -6.41
C VAL A 1164 29.07 17.36 -4.94
N SER A 1165 28.22 16.82 -4.06
CA SER A 1165 28.32 17.03 -2.63
C SER A 1165 28.55 15.72 -1.92
N GLY A 1166 29.27 15.79 -0.80
CA GLY A 1166 29.55 14.63 0.02
C GLY A 1166 28.55 14.50 1.15
N LYS A 1167 28.37 13.26 1.62
CA LYS A 1167 27.40 12.96 2.67
C LYS A 1167 28.06 13.08 4.04
N VAL A 1168 27.36 13.72 4.96
CA VAL A 1168 27.86 13.96 6.32
C VAL A 1168 26.79 13.58 7.32
N ASP A 1169 27.23 13.30 8.55
CA ASP A 1169 26.34 13.04 9.67
C ASP A 1169 26.76 13.94 10.82
N LEU A 1170 25.94 14.95 11.10
CA LEU A 1170 26.19 15.87 12.20
C LEU A 1170 25.28 15.52 13.37
N PRO A 1171 25.80 15.04 14.49
CA PRO A 1171 24.90 14.70 15.62
C PRO A 1171 24.08 15.88 16.11
N TRP A 1172 24.55 17.11 15.93
CA TRP A 1172 23.90 18.29 16.48
C TRP A 1172 22.86 18.88 15.54
N VAL A 1173 22.35 18.11 14.58
CA VAL A 1173 21.27 18.55 13.70
C VAL A 1173 20.29 17.40 13.56
N LYS A 1174 19.00 17.72 13.58
CA LYS A 1174 17.96 16.71 13.47
C LYS A 1174 17.70 16.38 11.99
N VAL A 1175 17.67 15.10 11.68
CA VAL A 1175 17.42 14.65 10.31
C VAL A 1175 16.07 13.94 10.25
N PRO A 1176 15.04 14.52 9.66
CA PRO A 1176 13.78 13.79 9.51
C PRO A 1176 13.95 12.59 8.59
N LYS A 1177 13.16 11.56 8.85
CA LYS A 1177 13.24 10.34 8.06
C LYS A 1177 13.00 10.64 6.58
N GLY A 1178 13.81 10.02 5.73
CA GLY A 1178 13.72 10.24 4.30
C GLY A 1178 14.52 11.41 3.76
N LYS A 1179 15.39 12.01 4.57
CA LYS A 1179 16.21 13.12 4.14
C LYS A 1179 17.63 12.93 4.67
N ILE A 1180 18.60 13.50 3.97
CA ILE A 1180 20.01 13.33 4.30
C ILE A 1180 20.73 14.66 4.24
N LEU A 1181 21.89 14.71 4.89
CA LEU A 1181 22.74 15.89 4.95
C LEU A 1181 23.89 15.73 3.98
N THR A 1182 24.07 16.70 3.10
CA THR A 1182 25.14 16.68 2.10
C THR A 1182 25.91 18.00 2.18
N ALA A 1183 27.24 17.90 2.22
CA ALA A 1183 28.09 19.05 2.41
C ALA A 1183 29.01 19.24 1.21
N THR A 1184 29.17 20.50 0.81
CA THR A 1184 30.04 20.86 -0.31
C THR A 1184 30.88 22.06 0.09
N ARG A 1185 32.06 22.17 -0.52
CA ARG A 1185 32.98 23.25 -0.19
C ARG A 1185 32.52 24.56 -0.85
N LYS A 1186 32.72 25.66 -0.14
CA LYS A 1186 32.37 26.98 -0.62
C LYS A 1186 33.44 27.98 -0.19
N SER A 1187 33.65 29.00 -1.01
CA SER A 1187 34.59 30.05 -0.66
C SER A 1187 34.01 30.94 0.43
N LEU A 1188 34.86 31.39 1.34
CA LEU A 1188 34.45 32.27 2.42
C LEU A 1188 34.48 33.71 1.93
N ASP A 1189 33.31 34.37 1.93
CA ASP A 1189 33.17 35.70 1.35
C ASP A 1189 32.22 36.51 2.20
N SER A 1190 31.84 37.69 1.70
CA SER A 1190 30.97 38.60 2.43
C SER A 1190 29.55 38.07 2.58
N SER A 1191 29.19 37.03 1.85
CA SER A 1191 27.84 36.47 1.92
C SER A 1191 27.66 35.52 3.08
N PHE A 1192 28.53 35.56 4.08
CA PHE A 1192 28.48 34.67 5.23
C PHE A 1192 28.02 35.46 6.45
N ASP A 1193 26.74 35.38 6.77
CA ASP A 1193 26.19 35.98 7.97
C ASP A 1193 26.02 34.90 9.03
N LEU A 1194 25.47 35.29 10.19
CA LEU A 1194 25.31 34.32 11.27
C LEU A 1194 24.41 33.16 10.84
N LYS A 1195 23.31 33.46 10.15
CA LYS A 1195 22.45 32.40 9.64
C LYS A 1195 23.24 31.44 8.76
N SER A 1196 23.94 31.98 7.76
CA SER A 1196 24.79 31.17 6.90
C SER A 1196 25.95 30.55 7.67
N ILE A 1197 26.56 31.31 8.58
CA ILE A 1197 27.67 30.77 9.36
C ILE A 1197 27.21 29.56 10.17
N GLY A 1198 25.91 29.43 10.41
CA GLY A 1198 25.38 28.29 11.12
C GLY A 1198 25.25 27.03 10.30
N SER A 1199 25.62 27.06 9.02
CA SER A 1199 25.48 25.91 8.14
C SER A 1199 26.81 25.24 7.82
N ILE A 1200 27.88 25.60 8.51
CA ILE A 1200 29.17 24.96 8.32
C ILE A 1200 29.23 23.68 9.15
N THR A 1201 29.70 22.60 8.54
CA THR A 1201 29.78 21.32 9.26
C THR A 1201 30.74 21.40 10.43
N ASP A 1202 31.92 21.99 10.21
CA ASP A 1202 32.93 22.05 11.26
C ASP A 1202 32.51 23.04 12.33
N THR A 1203 32.66 22.64 13.59
CA THR A 1203 32.27 23.50 14.71
C THR A 1203 33.37 24.46 15.13
N GLY A 1204 34.64 24.06 15.04
CA GLY A 1204 35.72 24.99 15.32
C GLY A 1204 35.72 26.16 14.37
N ILE A 1205 35.45 25.89 13.08
CA ILE A 1205 35.33 26.96 12.12
C ILE A 1205 34.16 27.87 12.46
N GLN A 1206 33.02 27.30 12.87
CA GLN A 1206 31.90 28.12 13.28
C GLN A 1206 32.29 29.03 14.42
N LYS A 1207 32.99 28.49 15.42
CA LYS A 1207 33.43 29.29 16.56
C LYS A 1207 34.32 30.44 16.12
N ILE A 1208 35.35 30.12 15.32
CA ILE A 1208 36.31 31.15 14.92
C ILE A 1208 35.62 32.23 14.08
N LEU A 1209 34.76 31.81 13.16
CA LEU A 1209 34.05 32.76 12.31
C LEU A 1209 33.11 33.65 13.12
N LYS A 1210 32.39 33.08 14.09
CA LYS A 1210 31.53 33.90 14.93
C LYS A 1210 32.36 34.91 15.72
N ASN A 1211 33.48 34.48 16.29
CA ASN A 1211 34.32 35.41 17.04
C ASN A 1211 34.82 36.53 16.14
N TYR A 1212 35.31 36.20 14.95
CA TYR A 1212 35.80 37.22 14.04
C TYR A 1212 34.70 38.19 13.64
N LEU A 1213 33.52 37.67 13.30
CA LEU A 1213 32.42 38.53 12.90
C LEU A 1213 32.00 39.46 14.02
N ALA A 1214 31.96 38.93 15.25
CA ALA A 1214 31.63 39.79 16.40
C ALA A 1214 32.68 40.88 16.58
N PHE A 1215 33.96 40.53 16.44
CA PHE A 1215 35.01 41.54 16.57
C PHE A 1215 34.85 42.63 15.50
N LYS A 1216 34.20 42.33 14.39
CA LYS A 1216 33.97 43.28 13.31
C LYS A 1216 32.56 43.86 13.34
N ASP A 1217 32.03 44.08 14.54
CA ASP A 1217 30.70 44.70 14.70
C ASP A 1217 29.60 43.86 14.08
N GLY A 1218 29.87 42.58 13.85
CA GLY A 1218 28.87 41.73 13.24
C GLY A 1218 28.52 42.12 11.83
N ASN A 1219 29.50 42.56 11.06
CA ASN A 1219 29.28 43.03 9.69
C ASN A 1219 30.08 42.17 8.72
N PRO A 1220 29.46 41.17 8.07
CA PRO A 1220 30.23 40.28 7.19
C PRO A 1220 30.91 41.02 6.04
N GLU A 1221 30.30 42.09 5.53
CA GLU A 1221 30.94 42.84 4.45
C GLU A 1221 32.34 43.29 4.83
N LEU A 1222 32.52 43.76 6.06
CA LEU A 1222 33.83 44.15 6.55
C LEU A 1222 34.65 42.95 7.00
N ALA A 1223 34.01 41.98 7.65
CA ALA A 1223 34.75 40.86 8.21
C ALA A 1223 35.32 39.95 7.13
N PHE A 1224 34.51 39.60 6.13
CA PHE A 1224 34.86 38.58 5.16
C PHE A 1224 35.22 39.16 3.80
N SER A 1225 35.66 40.41 3.76
CA SER A 1225 36.29 40.93 2.56
C SER A 1225 37.67 40.28 2.40
N PRO A 1226 38.25 40.32 1.19
CA PRO A 1226 39.58 39.72 1.01
C PRO A 1226 40.60 40.25 1.99
N GLU A 1227 40.58 41.56 2.27
CA GLU A 1227 41.47 42.11 3.28
C GLU A 1227 41.14 41.56 4.66
N GLY A 1228 39.84 41.48 4.98
CA GLY A 1228 39.44 40.90 6.26
C GLY A 1228 39.85 39.46 6.39
N ILE A 1229 39.69 38.68 5.32
CA ILE A 1229 40.08 37.28 5.36
C ILE A 1229 41.59 37.15 5.53
N ASP A 1230 42.35 37.99 4.84
CA ASP A 1230 43.80 37.98 5.01
C ASP A 1230 44.18 38.28 6.45
N ASP A 1231 43.58 39.32 7.02
CA ASP A 1231 43.87 39.66 8.41
C ASP A 1231 43.51 38.50 9.34
N LEU A 1232 42.36 37.87 9.11
CA LEU A 1232 41.94 36.76 9.96
C LEU A 1232 42.95 35.62 9.88
N ASN A 1233 43.40 35.28 8.68
CA ASN A 1233 44.40 34.22 8.54
C ASN A 1233 45.70 34.61 9.23
N LYS A 1234 46.07 35.89 9.19
CA LYS A 1234 47.28 36.32 9.88
C LYS A 1234 47.17 36.11 11.39
N ASN A 1235 46.01 36.39 11.96
CA ASN A 1235 45.81 36.43 13.41
C ASN A 1235 44.74 35.44 13.86
N ILE A 1236 44.84 34.19 13.37
CA ILE A 1236 43.84 33.19 13.72
C ILE A 1236 43.94 32.83 15.20
N GLU A 1237 45.05 33.15 15.85
CA GLU A 1237 45.18 32.86 17.28
C GLU A 1237 44.15 33.63 18.11
N LYS A 1238 43.96 34.91 17.81
CA LYS A 1238 43.16 35.78 18.66
C LYS A 1238 41.68 35.40 18.65
N TYR A 1239 41.22 34.68 17.65
CA TYR A 1239 39.82 34.29 17.53
C TYR A 1239 39.61 32.80 17.77
N ASN A 1240 40.64 32.09 18.25
CA ASN A 1240 40.54 30.67 18.56
C ASN A 1240 41.08 30.37 19.95
N ASP A 1241 40.75 31.21 20.92
CA ASP A 1241 41.19 31.03 22.30
C ASP A 1241 42.71 30.95 22.40
N GLY A 1242 43.40 31.44 21.39
CA GLY A 1242 44.85 31.35 21.33
C GLY A 1242 45.39 30.01 20.86
N LYS A 1243 44.52 29.05 20.57
CA LYS A 1243 45.00 27.78 20.04
C LYS A 1243 45.26 27.91 18.54
N PRO A 1244 46.34 27.28 18.05
CA PRO A 1244 46.66 27.46 16.64
C PRO A 1244 45.57 26.92 15.74
N HIS A 1245 45.68 27.17 14.44
CA HIS A 1245 44.66 26.75 13.51
C HIS A 1245 45.20 26.96 12.10
N GLN A 1246 44.96 26.00 11.20
CA GLN A 1246 45.39 26.22 9.83
C GLN A 1246 44.61 27.38 9.23
N PRO A 1247 45.19 28.09 8.26
CA PRO A 1247 44.43 29.14 7.58
C PRO A 1247 43.13 28.60 7.03
N ILE A 1248 42.17 29.48 6.82
CA ILE A 1248 40.86 29.11 6.30
C ILE A 1248 40.65 29.87 5.00
N ASN A 1249 40.36 29.13 3.94
CA ASN A 1249 40.04 29.71 2.64
C ASN A 1249 38.72 29.20 2.10
N LYS A 1250 38.39 27.93 2.34
CA LYS A 1250 37.12 27.35 1.95
C LYS A 1250 36.56 26.56 3.13
N VAL A 1251 35.23 26.49 3.18
CA VAL A 1251 34.54 25.82 4.28
C VAL A 1251 33.42 24.97 3.71
N ARG A 1252 33.19 23.81 4.32
CA ARG A 1252 32.17 22.89 3.86
C ARG A 1252 30.83 23.27 4.47
N VAL A 1253 29.91 23.74 3.64
CA VAL A 1253 28.55 24.07 4.06
C VAL A 1253 27.66 22.89 3.74
N PHE A 1254 26.76 22.56 4.68
CA PHE A 1254 25.87 21.42 4.54
C PHE A 1254 24.46 21.88 4.22
N GLU A 1255 23.70 20.97 3.61
CA GLU A 1255 22.30 21.20 3.31
C GLU A 1255 21.54 19.90 3.55
N LEU A 1256 20.33 20.03 4.09
CA LEU A 1256 19.47 18.89 4.37
C LEU A 1256 18.47 18.78 3.24
N GLY A 1257 18.46 17.65 2.56
CA GLY A 1257 17.59 17.45 1.42
C GLY A 1257 17.64 16.02 0.91
N SER A 1258 17.13 15.83 -0.30
CA SER A 1258 17.03 14.51 -0.92
C SER A 1258 17.91 14.51 -2.17
N LYS A 1259 19.18 14.15 -2.00
CA LYS A 1259 20.12 14.02 -3.10
C LYS A 1259 20.48 12.54 -3.28
N PHE A 1260 20.47 12.11 -4.54
CA PHE A 1260 20.71 10.72 -4.90
C PHE A 1260 22.15 10.54 -5.37
N GLN A 1261 22.64 9.31 -5.24
CA GLN A 1261 24.00 9.02 -5.65
C GLN A 1261 24.14 9.13 -7.17
N VAL A 1262 25.33 9.54 -7.63
CA VAL A 1262 25.59 9.62 -9.05
C VAL A 1262 25.57 8.23 -9.67
N GLY A 1263 26.28 7.29 -9.06
CA GLY A 1263 26.37 5.94 -9.58
C GLY A 1263 26.48 4.90 -8.48
N GLN A 1264 27.03 3.73 -8.81
CA GLN A 1264 27.14 2.65 -7.84
C GLN A 1264 28.48 1.93 -7.87
N THR A 1265 29.40 2.31 -8.75
CA THR A 1265 30.68 1.65 -8.89
C THR A 1265 31.80 2.54 -8.37
N GLY A 1266 32.85 1.92 -7.82
CA GLY A 1266 33.98 2.69 -7.32
C GLY A 1266 33.54 3.68 -6.26
N ASN A 1267 34.06 4.90 -6.37
CA ASN A 1267 33.70 5.96 -5.44
C ASN A 1267 32.48 6.76 -5.91
N LYS A 1268 31.88 6.40 -7.03
CA LYS A 1268 30.71 7.11 -7.51
C LYS A 1268 29.55 7.03 -6.52
N LYS A 1269 29.56 6.04 -5.63
CA LYS A 1269 28.56 5.96 -4.58
C LYS A 1269 28.71 7.10 -3.57
N GLY A 1270 29.88 7.74 -3.52
CA GLY A 1270 30.12 8.86 -2.63
C GLY A 1270 29.77 10.21 -3.21
N LYS A 1271 29.15 10.27 -4.39
CA LYS A 1271 28.80 11.51 -5.05
C LYS A 1271 27.29 11.67 -5.04
N TYR A 1272 26.81 12.79 -4.52
CA TYR A 1272 25.39 13.07 -4.41
C TYR A 1272 25.06 14.33 -5.21
N VAL A 1273 24.00 14.26 -6.01
CA VAL A 1273 23.67 15.30 -6.97
C VAL A 1273 22.16 15.53 -6.95
N GLU A 1274 21.74 16.62 -7.60
CA GLU A 1274 20.35 17.01 -7.69
C GLU A 1274 19.88 16.86 -9.13
N ALA A 1275 18.57 16.66 -9.29
CA ALA A 1275 18.00 16.51 -10.62
C ALA A 1275 18.30 17.73 -11.47
N ALA A 1276 18.66 17.49 -12.73
CA ALA A 1276 18.99 18.57 -13.63
C ALA A 1276 17.73 19.36 -14.00
N LYS A 1277 17.94 20.61 -14.41
CA LYS A 1277 16.84 21.47 -14.78
C LYS A 1277 16.01 20.85 -15.91
N GLY A 1278 14.70 20.90 -15.77
CA GLY A 1278 13.81 20.40 -16.80
C GLY A 1278 13.91 18.92 -17.05
N THR A 1279 14.04 18.11 -15.99
CA THR A 1279 14.08 16.66 -16.12
C THR A 1279 12.96 15.97 -15.36
N ASN A 1280 12.15 16.71 -14.61
CA ASN A 1280 10.96 16.15 -13.97
C ASN A 1280 9.83 16.09 -15.01
N LEU A 1281 10.04 15.24 -16.01
CA LEU A 1281 9.17 15.20 -17.18
C LEU A 1281 7.89 14.42 -16.94
N PHE A 1282 7.81 13.61 -15.87
CA PHE A 1282 6.69 12.73 -15.65
C PHE A 1282 6.10 12.95 -14.27
N PHE A 1283 4.77 13.00 -14.21
CA PHE A 1283 4.03 13.28 -12.98
C PHE A 1283 2.86 12.31 -12.94
N ALA A 1284 2.98 11.25 -12.15
CA ALA A 1284 2.00 10.18 -12.13
C ALA A 1284 0.83 10.53 -11.21
N VAL A 1285 -0.37 10.14 -11.65
CA VAL A 1285 -1.60 10.33 -10.89
C VAL A 1285 -2.31 8.97 -10.85
N TYR A 1286 -2.45 8.42 -9.66
CA TYR A 1286 -3.15 7.18 -9.40
C TYR A 1286 -4.47 7.48 -8.69
N GLU A 1287 -5.36 6.49 -8.70
CA GLU A 1287 -6.61 6.58 -7.97
C GLU A 1287 -6.93 5.23 -7.35
N ASP A 1288 -7.34 5.25 -6.08
CA ASP A 1288 -7.67 4.02 -5.39
C ASP A 1288 -9.14 3.66 -5.62
N GLU A 1289 -9.52 2.49 -5.15
CA GLU A 1289 -10.91 2.05 -5.29
C GLU A 1289 -11.86 3.08 -4.71
N LYS A 1290 -11.47 3.71 -3.62
CA LYS A 1290 -12.37 4.68 -2.99
C LYS A 1290 -12.66 5.84 -3.92
N GLY A 1291 -11.63 6.44 -4.51
CA GLY A 1291 -11.80 7.57 -5.38
C GLY A 1291 -10.77 8.66 -5.15
N LYS A 1292 -10.14 8.67 -3.99
CA LYS A 1292 -9.12 9.67 -3.70
C LYS A 1292 -7.93 9.50 -4.64
N ARG A 1293 -7.27 10.61 -4.94
CA ARG A 1293 -6.19 10.63 -5.91
C ARG A 1293 -4.84 10.70 -5.19
N SER A 1294 -3.85 10.05 -5.79
CA SER A 1294 -2.48 10.07 -5.30
C SER A 1294 -1.59 10.60 -6.40
N TYR A 1295 -0.60 11.41 -6.03
CA TYR A 1295 0.27 12.07 -7.00
C TYR A 1295 1.73 11.79 -6.66
N GLU A 1296 2.55 11.65 -7.71
CA GLU A 1296 3.96 11.34 -7.56
C GLU A 1296 4.72 11.99 -8.70
N THR A 1297 6.01 12.21 -8.48
CA THR A 1297 6.93 12.67 -9.52
C THR A 1297 8.01 11.61 -9.70
N ILE A 1298 8.08 11.05 -10.91
CA ILE A 1298 9.01 9.97 -11.21
C ILE A 1298 10.38 10.55 -11.51
N PRO A 1299 11.44 10.14 -10.82
CA PRO A 1299 12.78 10.61 -11.18
C PRO A 1299 13.18 10.14 -12.56
N LEU A 1300 14.02 10.95 -13.22
CA LEU A 1300 14.46 10.63 -14.57
C LEU A 1300 15.14 9.27 -14.61
N ASN A 1301 15.88 8.92 -13.56
CA ASN A 1301 16.60 7.66 -13.54
C ASN A 1301 15.64 6.48 -13.64
N GLU A 1302 14.63 6.43 -12.78
CA GLU A 1302 13.65 5.37 -12.82
C GLU A 1302 13.01 5.26 -14.20
N VAL A 1303 12.72 6.42 -14.81
CA VAL A 1303 12.19 6.41 -16.18
C VAL A 1303 13.18 5.75 -17.12
N ILE A 1304 14.47 5.98 -16.91
CA ILE A 1304 15.48 5.41 -17.78
C ILE A 1304 15.45 3.88 -17.71
N GLU A 1305 15.46 3.33 -16.49
CA GLU A 1305 15.37 1.87 -16.41
C GLU A 1305 14.06 1.35 -16.98
N ARG A 1306 12.94 2.01 -16.65
CA ARG A 1306 11.66 1.51 -17.12
C ARG A 1306 11.59 1.50 -18.64
N GLN A 1307 12.13 2.52 -19.29
CA GLN A 1307 12.10 2.55 -20.75
C GLN A 1307 13.11 1.59 -21.35
N LYS A 1308 14.23 1.36 -20.66
CA LYS A 1308 15.19 0.36 -21.15
C LYS A 1308 14.57 -1.03 -21.12
N GLN A 1309 13.80 -1.34 -20.08
CA GLN A 1309 13.18 -2.66 -19.99
C GLN A 1309 12.01 -2.82 -20.95
N GLY A 1310 11.71 -1.82 -21.76
CA GLY A 1310 10.55 -1.88 -22.62
C GLY A 1310 9.25 -1.55 -21.93
N LEU A 1311 9.30 -1.10 -20.68
CA LEU A 1311 8.12 -0.80 -19.90
C LEU A 1311 7.71 0.65 -20.09
N THR A 1312 6.54 1.01 -19.55
CA THR A 1312 6.07 2.38 -19.62
C THR A 1312 6.89 3.27 -18.69
N SER A 1313 6.94 4.56 -19.02
CA SER A 1313 7.74 5.48 -18.22
C SER A 1313 7.25 5.56 -16.79
N VAL A 1314 5.94 5.61 -16.59
CA VAL A 1314 5.36 5.74 -15.25
C VAL A 1314 4.85 4.38 -14.81
N PRO A 1315 5.12 3.94 -13.58
CA PRO A 1315 4.52 2.69 -13.11
C PRO A 1315 3.00 2.79 -13.13
N LEU A 1316 2.35 1.68 -13.48
CA LEU A 1316 0.90 1.64 -13.60
C LEU A 1316 0.22 1.46 -12.25
N GLU A 1317 0.97 1.30 -11.17
CA GLU A 1317 0.42 1.10 -9.84
C GLU A 1317 1.45 1.55 -8.81
N ASN A 1318 0.98 2.21 -7.76
CA ASN A 1318 1.88 2.70 -6.72
C ASN A 1318 2.06 1.66 -5.62
N GLU A 1319 2.76 2.02 -4.56
CA GLU A 1319 3.02 1.07 -3.48
C GLU A 1319 1.73 0.63 -2.81
N LYS A 1320 0.80 1.57 -2.58
CA LYS A 1320 -0.48 1.22 -1.98
C LYS A 1320 -1.35 0.40 -2.91
N GLY A 1321 -0.97 0.26 -4.18
CA GLY A 1321 -1.77 -0.46 -5.14
C GLY A 1321 -2.79 0.37 -5.88
N SER A 1322 -2.81 1.69 -5.65
CA SER A 1322 -3.72 2.55 -6.38
C SER A 1322 -3.39 2.53 -7.86
N ARG A 1323 -4.43 2.31 -8.68
CA ARG A 1323 -4.25 2.24 -10.13
C ARG A 1323 -3.84 3.56 -10.72
N LEU A 1324 -3.01 3.54 -11.74
CA LEU A 1324 -2.52 4.77 -12.34
C LEU A 1324 -3.59 5.37 -13.23
N LEU A 1325 -4.07 6.56 -12.86
CA LEU A 1325 -5.06 7.25 -13.66
C LEU A 1325 -4.44 7.76 -14.95
N PHE A 1326 -3.34 8.51 -14.83
CA PHE A 1326 -2.57 8.92 -16.00
C PHE A 1326 -1.33 9.68 -15.54
N ASP A 1327 -0.42 9.91 -16.47
CA ASP A 1327 0.80 10.68 -16.23
C ASP A 1327 0.75 11.99 -17.02
N LEU A 1328 1.26 13.04 -16.39
CA LEU A 1328 1.32 14.38 -16.99
C LEU A 1328 2.77 14.76 -17.24
N SER A 1329 3.00 15.46 -18.34
CA SER A 1329 4.32 15.98 -18.71
C SER A 1329 4.18 17.43 -19.11
N PRO A 1330 5.28 18.19 -19.07
CA PRO A 1330 5.18 19.62 -19.41
C PRO A 1330 4.59 19.83 -20.80
N ASN A 1331 3.77 20.86 -20.92
CA ASN A 1331 3.05 21.25 -22.13
C ASN A 1331 1.87 20.34 -22.42
N ASP A 1332 1.58 19.37 -21.56
CA ASP A 1332 0.36 18.60 -21.71
C ASP A 1332 -0.85 19.46 -21.36
N LEU A 1333 -1.97 19.17 -22.02
CA LEU A 1333 -3.20 19.92 -21.84
C LEU A 1333 -4.19 19.09 -21.02
N VAL A 1334 -4.79 19.72 -20.02
CA VAL A 1334 -5.79 19.10 -19.18
C VAL A 1334 -7.02 19.99 -19.14
N TYR A 1335 -8.17 19.37 -18.90
CA TYR A 1335 -9.43 20.06 -18.72
C TYR A 1335 -9.85 19.94 -17.26
N VAL A 1336 -10.17 21.07 -16.65
CA VAL A 1336 -10.64 21.10 -15.27
C VAL A 1336 -12.15 21.33 -15.31
N PRO A 1337 -12.96 20.33 -14.99
CA PRO A 1337 -14.41 20.53 -15.05
C PRO A 1337 -14.89 21.50 -13.99
N GLU A 1338 -16.05 22.09 -14.24
CA GLU A 1338 -16.67 22.97 -13.26
C GLU A 1338 -16.87 22.23 -11.94
N ILE A 1339 -17.12 23.02 -10.89
CA ILE A 1339 -17.31 22.43 -9.57
C ILE A 1339 -18.49 21.48 -9.56
N ASP A 1340 -19.59 21.89 -10.21
CA ASP A 1340 -20.78 21.04 -10.26
C ASP A 1340 -20.61 19.89 -11.26
N GLU A 1341 -19.80 20.08 -12.30
CA GLU A 1341 -19.66 19.05 -13.33
C GLU A 1341 -19.12 17.76 -12.72
N ASN A 1342 -19.65 16.64 -13.20
CA ASN A 1342 -19.21 15.31 -12.79
C ASN A 1342 -18.68 14.59 -14.03
N ILE A 1343 -17.41 14.84 -14.35
CA ILE A 1343 -16.78 14.26 -15.55
C ILE A 1343 -16.09 12.94 -15.26
N ASP A 1344 -16.84 11.86 -15.26
CA ASP A 1344 -16.32 10.52 -15.03
C ASP A 1344 -16.20 9.72 -16.32
N SER A 1345 -17.19 9.83 -17.19
CA SER A 1345 -17.17 9.24 -18.53
C SER A 1345 -17.71 10.24 -19.54
N ASN A 1346 -17.30 11.50 -19.41
CA ASN A 1346 -17.82 12.58 -20.24
C ASN A 1346 -17.56 12.33 -21.72
N PHE A 1347 -16.28 12.48 -22.11
CA PHE A 1347 -15.94 12.39 -23.53
C PHE A 1347 -16.63 13.57 -24.18
N VAL A 1348 -17.28 13.34 -25.31
CA VAL A 1348 -18.03 14.41 -25.98
C VAL A 1348 -17.16 15.67 -26.01
N PHE A 1349 -15.93 15.53 -26.53
CA PHE A 1349 -15.01 16.65 -26.63
C PHE A 1349 -15.12 17.37 -27.97
N SER A 1350 -16.31 17.34 -28.58
CA SER A 1350 -16.58 18.07 -29.80
C SER A 1350 -17.40 19.33 -29.59
N ASN A 1351 -18.31 19.33 -28.60
CA ASN A 1351 -19.11 20.50 -28.30
C ASN A 1351 -18.31 21.49 -27.47
N LEU A 1352 -17.15 21.90 -27.97
CA LEU A 1352 -16.25 22.77 -27.22
C LEU A 1352 -16.66 24.23 -27.46
N ASN A 1353 -17.24 24.84 -26.43
CA ASN A 1353 -17.61 26.24 -26.49
C ASN A 1353 -16.60 27.08 -25.69
N LYS A 1354 -16.80 28.40 -25.71
CA LYS A 1354 -15.87 29.29 -25.03
C LYS A 1354 -15.73 28.91 -23.55
N GLU A 1355 -16.81 28.43 -22.94
CA GLU A 1355 -16.75 28.06 -21.53
C GLU A 1355 -15.81 26.87 -21.33
N LYS A 1356 -15.98 25.82 -22.14
CA LYS A 1356 -15.13 24.64 -21.99
C LYS A 1356 -13.67 24.97 -22.28
N ILE A 1357 -13.41 25.66 -23.38
CA ILE A 1357 -12.03 26.01 -23.72
C ILE A 1357 -11.41 26.89 -22.65
N SER A 1358 -12.23 27.73 -21.99
CA SER A 1358 -11.71 28.58 -20.93
C SER A 1358 -11.22 27.80 -19.72
N ARG A 1359 -11.56 26.51 -19.63
CA ARG A 1359 -11.12 25.66 -18.53
C ARG A 1359 -10.08 24.64 -18.98
N ILE A 1360 -9.16 25.05 -19.85
CA ILE A 1360 -8.10 24.20 -20.35
C ILE A 1360 -6.77 24.77 -19.87
N TYR A 1361 -5.96 23.92 -19.23
CA TYR A 1361 -4.70 24.34 -18.63
C TYR A 1361 -3.55 23.51 -19.19
N LYS A 1362 -2.35 24.05 -19.05
CA LYS A 1362 -1.13 23.46 -19.56
C LYS A 1362 -0.15 23.27 -18.42
N VAL A 1363 0.40 22.06 -18.31
CA VAL A 1363 1.38 21.77 -17.26
C VAL A 1363 2.65 22.55 -17.55
N GLU A 1364 3.29 23.06 -16.48
CA GLU A 1364 4.52 23.83 -16.64
C GLU A 1364 5.70 23.19 -15.93
N LYS A 1365 5.57 22.85 -14.65
CA LYS A 1365 6.68 22.22 -13.94
C LYS A 1365 6.11 21.35 -12.83
N THR A 1366 6.96 20.46 -12.31
CA THR A 1366 6.55 19.47 -11.33
C THR A 1366 7.65 19.31 -10.29
N SER A 1367 7.23 18.96 -9.07
CA SER A 1367 8.17 18.66 -7.99
C SER A 1367 7.39 18.00 -6.86
N GLY A 1368 7.90 16.86 -6.39
CA GLY A 1368 7.19 16.14 -5.35
C GLY A 1368 5.79 15.79 -5.82
N THR A 1369 4.79 16.19 -5.04
CA THR A 1369 3.39 16.00 -5.38
C THR A 1369 2.77 17.26 -5.94
N GLU A 1370 3.57 18.26 -6.29
CA GLU A 1370 3.10 19.56 -6.75
C GLU A 1370 3.24 19.65 -8.26
N CYS A 1371 2.17 20.07 -8.92
CA CYS A 1371 2.14 20.25 -10.37
C CYS A 1371 1.55 21.62 -10.69
N TYR A 1372 2.34 22.44 -11.36
CA TYR A 1372 1.95 23.82 -11.65
C TYR A 1372 1.35 23.92 -13.05
N PHE A 1373 0.34 24.77 -13.19
CA PHE A 1373 -0.41 24.90 -14.42
C PHE A 1373 -0.53 26.36 -14.81
N VAL A 1374 -0.71 26.59 -16.11
CA VAL A 1374 -1.00 27.91 -16.65
C VAL A 1374 -2.05 27.76 -17.75
N ARG A 1375 -3.02 28.66 -17.78
CA ARG A 1375 -4.08 28.51 -18.77
C ARG A 1375 -3.49 28.52 -20.17
N GLN A 1376 -4.04 27.69 -21.04
CA GLN A 1376 -3.40 27.40 -22.32
C GLN A 1376 -3.25 28.65 -23.18
N ASP A 1377 -4.16 29.61 -23.05
CA ASP A 1377 -4.11 30.80 -23.92
C ASP A 1377 -3.23 31.91 -23.36
N ILE A 1378 -2.47 31.66 -22.30
CA ILE A 1378 -1.65 32.70 -21.69
C ILE A 1378 -0.20 32.52 -22.15
N ALA A 1379 0.39 33.60 -22.68
CA ALA A 1379 1.77 33.59 -23.13
C ALA A 1379 2.70 34.34 -22.19
N TYR A 1380 2.39 35.60 -21.88
CA TYR A 1380 3.22 36.42 -21.01
C TYR A 1380 2.34 37.11 -19.98
N LEU A 1381 2.79 37.08 -18.73
CA LEU A 1381 2.05 37.69 -17.64
C LEU A 1381 1.99 39.21 -17.81
N ILE A 1382 0.88 39.80 -17.36
CA ILE A 1382 0.78 41.25 -17.35
C ILE A 1382 1.90 41.86 -16.52
N LYS A 1383 2.15 41.30 -15.34
CA LYS A 1383 3.29 41.66 -14.51
C LYS A 1383 3.84 40.41 -13.86
N GLN A 1384 5.15 40.28 -13.86
CA GLN A 1384 5.80 39.16 -13.19
C GLN A 1384 5.86 39.43 -11.69
N TYR A 1385 6.52 38.54 -10.95
CA TYR A 1385 6.63 38.64 -9.51
C TYR A 1385 7.97 39.26 -9.13
N ASP A 1386 7.93 40.22 -8.21
CA ASP A 1386 9.13 40.82 -7.64
C ASP A 1386 9.09 40.67 -6.13
N ALA A 1387 10.23 40.24 -5.56
CA ALA A 1387 10.29 40.01 -4.13
C ALA A 1387 9.99 41.28 -3.33
N LYS A 1388 10.19 42.46 -3.91
CA LYS A 1388 9.98 43.71 -3.19
C LYS A 1388 8.49 44.04 -3.11
N THR A 1389 7.84 44.25 -4.26
CA THR A 1389 6.43 44.59 -4.26
C THR A 1389 5.56 43.38 -3.93
N LYS A 1390 6.01 42.18 -4.29
CA LYS A 1390 5.34 40.93 -3.93
C LYS A 1390 3.95 40.86 -4.58
N ILE A 1391 3.90 41.05 -5.89
CA ILE A 1391 2.67 40.91 -6.66
C ILE A 1391 3.01 40.32 -8.02
N GLY A 1392 2.08 39.54 -8.55
CA GLY A 1392 2.27 38.95 -9.86
C GLY A 1392 0.96 38.39 -10.38
N GLU A 1393 0.90 38.24 -11.70
CA GLU A 1393 -0.30 37.69 -12.33
C GLU A 1393 -0.63 36.32 -11.74
N LEU A 1394 0.40 35.54 -11.40
CA LEU A 1394 0.24 34.19 -10.90
C LEU A 1394 1.14 33.96 -9.70
N GLU A 1395 1.23 34.96 -8.82
CA GLU A 1395 1.91 34.81 -7.53
C GLU A 1395 3.40 34.58 -7.71
N SER A 1396 4.05 33.98 -6.70
CA SER A 1396 5.51 33.94 -6.66
C SER A 1396 6.11 33.08 -7.76
N GLN A 1397 5.43 32.01 -8.15
CA GLN A 1397 5.97 31.08 -9.13
C GLN A 1397 5.65 31.45 -10.57
N ASN A 1398 4.88 32.53 -10.79
CA ASN A 1398 4.41 32.89 -12.13
C ASN A 1398 3.56 31.78 -12.73
N LYS A 1399 3.03 30.91 -11.87
CA LYS A 1399 2.12 29.83 -12.27
C LYS A 1399 1.51 29.26 -11.01
N LEU A 1400 0.28 28.77 -11.14
CA LEU A 1400 -0.52 28.38 -9.98
C LEU A 1400 -0.82 26.89 -10.01
N GLN A 1401 -0.94 26.32 -8.81
CA GLN A 1401 -1.42 24.95 -8.67
C GLN A 1401 -2.93 24.86 -8.78
N VAL A 1402 -3.63 26.00 -8.86
CA VAL A 1402 -5.08 26.04 -8.86
C VAL A 1402 -5.55 26.88 -10.05
N THR A 1403 -6.85 26.88 -10.30
CA THR A 1403 -7.41 27.70 -11.37
C THR A 1403 -7.31 29.18 -10.99
N MET A 1404 -7.31 30.04 -12.01
CA MET A 1404 -7.28 31.47 -11.74
C MET A 1404 -8.65 32.02 -11.40
N THR A 1405 -9.72 31.27 -11.68
CA THR A 1405 -11.06 31.75 -11.43
C THR A 1405 -11.31 31.78 -9.93
N ASP A 1406 -12.40 32.44 -9.52
CA ASP A 1406 -12.66 32.64 -8.09
C ASP A 1406 -12.79 31.31 -7.36
N ASP A 1407 -13.10 30.21 -8.02
CA ASP A 1407 -13.28 28.95 -7.29
C ASP A 1407 -11.95 28.49 -6.72
N ARG A 1408 -10.85 28.69 -7.45
CA ARG A 1408 -9.52 28.38 -6.93
C ARG A 1408 -9.48 26.93 -6.40
N ILE A 1409 -9.69 26.00 -7.33
CA ILE A 1409 -9.77 24.59 -7.01
C ILE A 1409 -8.48 23.91 -7.43
N ARG A 1410 -8.09 22.89 -6.67
CA ARG A 1410 -6.91 22.11 -7.00
C ARG A 1410 -7.11 21.43 -8.35
N ILE A 1411 -6.24 21.78 -9.31
CA ILE A 1411 -6.39 21.26 -10.67
C ILE A 1411 -6.19 19.75 -10.70
N THR A 1412 -5.13 19.26 -10.04
CA THR A 1412 -4.83 17.84 -10.05
C THR A 1412 -5.93 17.00 -9.40
N ASP A 1413 -6.80 17.62 -8.60
CA ASP A 1413 -7.83 16.85 -7.92
C ASP A 1413 -8.95 16.41 -8.86
N THR A 1414 -9.18 17.15 -9.94
CA THR A 1414 -10.29 16.81 -10.84
C THR A 1414 -9.93 16.97 -12.31
N CYS A 1415 -8.67 17.22 -12.66
CA CYS A 1415 -8.31 17.42 -14.06
C CYS A 1415 -8.41 16.12 -14.83
N VAL A 1416 -8.63 16.25 -16.15
CA VAL A 1416 -8.64 15.12 -17.06
C VAL A 1416 -7.76 15.46 -18.25
N LYS A 1417 -6.82 14.57 -18.58
CA LYS A 1417 -5.92 14.82 -19.69
C LYS A 1417 -6.68 14.87 -21.01
N ILE A 1418 -6.16 15.64 -21.96
CA ILE A 1418 -6.70 15.68 -23.31
C ILE A 1418 -5.54 15.62 -24.30
N ASN A 1419 -5.86 15.21 -25.52
CA ASN A 1419 -4.87 15.04 -26.58
C ASN A 1419 -5.27 15.89 -27.77
N CYS A 1420 -4.36 16.75 -28.22
CA CYS A 1420 -4.59 17.64 -29.34
C CYS A 1420 -3.52 17.43 -30.38
N ASP A 1421 -3.88 17.64 -31.64
CA ASP A 1421 -2.96 17.45 -32.76
C ASP A 1421 -2.30 18.79 -33.10
N ARG A 1422 -1.54 18.82 -34.20
CA ARG A 1422 -0.83 20.03 -34.57
C ARG A 1422 -1.79 21.17 -34.87
N LEU A 1423 -2.97 20.87 -35.38
CA LEU A 1423 -3.96 21.89 -35.70
C LEU A 1423 -4.89 22.20 -34.53
N GLY A 1424 -4.62 21.64 -33.35
CA GLY A 1424 -5.39 21.98 -32.17
C GLY A 1424 -6.77 21.37 -32.10
N ASN A 1425 -6.95 20.17 -32.64
CA ASN A 1425 -8.21 19.44 -32.53
C ASN A 1425 -8.06 18.33 -31.50
N ILE A 1426 -8.97 18.31 -30.52
CA ILE A 1426 -8.90 17.31 -29.47
C ILE A 1426 -9.23 15.94 -30.03
N ASN A 1427 -8.64 14.90 -29.44
CA ASN A 1427 -8.86 13.53 -29.84
C ASN A 1427 -9.44 12.75 -28.67
N PHE A 1428 -10.57 12.09 -28.89
CA PHE A 1428 -11.24 11.29 -27.88
C PHE A 1428 -11.70 9.99 -28.50
N ILE A 1429 -11.57 8.90 -27.73
CA ILE A 1429 -11.95 7.59 -28.24
C ILE A 1429 -13.39 7.61 -28.70
N THR A 1430 -13.65 6.98 -29.84
CA THR A 1430 -14.98 6.91 -30.43
C THR A 1430 -15.22 5.50 -30.94
N LYS A 1431 -16.47 5.24 -31.34
CA LYS A 1431 -16.82 3.95 -31.91
C LYS A 1431 -15.87 3.60 -33.05
N GLU A 1432 -15.68 4.53 -33.99
CA GLU A 1432 -14.77 4.29 -35.09
C GLU A 1432 -13.36 4.05 -34.60
N LYS A 1433 -12.92 4.81 -33.60
CA LYS A 1433 -11.57 4.64 -33.09
C LYS A 1433 -11.36 3.23 -32.53
N ILE A 1434 -12.24 2.82 -31.62
CA ILE A 1434 -12.14 1.49 -31.03
C ILE A 1434 -12.17 0.44 -32.13
N LYS A 1435 -13.13 0.54 -33.03
CA LYS A 1435 -13.20 -0.38 -34.15
C LYS A 1435 -11.86 -0.50 -34.85
N GLN A 1436 -11.26 0.64 -35.21
CA GLN A 1436 -9.98 0.62 -35.92
C GLN A 1436 -8.86 0.02 -35.08
N ILE A 1437 -8.95 0.15 -33.75
CA ILE A 1437 -7.82 -0.25 -32.91
C ILE A 1437 -7.40 -1.68 -33.22
N PHE A 1438 -8.36 -2.59 -33.28
CA PHE A 1438 -8.09 -3.97 -33.67
C PHE A 1438 -8.65 -4.31 -35.04
N ASN A 1439 -9.11 -3.31 -35.81
CA ASN A 1439 -9.24 -3.53 -37.25
C ASN A 1439 -7.88 -3.52 -37.93
N GLU A 1440 -6.97 -2.67 -37.43
CA GLU A 1440 -5.62 -2.64 -37.99
C GLU A 1440 -4.93 -3.99 -37.83
N PHE A 1441 -5.26 -4.71 -36.75
CA PHE A 1441 -4.68 -6.03 -36.50
C PHE A 1441 -5.44 -7.15 -37.21
N ARG A 1442 -6.63 -6.85 -37.73
CA ARG A 1442 -7.48 -7.90 -38.31
C ARG A 1442 -7.02 -8.24 -39.73
N MET B 1 6.55 -59.06 34.19
CA MET B 1 7.87 -58.57 33.73
C MET B 1 7.79 -57.12 33.28
N ILE B 2 7.71 -56.90 31.97
CA ILE B 2 7.61 -55.55 31.44
C ILE B 2 6.17 -55.07 31.58
N LYS B 3 5.99 -53.96 32.29
CA LYS B 3 4.66 -53.42 32.56
C LYS B 3 4.58 -51.98 32.07
N ASN B 4 3.59 -51.71 31.23
CA ASN B 4 3.28 -50.36 30.79
C ASN B 4 2.40 -49.70 31.84
N ILE B 5 2.88 -48.62 32.43
CA ILE B 5 2.17 -47.91 33.50
C ILE B 5 1.84 -46.52 32.99
N LEU B 6 0.58 -46.11 33.17
CA LEU B 6 0.10 -44.81 32.75
C LEU B 6 -0.36 -44.04 33.98
N GLY B 7 0.37 -42.99 34.33
CA GLY B 7 0.04 -42.17 35.49
C GLY B 7 -0.61 -40.87 35.07
N LEU B 8 -1.75 -40.58 35.70
CA LEU B 8 -2.52 -39.37 35.43
C LEU B 8 -2.66 -38.56 36.70
N ALA B 9 -2.46 -37.24 36.60
CA ALA B 9 -2.68 -36.31 37.68
C ALA B 9 -3.65 -35.25 37.17
N LEU B 10 -4.85 -35.23 37.74
CA LEU B 10 -5.94 -34.40 37.23
C LEU B 10 -6.12 -33.18 38.13
N GLY B 11 -6.04 -32.00 37.54
CA GLY B 11 -6.32 -30.77 38.23
C GLY B 11 -7.70 -30.22 37.87
N THR B 12 -7.98 -29.04 38.40
CA THR B 12 -9.24 -28.38 38.07
C THR B 12 -9.32 -28.09 36.58
N ASN B 13 -8.22 -27.64 35.97
CA ASN B 13 -8.18 -27.37 34.54
C ASN B 13 -6.87 -27.83 33.93
N SER B 14 -6.27 -28.89 34.47
CA SER B 14 -4.98 -29.38 34.01
C SER B 14 -4.95 -30.89 34.08
N ILE B 15 -4.21 -31.50 33.15
CA ILE B 15 -4.07 -32.95 33.08
C ILE B 15 -2.61 -33.29 32.83
N GLY B 16 -1.90 -33.72 33.86
CA GLY B 16 -0.54 -34.18 33.69
C GLY B 16 -0.54 -35.68 33.45
N TRP B 17 0.28 -36.11 32.49
CA TRP B 17 0.31 -37.51 32.09
C TRP B 17 1.75 -37.99 31.95
N ALA B 18 1.98 -39.24 32.33
CA ALA B 18 3.30 -39.85 32.22
C ALA B 18 3.15 -41.33 31.92
N LEU B 19 3.70 -41.75 30.79
CA LEU B 19 3.66 -43.14 30.36
C LEU B 19 5.06 -43.71 30.50
N VAL B 20 5.19 -44.81 31.24
CA VAL B 20 6.47 -45.45 31.49
C VAL B 20 6.35 -46.94 31.22
N LYS B 21 7.49 -47.55 30.92
CA LYS B 21 7.60 -49.00 30.74
C LYS B 21 8.61 -49.48 31.77
N GLN B 22 8.12 -50.13 32.82
CA GLN B 22 8.92 -50.45 33.99
C GLN B 22 9.06 -51.96 34.16
N ASP B 23 10.18 -52.34 34.78
CA ASP B 23 10.44 -53.72 35.20
C ASP B 23 10.93 -53.61 36.64
N PHE B 24 9.99 -53.62 37.58
CA PHE B 24 10.33 -53.28 38.97
C PHE B 24 11.24 -54.32 39.59
N GLU B 25 11.02 -55.60 39.31
CA GLU B 25 11.83 -56.64 39.96
C GLU B 25 13.30 -56.47 39.63
N ASN B 26 13.61 -56.01 38.42
CA ASN B 26 15.01 -55.80 38.01
C ASN B 26 15.42 -54.34 38.13
N LYS B 27 14.55 -53.50 38.64
CA LYS B 27 14.85 -52.07 38.79
C LYS B 27 15.26 -51.46 37.45
N GLN B 28 14.54 -51.83 36.40
CA GLN B 28 14.82 -51.36 35.05
C GLN B 28 13.62 -50.58 34.52
N GLY B 29 13.83 -49.89 33.42
CA GLY B 29 12.77 -49.17 32.77
C GLY B 29 13.28 -47.86 32.18
N GLU B 30 12.34 -47.14 31.57
CA GLU B 30 12.65 -45.85 30.98
C GLU B 30 11.33 -45.12 30.71
N ILE B 31 11.40 -43.79 30.81
CA ILE B 31 10.23 -42.93 30.65
C ILE B 31 9.90 -42.86 29.16
N LEU B 32 8.77 -43.44 28.78
CA LEU B 32 8.35 -43.37 27.38
C LEU B 32 7.88 -41.97 27.02
N GLY B 33 7.12 -41.32 27.90
CA GLY B 33 6.62 -40.00 27.58
C GLY B 33 6.06 -39.29 28.79
N MET B 34 6.01 -37.96 28.68
CA MET B 34 5.44 -37.11 29.72
C MET B 34 4.85 -35.88 29.06
N GLY B 35 3.90 -35.25 29.74
CA GLY B 35 3.33 -34.02 29.23
C GLY B 35 2.24 -33.50 30.16
N SER B 36 1.70 -32.35 29.76
CA SER B 36 0.63 -31.70 30.49
C SER B 36 -0.28 -30.98 29.50
N ARG B 37 -1.57 -31.33 29.53
CA ARG B 37 -2.59 -30.67 28.74
C ARG B 37 -3.30 -29.66 29.62
N ILE B 38 -3.51 -28.46 29.11
CA ILE B 38 -4.06 -27.36 29.89
C ILE B 38 -5.34 -26.86 29.25
N ILE B 39 -6.38 -26.70 30.07
CA ILE B 39 -7.63 -26.08 29.64
C ILE B 39 -7.64 -24.67 30.19
N PRO B 40 -7.52 -23.64 29.35
CA PRO B 40 -7.47 -22.26 29.88
C PRO B 40 -8.74 -21.91 30.63
N MET B 41 -8.58 -21.30 31.80
CA MET B 41 -9.69 -20.80 32.60
C MET B 41 -9.18 -19.64 33.45
N SER B 42 -9.84 -18.49 33.36
CA SER B 42 -9.42 -17.36 34.16
C SER B 42 -9.58 -17.67 35.65
N GLN B 43 -8.73 -17.06 36.47
CA GLN B 43 -8.75 -17.33 37.90
C GLN B 43 -10.09 -16.98 38.53
N ASP B 44 -10.88 -16.12 37.87
CA ASP B 44 -12.19 -15.79 38.40
C ASP B 44 -13.05 -17.04 38.53
N ILE B 45 -13.07 -17.88 37.50
CA ILE B 45 -13.87 -19.11 37.55
C ILE B 45 -13.33 -20.05 38.62
N LEU B 46 -12.01 -20.17 38.72
CA LEU B 46 -11.43 -21.05 39.73
C LEU B 46 -11.82 -20.60 41.14
N GLY B 47 -11.79 -19.29 41.40
CA GLY B 47 -12.15 -18.78 42.71
C GLY B 47 -13.64 -18.72 42.96
N ASP B 48 -14.46 -18.74 41.90
CA ASP B 48 -15.91 -18.63 42.06
C ASP B 48 -16.59 -19.99 42.18
N PHE B 49 -16.14 -20.99 41.43
CA PHE B 49 -16.80 -22.29 41.47
C PHE B 49 -16.73 -22.91 42.87
N GLY B 50 -15.75 -22.50 43.68
CA GLY B 50 -15.73 -22.95 45.06
C GLY B 50 -16.97 -22.54 45.82
N LYS B 51 -17.42 -21.30 45.62
CA LYS B 51 -18.65 -20.79 46.20
C LYS B 51 -19.84 -20.92 45.27
N GLY B 52 -19.67 -20.61 43.99
CA GLY B 52 -20.73 -20.78 43.01
C GLY B 52 -21.52 -19.51 42.78
N ASN B 53 -21.33 -18.90 41.60
CA ASN B 53 -22.07 -17.70 41.23
C ASN B 53 -22.26 -17.73 39.71
N SER B 54 -23.37 -18.31 39.27
CA SER B 54 -23.70 -18.41 37.85
C SER B 54 -22.46 -18.76 37.02
N VAL B 55 -21.65 -19.70 37.51
CA VAL B 55 -20.38 -20.02 36.86
C VAL B 55 -20.71 -21.06 35.79
N SER B 56 -21.19 -20.55 34.65
CA SER B 56 -21.53 -21.40 33.53
C SER B 56 -21.84 -20.55 32.30
N GLN B 57 -21.23 -20.88 31.16
CA GLN B 57 -21.54 -20.17 29.94
C GLN B 57 -22.98 -20.46 29.50
N THR B 58 -23.45 -21.68 29.76
CA THR B 58 -24.82 -22.03 29.42
C THR B 58 -25.81 -21.14 30.15
N ALA B 59 -25.54 -20.82 31.42
CA ALA B 59 -26.45 -19.97 32.18
C ALA B 59 -26.53 -18.57 31.56
N GLU B 60 -25.39 -18.00 31.18
CA GLU B 60 -25.40 -16.69 30.54
C GLU B 60 -26.16 -16.73 29.22
N ARG B 61 -25.92 -17.77 28.43
CA ARG B 61 -26.64 -17.91 27.17
C ARG B 61 -28.14 -17.97 27.41
N THR B 62 -28.56 -18.71 28.43
CA THR B 62 -29.97 -18.83 28.74
C THR B 62 -30.57 -17.50 29.20
N LYS B 63 -29.82 -16.74 30.00
CA LYS B 63 -30.32 -15.43 30.41
C LYS B 63 -30.53 -14.55 29.19
N TYR B 64 -29.55 -14.51 28.29
CA TYR B 64 -29.72 -13.70 27.09
C TYR B 64 -30.91 -14.17 26.29
N ARG B 65 -31.08 -15.48 26.14
CA ARG B 65 -32.19 -16.01 25.36
C ARG B 65 -33.53 -15.62 25.96
N SER B 66 -33.65 -15.68 27.29
CA SER B 66 -34.90 -15.30 27.94
C SER B 66 -35.21 -13.82 27.71
N VAL B 67 -34.19 -12.97 27.84
CA VAL B 67 -34.41 -11.54 27.59
C VAL B 67 -34.90 -11.33 26.17
N ARG B 68 -34.24 -11.97 25.21
CA ARG B 68 -34.65 -11.84 23.81
C ARG B 68 -36.08 -12.33 23.61
N ARG B 69 -36.45 -13.43 24.27
CA ARG B 69 -37.79 -13.97 24.12
C ARG B 69 -38.83 -12.99 24.61
N LEU B 70 -38.60 -12.38 25.77
CA LEU B 70 -39.55 -11.40 26.28
C LEU B 70 -39.68 -10.23 25.31
N ARG B 71 -38.56 -9.75 24.80
CA ARG B 71 -38.59 -8.65 23.83
C ARG B 71 -39.42 -9.02 22.61
N GLU B 72 -39.18 -10.21 22.05
CA GLU B 72 -39.89 -10.63 20.85
C GLU B 72 -41.38 -10.72 21.10
N ARG B 73 -41.78 -11.26 22.26
CA ARG B 73 -43.20 -11.40 22.52
C ARG B 73 -43.87 -10.05 22.71
N PHE B 74 -43.17 -9.09 23.32
CA PHE B 74 -43.72 -7.74 23.39
C PHE B 74 -43.93 -7.17 21.99
N LEU B 75 -42.94 -7.35 21.11
CA LEU B 75 -43.08 -6.84 19.74
C LEU B 75 -44.26 -7.49 19.04
N LEU B 76 -44.45 -8.79 19.23
CA LEU B 76 -45.57 -9.48 18.60
C LEU B 76 -46.90 -8.92 19.09
N ARG B 77 -47.00 -8.68 20.40
CA ARG B 77 -48.22 -8.06 20.92
C ARG B 77 -48.48 -6.72 20.26
N ARG B 78 -47.43 -5.91 20.14
CA ARG B 78 -47.59 -4.59 19.51
C ARG B 78 -48.08 -4.73 18.07
N GLU B 79 -47.49 -5.67 17.32
CA GLU B 79 -47.88 -5.83 15.92
C GLU B 79 -49.34 -6.27 15.80
N ARG B 80 -49.77 -7.19 16.66
CA ARG B 80 -51.17 -7.62 16.61
C ARG B 80 -52.09 -6.46 16.96
N LEU B 81 -51.71 -5.63 17.94
CA LEU B 81 -52.50 -4.44 18.23
C LEU B 81 -52.59 -3.53 17.01
N HIS B 82 -51.47 -3.35 16.31
CA HIS B 82 -51.47 -2.53 15.11
C HIS B 82 -52.47 -3.07 14.10
N ARG B 83 -52.41 -4.37 13.82
CA ARG B 83 -53.32 -4.95 12.83
C ARG B 83 -54.78 -4.73 13.24
N VAL B 84 -55.10 -5.05 14.49
CA VAL B 84 -56.50 -4.95 14.91
C VAL B 84 -56.99 -3.53 14.84
N LEU B 85 -56.18 -2.57 15.32
CA LEU B 85 -56.59 -1.18 15.29
C LEU B 85 -56.74 -0.65 13.87
N TYR B 86 -55.83 -1.04 12.97
CA TYR B 86 -55.95 -0.63 11.58
C TYR B 86 -57.24 -1.14 10.97
N ILE B 87 -57.59 -2.40 11.23
CA ILE B 87 -58.86 -2.92 10.74
C ILE B 87 -60.01 -2.12 11.34
N LEU B 88 -59.94 -1.83 12.63
CA LEU B 88 -61.00 -1.07 13.29
C LEU B 88 -61.04 0.38 12.84
N ASN B 89 -60.03 0.83 12.09
CA ASN B 89 -59.98 2.22 11.61
C ASN B 89 -59.84 3.21 12.77
N PHE B 90 -58.83 2.99 13.61
CA PHE B 90 -58.56 3.89 14.73
C PHE B 90 -57.24 4.63 14.61
N LEU B 91 -56.22 4.04 14.01
CA LEU B 91 -54.93 4.68 13.93
C LEU B 91 -55.03 5.96 13.09
N PRO B 92 -54.28 7.02 13.43
CA PRO B 92 -54.25 8.20 12.56
C PRO B 92 -53.61 7.87 11.23
N GLU B 93 -54.08 8.56 10.18
CA GLU B 93 -53.67 8.22 8.82
C GLU B 93 -52.16 8.33 8.65
N HIS B 94 -51.57 9.41 9.16
CA HIS B 94 -50.12 9.58 9.03
C HIS B 94 -49.37 8.44 9.71
N TYR B 95 -49.87 7.98 10.85
CA TYR B 95 -49.22 6.87 11.53
C TYR B 95 -49.40 5.56 10.77
N ALA B 96 -50.64 5.28 10.34
CA ALA B 96 -50.91 4.01 9.66
C ALA B 96 -50.16 3.93 8.34
N SER B 97 -49.92 5.06 7.68
CA SER B 97 -49.29 5.04 6.36
C SER B 97 -47.90 4.40 6.39
N GLN B 98 -47.24 4.39 7.54
CA GLN B 98 -45.87 3.90 7.64
C GLN B 98 -45.78 2.51 8.24
N ILE B 99 -46.90 1.79 8.33
CA ILE B 99 -46.94 0.45 8.90
C ILE B 99 -47.32 -0.53 7.81
N ASP B 100 -46.50 -1.57 7.65
CA ASP B 100 -46.77 -2.62 6.67
C ASP B 100 -47.89 -3.51 7.17
N PHE B 101 -48.91 -3.70 6.33
CA PHE B 101 -50.04 -4.56 6.66
C PHE B 101 -50.21 -5.71 5.67
N GLU B 102 -49.29 -5.86 4.72
CA GLU B 102 -49.44 -6.83 3.64
C GLU B 102 -48.43 -7.96 3.71
N LYS B 103 -47.13 -7.65 3.73
CA LYS B 103 -46.09 -8.67 3.78
C LYS B 103 -45.55 -8.86 5.19
N ARG B 104 -45.06 -7.80 5.82
CA ARG B 104 -44.63 -7.84 7.21
C ARG B 104 -45.75 -7.19 8.03
N LEU B 105 -46.70 -8.01 8.46
CA LEU B 105 -47.93 -7.49 9.06
C LEU B 105 -47.62 -6.68 10.32
N GLY B 106 -48.19 -5.49 10.39
CA GLY B 106 -48.15 -4.68 11.60
C GLY B 106 -46.81 -4.03 11.91
N LYS B 107 -45.79 -4.28 11.10
CA LYS B 107 -44.47 -3.73 11.35
C LYS B 107 -44.34 -2.35 10.73
N PHE B 108 -43.42 -1.55 11.29
CA PHE B 108 -43.10 -0.26 10.69
C PHE B 108 -42.31 -0.47 9.40
N LYS B 109 -42.59 0.37 8.41
CA LYS B 109 -41.86 0.28 7.16
C LYS B 109 -40.39 0.64 7.38
N VAL B 110 -39.52 -0.04 6.64
CA VAL B 110 -38.08 0.04 6.90
C VAL B 110 -37.64 1.49 6.97
N GLU B 111 -36.67 1.76 7.84
CA GLU B 111 -36.08 3.09 7.96
C GLU B 111 -37.13 4.16 8.25
N THR B 112 -38.01 3.85 9.20
CA THR B 112 -38.99 4.82 9.67
C THR B 112 -39.18 4.64 11.17
N GLU B 113 -39.45 5.75 11.86
CA GLU B 113 -39.71 5.75 13.30
C GLU B 113 -40.95 6.59 13.57
N PRO B 114 -42.11 6.17 13.09
CA PRO B 114 -43.31 6.99 13.23
C PRO B 114 -43.74 7.13 14.67
N LYS B 115 -44.38 8.25 14.98
CA LYS B 115 -44.96 8.52 16.28
C LYS B 115 -46.44 8.79 16.12
N LEU B 116 -47.25 8.09 16.92
CA LEU B 116 -48.70 8.14 16.72
C LEU B 116 -49.25 9.55 16.83
N VAL B 117 -48.67 10.38 17.70
CA VAL B 117 -49.25 11.66 18.06
C VAL B 117 -48.52 12.84 17.43
N TRP B 118 -47.32 12.64 16.92
CA TRP B 118 -46.53 13.70 16.30
C TRP B 118 -46.60 13.53 14.79
N LYS B 119 -47.24 14.47 14.12
CA LYS B 119 -47.38 14.43 12.66
C LYS B 119 -46.34 15.33 12.02
N ASN B 120 -45.61 14.77 11.05
CA ASN B 120 -44.55 15.49 10.36
C ASN B 120 -45.09 16.06 9.07
N THR B 121 -45.14 17.38 8.98
CA THR B 121 -45.54 18.08 7.76
C THR B 121 -44.37 18.92 7.28
N ASP B 122 -43.88 18.61 6.09
CA ASP B 122 -42.77 19.32 5.44
C ASP B 122 -41.67 19.65 6.45
N GLY B 123 -41.32 18.68 7.29
CA GLY B 123 -40.18 18.78 8.17
C GLY B 123 -40.45 19.33 9.55
N GLN B 124 -41.68 19.71 9.86
CA GLN B 124 -42.05 20.21 11.18
C GLN B 124 -43.01 19.24 11.84
N PHE B 125 -42.75 18.93 13.12
CA PHE B 125 -43.58 18.01 13.88
C PHE B 125 -44.61 18.79 14.67
N SER B 126 -45.87 18.38 14.57
CA SER B 126 -46.97 19.03 15.27
C SER B 126 -47.72 18.00 16.11
N PHE B 127 -48.17 18.44 17.28
CA PHE B 127 -48.94 17.57 18.15
C PHE B 127 -50.31 17.31 17.54
N LEU B 128 -50.84 16.12 17.80
CA LEU B 128 -52.06 15.67 17.14
C LEU B 128 -53.32 16.00 17.93
N PHE B 129 -53.27 15.91 19.26
CA PHE B 129 -54.44 16.12 20.11
C PHE B 129 -54.31 17.48 20.78
N GLN B 130 -54.75 18.53 20.07
CA GLN B 130 -54.62 19.88 20.59
C GLN B 130 -55.64 20.18 21.67
N ASN B 131 -56.91 19.79 21.46
CA ASN B 131 -57.95 20.15 22.42
C ASN B 131 -57.79 19.40 23.74
N SER B 132 -57.31 18.15 23.68
CA SER B 132 -57.02 17.42 24.90
C SER B 132 -55.90 18.11 25.67
N PHE B 133 -54.87 18.59 24.98
CA PHE B 133 -53.82 19.34 25.63
C PHE B 133 -54.37 20.61 26.26
N ASN B 134 -55.29 21.28 25.57
CA ASN B 134 -55.91 22.48 26.13
C ASN B 134 -56.68 22.16 27.40
N GLU B 135 -57.43 21.05 27.39
CA GLU B 135 -58.16 20.65 28.59
C GLU B 135 -57.19 20.36 29.75
N MET B 136 -56.10 19.66 29.47
CA MET B 136 -55.14 19.38 30.53
C MET B 136 -54.51 20.66 31.05
N LEU B 137 -54.27 21.62 30.17
CA LEU B 137 -53.77 22.92 30.61
C LEU B 137 -54.78 23.63 31.49
N GLU B 138 -56.07 23.52 31.16
CA GLU B 138 -57.10 24.10 32.01
C GLU B 138 -57.07 23.47 33.40
N ASP B 139 -56.93 22.14 33.45
CA ASP B 139 -56.87 21.47 34.75
C ASP B 139 -55.64 21.92 35.53
N PHE B 140 -54.50 22.03 34.86
CA PHE B 140 -53.28 22.48 35.53
C PHE B 140 -53.43 23.90 36.06
N LYS B 141 -54.06 24.77 35.27
CA LYS B 141 -54.33 26.13 35.74
C LYS B 141 -55.22 26.11 36.97
N ALA B 142 -56.25 25.26 36.96
CA ALA B 142 -57.10 25.15 38.14
C ALA B 142 -56.30 24.71 39.36
N ALA B 143 -55.40 23.74 39.18
CA ALA B 143 -54.52 23.34 40.27
C ALA B 143 -53.54 24.44 40.66
N GLY B 144 -53.36 25.46 39.82
CA GLY B 144 -52.48 26.57 40.13
C GLY B 144 -51.02 26.17 40.22
N GLN B 145 -50.49 25.56 39.16
CA GLN B 145 -49.08 25.21 39.08
C GLN B 145 -48.34 26.00 38.00
N GLU B 146 -48.77 25.90 36.76
CA GLU B 146 -48.10 26.55 35.63
C GLU B 146 -48.89 26.19 34.38
N LEU B 147 -48.58 26.87 33.28
CA LEU B 147 -49.25 26.63 32.00
C LEU B 147 -48.32 26.06 30.94
N LYS B 148 -47.09 25.71 31.30
CA LYS B 148 -46.08 25.24 30.35
C LYS B 148 -45.67 23.82 30.75
N ILE B 149 -46.24 22.84 30.09
CA ILE B 149 -45.95 21.43 30.36
C ILE B 149 -45.82 20.68 29.05
N PRO B 150 -45.02 19.60 29.04
CA PRO B 150 -44.84 18.85 27.80
C PRO B 150 -46.16 18.30 27.28
N TYR B 151 -46.26 18.23 25.95
CA TYR B 151 -47.51 17.78 25.32
C TYR B 151 -47.82 16.33 25.69
N ASP B 152 -46.79 15.49 25.76
CA ASP B 152 -47.00 14.06 25.94
C ASP B 152 -47.67 13.72 27.26
N TRP B 153 -47.71 14.65 28.22
CA TRP B 153 -48.43 14.41 29.46
C TRP B 153 -49.92 14.25 29.25
N THR B 154 -50.44 14.62 28.07
CA THR B 154 -51.87 14.50 27.83
C THR B 154 -52.35 13.05 27.89
N ILE B 155 -51.44 12.09 27.75
CA ILE B 155 -51.82 10.68 27.82
C ILE B 155 -52.52 10.41 29.15
N TYR B 156 -51.96 10.92 30.25
CA TYR B 156 -52.54 10.65 31.57
C TYR B 156 -53.85 11.39 31.74
N HIS B 157 -53.96 12.60 31.19
CA HIS B 157 -55.23 13.31 31.26
C HIS B 157 -56.31 12.54 30.53
N LEU B 158 -55.99 11.98 29.36
CA LEU B 158 -56.95 11.13 28.66
C LEU B 158 -57.28 9.89 29.46
N ARG B 159 -56.27 9.25 30.05
CA ARG B 159 -56.53 8.05 30.84
C ARG B 159 -57.51 8.33 31.96
N LYS B 160 -57.34 9.47 32.66
CA LYS B 160 -58.33 9.85 33.65
C LYS B 160 -59.68 10.14 33.01
N LYS B 161 -59.67 10.81 31.86
CA LYS B 161 -60.91 11.27 31.25
C LYS B 161 -61.71 10.12 30.65
N ALA B 162 -61.01 9.13 30.09
CA ALA B 162 -61.71 8.03 29.41
C ALA B 162 -62.61 7.25 30.36
N ILE B 163 -62.35 7.31 31.66
CA ILE B 163 -63.14 6.53 32.60
C ILE B 163 -64.60 6.95 32.57
N SER B 164 -64.88 8.24 32.37
CA SER B 164 -66.24 8.73 32.41
C SER B 164 -66.59 9.72 31.31
N GLN B 165 -65.82 9.77 30.22
CA GLN B 165 -66.10 10.70 29.14
C GLN B 165 -65.65 10.09 27.82
N LYS B 166 -66.21 10.60 26.73
CA LYS B 166 -65.85 10.13 25.41
C LYS B 166 -64.56 10.78 24.94
N ILE B 167 -63.69 9.96 24.33
CA ILE B 167 -62.41 10.42 23.80
C ILE B 167 -62.30 10.00 22.35
N GLU B 168 -61.47 10.72 21.61
CA GLU B 168 -61.26 10.41 20.20
C GLU B 168 -60.66 9.02 20.05
N LYS B 169 -61.00 8.35 18.95
CA LYS B 169 -60.55 6.98 18.78
C LYS B 169 -59.02 6.89 18.70
N GLU B 170 -58.38 7.81 17.98
CA GLU B 170 -56.92 7.82 17.96
C GLU B 170 -56.36 7.88 19.38
N GLU B 171 -57.01 8.66 20.24
CA GLU B 171 -56.58 8.72 21.64
C GLU B 171 -56.73 7.36 22.30
N LEU B 172 -57.80 6.63 21.98
CA LEU B 172 -57.98 5.29 22.52
C LEU B 172 -56.87 4.35 22.05
N ALA B 173 -56.47 4.45 20.79
CA ALA B 173 -55.38 3.62 20.30
C ALA B 173 -54.07 3.94 21.01
N TRP B 174 -53.82 5.24 21.21
CA TRP B 174 -52.64 5.65 21.98
C TRP B 174 -52.67 5.04 23.37
N ILE B 175 -53.84 5.10 24.02
CA ILE B 175 -53.97 4.57 25.37
C ILE B 175 -53.71 3.06 25.37
N LEU B 176 -54.26 2.35 24.39
CA LEU B 176 -54.10 0.91 24.34
C LEU B 176 -52.65 0.51 24.14
N LEU B 177 -51.94 1.19 23.24
CA LEU B 177 -50.53 0.89 23.07
C LEU B 177 -49.74 1.21 24.34
N ASN B 178 -50.08 2.31 25.00
CA ASN B 178 -49.40 2.65 26.25
C ASN B 178 -49.60 1.53 27.27
N PHE B 179 -50.83 1.01 27.39
CA PHE B 179 -51.05 -0.13 28.27
C PHE B 179 -50.21 -1.32 27.86
N ASN B 180 -50.14 -1.61 26.56
CA ASN B 180 -49.30 -2.72 26.12
C ASN B 180 -47.86 -2.55 26.57
N HIS B 181 -47.40 -1.30 26.70
CA HIS B 181 -46.01 -1.08 27.09
C HIS B 181 -45.73 -1.58 28.50
N LYS B 182 -46.66 -1.36 29.43
CA LYS B 182 -46.45 -1.68 30.85
C LYS B 182 -47.54 -2.64 31.29
N ARG B 183 -47.16 -3.91 31.50
CA ARG B 183 -48.13 -4.95 31.83
C ARG B 183 -48.26 -5.21 33.32
N GLY B 184 -47.17 -5.17 34.07
CA GLY B 184 -47.23 -5.37 35.51
C GLY B 184 -46.87 -6.78 35.93
N TYR B 185 -46.77 -6.93 37.24
CA TYR B 185 -46.36 -8.20 37.85
C TYR B 185 -47.54 -9.16 37.92
N TYR B 186 -47.25 -10.45 37.72
CA TYR B 186 -48.27 -11.48 37.75
C TYR B 186 -47.59 -12.83 37.89
N GLN B 187 -48.20 -13.70 38.68
CA GLN B 187 -47.69 -15.06 38.90
C GLN B 187 -48.66 -16.06 38.29
N LEU B 188 -48.13 -17.01 37.54
CA LEU B 188 -48.98 -17.86 36.70
C LEU B 188 -49.92 -18.71 37.55
N ARG B 189 -49.39 -19.32 38.61
CA ARG B 189 -50.20 -20.25 39.40
C ARG B 189 -51.39 -19.54 40.03
N GLY B 190 -51.17 -18.38 40.63
CA GLY B 190 -52.24 -17.67 41.30
C GLY B 190 -52.41 -18.15 42.72
N GLU B 191 -53.39 -19.03 42.94
CA GLU B 191 -53.62 -19.65 44.25
C GLU B 191 -53.77 -18.58 45.34
N ASP B 192 -54.84 -17.81 45.20
CA ASP B 192 -55.18 -16.81 46.21
C ASP B 192 -55.10 -17.42 47.61
N PHE B 193 -54.19 -16.91 48.42
CA PHE B 193 -53.85 -17.51 49.70
C PHE B 193 -54.92 -17.16 50.72
N GLU B 194 -54.60 -17.36 52.00
CA GLU B 194 -55.52 -17.03 53.10
C GLU B 194 -56.24 -15.72 52.81
N GLU B 195 -57.53 -15.69 53.13
CA GLU B 195 -58.35 -14.53 52.76
C GLU B 195 -57.72 -13.22 53.22
N GLU B 196 -56.99 -13.26 54.33
CA GLU B 196 -56.39 -12.02 54.84
C GLU B 196 -55.09 -11.68 54.13
N LYS B 197 -54.03 -12.48 54.33
CA LYS B 197 -52.71 -12.11 53.85
C LYS B 197 -52.46 -10.63 54.09
N ASP B 198 -52.50 -10.20 55.36
CA ASP B 198 -52.28 -8.79 55.67
C ASP B 198 -51.10 -8.25 54.88
N LYS B 199 -49.91 -8.82 55.10
CA LYS B 199 -48.71 -8.48 54.33
C LYS B 199 -48.61 -6.97 54.15
N THR B 200 -49.10 -6.22 55.12
CA THR B 200 -49.24 -4.78 54.99
C THR B 200 -47.91 -4.12 55.32
N PHE B 201 -47.49 -3.19 54.47
CA PHE B 201 -46.32 -2.37 54.75
C PHE B 201 -46.74 -1.25 55.70
N VAL B 202 -46.22 -1.28 56.92
CA VAL B 202 -46.57 -0.32 57.95
C VAL B 202 -45.29 0.29 58.49
N ARG B 203 -45.41 1.51 59.03
CA ARG B 203 -44.31 2.22 59.66
C ARG B 203 -44.70 2.47 61.11
N LEU B 204 -44.11 1.69 62.02
CA LEU B 204 -44.47 1.73 63.43
C LEU B 204 -43.37 2.41 64.24
N LYS B 205 -43.77 3.11 65.29
CA LYS B 205 -42.87 3.79 66.20
C LYS B 205 -42.85 3.08 67.55
N VAL B 206 -41.65 2.95 68.11
CA VAL B 206 -41.49 2.28 69.40
C VAL B 206 -41.92 3.23 70.51
N ASP B 207 -42.77 2.74 71.42
CA ASP B 207 -43.17 3.50 72.58
C ASP B 207 -42.21 3.29 73.74
N ARG B 208 -42.10 2.04 74.19
CA ARG B 208 -41.18 1.69 75.27
C ARG B 208 -40.75 0.25 75.10
N ILE B 209 -39.64 -0.09 75.72
CA ILE B 209 -39.06 -1.43 75.67
C ILE B 209 -39.11 -1.98 77.09
N VAL B 210 -40.19 -2.70 77.42
CA VAL B 210 -40.41 -3.19 78.77
C VAL B 210 -39.41 -4.31 79.02
N ASP B 211 -38.56 -4.12 80.03
CA ASP B 211 -37.57 -5.13 80.39
C ASP B 211 -38.29 -6.41 80.78
N SER B 212 -38.12 -7.46 79.97
CA SER B 212 -38.89 -8.69 80.14
C SER B 212 -38.24 -9.65 81.14
N GLY B 213 -37.17 -9.23 81.80
CA GLY B 213 -36.51 -10.07 82.79
C GLY B 213 -36.06 -11.39 82.19
N GLU B 214 -35.57 -11.34 80.96
CA GLU B 214 -35.14 -12.53 80.23
C GLU B 214 -33.62 -12.43 80.04
N ASN B 215 -32.88 -12.96 81.02
CA ASN B 215 -31.42 -12.90 80.99
C ASN B 215 -30.89 -14.02 80.12
N VAL B 216 -30.32 -13.66 78.97
CA VAL B 216 -29.69 -14.61 78.06
C VAL B 216 -28.34 -14.07 77.65
N LYS B 217 -27.32 -14.91 77.67
CA LYS B 217 -25.96 -14.50 77.31
C LYS B 217 -25.51 -13.30 78.15
N GLY B 218 -25.82 -13.34 79.44
CA GLY B 218 -25.40 -12.26 80.34
C GLY B 218 -25.99 -10.92 79.98
N LYS B 219 -27.23 -10.90 79.50
CA LYS B 219 -27.90 -9.66 79.12
C LYS B 219 -29.40 -9.92 79.08
N ILE B 220 -30.16 -9.02 79.68
CA ILE B 220 -31.61 -9.19 79.82
C ILE B 220 -32.27 -8.75 78.52
N LEU B 221 -33.01 -9.66 77.90
CA LEU B 221 -33.73 -9.34 76.68
C LEU B 221 -34.95 -8.50 77.00
N TYR B 222 -35.23 -7.51 76.16
CA TYR B 222 -36.37 -6.63 76.35
C TYR B 222 -37.40 -6.88 75.26
N ASP B 223 -38.61 -6.40 75.49
CA ASP B 223 -39.68 -6.49 74.50
C ASP B 223 -39.83 -5.13 73.81
N VAL B 224 -40.84 -5.02 72.94
CA VAL B 224 -41.11 -3.78 72.22
C VAL B 224 -42.62 -3.58 72.17
N TYR B 225 -43.03 -2.32 72.23
CA TYR B 225 -44.44 -1.94 72.18
C TYR B 225 -44.61 -0.82 71.16
N PHE B 226 -45.77 -0.80 70.49
CA PHE B 226 -46.04 0.14 69.43
C PHE B 226 -47.27 0.98 69.75
N GLU B 227 -47.27 2.22 69.27
CA GLU B 227 -48.36 3.15 69.59
C GLU B 227 -49.71 2.55 69.24
N ASN B 228 -49.78 1.78 68.16
CA ASN B 228 -51.02 1.08 67.82
C ASN B 228 -51.46 0.12 68.91
N GLY B 229 -50.54 -0.31 69.76
CA GLY B 229 -50.85 -1.27 70.81
C GLY B 229 -50.30 -2.64 70.50
N TRP B 230 -49.32 -2.71 69.60
CA TRP B 230 -48.77 -3.97 69.12
C TRP B 230 -47.39 -4.20 69.75
N LYS B 231 -47.14 -5.46 70.10
CA LYS B 231 -45.87 -5.90 70.66
C LYS B 231 -45.09 -6.64 69.59
N TYR B 232 -43.82 -6.29 69.43
CA TYR B 232 -42.97 -7.01 68.50
C TYR B 232 -42.77 -8.45 68.98
N ASP B 233 -42.82 -9.39 68.04
CA ASP B 233 -42.71 -10.79 68.40
C ASP B 233 -41.35 -11.09 69.03
N LYS B 234 -40.28 -10.58 68.44
CA LYS B 234 -38.93 -10.88 68.89
C LYS B 234 -38.44 -9.82 69.88
N GLN B 235 -37.51 -10.22 70.73
CA GLN B 235 -36.96 -9.35 71.77
C GLN B 235 -35.93 -8.40 71.17
N VAL B 236 -35.42 -7.51 72.02
CA VAL B 236 -34.41 -6.53 71.64
C VAL B 236 -33.27 -6.56 72.64
N VAL B 237 -32.08 -6.22 72.17
CA VAL B 237 -30.91 -6.02 73.03
C VAL B 237 -30.44 -4.59 72.85
N LYS B 238 -30.10 -4.22 71.62
CA LYS B 238 -29.53 -2.91 71.32
C LYS B 238 -30.67 -1.88 71.34
N THR B 239 -30.92 -1.30 72.50
CA THR B 239 -31.98 -0.32 72.63
C THR B 239 -31.67 0.98 71.89
N GLU B 240 -30.39 1.27 71.65
CA GLU B 240 -30.01 2.56 71.09
C GLU B 240 -30.69 2.82 69.76
N ASP B 241 -30.70 1.83 68.87
CA ASP B 241 -31.17 2.02 67.50
C ASP B 241 -32.64 1.68 67.32
N TRP B 242 -33.35 1.31 68.39
CA TRP B 242 -34.76 0.97 68.28
C TRP B 242 -35.63 1.87 69.16
N VAL B 243 -35.05 2.43 70.22
CA VAL B 243 -35.80 3.29 71.12
C VAL B 243 -36.45 4.47 70.41
N ASP B 244 -37.77 4.54 70.47
CA ASP B 244 -38.53 5.61 69.82
C ASP B 244 -38.03 5.82 68.39
N ARG B 245 -38.15 4.74 67.62
CA ARG B 245 -37.74 4.78 66.23
C ARG B 245 -38.91 4.39 65.36
N THR B 246 -39.09 5.13 64.27
CA THR B 246 -40.19 4.86 63.36
C THR B 246 -39.72 3.85 62.32
N LYS B 247 -39.80 2.57 62.67
CA LYS B 247 -39.41 1.50 61.78
C LYS B 247 -40.58 1.10 60.89
N GLU B 248 -40.26 0.29 59.87
CA GLU B 248 -41.26 -0.21 58.93
C GLU B 248 -41.09 -1.71 58.77
N PHE B 249 -42.22 -2.42 58.77
CA PHE B 249 -42.22 -3.88 58.66
C PHE B 249 -43.30 -4.29 57.66
N ILE B 250 -43.32 -5.59 57.37
CA ILE B 250 -44.41 -6.21 56.61
C ILE B 250 -45.03 -7.24 57.55
N VAL B 251 -46.19 -6.92 58.10
CA VAL B 251 -46.82 -7.76 59.12
C VAL B 251 -47.87 -8.64 58.44
N SER B 252 -47.87 -9.92 58.78
CA SER B 252 -48.85 -10.87 58.29
C SER B 252 -49.76 -11.27 59.45
N GLU B 253 -51.07 -11.11 59.27
CA GLU B 253 -52.06 -11.44 60.28
C GLU B 253 -52.91 -12.60 59.80
N SER B 254 -52.94 -13.67 60.58
CA SER B 254 -53.73 -14.87 60.28
C SER B 254 -54.64 -15.16 61.45
N ILE B 255 -55.92 -15.37 61.15
CA ILE B 255 -56.91 -15.65 62.20
C ILE B 255 -56.64 -17.06 62.73
N LEU B 256 -56.07 -17.15 63.92
CA LEU B 256 -55.77 -18.45 64.51
C LEU B 256 -57.06 -19.15 64.92
N LYS B 257 -56.95 -20.47 65.12
CA LYS B 257 -58.13 -21.26 65.44
C LYS B 257 -58.86 -20.73 66.66
N ASN B 258 -58.11 -20.24 67.67
CA ASN B 258 -58.75 -19.73 68.86
C ASN B 258 -59.66 -18.55 68.57
N GLY B 259 -59.43 -17.86 67.45
CA GLY B 259 -60.27 -16.74 67.06
C GLY B 259 -59.56 -15.41 67.23
N GLU B 260 -58.24 -15.39 67.08
CA GLU B 260 -57.45 -14.19 67.23
C GLU B 260 -56.35 -14.18 66.17
N THR B 261 -55.86 -12.98 65.88
CA THR B 261 -54.87 -12.81 64.82
C THR B 261 -53.49 -13.22 65.31
N LYS B 262 -52.79 -14.00 64.48
CA LYS B 262 -51.40 -14.36 64.75
C LYS B 262 -50.51 -13.42 63.92
N ARG B 263 -50.34 -12.21 64.46
CA ARG B 263 -49.57 -11.22 63.73
C ARG B 263 -48.09 -11.50 63.73
N THR B 264 -47.49 -11.43 62.56
CA THR B 264 -46.07 -11.63 62.38
C THR B 264 -45.39 -10.30 62.06
N PHE B 265 -44.10 -10.37 61.79
CA PHE B 265 -43.34 -9.17 61.43
C PHE B 265 -42.23 -9.56 60.46
N LYS B 266 -41.79 -8.58 59.68
CA LYS B 266 -40.66 -8.77 58.77
C LYS B 266 -40.05 -7.40 58.50
N ALA B 267 -38.93 -7.11 59.15
CA ALA B 267 -38.27 -5.83 58.93
C ALA B 267 -37.87 -5.67 57.47
N VAL B 268 -38.19 -4.53 56.90
CA VAL B 268 -37.91 -4.22 55.51
C VAL B 268 -37.41 -2.78 55.43
N ASP B 269 -36.79 -2.46 54.29
CA ASP B 269 -36.27 -1.11 54.04
C ASP B 269 -36.89 -0.60 52.74
N SER B 270 -37.70 0.44 52.86
CA SER B 270 -38.31 1.03 51.68
C SER B 270 -37.24 1.63 50.77
N GLU B 271 -37.53 1.63 49.47
CA GLU B 271 -36.58 2.07 48.44
C GLU B 271 -35.33 1.21 48.40
N LYS B 272 -35.33 0.09 49.14
CA LYS B 272 -34.25 -0.88 49.08
C LYS B 272 -34.71 -2.33 48.96
N ASP B 273 -35.96 -2.63 49.28
CA ASP B 273 -36.49 -3.99 49.19
C ASP B 273 -37.62 -4.02 48.17
N TRP B 274 -37.56 -5.00 47.26
CA TRP B 274 -38.55 -5.08 46.18
C TRP B 274 -39.96 -5.22 46.74
N ILE B 275 -40.15 -6.14 47.68
CA ILE B 275 -41.49 -6.40 48.21
C ILE B 275 -42.01 -5.17 48.94
N ALA B 276 -41.16 -4.52 49.73
CA ALA B 276 -41.60 -3.34 50.48
C ALA B 276 -42.03 -2.23 49.52
N ILE B 277 -41.23 -1.99 48.48
CA ILE B 277 -41.57 -0.96 47.51
C ILE B 277 -42.90 -1.27 46.83
N LYS B 278 -43.05 -2.51 46.37
CA LYS B 278 -44.28 -2.88 45.67
C LYS B 278 -45.49 -2.73 46.57
N THR B 279 -45.40 -3.22 47.79
CA THR B 279 -46.53 -3.15 48.71
C THR B 279 -46.86 -1.72 49.08
N LYS B 280 -45.83 -0.89 49.29
CA LYS B 280 -46.07 0.52 49.59
C LYS B 280 -46.81 1.20 48.45
N THR B 281 -46.37 0.96 47.21
CA THR B 281 -47.04 1.57 46.07
C THR B 281 -48.48 1.07 45.94
N GLU B 282 -48.69 -0.23 46.14
CA GLU B 282 -50.05 -0.78 46.03
C GLU B 282 -50.95 -0.19 47.11
N GLN B 283 -50.46 -0.08 48.34
CA GLN B 283 -51.25 0.52 49.41
C GLN B 283 -51.59 1.96 49.09
N GLU B 284 -50.62 2.73 48.61
CA GLU B 284 -50.87 4.13 48.28
C GLU B 284 -51.91 4.26 47.19
N ILE B 285 -51.83 3.41 46.17
CA ILE B 285 -52.81 3.47 45.08
C ILE B 285 -54.19 3.09 45.59
N GLU B 286 -54.27 2.02 46.39
CA GLU B 286 -55.57 1.58 46.90
C GLU B 286 -56.22 2.64 47.76
N HIS B 287 -55.44 3.25 48.66
CA HIS B 287 -56.00 4.28 49.55
C HIS B 287 -56.57 5.45 48.75
N SER B 288 -55.96 5.80 47.62
CA SER B 288 -56.50 6.86 46.77
C SER B 288 -57.86 6.50 46.19
N HIS B 289 -58.24 5.23 46.19
CA HIS B 289 -59.54 4.79 45.67
C HIS B 289 -59.72 5.23 44.22
N LYS B 290 -58.69 5.04 43.42
CA LYS B 290 -58.72 5.47 42.02
C LYS B 290 -57.81 4.56 41.19
N THR B 291 -58.05 4.56 39.89
CA THR B 291 -57.22 3.80 38.98
C THR B 291 -55.82 4.40 38.91
N VAL B 292 -54.86 3.56 38.54
CA VAL B 292 -53.46 3.99 38.55
C VAL B 292 -53.28 5.20 37.64
N GLY B 293 -54.02 5.27 36.54
CA GLY B 293 -53.88 6.40 35.65
C GLY B 293 -54.25 7.71 36.31
N THR B 294 -55.38 7.75 37.01
CA THR B 294 -55.79 8.97 37.68
C THR B 294 -54.87 9.31 38.84
N TYR B 295 -54.39 8.30 39.56
CA TYR B 295 -53.42 8.52 40.62
C TYR B 295 -52.18 9.20 40.08
N ILE B 296 -51.65 8.69 38.96
CA ILE B 296 -50.48 9.30 38.35
C ILE B 296 -50.80 10.71 37.90
N TYR B 297 -51.98 10.91 37.29
CA TYR B 297 -52.35 12.23 36.80
C TYR B 297 -52.38 13.25 37.93
N GLU B 298 -52.95 12.88 39.08
CA GLU B 298 -53.07 13.84 40.16
C GLU B 298 -51.74 14.05 40.87
N THR B 299 -50.94 12.99 41.02
CA THR B 299 -49.58 13.18 41.52
C THR B 299 -48.81 14.14 40.63
N LEU B 300 -49.05 14.08 39.32
CA LEU B 300 -48.38 14.97 38.39
C LEU B 300 -48.93 16.39 38.50
N LEU B 301 -50.23 16.54 38.76
CA LEU B 301 -50.78 17.86 39.01
C LEU B 301 -50.15 18.50 40.25
N GLN B 302 -49.98 17.71 41.32
CA GLN B 302 -49.49 18.28 42.57
C GLN B 302 -48.02 18.67 42.45
N ASN B 303 -47.18 17.79 41.91
CA ASN B 303 -45.74 17.98 41.86
C ASN B 303 -45.26 17.80 40.43
N PRO B 304 -45.35 18.84 39.61
CA PRO B 304 -45.01 18.69 38.17
C PRO B 304 -43.61 18.18 37.92
N LYS B 305 -42.72 18.19 38.91
CA LYS B 305 -41.37 17.67 38.73
C LYS B 305 -41.27 16.17 38.96
N GLN B 306 -42.39 15.50 39.23
CA GLN B 306 -42.35 14.11 39.66
C GLN B 306 -41.82 13.21 38.55
N LYS B 307 -40.94 12.29 38.93
CA LYS B 307 -40.49 11.22 38.05
C LYS B 307 -41.50 10.08 38.12
N ILE B 308 -42.07 9.71 36.97
CA ILE B 308 -43.09 8.67 36.97
C ILE B 308 -42.45 7.32 36.72
N LYS B 309 -41.89 7.12 35.53
CA LYS B 309 -41.29 5.84 35.17
C LYS B 309 -40.03 5.61 36.00
N GLY B 310 -40.01 4.53 36.77
CA GLY B 310 -38.84 4.16 37.52
C GLY B 310 -38.69 4.86 38.85
N LYS B 311 -39.55 5.82 39.18
CA LYS B 311 -39.62 6.36 40.53
C LYS B 311 -40.98 6.20 41.18
N LEU B 312 -42.05 6.68 40.54
CA LEU B 312 -43.32 6.74 41.25
C LEU B 312 -44.02 5.40 41.28
N VAL B 313 -44.10 4.72 40.13
CA VAL B 313 -44.65 3.37 40.05
C VAL B 313 -43.64 2.53 39.28
N ARG B 314 -42.97 1.61 39.98
CA ARG B 314 -42.07 0.69 39.31
C ARG B 314 -42.81 -0.58 38.89
N THR B 315 -43.35 -1.30 39.85
CA THR B 315 -44.01 -2.57 39.60
C THR B 315 -45.21 -2.72 40.52
N ILE B 316 -46.34 -3.13 39.96
CA ILE B 316 -47.57 -3.36 40.71
C ILE B 316 -48.29 -4.54 40.10
N GLU B 317 -49.25 -5.10 40.85
CA GLU B 317 -49.97 -6.26 40.38
C GLU B 317 -50.68 -5.96 39.08
N ARG B 318 -50.74 -6.96 38.20
CA ARG B 318 -51.41 -6.78 36.92
C ARG B 318 -52.88 -6.43 37.09
N LYS B 319 -53.46 -6.70 38.26
CA LYS B 319 -54.88 -6.45 38.47
C LYS B 319 -55.20 -4.97 38.32
N PHE B 320 -54.31 -4.09 38.78
CA PHE B 320 -54.55 -2.66 38.63
C PHE B 320 -54.70 -2.29 37.16
N TYR B 321 -53.72 -2.69 36.34
CA TYR B 321 -53.76 -2.35 34.92
C TYR B 321 -54.98 -2.97 34.25
N LYS B 322 -55.28 -4.24 34.57
CA LYS B 322 -56.41 -4.90 33.95
C LYS B 322 -57.71 -4.20 34.30
N GLU B 323 -57.88 -3.81 35.56
CA GLU B 323 -59.12 -3.14 35.96
C GLU B 323 -59.23 -1.77 35.29
N GLU B 324 -58.14 -1.02 35.24
CA GLU B 324 -58.18 0.27 34.57
C GLU B 324 -58.56 0.12 33.11
N LEU B 325 -57.92 -0.82 32.41
CA LEU B 325 -58.20 -0.99 30.99
C LEU B 325 -59.63 -1.48 30.77
N ARG B 326 -60.13 -2.37 31.65
CA ARG B 326 -61.50 -2.83 31.51
C ARG B 326 -62.47 -1.69 31.71
N GLN B 327 -62.24 -0.83 32.71
CA GLN B 327 -63.12 0.31 32.91
C GLN B 327 -63.10 1.23 31.70
N ILE B 328 -61.92 1.50 31.16
CA ILE B 328 -61.81 2.40 30.01
C ILE B 328 -62.57 1.82 28.83
N LEU B 329 -62.33 0.55 28.51
CA LEU B 329 -62.98 -0.07 27.36
C LEU B 329 -64.49 -0.14 27.56
N GLU B 330 -64.95 -0.48 28.76
CA GLU B 330 -66.37 -0.55 29.01
C GLU B 330 -67.03 0.80 28.83
N LYS B 331 -66.41 1.86 29.33
CA LYS B 331 -66.99 3.19 29.15
C LYS B 331 -66.99 3.60 27.68
N GLN B 332 -65.89 3.35 26.97
CA GLN B 332 -65.79 3.81 25.60
C GLN B 332 -66.65 3.00 24.63
N LYS B 333 -66.96 1.74 24.96
CA LYS B 333 -67.83 0.96 24.09
C LYS B 333 -69.23 1.55 24.04
N GLU B 334 -69.58 2.41 24.99
CA GLU B 334 -70.89 3.04 24.99
C GLU B 334 -70.99 4.20 24.01
N PHE B 335 -69.86 4.65 23.47
CA PHE B 335 -69.81 5.84 22.63
C PHE B 335 -69.41 5.55 21.19
N HIS B 336 -68.43 4.68 20.97
CA HIS B 336 -67.93 4.37 19.64
C HIS B 336 -68.67 3.15 19.12
N GLN B 337 -69.50 3.35 18.09
CA GLN B 337 -70.25 2.24 17.52
C GLN B 337 -69.34 1.14 16.98
N GLU B 338 -68.16 1.50 16.48
CA GLU B 338 -67.27 0.50 15.90
C GLU B 338 -66.92 -0.59 16.89
N LEU B 339 -66.89 -0.27 18.18
CA LEU B 339 -66.67 -1.28 19.21
C LEU B 339 -67.86 -2.19 19.41
N GLN B 340 -69.02 -1.87 18.81
CA GLN B 340 -70.20 -2.70 18.89
C GLN B 340 -70.48 -3.49 17.61
N SER B 341 -69.72 -3.25 16.54
CA SER B 341 -70.00 -3.86 15.25
C SER B 341 -69.56 -5.32 15.26
N ASP B 342 -70.48 -6.22 14.94
CA ASP B 342 -70.15 -7.64 14.87
C ASP B 342 -69.36 -7.97 13.61
N ASP B 343 -69.65 -7.29 12.50
CA ASP B 343 -68.89 -7.54 11.30
C ASP B 343 -67.42 -7.20 11.54
N LEU B 344 -67.15 -6.03 12.11
CA LEU B 344 -65.78 -5.64 12.40
C LEU B 344 -65.11 -6.61 13.37
N TYR B 345 -65.85 -7.09 14.38
CA TYR B 345 -65.29 -8.06 15.31
C TYR B 345 -64.88 -9.34 14.59
N ASN B 346 -65.76 -9.83 13.71
CA ASN B 346 -65.44 -11.04 12.95
C ASN B 346 -64.26 -10.80 12.02
N ASP B 347 -64.19 -9.60 11.42
CA ASP B 347 -63.05 -9.28 10.56
C ASP B 347 -61.75 -9.30 11.34
N CYS B 348 -61.74 -8.71 12.54
CA CYS B 348 -60.54 -8.74 13.37
C CYS B 348 -60.16 -10.17 13.74
N ILE B 349 -61.14 -10.97 14.14
CA ILE B 349 -60.86 -12.36 14.50
C ILE B 349 -60.25 -13.11 13.32
N ARG B 350 -60.85 -12.95 12.14
CA ARG B 350 -60.31 -13.60 10.95
C ARG B 350 -58.89 -13.12 10.66
N GLU B 351 -58.63 -11.82 10.84
CA GLU B 351 -57.29 -11.29 10.63
C GLU B 351 -56.30 -11.98 11.55
N LEU B 352 -56.63 -12.11 12.82
CA LEU B 352 -55.69 -12.70 13.77
C LEU B 352 -55.60 -14.21 13.65
N TYR B 353 -56.72 -14.88 13.36
CA TYR B 353 -56.81 -16.34 13.41
C TYR B 353 -57.44 -16.89 12.13
N ARG B 354 -56.95 -16.44 10.99
CA ARG B 354 -57.46 -16.94 9.72
C ARG B 354 -57.34 -18.45 9.60
N ASN B 355 -56.26 -19.04 10.14
CA ASN B 355 -56.01 -20.46 10.01
C ASN B 355 -56.43 -21.29 11.22
N ASN B 356 -57.00 -20.66 12.24
CA ASN B 356 -57.44 -21.37 13.45
C ASN B 356 -58.95 -21.19 13.57
N GLU B 357 -59.69 -22.11 12.94
CA GLU B 357 -61.15 -22.04 13.00
C GLU B 357 -61.66 -22.29 14.41
N VAL B 358 -61.01 -23.18 15.16
CA VAL B 358 -61.45 -23.48 16.52
C VAL B 358 -61.40 -22.23 17.38
N HIS B 359 -60.25 -21.55 17.37
CA HIS B 359 -60.09 -20.35 18.18
C HIS B 359 -60.99 -19.23 17.68
N GLN B 360 -61.21 -19.17 16.37
CA GLN B 360 -62.13 -18.17 15.83
C GLN B 360 -63.51 -18.40 16.39
N LEU B 361 -63.98 -19.65 16.37
CA LEU B 361 -65.30 -19.96 16.89
C LEU B 361 -65.39 -19.64 18.37
N THR B 362 -64.34 -19.98 19.14
CA THR B 362 -64.36 -19.67 20.56
C THR B 362 -64.45 -18.17 20.81
N LEU B 363 -63.67 -17.39 20.06
CA LEU B 363 -63.68 -15.94 20.22
C LEU B 363 -64.97 -15.31 19.73
N ARG B 364 -65.67 -15.95 18.79
CA ARG B 364 -66.87 -15.35 18.23
C ARG B 364 -67.94 -15.14 19.29
N LYS B 365 -67.85 -15.82 20.43
CA LYS B 365 -68.80 -15.66 21.52
C LYS B 365 -68.44 -14.49 22.44
N LYS B 366 -67.28 -13.88 22.26
CA LYS B 366 -66.81 -12.81 23.11
C LYS B 366 -67.00 -11.46 22.41
N ASP B 367 -66.46 -10.41 23.01
CA ASP B 367 -66.55 -9.05 22.47
C ASP B 367 -65.16 -8.42 22.44
N PHE B 368 -65.09 -7.18 21.96
CA PHE B 368 -63.81 -6.50 21.84
C PHE B 368 -63.09 -6.35 23.16
N VAL B 369 -63.84 -6.29 24.26
CA VAL B 369 -63.22 -6.12 25.58
C VAL B 369 -62.32 -7.31 25.89
N HIS B 370 -62.87 -8.52 25.76
CA HIS B 370 -62.08 -9.73 25.98
C HIS B 370 -60.92 -9.80 25.00
N LEU B 371 -61.18 -9.45 23.74
CA LEU B 371 -60.11 -9.51 22.73
C LEU B 371 -58.95 -8.61 23.10
N PHE B 372 -59.25 -7.39 23.56
CA PHE B 372 -58.19 -6.44 23.86
C PHE B 372 -57.43 -6.84 25.12
N MET B 373 -58.13 -7.20 26.20
CA MET B 373 -57.40 -7.51 27.42
C MET B 373 -56.93 -8.97 27.44
N GLU B 374 -57.86 -9.91 27.30
CA GLU B 374 -57.53 -11.30 27.57
C GLU B 374 -56.70 -11.94 26.45
N ASP B 375 -56.93 -11.56 25.20
CA ASP B 375 -56.32 -12.28 24.08
C ASP B 375 -55.06 -11.60 23.55
N ILE B 376 -54.97 -10.28 23.64
CA ILE B 376 -53.88 -9.56 22.99
C ILE B 376 -52.91 -9.00 24.02
N ILE B 377 -53.39 -8.08 24.86
CA ILE B 377 -52.48 -7.33 25.73
C ILE B 377 -52.02 -8.19 26.90
N PHE B 378 -52.96 -8.87 27.57
CA PHE B 378 -52.67 -9.56 28.81
C PHE B 378 -52.69 -11.09 28.64
N TYR B 379 -52.19 -11.59 27.52
CA TYR B 379 -52.08 -13.03 27.32
C TYR B 379 -50.69 -13.49 27.74
N GLN B 380 -50.63 -14.33 28.77
CA GLN B 380 -49.37 -14.90 29.24
C GLN B 380 -49.38 -16.40 29.00
N ARG B 381 -48.33 -16.88 28.34
CA ARG B 381 -48.28 -18.29 27.98
C ARG B 381 -47.97 -19.14 29.21
N PRO B 382 -48.49 -20.36 29.26
CA PRO B 382 -48.19 -21.26 30.39
C PRO B 382 -46.82 -21.91 30.22
N LEU B 383 -46.35 -22.49 31.31
CA LEU B 383 -45.03 -23.12 31.29
C LEU B 383 -45.00 -24.28 30.32
N ARG B 384 -43.84 -24.51 29.71
CA ARG B 384 -43.66 -25.68 28.87
C ARG B 384 -43.72 -26.96 29.70
N SER B 385 -44.16 -28.04 29.07
CA SER B 385 -44.22 -29.31 29.75
C SER B 385 -42.83 -29.90 29.91
N GLN B 386 -42.49 -30.31 31.13
CA GLN B 386 -41.24 -30.97 31.43
C GLN B 386 -41.38 -32.48 31.50
N LYS B 387 -42.57 -33.02 31.23
CA LYS B 387 -42.78 -34.45 31.34
C LYS B 387 -41.88 -35.23 30.38
N SER B 388 -41.53 -34.65 29.23
CA SER B 388 -40.67 -35.34 28.29
C SER B 388 -39.28 -35.61 28.86
N SER B 389 -38.89 -34.89 29.92
CA SER B 389 -37.58 -35.05 30.52
C SER B 389 -37.57 -36.05 31.68
N VAL B 390 -38.73 -36.62 32.02
CA VAL B 390 -38.79 -37.54 33.14
C VAL B 390 -37.93 -38.77 32.85
N SER B 391 -37.38 -39.36 33.90
CA SER B 391 -36.54 -40.54 33.76
C SER B 391 -37.36 -41.71 33.21
N ASN B 392 -36.66 -42.80 32.89
CA ASN B 392 -37.27 -43.97 32.31
C ASN B 392 -37.12 -45.18 33.23
N CYS B 393 -38.11 -46.07 33.14
CA CYS B 393 -38.08 -47.30 33.92
C CYS B 393 -36.84 -48.11 33.55
N THR B 394 -36.24 -48.72 34.57
CA THR B 394 -35.05 -49.54 34.37
C THR B 394 -35.38 -50.97 33.96
N LEU B 395 -36.66 -51.32 33.86
CA LEU B 395 -37.06 -52.69 33.63
C LEU B 395 -37.87 -52.89 32.36
N GLU B 396 -38.89 -52.07 32.13
CA GLU B 396 -39.81 -52.27 31.01
C GLU B 396 -39.41 -51.39 29.83
N PHE B 397 -39.34 -52.02 28.65
CA PHE B 397 -39.01 -51.35 27.40
C PHE B 397 -40.11 -51.66 26.39
N ARG B 398 -40.08 -50.98 25.25
CA ARG B 398 -40.88 -51.37 24.11
C ARG B 398 -40.01 -51.26 22.87
N LYS B 399 -40.19 -52.19 21.94
CA LYS B 399 -39.36 -52.29 20.75
C LYS B 399 -40.23 -52.08 19.52
N TYR B 400 -39.76 -51.23 18.60
CA TYR B 400 -40.52 -51.01 17.37
C TYR B 400 -39.56 -50.67 16.25
N LYS B 401 -40.03 -50.89 15.02
CA LYS B 401 -39.24 -50.69 13.81
C LYS B 401 -39.59 -49.36 13.18
N GLY B 402 -38.56 -48.53 12.96
CA GLY B 402 -38.74 -47.28 12.25
C GLY B 402 -38.76 -47.48 10.76
N GLU B 403 -38.97 -46.37 10.05
CA GLU B 403 -39.04 -46.42 8.58
C GLU B 403 -37.72 -46.86 7.96
N ASN B 404 -36.62 -46.82 8.72
CA ASN B 404 -35.32 -47.23 8.22
C ASN B 404 -35.11 -48.74 8.27
N GLY B 405 -36.13 -49.50 8.64
CA GLY B 405 -35.97 -50.94 8.77
C GLY B 405 -35.05 -51.35 9.90
N ALA B 406 -35.13 -50.64 11.03
CA ALA B 406 -34.38 -50.96 12.23
C ALA B 406 -35.33 -51.51 13.28
N GLU B 407 -34.83 -51.68 14.50
CA GLU B 407 -35.70 -52.05 15.62
C GLU B 407 -35.09 -51.40 16.87
N HIS B 408 -35.62 -50.24 17.24
CA HIS B 408 -35.11 -49.48 18.37
C HIS B 408 -36.15 -49.42 19.47
N THR B 409 -35.68 -49.01 20.65
CA THR B 409 -36.44 -49.14 21.88
C THR B 409 -36.98 -47.79 22.32
N GLN B 410 -38.29 -47.77 22.57
CA GLN B 410 -38.89 -46.60 23.16
C GLN B 410 -38.85 -46.99 24.62
N TYR B 411 -38.94 -46.03 25.52
CA TYR B 411 -38.84 -46.27 26.95
C TYR B 411 -40.15 -45.91 27.64
N LEU B 412 -40.31 -46.45 28.84
CA LEU B 412 -41.50 -46.20 29.65
C LEU B 412 -41.15 -45.21 30.75
N LYS B 413 -41.90 -44.11 30.82
CA LYS B 413 -41.63 -43.08 31.80
C LYS B 413 -42.01 -43.56 33.19
N ALA B 414 -41.24 -43.13 34.18
CA ALA B 414 -41.43 -43.59 35.55
C ALA B 414 -42.80 -43.18 36.08
N ILE B 415 -43.14 -43.72 37.23
CA ILE B 415 -44.43 -43.48 37.87
C ILE B 415 -44.33 -42.27 38.77
N PRO B 416 -45.33 -41.38 38.79
CA PRO B 416 -45.34 -40.34 39.83
C PRO B 416 -45.58 -40.96 41.20
N LYS B 417 -44.75 -40.58 42.17
CA LYS B 417 -44.81 -41.20 43.48
C LYS B 417 -46.16 -41.01 44.16
N SER B 418 -46.97 -40.05 43.73
CA SER B 418 -48.30 -39.88 44.26
C SER B 418 -49.28 -40.94 43.76
N ASN B 419 -48.95 -41.62 42.66
CA ASN B 419 -49.88 -42.56 42.08
C ASN B 419 -50.25 -43.64 43.09
N PRO B 420 -51.53 -43.99 43.24
CA PRO B 420 -51.88 -44.99 44.25
C PRO B 420 -51.12 -46.30 44.09
N TYR B 421 -50.79 -46.68 42.86
CA TYR B 421 -50.02 -47.91 42.66
C TYR B 421 -48.66 -47.82 43.34
N TYR B 422 -47.98 -46.68 43.20
CA TYR B 422 -46.71 -46.49 43.89
C TYR B 422 -46.92 -46.47 45.40
N GLN B 423 -48.04 -45.89 45.86
CA GLN B 423 -48.34 -45.88 47.28
C GLN B 423 -48.43 -47.31 47.81
N GLU B 424 -49.14 -48.18 47.09
CA GLU B 424 -49.26 -49.57 47.51
C GLU B 424 -47.92 -50.30 47.44
N PHE B 425 -47.15 -50.04 46.39
CA PHE B 425 -45.81 -50.60 46.29
C PHE B 425 -44.99 -50.28 47.53
N ARG B 426 -44.96 -49.00 47.88
CA ARG B 426 -44.20 -48.58 49.03
C ARG B 426 -44.75 -49.18 50.31
N LEU B 427 -46.07 -49.23 50.45
CA LEU B 427 -46.66 -49.76 51.68
C LEU B 427 -46.34 -51.24 51.85
N TRP B 428 -46.41 -52.01 50.77
CA TRP B 428 -46.06 -53.43 50.84
C TRP B 428 -44.60 -53.61 51.24
N GLN B 429 -43.69 -52.88 50.58
CA GLN B 429 -42.30 -52.94 51.01
C GLN B 429 -42.18 -52.62 52.49
N TRP B 430 -42.87 -51.56 52.92
CA TRP B 430 -42.76 -51.10 54.30
C TRP B 430 -43.19 -52.18 55.27
N ILE B 431 -44.34 -52.80 55.01
CA ILE B 431 -44.88 -53.78 55.94
C ILE B 431 -44.03 -55.04 55.96
N PHE B 432 -43.52 -55.45 54.79
CA PHE B 432 -42.65 -56.63 54.77
C PHE B 432 -41.34 -56.35 55.50
N ASN B 433 -40.91 -55.09 55.53
CA ASN B 433 -39.66 -54.76 56.21
C ASN B 433 -39.80 -54.72 57.73
N LEU B 434 -41.00 -54.45 58.24
CA LEU B 434 -41.15 -54.12 59.65
C LEU B 434 -40.90 -55.32 60.55
N ASN B 435 -40.40 -55.05 61.76
CA ASN B 435 -40.27 -56.03 62.83
C ASN B 435 -40.09 -55.27 64.13
N LEU B 436 -40.40 -55.95 65.25
CA LEU B 436 -40.40 -55.30 66.56
C LEU B 436 -39.33 -55.88 67.46
N TYR B 437 -38.78 -55.00 68.31
CA TYR B 437 -37.76 -55.34 69.28
C TYR B 437 -38.19 -54.84 70.66
N THR B 438 -38.06 -55.70 71.66
CA THR B 438 -38.42 -55.36 73.03
C THR B 438 -37.36 -54.45 73.62
N LYS B 439 -37.78 -53.62 74.59
CA LYS B 439 -36.85 -52.66 75.18
C LYS B 439 -35.83 -53.34 76.09
N ASP B 440 -36.31 -54.23 76.96
CA ASP B 440 -35.44 -54.79 77.99
C ASP B 440 -34.28 -55.57 77.38
N ASN B 441 -34.59 -56.65 76.66
CA ASN B 441 -33.57 -57.55 76.14
C ASN B 441 -33.30 -57.39 74.66
N ASP B 442 -34.10 -56.61 73.94
CA ASP B 442 -33.85 -56.30 72.53
C ASP B 442 -33.87 -57.57 71.68
N GLU B 443 -34.83 -58.44 71.99
CA GLU B 443 -35.04 -59.69 71.27
C GLU B 443 -36.03 -59.46 70.14
N ASN B 444 -35.98 -60.33 69.13
CA ASN B 444 -36.89 -60.26 67.99
C ASN B 444 -38.26 -60.80 68.43
N VAL B 445 -39.04 -59.93 69.06
CA VAL B 445 -40.38 -60.29 69.50
C VAL B 445 -41.33 -60.51 68.33
N THR B 446 -40.90 -60.22 67.11
CA THR B 446 -41.72 -60.46 65.93
C THR B 446 -41.88 -61.94 65.68
N LYS B 447 -42.59 -62.30 64.61
CA LYS B 447 -42.90 -63.69 64.26
C LYS B 447 -43.98 -64.24 65.18
N VAL B 448 -44.37 -63.46 66.19
CA VAL B 448 -45.46 -63.82 67.08
C VAL B 448 -46.65 -62.89 66.90
N PHE B 449 -46.43 -61.59 66.72
CA PHE B 449 -47.50 -60.64 66.46
C PHE B 449 -47.79 -60.46 64.98
N LEU B 450 -46.81 -60.75 64.11
CA LEU B 450 -46.99 -60.74 62.66
C LEU B 450 -46.45 -62.07 62.15
N ASN B 451 -47.29 -63.10 62.19
CA ASN B 451 -46.91 -64.44 61.75
C ASN B 451 -47.82 -65.02 60.69
N THR B 452 -49.12 -64.84 60.82
CA THR B 452 -50.09 -65.38 59.88
C THR B 452 -50.52 -64.31 58.89
N THR B 453 -51.08 -64.75 57.77
CA THR B 453 -51.58 -63.81 56.77
C THR B 453 -52.59 -62.85 57.39
N GLN B 454 -53.32 -63.29 58.41
CA GLN B 454 -54.30 -62.41 59.05
C GLN B 454 -53.63 -61.21 59.69
N ASP B 455 -52.50 -61.42 60.38
CA ASP B 455 -51.82 -60.32 61.04
C ASP B 455 -51.34 -59.28 60.02
N PHE B 456 -50.66 -59.74 58.98
CA PHE B 456 -50.18 -58.82 57.95
C PHE B 456 -51.35 -58.09 57.28
N GLU B 457 -52.42 -58.82 56.99
CA GLU B 457 -53.60 -58.19 56.39
C GLU B 457 -54.16 -57.09 57.29
N ASN B 458 -54.41 -57.42 58.57
CA ASN B 458 -54.96 -56.44 59.49
C ASN B 458 -54.07 -55.22 59.59
N LEU B 459 -52.76 -55.44 59.61
CA LEU B 459 -51.84 -54.33 59.64
C LEU B 459 -52.04 -53.49 58.39
N PHE B 460 -52.19 -54.16 57.26
CA PHE B 460 -52.36 -53.43 56.00
C PHE B 460 -53.60 -52.53 56.03
N GLU B 461 -54.71 -53.05 56.52
CA GLU B 461 -55.90 -52.25 56.63
C GLU B 461 -55.63 -51.06 57.53
N PHE B 462 -55.07 -51.33 58.70
CA PHE B 462 -54.76 -50.26 59.63
C PHE B 462 -53.94 -49.16 58.96
N LEU B 463 -53.10 -49.55 58.00
CA LEU B 463 -52.26 -48.58 57.31
C LEU B 463 -53.01 -47.81 56.23
N ASN B 464 -53.83 -48.49 55.44
CA ASN B 464 -54.48 -47.83 54.31
C ASN B 464 -55.28 -46.60 54.75
N THR B 465 -55.94 -46.69 55.90
CA THR B 465 -56.76 -45.59 56.38
C THR B 465 -55.96 -44.37 56.81
N ARG B 466 -54.64 -44.49 56.92
CA ARG B 466 -53.79 -43.43 57.46
C ARG B 466 -52.95 -42.82 56.34
N LYS B 467 -52.22 -41.77 56.70
CA LYS B 467 -51.28 -41.13 55.80
C LYS B 467 -49.88 -41.04 56.39
N GLU B 468 -49.67 -41.54 57.60
CA GLU B 468 -48.38 -41.41 58.28
C GLU B 468 -48.42 -42.30 59.50
N VAL B 469 -47.27 -42.86 59.86
CA VAL B 469 -47.18 -43.80 60.97
C VAL B 469 -46.02 -43.42 61.87
N ASP B 470 -46.26 -43.54 63.18
CA ASP B 470 -45.31 -43.11 64.20
C ASP B 470 -45.23 -44.18 65.27
N GLN B 471 -44.21 -44.03 66.13
CA GLN B 471 -43.99 -44.97 67.22
C GLN B 471 -45.29 -45.31 67.93
N LYS B 472 -45.96 -44.30 68.47
CA LYS B 472 -47.07 -44.54 69.39
C LYS B 472 -48.21 -45.29 68.70
N ALA B 473 -48.63 -44.82 67.52
CA ALA B 473 -49.76 -45.46 66.84
C ALA B 473 -49.44 -46.90 66.48
N LEU B 474 -48.22 -47.14 65.98
CA LEU B 474 -47.84 -48.50 65.59
C LEU B 474 -47.82 -49.42 66.79
N LEU B 475 -47.26 -48.97 67.91
CA LEU B 475 -47.25 -49.81 69.09
C LEU B 475 -48.66 -50.05 69.61
N LYS B 476 -49.50 -49.01 69.59
CA LYS B 476 -50.87 -49.16 70.06
C LYS B 476 -51.66 -50.14 69.18
N HIS B 477 -51.29 -50.23 67.91
CA HIS B 477 -51.94 -51.19 67.03
C HIS B 477 -51.84 -52.57 67.66
N PHE B 478 -50.62 -52.97 68.00
CA PHE B 478 -50.40 -54.25 68.66
C PHE B 478 -50.75 -54.21 70.14
N LYS B 479 -51.33 -53.10 70.62
CA LYS B 479 -51.65 -52.82 72.02
C LYS B 479 -50.37 -52.58 72.82
N LEU B 480 -49.21 -52.62 72.14
CA LEU B 480 -47.94 -52.38 72.80
C LEU B 480 -47.79 -50.96 73.26
N ASN B 481 -46.90 -50.72 74.22
CA ASN B 481 -46.64 -49.38 74.69
C ASN B 481 -45.15 -49.10 74.62
N GLU B 482 -44.80 -47.82 74.48
CA GLU B 482 -43.41 -47.45 74.29
C GLU B 482 -42.53 -47.92 75.43
N LYS B 483 -43.08 -48.06 76.63
CA LYS B 483 -42.28 -48.37 77.80
C LYS B 483 -41.63 -49.75 77.74
N THR B 484 -41.93 -50.55 76.72
CA THR B 484 -41.42 -51.92 76.67
C THR B 484 -41.02 -52.47 75.31
N HIS B 485 -41.02 -51.63 74.27
CA HIS B 485 -40.72 -52.14 72.96
C HIS B 485 -40.22 -51.10 72.00
N ARG B 486 -39.70 -51.56 70.87
CA ARG B 486 -39.26 -50.65 69.83
C ARG B 486 -39.33 -51.39 68.50
N TRP B 487 -39.39 -50.62 67.41
CA TRP B 487 -39.85 -51.13 66.12
C TRP B 487 -38.77 -51.08 65.04
N ASN B 488 -37.49 -51.08 65.46
CA ASN B 488 -36.37 -51.31 64.55
C ASN B 488 -36.12 -50.09 63.65
N PHE B 489 -36.97 -49.08 63.75
CA PHE B 489 -36.85 -47.92 62.87
C PHE B 489 -36.69 -46.66 63.71
N VAL B 490 -36.24 -45.57 63.10
CA VAL B 490 -35.92 -44.37 63.86
C VAL B 490 -37.09 -44.05 64.78
N GLU B 491 -36.88 -44.22 66.09
CA GLU B 491 -38.00 -44.12 67.03
C GLU B 491 -38.79 -42.81 67.06
N ASP B 492 -38.27 -41.77 66.42
CA ASP B 492 -38.97 -40.48 66.35
C ASP B 492 -39.15 -40.05 64.90
N LYS B 493 -39.22 -41.01 63.99
CA LYS B 493 -39.37 -40.71 62.57
C LYS B 493 -40.69 -41.30 62.07
N LYS B 494 -41.30 -40.58 61.13
CA LYS B 494 -42.58 -40.94 60.56
C LYS B 494 -42.40 -41.36 59.11
N TYR B 495 -43.23 -42.30 58.67
CA TYR B 495 -43.08 -42.93 57.37
C TYR B 495 -44.37 -42.84 56.56
N PRO B 496 -44.29 -42.49 55.28
CA PRO B 496 -45.51 -42.34 54.48
C PRO B 496 -46.31 -43.64 54.44
N CYS B 497 -47.63 -43.49 54.59
CA CYS B 497 -48.50 -44.65 54.68
C CYS B 497 -49.72 -44.43 53.78
N ASN B 498 -49.49 -44.34 52.49
CA ASN B 498 -50.54 -44.15 51.49
C ASN B 498 -51.30 -42.85 51.78
N GLU B 499 -50.55 -41.75 51.76
CA GLU B 499 -51.15 -40.46 52.07
C GLU B 499 -52.19 -40.06 51.05
N THR B 500 -52.03 -40.47 49.79
CA THR B 500 -52.94 -40.03 48.75
C THR B 500 -54.39 -40.38 49.11
N LYS B 501 -54.71 -41.67 49.18
CA LYS B 501 -56.09 -42.06 49.46
C LYS B 501 -56.56 -41.48 50.78
N THR B 502 -55.64 -41.25 51.73
CA THR B 502 -56.03 -40.64 53.00
C THR B 502 -56.58 -39.23 52.77
N MET B 503 -55.86 -38.42 51.99
CA MET B 503 -56.35 -37.07 51.70
C MET B 503 -57.65 -37.11 50.92
N ILE B 504 -57.70 -37.94 49.88
CA ILE B 504 -58.91 -38.06 49.09
C ILE B 504 -60.08 -38.45 49.95
N SER B 505 -59.86 -39.39 50.86
CA SER B 505 -60.94 -39.89 51.70
C SER B 505 -61.40 -38.86 52.72
N SER B 506 -60.46 -38.13 53.33
CA SER B 506 -60.85 -37.10 54.28
C SER B 506 -61.69 -36.03 53.59
N ARG B 507 -61.26 -35.59 52.41
CA ARG B 507 -62.03 -34.57 51.70
C ARG B 507 -63.35 -35.11 51.16
N LEU B 508 -63.40 -36.36 50.70
CA LEU B 508 -64.65 -36.99 50.28
C LEU B 508 -65.55 -37.34 51.46
N ASP B 509 -65.04 -37.26 52.68
CA ASP B 509 -65.89 -37.38 53.86
C ASP B 509 -66.43 -36.01 54.27
N LYS B 510 -65.64 -34.95 54.09
CA LYS B 510 -66.16 -33.61 54.34
C LYS B 510 -67.35 -33.29 53.44
N VAL B 511 -67.48 -33.95 52.29
CA VAL B 511 -68.57 -33.63 51.36
C VAL B 511 -69.95 -34.00 51.89
N GLU B 512 -70.03 -35.03 52.69
CA GLU B 512 -71.31 -35.45 53.26
C GLU B 512 -72.30 -35.79 52.16
N ASN B 513 -73.57 -35.98 52.54
CA ASN B 513 -74.67 -36.20 51.60
C ASN B 513 -74.32 -37.24 50.54
N ILE B 514 -73.54 -38.24 50.92
CA ILE B 514 -73.24 -39.37 50.03
C ILE B 514 -73.08 -40.62 50.89
N SER B 515 -73.14 -41.78 50.25
CA SER B 515 -72.91 -43.04 50.95
C SER B 515 -71.43 -43.18 51.29
N ASP B 516 -71.13 -43.93 52.35
CA ASP B 516 -69.74 -44.18 52.73
C ASP B 516 -69.18 -45.37 51.97
N ASP B 517 -69.44 -45.40 50.65
CA ASP B 517 -68.87 -46.42 49.78
C ASP B 517 -68.46 -45.85 48.43
N PHE B 518 -68.56 -44.54 48.23
CA PHE B 518 -68.35 -43.97 46.91
C PHE B 518 -66.89 -44.04 46.48
N LEU B 519 -65.98 -44.04 47.44
CA LEU B 519 -64.54 -44.03 47.14
C LEU B 519 -64.05 -45.46 46.96
N THR B 520 -64.09 -45.93 45.72
CA THR B 520 -63.54 -47.22 45.34
C THR B 520 -62.23 -47.01 44.59
N ARG B 521 -61.50 -48.10 44.36
CA ARG B 521 -60.18 -47.99 43.74
C ARG B 521 -60.24 -47.19 42.44
N ASP B 522 -61.21 -47.54 41.57
CA ASP B 522 -61.32 -46.85 40.29
C ASP B 522 -61.60 -45.36 40.48
N ILE B 523 -62.53 -45.04 41.39
CA ILE B 523 -62.85 -43.64 41.63
C ILE B 523 -61.65 -42.91 42.23
N GLU B 524 -60.90 -43.59 43.10
CA GLU B 524 -59.69 -42.99 43.65
C GLU B 524 -58.70 -42.65 42.55
N GLN B 525 -58.48 -43.59 41.63
CA GLN B 525 -57.55 -43.34 40.53
C GLN B 525 -58.05 -42.20 39.65
N LYS B 526 -59.36 -42.16 39.38
CA LYS B 526 -59.89 -41.09 38.56
C LYS B 526 -59.69 -39.74 39.22
N ILE B 527 -59.96 -39.65 40.53
CA ILE B 527 -59.73 -38.41 41.25
C ILE B 527 -58.27 -38.01 41.21
N TRP B 528 -57.38 -38.98 41.43
CA TRP B 528 -55.96 -38.66 41.43
C TRP B 528 -55.52 -38.13 40.07
N HIS B 529 -55.99 -38.76 38.99
CA HIS B 529 -55.65 -38.29 37.66
C HIS B 529 -56.18 -36.88 37.42
N ILE B 530 -57.42 -36.63 37.82
CA ILE B 530 -58.00 -35.29 37.66
C ILE B 530 -57.12 -34.27 38.36
N ILE B 531 -56.71 -34.57 39.59
CA ILE B 531 -55.89 -33.63 40.35
C ILE B 531 -54.52 -33.44 39.67
N TYR B 532 -53.88 -34.54 39.28
CA TYR B 532 -52.49 -34.49 38.85
C TYR B 532 -52.33 -33.88 37.48
N SER B 533 -53.20 -34.24 36.53
CA SER B 533 -53.05 -33.78 35.16
C SER B 533 -53.49 -32.33 34.96
N VAL B 534 -54.61 -31.93 35.53
CA VAL B 534 -55.18 -30.61 35.29
C VAL B 534 -54.60 -29.67 36.35
N ASN B 535 -53.39 -29.19 36.12
CA ASN B 535 -52.74 -28.22 37.01
C ASN B 535 -52.98 -26.80 36.51
N ASP B 536 -54.25 -26.45 36.39
CA ASP B 536 -54.63 -25.10 36.00
C ASP B 536 -55.94 -24.74 36.68
N LYS B 537 -56.03 -23.52 37.18
CA LYS B 537 -57.16 -23.14 38.02
C LYS B 537 -58.49 -23.39 37.31
N VAL B 538 -58.77 -22.61 36.26
CA VAL B 538 -60.09 -22.68 35.63
C VAL B 538 -60.36 -24.08 35.10
N GLU B 539 -59.33 -24.70 34.52
CA GLU B 539 -59.49 -26.07 34.04
C GLU B 539 -59.80 -26.97 35.21
N TYR B 540 -59.19 -26.69 36.35
CA TYR B 540 -59.38 -27.54 37.52
C TYR B 540 -60.82 -27.46 38.03
N GLU B 541 -61.37 -26.25 38.16
CA GLU B 541 -62.73 -26.13 38.65
C GLU B 541 -63.73 -26.70 37.64
N LYS B 542 -63.50 -26.47 36.34
CA LYS B 542 -64.41 -27.03 35.34
C LYS B 542 -64.37 -28.56 35.38
N ALA B 543 -63.18 -29.15 35.50
CA ALA B 543 -63.09 -30.60 35.60
C ALA B 543 -63.77 -31.11 36.86
N LEU B 544 -63.63 -30.39 37.97
CA LEU B 544 -64.29 -30.82 39.21
C LEU B 544 -65.80 -30.82 39.04
N LYS B 545 -66.35 -29.75 38.45
CA LYS B 545 -67.78 -29.69 38.22
C LYS B 545 -68.23 -30.81 37.29
N SER B 546 -67.46 -31.05 36.23
CA SER B 546 -67.83 -32.10 35.29
C SER B 546 -67.82 -33.47 35.95
N PHE B 547 -66.83 -33.74 36.80
CA PHE B 547 -66.80 -35.00 37.52
C PHE B 547 -68.00 -35.11 38.46
N ALA B 548 -68.33 -34.02 39.14
CA ALA B 548 -69.49 -34.03 40.03
C ALA B 548 -70.80 -34.23 39.27
N ARG B 549 -70.81 -33.89 37.98
CA ARG B 549 -72.02 -34.10 37.16
C ARG B 549 -72.05 -35.46 36.47
N LYS B 550 -70.90 -36.07 36.19
CA LYS B 550 -70.90 -37.42 35.65
C LYS B 550 -71.24 -38.44 36.74
N HIS B 551 -70.67 -38.26 37.93
CA HIS B 551 -71.02 -39.07 39.08
C HIS B 551 -72.02 -38.30 39.93
N HIS B 552 -73.10 -38.98 40.33
CA HIS B 552 -74.23 -38.31 40.97
C HIS B 552 -73.83 -37.91 42.39
N LEU B 553 -73.23 -36.72 42.49
CA LEU B 553 -72.88 -36.12 43.77
C LEU B 553 -73.14 -34.62 43.70
N ASP B 554 -73.46 -34.04 44.84
CA ASP B 554 -73.77 -32.62 44.92
C ASP B 554 -72.49 -31.79 44.82
N GLU B 555 -72.41 -30.87 43.87
CA GLU B 555 -71.16 -30.12 43.67
C GLU B 555 -71.10 -28.81 44.46
N SER B 556 -71.46 -28.85 45.73
CA SER B 556 -71.37 -27.70 46.62
C SER B 556 -70.30 -27.87 47.68
N SER B 557 -70.37 -28.96 48.46
CA SER B 557 -69.28 -29.29 49.38
C SER B 557 -68.16 -30.02 48.66
N PHE B 558 -68.51 -30.84 47.66
CA PHE B 558 -67.49 -31.55 46.89
C PHE B 558 -66.53 -30.56 46.22
N PHE B 559 -67.07 -29.61 45.47
CA PHE B 559 -66.23 -28.64 44.77
C PHE B 559 -65.38 -27.83 45.74
N GLU B 560 -65.99 -27.34 46.81
CA GLU B 560 -65.25 -26.50 47.75
C GLU B 560 -64.14 -27.31 48.43
N ALA B 561 -64.41 -28.56 48.77
CA ALA B 561 -63.39 -29.41 49.36
C ALA B 561 -62.25 -29.65 48.39
N PHE B 562 -62.57 -29.86 47.10
CA PHE B 562 -61.56 -30.12 46.09
C PHE B 562 -61.16 -28.88 45.31
N ARG B 563 -61.44 -27.68 45.80
CA ARG B 563 -60.94 -26.49 45.12
C ARG B 563 -59.61 -26.02 45.67
N LYS B 564 -59.22 -26.44 46.87
CA LYS B 564 -58.00 -25.98 47.53
C LYS B 564 -57.10 -27.16 47.88
N PHE B 565 -57.08 -28.17 47.01
CA PHE B 565 -56.23 -29.33 47.26
C PHE B 565 -54.77 -28.94 47.03
N PRO B 566 -53.85 -29.32 47.91
CA PRO B 566 -52.44 -29.01 47.68
C PRO B 566 -51.90 -29.80 46.49
N PRO B 567 -51.28 -29.14 45.51
CA PRO B 567 -50.76 -29.87 44.35
C PRO B 567 -49.73 -30.91 44.77
N PHE B 568 -49.75 -32.04 44.06
CA PHE B 568 -48.83 -33.13 44.37
C PHE B 568 -47.39 -32.72 44.13
N LYS B 569 -46.52 -33.09 45.05
CA LYS B 569 -45.10 -32.80 44.91
C LYS B 569 -44.55 -33.50 43.68
N SER B 570 -43.58 -32.84 43.03
CA SER B 570 -42.96 -33.39 41.85
C SER B 570 -41.91 -34.40 42.23
N GLU B 571 -42.25 -35.67 42.13
CA GLU B 571 -41.30 -36.73 42.42
C GLU B 571 -41.78 -38.00 41.75
N TYR B 572 -40.83 -38.81 41.26
CA TYR B 572 -41.14 -40.03 40.53
C TYR B 572 -40.27 -41.17 41.03
N GLY B 573 -40.85 -42.37 41.00
CA GLY B 573 -40.12 -43.56 41.41
C GLY B 573 -39.21 -44.08 40.32
N SER B 574 -38.51 -45.17 40.65
CA SER B 574 -37.59 -45.77 39.69
C SER B 574 -38.34 -46.52 38.60
N PHE B 575 -39.38 -47.25 38.95
CA PHE B 575 -40.09 -48.12 38.01
C PHE B 575 -41.31 -47.39 37.44
N SER B 576 -41.71 -47.84 36.25
CA SER B 576 -42.91 -47.34 35.59
C SER B 576 -44.14 -48.05 36.15
N GLU B 577 -45.30 -47.62 35.68
CA GLU B 577 -46.54 -48.24 36.14
C GLU B 577 -46.62 -49.71 35.76
N LYS B 578 -46.12 -50.07 34.58
CA LYS B 578 -46.22 -51.44 34.12
C LYS B 578 -45.46 -52.39 35.04
N ALA B 579 -44.25 -52.01 35.42
CA ALA B 579 -43.45 -52.87 36.30
C ALA B 579 -44.11 -53.02 37.66
N ILE B 580 -44.63 -51.93 38.22
CA ILE B 580 -45.28 -52.01 39.52
C ILE B 580 -46.53 -52.87 39.44
N LYS B 581 -47.31 -52.71 38.36
CA LYS B 581 -48.51 -53.52 38.21
C LYS B 581 -48.18 -54.99 38.09
N LYS B 582 -47.10 -55.31 37.37
CA LYS B 582 -46.66 -56.70 37.29
C LYS B 582 -46.23 -57.23 38.65
N LEU B 583 -45.46 -56.43 39.40
CA LEU B 583 -44.86 -56.92 40.64
C LEU B 583 -45.85 -57.01 41.79
N LEU B 584 -46.84 -56.13 41.82
CA LEU B 584 -47.76 -56.11 42.96
C LEU B 584 -48.47 -57.44 43.18
N PRO B 585 -49.05 -58.08 42.17
CA PRO B 585 -49.81 -59.32 42.44
C PRO B 585 -49.01 -60.35 43.22
N LEU B 586 -47.70 -60.44 42.99
CA LEU B 586 -46.89 -61.41 43.72
C LEU B 586 -46.61 -60.95 45.14
N MET B 587 -46.46 -59.64 45.35
CA MET B 587 -46.15 -59.14 46.69
C MET B 587 -47.37 -59.19 47.60
N ARG B 588 -48.57 -59.11 47.04
CA ARG B 588 -49.77 -59.14 47.86
C ARG B 588 -49.95 -60.52 48.50
N LEU B 589 -50.73 -60.54 49.58
CA LEU B 589 -50.98 -61.78 50.32
C LEU B 589 -52.41 -61.75 50.84
N GLY B 590 -52.84 -62.89 51.38
CA GLY B 590 -54.15 -62.96 51.98
C GLY B 590 -55.27 -62.72 50.99
N LYS B 591 -56.36 -62.14 51.49
CA LYS B 591 -57.53 -61.88 50.64
C LYS B 591 -57.20 -60.95 49.49
N TYR B 592 -56.19 -60.08 49.64
CA TYR B 592 -55.79 -59.21 48.56
C TYR B 592 -55.07 -59.93 47.43
N TRP B 593 -54.55 -61.13 47.68
CA TRP B 593 -53.78 -61.87 46.69
C TRP B 593 -54.69 -62.83 45.95
N ASN B 594 -54.38 -63.07 44.67
CA ASN B 594 -55.06 -64.07 43.87
C ASN B 594 -54.14 -64.50 42.74
N TYR B 595 -54.17 -65.79 42.42
CA TYR B 595 -53.30 -66.31 41.37
C TYR B 595 -53.72 -65.84 39.99
N ALA B 596 -54.99 -65.48 39.81
CA ALA B 596 -55.49 -65.08 38.50
C ALA B 596 -55.00 -63.71 38.06
N GLU B 597 -54.36 -62.96 38.96
CA GLU B 597 -53.92 -61.60 38.64
C GLU B 597 -52.47 -61.50 38.19
N ILE B 598 -51.77 -62.61 38.21
CA ILE B 598 -50.36 -62.64 37.82
C ILE B 598 -50.28 -62.88 36.33
N ASP B 599 -49.46 -62.09 35.64
CA ASP B 599 -49.40 -62.15 34.19
C ASP B 599 -49.02 -63.56 33.72
N LYS B 600 -49.22 -63.80 32.42
CA LYS B 600 -48.96 -65.12 31.87
C LYS B 600 -47.51 -65.54 32.09
N TYR B 601 -46.58 -64.67 31.75
CA TYR B 601 -45.17 -65.06 31.80
C TYR B 601 -44.74 -65.41 33.22
N SER B 602 -44.99 -64.52 34.19
CA SER B 602 -44.55 -64.79 35.54
C SER B 602 -45.22 -66.03 36.11
N ARG B 603 -46.50 -66.25 35.78
CA ARG B 603 -47.17 -67.47 36.21
C ARG B 603 -46.49 -68.70 35.62
N GLU B 604 -46.05 -68.58 34.37
CA GLU B 604 -45.37 -69.68 33.73
C GLU B 604 -44.08 -69.98 34.48
N ARG B 605 -43.34 -68.96 34.84
CA ARG B 605 -42.09 -69.16 35.55
C ARG B 605 -42.39 -69.74 36.92
N ILE B 606 -43.47 -69.31 37.56
CA ILE B 606 -43.84 -69.90 38.84
C ILE B 606 -44.07 -71.40 38.67
N GLN B 607 -44.80 -71.79 37.63
CA GLN B 607 -45.01 -73.21 37.37
C GLN B 607 -43.69 -73.93 37.17
N LYS B 608 -42.78 -73.35 36.41
CA LYS B 608 -41.50 -73.97 36.19
C LYS B 608 -40.75 -74.17 37.48
N ILE B 609 -40.71 -73.14 38.31
CA ILE B 609 -39.90 -73.22 39.53
C ILE B 609 -40.50 -74.21 40.52
N ILE B 610 -41.84 -74.25 40.63
CA ILE B 610 -42.42 -75.23 41.55
C ILE B 610 -42.18 -76.64 41.02
N THR B 611 -42.24 -76.80 39.70
CA THR B 611 -41.92 -78.08 39.09
C THR B 611 -40.46 -78.46 39.28
N GLY B 612 -39.60 -77.48 39.56
CA GLY B 612 -38.18 -77.76 39.66
C GLY B 612 -37.54 -78.17 38.36
N GLU B 613 -38.22 -77.93 37.23
CA GLU B 613 -37.71 -78.34 35.93
C GLU B 613 -36.63 -77.35 35.49
N TYR B 614 -35.96 -77.64 34.39
CA TYR B 614 -34.82 -76.87 33.91
C TYR B 614 -35.28 -75.74 33.01
N ASP B 615 -34.82 -74.52 33.31
CA ASP B 615 -35.09 -73.35 32.48
C ASP B 615 -33.80 -72.58 32.28
N GLU B 616 -33.60 -72.07 31.06
CA GLU B 616 -32.45 -71.21 30.80
C GLU B 616 -32.66 -69.80 31.35
N ASN B 617 -33.90 -69.39 31.56
CA ASN B 617 -34.21 -68.10 32.16
C ASN B 617 -34.20 -68.14 33.68
N ILE B 618 -34.05 -69.32 34.29
CA ILE B 618 -33.99 -69.48 35.74
C ILE B 618 -32.59 -69.91 36.10
N LYS B 619 -31.97 -69.19 37.04
CA LYS B 619 -30.61 -69.44 37.46
C LYS B 619 -30.57 -70.39 38.67
N ASP B 620 -29.37 -70.89 38.97
CA ASP B 620 -29.22 -71.80 40.10
C ASP B 620 -29.40 -71.08 41.43
N LYS B 621 -28.94 -69.83 41.50
CA LYS B 621 -29.20 -69.02 42.69
C LYS B 621 -30.69 -68.89 42.96
N VAL B 622 -31.52 -68.98 41.93
CA VAL B 622 -32.97 -68.96 42.11
C VAL B 622 -33.39 -70.18 42.92
N ARG B 623 -33.11 -71.36 42.40
CA ARG B 623 -33.56 -72.56 43.07
C ARG B 623 -32.96 -72.61 44.47
N GLU B 624 -31.74 -72.10 44.66
CA GLU B 624 -31.20 -71.99 46.00
C GLU B 624 -32.11 -71.13 46.89
N LYS B 625 -32.46 -69.94 46.40
CA LYS B 625 -33.27 -69.02 47.19
C LYS B 625 -34.71 -69.51 47.33
N SER B 626 -35.34 -69.89 46.22
CA SER B 626 -36.75 -70.22 46.18
C SER B 626 -37.02 -71.69 46.51
N VAL B 627 -36.08 -72.35 47.21
CA VAL B 627 -36.26 -73.76 47.53
C VAL B 627 -37.55 -73.97 48.32
N HIS B 628 -37.83 -73.09 49.27
CA HIS B 628 -39.04 -73.20 50.08
C HIS B 628 -40.32 -73.02 49.26
N LEU B 629 -40.24 -72.41 48.09
CA LEU B 629 -41.42 -72.12 47.28
C LEU B 629 -41.83 -73.36 46.47
N THR B 630 -42.21 -74.40 47.20
CA THR B 630 -42.59 -75.65 46.54
C THR B 630 -43.92 -75.50 45.82
N ILE B 631 -44.93 -74.94 46.49
CA ILE B 631 -46.28 -74.88 45.95
C ILE B 631 -46.54 -73.46 45.44
N GLU B 632 -47.55 -73.35 44.57
CA GLU B 632 -47.93 -72.05 44.03
C GLU B 632 -48.40 -71.12 45.14
N ASN B 633 -49.01 -71.67 46.19
CA ASN B 633 -49.51 -70.85 47.29
C ASN B 633 -48.39 -70.19 48.09
N ASP B 634 -47.19 -70.75 48.07
CA ASP B 634 -46.06 -70.12 48.75
C ASP B 634 -45.73 -68.76 48.17
N PHE B 635 -46.12 -68.48 46.93
CA PHE B 635 -45.81 -67.23 46.26
C PHE B 635 -46.77 -66.13 46.71
N GLN B 636 -46.74 -65.84 48.02
CA GLN B 636 -47.54 -64.78 48.60
C GLN B 636 -46.70 -63.99 49.59
N GLY B 637 -46.84 -62.67 49.55
CA GLY B 637 -46.10 -61.80 50.46
C GLY B 637 -44.60 -61.90 50.30
N LEU B 638 -44.12 -61.87 49.06
CA LEU B 638 -42.70 -61.96 48.81
C LEU B 638 -42.12 -60.57 48.83
N GLN B 639 -40.81 -60.48 49.02
CA GLN B 639 -40.16 -59.18 49.02
C GLN B 639 -39.77 -58.70 47.63
N LEU B 640 -39.25 -57.47 47.54
CA LEU B 640 -39.05 -56.82 46.25
C LEU B 640 -38.06 -57.58 45.37
N TRP B 641 -36.94 -58.00 45.94
CA TRP B 641 -35.90 -58.66 45.14
C TRP B 641 -36.44 -59.91 44.45
N LEU B 642 -37.14 -60.74 45.21
CA LEU B 642 -37.61 -62.00 44.66
C LEU B 642 -38.63 -61.77 43.57
N ALA B 643 -39.65 -60.98 43.87
CA ALA B 643 -40.68 -60.71 42.88
C ALA B 643 -40.08 -60.07 41.64
N GLN B 644 -39.12 -59.17 41.82
CA GLN B 644 -38.47 -58.53 40.69
C GLN B 644 -37.82 -59.58 39.79
N TYR B 645 -37.06 -60.50 40.38
CA TYR B 645 -36.46 -61.55 39.56
C TYR B 645 -37.53 -62.41 38.89
N ILE B 646 -38.49 -62.91 39.66
CA ILE B 646 -39.47 -63.84 39.10
C ILE B 646 -40.19 -63.20 37.92
N VAL B 647 -40.52 -61.91 38.04
CA VAL B 647 -41.21 -61.23 36.95
C VAL B 647 -40.27 -61.00 35.77
N TYR B 648 -39.01 -60.61 36.03
CA TYR B 648 -38.10 -60.21 34.93
C TYR B 648 -36.83 -61.04 34.72
N GLY B 649 -36.56 -62.00 35.58
CA GLY B 649 -35.42 -62.89 35.42
C GLY B 649 -34.04 -62.36 35.72
N ARG B 650 -33.92 -61.28 36.50
CA ARG B 650 -32.60 -60.80 36.87
C ARG B 650 -32.58 -60.41 38.35
N HIS B 651 -31.61 -60.94 39.09
CA HIS B 651 -31.38 -60.55 40.48
C HIS B 651 -30.88 -59.11 40.50
N SER B 652 -31.85 -58.18 40.50
CA SER B 652 -31.54 -56.76 40.59
C SER B 652 -30.57 -56.36 39.49
N GLU B 653 -29.82 -55.29 39.71
CA GLU B 653 -28.81 -54.85 38.76
C GLU B 653 -27.53 -55.66 38.98
N ALA B 654 -27.05 -56.30 37.91
CA ALA B 654 -25.82 -57.07 37.95
C ALA B 654 -24.71 -56.45 37.12
N SER B 655 -24.95 -55.31 36.48
CA SER B 655 -23.93 -54.62 35.70
C SER B 655 -23.48 -55.46 34.52
N MET B 656 -22.57 -54.92 33.71
CA MET B 656 -21.99 -55.63 32.59
C MET B 656 -20.48 -55.68 32.61
N ILE B 657 -19.82 -54.88 33.46
CA ILE B 657 -18.37 -54.92 33.60
C ILE B 657 -17.72 -54.44 32.31
N GLY B 658 -17.90 -55.21 31.24
CA GLY B 658 -17.41 -54.81 29.93
C GLY B 658 -15.90 -54.80 29.81
N LYS B 659 -15.40 -54.60 28.59
CA LYS B 659 -13.97 -54.58 28.32
C LYS B 659 -13.76 -53.95 26.95
N TRP B 660 -13.02 -52.84 26.90
CA TRP B 660 -12.69 -52.21 25.64
C TRP B 660 -11.52 -52.95 25.00
N ASN B 661 -11.65 -53.23 23.71
CA ASN B 661 -10.65 -54.01 22.97
C ASN B 661 -9.68 -53.14 22.19
N SER B 662 -10.09 -51.93 21.80
CA SER B 662 -9.25 -51.05 21.00
C SER B 662 -9.70 -49.62 21.24
N ALA B 663 -8.94 -48.68 20.66
CA ALA B 663 -9.29 -47.28 20.77
C ALA B 663 -10.64 -46.97 20.14
N ASN B 664 -11.13 -47.84 19.26
CA ASN B 664 -12.42 -47.58 18.62
C ASN B 664 -13.55 -47.56 19.64
N ASP B 665 -13.51 -48.48 20.62
CA ASP B 665 -14.51 -48.46 21.68
C ASP B 665 -14.45 -47.14 22.43
N LEU B 666 -13.24 -46.66 22.74
CA LEU B 666 -13.10 -45.41 23.48
C LEU B 666 -13.66 -44.24 22.69
N GLU B 667 -13.37 -44.18 21.38
CA GLU B 667 -13.84 -43.05 20.60
C GLU B 667 -15.35 -43.11 20.41
N VAL B 668 -15.92 -44.32 20.32
CA VAL B 668 -17.38 -44.42 20.31
C VAL B 668 -17.95 -43.91 21.62
N PHE B 669 -17.34 -44.30 22.74
CA PHE B 669 -17.75 -43.80 24.04
C PHE B 669 -17.74 -42.27 24.06
N LEU B 670 -16.66 -41.67 23.56
CA LEU B 670 -16.57 -40.21 23.53
C LEU B 670 -17.64 -39.62 22.62
N LYS B 671 -17.86 -40.20 21.44
CA LYS B 671 -18.81 -39.64 20.50
C LYS B 671 -20.22 -39.67 21.06
N ASP B 672 -20.57 -40.73 21.78
N ASP B 672 -20.57 -40.73 21.78
CA ASP B 672 -21.90 -40.87 22.34
CA ASP B 672 -21.90 -40.87 22.34
C ASP B 672 -22.06 -40.20 23.70
C ASP B 672 -22.06 -40.20 23.70
N PHE B 673 -21.01 -39.53 24.18
CA PHE B 673 -21.13 -38.79 25.44
C PHE B 673 -22.15 -37.66 25.30
N LYS B 674 -22.93 -37.45 26.35
CA LYS B 674 -23.97 -36.44 26.35
C LYS B 674 -23.55 -35.27 27.24
N GLN B 675 -23.86 -34.05 26.80
CA GLN B 675 -23.49 -32.87 27.56
C GLN B 675 -24.38 -32.72 28.78
N HIS B 676 -23.86 -31.99 29.78
CA HIS B 676 -24.58 -31.74 31.03
C HIS B 676 -24.91 -33.03 31.77
N SER B 677 -24.11 -34.07 31.54
CA SER B 677 -24.35 -35.37 32.16
C SER B 677 -23.74 -35.50 33.54
N LEU B 678 -22.93 -34.54 33.97
CA LEU B 678 -22.21 -34.63 35.24
C LEU B 678 -22.56 -33.44 36.13
N ARG B 679 -21.85 -33.33 37.25
CA ARG B 679 -22.18 -32.34 38.27
C ARG B 679 -22.17 -30.93 37.68
N ASN B 680 -21.10 -30.57 36.99
CA ASN B 680 -20.90 -29.21 36.51
C ASN B 680 -20.06 -29.26 35.25
N PRO B 681 -20.06 -28.19 34.46
CA PRO B 681 -19.26 -28.19 33.23
C PRO B 681 -17.78 -28.45 33.46
N ILE B 682 -17.24 -28.03 34.60
CA ILE B 682 -15.80 -28.09 34.80
C ILE B 682 -15.32 -29.55 34.79
N VAL B 683 -15.97 -30.39 35.60
CA VAL B 683 -15.55 -31.78 35.69
C VAL B 683 -15.79 -32.50 34.37
N GLU B 684 -16.90 -32.16 33.69
CA GLU B 684 -17.16 -32.75 32.38
C GLU B 684 -16.04 -32.44 31.40
N GLN B 685 -15.64 -31.17 31.32
CA GLN B 685 -14.57 -30.78 30.42
C GLN B 685 -13.28 -31.52 30.76
N VAL B 686 -12.93 -31.56 32.04
CA VAL B 686 -11.69 -32.19 32.45
C VAL B 686 -11.70 -33.67 32.09
N ILE B 687 -12.81 -34.35 32.39
CA ILE B 687 -12.88 -35.80 32.15
C ILE B 687 -12.83 -36.10 30.65
N THR B 688 -13.56 -35.30 29.86
CA THR B 688 -13.57 -35.54 28.42
C THR B 688 -12.18 -35.33 27.83
N GLU B 689 -11.49 -34.26 28.25
CA GLU B 689 -10.13 -34.05 27.76
C GLU B 689 -9.20 -35.16 28.22
N THR B 690 -9.41 -35.67 29.44
CA THR B 690 -8.60 -36.79 29.90
C THR B 690 -8.79 -38.00 29.01
N LEU B 691 -10.04 -38.31 28.65
CA LEU B 691 -10.29 -39.44 27.76
C LEU B 691 -9.65 -39.22 26.40
N ARG B 692 -9.76 -38.01 25.86
CA ARG B 692 -9.13 -37.73 24.56
C ARG B 692 -7.63 -37.92 24.63
N VAL B 693 -7.00 -37.43 25.69
CA VAL B 693 -5.55 -37.56 25.82
C VAL B 693 -5.16 -39.04 25.98
N VAL B 694 -5.95 -39.80 26.72
CA VAL B 694 -5.66 -41.22 26.87
C VAL B 694 -5.75 -41.93 25.53
N LYS B 695 -6.77 -41.59 24.73
CA LYS B 695 -6.87 -42.16 23.39
C LYS B 695 -5.67 -41.81 22.54
N ASP B 696 -5.24 -40.55 22.59
CA ASP B 696 -4.08 -40.14 21.80
C ASP B 696 -2.84 -40.91 22.22
N ILE B 697 -2.62 -41.06 23.53
CA ILE B 697 -1.46 -41.80 24.02
C ILE B 697 -1.54 -43.24 23.54
N TRP B 698 -2.71 -43.86 23.69
CA TRP B 698 -2.88 -45.24 23.27
C TRP B 698 -2.53 -45.41 21.80
N LEU B 699 -3.10 -44.57 20.94
CA LEU B 699 -2.82 -44.68 19.51
C LEU B 699 -1.35 -44.48 19.22
N LYS B 700 -0.75 -43.43 19.78
CA LYS B 700 0.62 -43.08 19.42
C LYS B 700 1.61 -44.16 19.85
N TYR B 701 1.47 -44.66 21.08
CA TYR B 701 2.50 -45.53 21.63
C TYR B 701 2.13 -47.02 21.61
N GLY B 702 0.92 -47.37 21.19
CA GLY B 702 0.53 -48.76 21.14
C GLY B 702 -0.35 -49.10 19.96
N ASN B 703 -0.53 -48.14 19.05
CA ASN B 703 -1.35 -48.34 17.86
C ASN B 703 -2.78 -48.70 18.19
N GLY B 704 -3.23 -48.42 19.42
CA GLY B 704 -4.55 -48.84 19.84
C GLY B 704 -4.68 -50.33 20.01
N THR B 705 -3.57 -51.06 20.11
CA THR B 705 -3.61 -52.50 20.26
C THR B 705 -4.24 -52.89 21.59
N LYS B 706 -4.90 -54.04 21.59
CA LYS B 706 -5.55 -54.53 22.81
C LYS B 706 -4.51 -54.73 23.92
N ASP B 707 -4.93 -54.41 25.15
CA ASP B 707 -4.14 -54.70 26.33
C ASP B 707 -2.73 -54.11 26.21
N PHE B 708 -2.67 -52.87 25.72
CA PHE B 708 -1.38 -52.19 25.63
C PHE B 708 -0.96 -51.64 26.98
N PHE B 709 -1.86 -50.98 27.69
CA PHE B 709 -1.57 -50.43 29.00
C PHE B 709 -1.71 -51.54 30.04
N ASN B 710 -0.62 -51.85 30.73
CA ASN B 710 -0.67 -52.90 31.74
C ASN B 710 -1.36 -52.41 33.01
N GLU B 711 -1.16 -51.14 33.37
CA GLU B 711 -1.81 -50.59 34.55
C GLU B 711 -1.95 -49.08 34.41
N ILE B 712 -3.00 -48.54 35.04
CA ILE B 712 -3.28 -47.12 35.05
C ILE B 712 -3.37 -46.68 36.51
N HIS B 713 -2.62 -45.65 36.84
CA HIS B 713 -2.67 -45.07 38.18
C HIS B 713 -3.24 -43.68 38.03
N ILE B 714 -4.04 -43.23 38.98
CA ILE B 714 -4.73 -41.95 38.89
C ILE B 714 -4.54 -41.18 40.19
N GLU B 715 -4.55 -39.86 40.09
CA GLU B 715 -4.57 -39.00 41.26
C GLU B 715 -5.24 -37.68 40.91
N LEU B 716 -5.77 -37.03 41.94
CA LEU B 716 -6.48 -35.76 41.81
C LEU B 716 -5.73 -34.60 42.43
N GLY B 717 -5.38 -34.70 43.71
CA GLY B 717 -4.66 -33.63 44.39
C GLY B 717 -5.40 -32.32 44.36
N ASP B 930 -14.48 -31.42 46.75
CA ASP B 930 -15.16 -30.70 45.69
C ASP B 930 -14.74 -31.24 44.32
N THR B 931 -13.44 -31.49 44.16
CA THR B 931 -12.94 -32.12 42.95
C THR B 931 -13.03 -33.64 43.02
N ARG B 932 -13.49 -34.19 44.15
CA ARG B 932 -13.47 -35.63 44.34
C ARG B 932 -14.32 -36.37 43.31
N TYR B 933 -15.23 -35.66 42.63
CA TYR B 933 -16.14 -36.33 41.70
C TYR B 933 -15.38 -37.12 40.65
N ILE B 934 -14.21 -36.64 40.25
CA ILE B 934 -13.44 -37.31 39.20
C ILE B 934 -12.72 -38.51 39.78
N SER B 935 -12.77 -38.67 41.10
CA SER B 935 -12.05 -39.75 41.75
C SER B 935 -12.57 -41.12 41.32
N LYS B 936 -13.89 -41.27 41.24
CA LYS B 936 -14.48 -42.57 40.97
C LYS B 936 -14.97 -42.71 39.54
N TYR B 937 -15.48 -41.64 38.94
CA TYR B 937 -16.05 -41.75 37.60
C TYR B 937 -14.99 -42.08 36.56
N ILE B 938 -13.85 -41.40 36.62
CA ILE B 938 -12.79 -41.65 35.65
C ILE B 938 -12.22 -43.05 35.84
N SER B 939 -12.06 -43.48 37.10
CA SER B 939 -11.59 -44.84 37.34
C SER B 939 -12.57 -45.86 36.79
N GLY B 940 -13.87 -45.64 36.99
CA GLY B 940 -14.85 -46.56 36.44
C GLY B 940 -14.80 -46.65 34.94
N ILE B 941 -14.70 -45.51 34.26
CA ILE B 941 -14.62 -45.54 32.80
C ILE B 941 -13.34 -46.24 32.35
N LEU B 942 -12.20 -45.89 32.96
CA LEU B 942 -10.93 -46.42 32.49
C LEU B 942 -10.71 -47.88 32.87
N SER B 943 -11.49 -48.41 33.81
CA SER B 943 -11.39 -49.83 34.12
C SER B 943 -11.72 -50.70 32.92
N ASN B 944 -12.42 -50.15 31.92
CA ASN B 944 -12.77 -50.90 30.72
C ASN B 944 -11.58 -51.13 29.80
N ILE B 945 -10.43 -50.53 30.08
CA ILE B 945 -9.28 -50.60 29.18
C ILE B 945 -8.26 -51.60 29.73
N VAL B 946 -8.20 -51.73 31.05
CA VAL B 946 -7.14 -52.51 31.67
C VAL B 946 -7.75 -53.65 32.49
N ARG B 947 -8.94 -54.07 32.12
CA ARG B 947 -9.62 -55.14 32.84
C ARG B 947 -9.09 -56.50 32.40
N VAL B 948 -9.42 -57.52 33.18
CA VAL B 948 -9.11 -58.91 32.87
C VAL B 948 -10.41 -59.68 32.82
N GLU B 949 -10.60 -60.47 31.76
CA GLU B 949 -11.86 -61.17 31.51
C GLU B 949 -11.86 -62.60 32.03
N ASP B 950 -10.83 -63.02 32.77
CA ASP B 950 -10.74 -64.39 33.24
C ASP B 950 -11.53 -64.64 34.52
N GLY B 951 -12.16 -63.61 35.09
CA GLY B 951 -12.99 -63.75 36.27
C GLY B 951 -12.34 -63.34 37.56
N SER B 952 -11.00 -63.25 37.59
CA SER B 952 -10.33 -62.78 38.80
C SER B 952 -10.69 -61.34 39.11
N ASP B 953 -10.79 -60.49 38.10
CA ASP B 953 -11.08 -59.06 38.27
C ASP B 953 -12.58 -58.85 38.06
N GLU B 954 -13.31 -58.66 39.15
CA GLU B 954 -14.72 -58.34 39.10
C GLU B 954 -15.06 -57.35 40.21
N GLY B 955 -15.72 -56.27 39.83
CA GLY B 955 -16.06 -55.22 40.77
C GLY B 955 -16.33 -53.94 40.03
N VAL B 956 -16.55 -52.87 40.82
CA VAL B 956 -16.80 -51.57 40.22
C VAL B 956 -15.60 -51.11 39.41
N ASN B 957 -14.40 -51.29 39.95
CA ASN B 957 -13.17 -50.92 39.28
C ASN B 957 -12.27 -52.14 39.13
N SER B 958 -11.52 -52.18 38.03
CA SER B 958 -10.54 -53.24 37.84
C SER B 958 -9.40 -53.09 38.84
N LYS B 959 -8.87 -54.23 39.29
CA LYS B 959 -7.77 -54.22 40.24
C LYS B 959 -6.53 -53.55 39.69
N ASN B 960 -6.43 -53.40 38.37
CA ASN B 960 -5.29 -52.73 37.76
C ASN B 960 -5.36 -51.22 37.92
N ILE B 961 -6.50 -50.66 38.30
CA ILE B 961 -6.61 -49.25 38.63
C ILE B 961 -6.13 -49.07 40.06
N VAL B 962 -5.15 -48.19 40.24
CA VAL B 962 -4.53 -47.99 41.56
C VAL B 962 -4.59 -46.51 41.92
N PRO B 963 -5.69 -46.03 42.51
CA PRO B 963 -5.74 -44.65 42.95
C PRO B 963 -4.64 -44.35 43.96
N GLY B 964 -4.05 -43.17 43.85
CA GLY B 964 -3.00 -42.73 44.74
C GLY B 964 -3.51 -41.80 45.84
N ASN B 965 -2.58 -41.02 46.37
CA ASN B 965 -2.89 -40.00 47.36
C ASN B 965 -1.66 -39.13 47.58
N GLY B 966 -1.85 -38.08 48.38
CA GLY B 966 -0.80 -37.08 48.54
C GLY B 966 0.44 -37.59 49.24
N LYS B 967 0.28 -38.43 50.26
CA LYS B 967 1.41 -38.77 51.12
C LYS B 967 2.45 -39.61 50.39
N ILE B 968 2.00 -40.63 49.64
CA ILE B 968 2.97 -41.40 48.86
C ILE B 968 3.69 -40.49 47.87
N THR B 969 2.93 -39.63 47.17
CA THR B 969 3.55 -38.79 46.15
C THR B 969 4.61 -37.88 46.76
N THR B 970 4.27 -37.17 47.84
CA THR B 970 5.24 -36.25 48.44
C THR B 970 6.43 -37.00 49.03
N GLN B 971 6.17 -38.12 49.69
CA GLN B 971 7.27 -38.89 50.29
C GLN B 971 8.24 -39.36 49.22
N LEU B 972 7.72 -39.86 48.10
CA LEU B 972 8.60 -40.34 47.04
C LEU B 972 9.31 -39.17 46.36
N LYS B 973 8.62 -38.05 46.16
CA LYS B 973 9.26 -36.89 45.55
C LYS B 973 10.44 -36.42 46.39
N GLN B 974 10.28 -36.38 47.71
CA GLN B 974 11.38 -35.95 48.57
C GLN B 974 12.48 -37.03 48.62
N ASP B 975 12.09 -38.29 48.75
CA ASP B 975 13.08 -39.36 48.86
C ASP B 975 13.85 -39.55 47.56
N TRP B 976 13.17 -39.49 46.42
CA TRP B 976 13.80 -39.69 45.13
C TRP B 976 14.51 -38.44 44.63
N GLY B 977 14.40 -37.33 45.35
CA GLY B 977 15.09 -36.11 44.98
C GLY B 977 14.41 -35.29 43.90
N LEU B 978 13.18 -35.65 43.50
CA LEU B 978 12.49 -34.86 42.50
C LEU B 978 12.26 -33.43 42.98
N ASN B 979 12.23 -33.22 44.29
CA ASN B 979 12.16 -31.86 44.82
C ASN B 979 13.40 -31.06 44.44
N ASP B 980 14.57 -31.69 44.51
CA ASP B 980 15.80 -31.01 44.10
C ASP B 980 15.73 -30.66 42.61
N VAL B 981 15.25 -31.60 41.79
CA VAL B 981 15.11 -31.33 40.36
C VAL B 981 14.18 -30.15 40.13
N TRP B 982 13.04 -30.13 40.83
CA TRP B 982 12.10 -29.04 40.66
C TRP B 982 12.71 -27.71 41.08
N ASN B 983 13.43 -27.71 42.20
CA ASN B 983 14.08 -26.49 42.67
C ASN B 983 15.06 -25.97 41.63
N ASP B 984 15.91 -26.86 41.10
CA ASP B 984 16.84 -26.44 40.06
C ASP B 984 16.10 -25.92 38.84
N LEU B 985 15.00 -26.56 38.46
CA LEU B 985 14.27 -26.16 37.28
C LEU B 985 13.68 -24.76 37.43
N ILE B 986 13.13 -24.44 38.61
CA ILE B 986 12.47 -23.15 38.80
C ILE B 986 13.41 -22.06 39.28
N LEU B 987 14.63 -22.40 39.69
CA LEU B 987 15.56 -21.42 40.24
C LEU B 987 15.81 -20.21 39.35
N PRO B 988 16.09 -20.37 38.04
CA PRO B 988 16.46 -19.19 37.24
C PRO B 988 15.41 -18.09 37.28
N ARG B 989 14.12 -18.44 37.36
CA ARG B 989 13.11 -17.41 37.53
C ARG B 989 13.35 -16.61 38.80
N PHE B 990 13.82 -17.29 39.85
CA PHE B 990 14.04 -16.59 41.12
C PHE B 990 15.30 -15.73 41.08
N GLU B 991 16.36 -16.16 40.40
CA GLU B 991 17.45 -15.19 40.17
C GLU B 991 16.99 -14.02 39.31
N ARG B 992 16.08 -14.26 38.36
CA ARG B 992 15.58 -13.13 37.58
C ARG B 992 14.83 -12.15 38.47
N MET B 993 14.01 -12.68 39.40
CA MET B 993 13.32 -11.81 40.34
C MET B 993 14.30 -11.07 41.24
N ASN B 994 15.35 -11.75 41.69
CA ASN B 994 16.37 -11.08 42.49
C ASN B 994 16.99 -9.91 41.71
N GLN B 995 17.35 -10.16 40.46
CA GLN B 995 17.92 -9.10 39.63
C GLN B 995 16.94 -7.94 39.46
N LEU B 996 15.67 -8.26 39.19
CA LEU B 996 14.67 -7.22 38.97
C LEU B 996 14.48 -6.38 40.22
N THR B 997 14.43 -7.02 41.39
CA THR B 997 14.26 -6.32 42.66
C THR B 997 15.57 -5.72 43.17
N ASN B 998 16.69 -6.02 42.52
CA ASN B 998 17.99 -5.51 42.95
C ASN B 998 18.27 -5.92 44.40
N SER B 999 17.91 -7.15 44.75
CA SER B 999 18.04 -7.66 46.10
C SER B 999 18.51 -9.11 46.03
N LYS B 1000 18.44 -9.80 47.17
CA LYS B 1000 18.82 -11.19 47.26
C LYS B 1000 17.81 -11.98 48.09
N ASP B 1001 16.64 -11.38 48.35
CA ASP B 1001 15.63 -11.98 49.22
C ASP B 1001 14.84 -13.09 48.55
N PHE B 1002 14.94 -13.25 47.23
CA PHE B 1002 14.20 -14.30 46.53
C PHE B 1002 14.96 -15.61 46.46
N THR B 1003 16.19 -15.66 46.98
CA THR B 1003 17.00 -16.87 46.96
C THR B 1003 17.77 -16.97 48.27
N ALA B 1004 17.71 -18.13 48.90
CA ALA B 1004 18.34 -18.35 50.19
C ALA B 1004 19.36 -19.48 50.08
N TRP B 1005 20.57 -19.24 50.56
CA TRP B 1005 21.59 -20.28 50.54
C TRP B 1005 21.34 -21.30 51.64
N ASN B 1006 21.61 -22.57 51.33
CA ASN B 1006 21.59 -23.64 52.31
C ASN B 1006 22.93 -24.35 52.25
N GLU B 1007 23.53 -24.53 53.43
CA GLU B 1007 24.84 -25.14 53.57
C GLU B 1007 24.78 -26.63 53.85
N ASN B 1008 23.59 -27.22 53.89
CA ASN B 1008 23.49 -28.67 53.89
C ASN B 1008 23.70 -29.22 52.48
N HIS B 1009 23.10 -28.59 51.49
CA HIS B 1009 23.27 -28.96 50.09
C HIS B 1009 24.26 -28.05 49.36
N GLN B 1010 24.73 -26.98 50.01
CA GLN B 1010 25.68 -26.04 49.42
C GLN B 1010 25.13 -25.43 48.13
N LYS B 1011 24.03 -24.69 48.24
CA LYS B 1011 23.49 -24.05 47.04
C LYS B 1011 22.34 -23.12 47.42
N PHE B 1012 21.94 -22.29 46.47
CA PHE B 1012 20.76 -21.43 46.61
C PHE B 1012 19.50 -22.25 46.36
N LEU B 1013 18.47 -21.97 47.15
CA LEU B 1013 17.12 -22.48 46.96
C LEU B 1013 16.15 -21.33 46.81
N PRO B 1014 15.16 -21.45 45.94
CA PRO B 1014 14.23 -20.33 45.73
C PRO B 1014 13.42 -20.03 47.00
N THR B 1015 13.08 -18.76 47.17
CA THR B 1015 12.30 -18.31 48.31
C THR B 1015 11.65 -16.98 47.97
N VAL B 1016 10.71 -16.57 48.80
CA VAL B 1016 9.99 -15.32 48.60
C VAL B 1016 10.00 -14.54 49.92
N PRO B 1017 10.11 -13.21 49.88
CA PRO B 1017 10.00 -12.45 51.14
C PRO B 1017 8.62 -12.57 51.75
N ILE B 1018 8.57 -12.38 53.07
CA ILE B 1018 7.36 -12.64 53.82
C ILE B 1018 6.21 -11.77 53.30
N GLU B 1019 6.49 -10.49 53.01
CA GLU B 1019 5.43 -9.59 52.56
C GLU B 1019 4.75 -10.09 51.30
N PHE B 1020 5.46 -10.84 50.45
CA PHE B 1020 4.90 -11.39 49.23
C PHE B 1020 4.62 -12.89 49.35
N SER B 1021 4.53 -13.40 50.56
CA SER B 1021 4.30 -14.83 50.82
C SER B 1021 2.84 -15.11 51.18
N LYS B 1022 1.91 -14.38 50.58
CA LYS B 1022 0.50 -14.56 50.91
C LYS B 1022 0.03 -15.98 50.58
N GLY B 1023 0.07 -16.34 49.30
CA GLY B 1023 -0.37 -17.64 48.86
C GLY B 1023 0.63 -18.28 47.91
N PHE B 1024 1.90 -17.97 48.08
CA PHE B 1024 2.93 -18.51 47.19
C PHE B 1024 3.01 -20.03 47.34
N SER B 1025 3.33 -20.69 46.23
CA SER B 1025 3.54 -22.14 46.21
C SER B 1025 4.58 -22.47 45.17
N LYS B 1026 5.58 -23.27 45.56
CA LYS B 1026 6.67 -23.59 44.66
C LYS B 1026 6.23 -24.49 43.51
N LYS B 1027 5.18 -25.28 43.71
CA LYS B 1027 4.75 -26.25 42.70
C LYS B 1027 3.75 -25.65 41.73
N ARG B 1028 3.08 -24.56 42.11
CA ARG B 1028 1.89 -24.07 41.43
C ARG B 1028 2.20 -22.98 40.40
N ILE B 1029 3.47 -22.64 40.19
CA ILE B 1029 3.83 -21.52 39.33
C ILE B 1029 4.23 -22.02 37.94
N ASP B 1030 4.22 -23.33 37.73
CA ASP B 1030 4.67 -23.91 36.47
C ASP B 1030 3.76 -25.07 36.10
N HIS B 1031 3.60 -25.30 34.80
CA HIS B 1031 2.67 -26.33 34.34
C HIS B 1031 3.30 -27.71 34.41
N ARG B 1032 4.63 -27.80 34.36
CA ARG B 1032 5.29 -29.09 34.29
C ARG B 1032 5.17 -29.88 35.59
N HIS B 1033 4.74 -29.26 36.68
CA HIS B 1033 4.56 -30.02 37.92
C HIS B 1033 3.46 -31.06 37.75
N HIS B 1034 2.48 -30.81 36.89
CA HIS B 1034 1.48 -31.84 36.62
C HIS B 1034 2.14 -33.09 36.06
N ALA B 1035 3.04 -32.92 35.10
CA ALA B 1035 3.76 -34.06 34.54
C ALA B 1035 4.64 -34.71 35.59
N LEU B 1036 5.24 -33.90 36.47
CA LEU B 1036 6.04 -34.45 37.56
C LEU B 1036 5.19 -35.35 38.46
N ASP B 1037 4.00 -34.87 38.81
CA ASP B 1037 3.09 -35.66 39.63
C ASP B 1037 2.69 -36.95 38.91
N ALA B 1038 2.43 -36.83 37.61
CA ALA B 1038 2.08 -38.02 36.83
C ALA B 1038 3.22 -39.03 36.86
N LEU B 1039 4.46 -38.56 36.70
CA LEU B 1039 5.60 -39.47 36.74
C LEU B 1039 5.71 -40.16 38.09
N VAL B 1040 5.66 -39.39 39.17
CA VAL B 1040 5.82 -40.00 40.49
C VAL B 1040 4.70 -41.01 40.73
N ILE B 1041 3.48 -40.69 40.31
CA ILE B 1041 2.38 -41.63 40.47
C ILE B 1041 2.61 -42.90 39.66
N ALA B 1042 3.07 -42.75 38.42
CA ALA B 1042 3.21 -43.91 37.52
C ALA B 1042 4.21 -44.94 38.03
N CYS B 1043 5.09 -44.57 38.95
CA CYS B 1043 6.10 -45.48 39.45
C CYS B 1043 5.70 -46.14 40.78
N ALA B 1044 4.87 -45.50 41.58
CA ALA B 1044 4.43 -46.06 42.85
C ALA B 1044 3.57 -47.27 42.57
N THR B 1045 4.13 -48.47 42.80
CA THR B 1045 3.39 -49.69 42.59
C THR B 1045 2.28 -49.84 43.62
N THR B 1046 1.40 -50.82 43.40
CA THR B 1046 0.37 -51.11 44.38
C THR B 1046 0.98 -51.39 45.74
N ASP B 1047 2.18 -51.96 45.77
CA ASP B 1047 2.85 -52.23 47.04
C ASP B 1047 3.12 -50.94 47.80
N HIS B 1048 3.56 -49.89 47.09
CA HIS B 1048 3.87 -48.63 47.76
C HIS B 1048 2.62 -48.03 48.41
N VAL B 1049 1.53 -47.97 47.65
CA VAL B 1049 0.30 -47.40 48.21
C VAL B 1049 -0.19 -48.23 49.38
N ASN B 1050 -0.16 -49.56 49.23
CA ASN B 1050 -0.59 -50.42 50.35
C ASN B 1050 0.28 -50.17 51.57
N LEU B 1051 1.59 -50.08 51.38
CA LEU B 1051 2.51 -49.91 52.51
C LEU B 1051 2.27 -48.60 53.23
N LEU B 1052 2.16 -47.50 52.49
CA LEU B 1052 2.03 -46.19 53.13
C LEU B 1052 0.59 -45.86 53.52
N ASN B 1053 -0.40 -46.64 53.09
CA ASN B 1053 -1.77 -46.46 53.53
C ASN B 1053 -2.13 -47.35 54.72
N ASN B 1054 -1.52 -48.53 54.81
CA ASN B 1054 -1.70 -49.44 55.93
C ASN B 1054 -0.38 -49.69 56.63
N GLN B 1055 0.40 -48.63 56.85
CA GLN B 1055 1.68 -48.77 57.51
C GLN B 1055 1.54 -49.41 58.89
N SER B 1056 0.40 -49.23 59.55
CA SER B 1056 0.13 -49.95 60.79
C SER B 1056 0.22 -51.45 60.54
N ALA B 1057 1.23 -52.10 61.13
CA ALA B 1057 1.53 -53.49 60.83
C ALA B 1057 0.98 -54.47 61.86
N LYS B 1058 0.88 -54.06 63.13
CA LYS B 1058 0.55 -54.93 64.25
C LYS B 1058 1.73 -55.86 64.55
N SER B 1059 2.76 -55.82 63.71
CA SER B 1059 3.97 -56.63 63.88
C SER B 1059 5.02 -56.15 62.89
N ASP B 1060 6.23 -55.89 63.36
CA ASP B 1060 7.27 -55.40 62.46
C ASP B 1060 7.55 -56.39 61.34
N THR B 1061 7.46 -57.69 61.62
CA THR B 1061 7.87 -58.69 60.65
C THR B 1061 6.97 -58.71 59.42
N LYS B 1062 5.64 -58.71 59.63
CA LYS B 1062 4.72 -58.90 58.51
C LYS B 1062 4.85 -57.79 57.47
N ARG B 1063 5.29 -56.59 57.87
CA ARG B 1063 5.54 -55.52 56.92
C ARG B 1063 7.01 -55.26 56.67
N TYR B 1064 7.90 -55.91 57.43
CA TYR B 1064 9.34 -55.75 57.17
C TYR B 1064 9.70 -56.22 55.78
N ASP B 1065 8.96 -57.18 55.23
CA ASP B 1065 9.21 -57.61 53.85
C ASP B 1065 9.05 -56.46 52.88
N LEU B 1066 7.95 -55.71 53.00
CA LEU B 1066 7.75 -54.54 52.13
C LEU B 1066 8.78 -53.46 52.43
N LYS B 1067 9.13 -53.29 53.71
CA LYS B 1067 10.17 -52.32 54.06
C LYS B 1067 11.45 -52.63 53.29
N LYS B 1068 11.92 -53.88 53.36
CA LYS B 1068 13.14 -54.26 52.66
C LYS B 1068 12.99 -54.13 51.16
N LYS B 1069 11.87 -54.59 50.60
CA LYS B 1069 11.72 -54.60 49.16
C LYS B 1069 11.60 -53.19 48.58
N LEU B 1070 11.16 -52.22 49.39
CA LEU B 1070 10.85 -50.89 48.89
C LEU B 1070 11.68 -49.77 49.49
N MET B 1071 12.30 -49.97 50.66
CA MET B 1071 13.04 -48.91 51.33
C MET B 1071 14.50 -49.30 51.52
N LYS B 1072 15.38 -48.30 51.43
CA LYS B 1072 16.78 -48.50 51.71
C LYS B 1072 17.03 -48.45 53.21
N PHE B 1073 17.91 -49.34 53.68
CA PHE B 1073 18.24 -49.41 55.10
C PHE B 1073 19.68 -48.98 55.34
N PRO B 1092 14.10 -48.33 57.77
CA PRO B 1092 13.15 -47.52 56.99
C PRO B 1092 13.60 -46.07 56.86
N LYS B 1093 14.44 -45.80 55.86
CA LYS B 1093 14.99 -44.46 55.66
C LYS B 1093 14.43 -43.80 54.40
N GLN B 1094 14.57 -44.44 53.24
CA GLN B 1094 14.09 -43.88 51.99
C GLN B 1094 13.70 -45.00 51.05
N PHE B 1095 12.88 -44.67 50.06
CA PHE B 1095 12.49 -45.64 49.04
C PHE B 1095 13.57 -45.73 47.97
N LEU B 1096 13.85 -46.96 47.54
CA LEU B 1096 14.75 -47.16 46.42
C LEU B 1096 14.13 -46.58 45.15
N LYS B 1097 14.95 -45.94 44.33
CA LYS B 1097 14.46 -45.41 43.08
C LYS B 1097 13.99 -46.55 42.18
N PRO B 1098 13.00 -46.29 41.32
CA PRO B 1098 12.51 -47.37 40.45
C PRO B 1098 13.59 -47.97 39.58
N TRP B 1099 14.57 -47.17 39.16
CA TRP B 1099 15.75 -47.69 38.48
C TRP B 1099 16.91 -46.73 38.72
N GLU B 1100 18.08 -47.09 38.17
CA GLU B 1100 19.32 -46.42 38.56
C GLU B 1100 19.30 -44.94 38.17
N LYS B 1101 19.02 -44.66 36.90
CA LYS B 1101 19.08 -43.30 36.37
C LYS B 1101 17.73 -42.59 36.38
N PHE B 1102 16.86 -42.93 37.32
CA PHE B 1102 15.53 -42.34 37.33
C PHE B 1102 15.60 -40.83 37.48
N THR B 1103 16.46 -40.33 38.37
CA THR B 1103 16.56 -38.88 38.55
C THR B 1103 17.02 -38.22 37.26
N VAL B 1104 18.02 -38.79 36.59
CA VAL B 1104 18.53 -38.19 35.36
C VAL B 1104 17.46 -38.18 34.28
N ASP B 1105 16.78 -39.32 34.09
CA ASP B 1105 15.75 -39.39 33.06
C ASP B 1105 14.61 -38.44 33.36
N ALA B 1106 14.20 -38.35 34.63
CA ALA B 1106 13.14 -37.43 35.01
C ALA B 1106 13.53 -36.00 34.71
N LYS B 1107 14.75 -35.60 35.10
CA LYS B 1107 15.20 -34.25 34.82
C LYS B 1107 15.20 -33.98 33.32
N HIS B 1108 15.73 -34.92 32.53
CA HIS B 1108 15.83 -34.72 31.10
C HIS B 1108 14.45 -34.58 30.46
N ASN B 1109 13.51 -35.45 30.83
CA ASN B 1109 12.19 -35.37 30.24
C ASN B 1109 11.46 -34.10 30.68
N LEU B 1110 11.57 -33.76 31.97
CA LEU B 1110 10.91 -32.55 32.48
C LEU B 1110 11.41 -31.31 31.77
N GLU B 1111 12.72 -31.21 31.54
CA GLU B 1111 13.23 -30.03 30.85
C GLU B 1111 12.89 -30.03 29.36
N SER B 1112 12.25 -31.09 28.86
CA SER B 1112 11.93 -31.23 27.45
C SER B 1112 10.43 -31.50 27.28
N ILE B 1113 9.59 -30.71 27.93
CA ILE B 1113 8.14 -30.81 27.82
C ILE B 1113 7.62 -29.51 27.22
N ILE B 1114 6.71 -29.64 26.26
CA ILE B 1114 6.00 -28.50 25.69
C ILE B 1114 4.56 -28.60 26.17
N VAL B 1115 4.06 -27.55 26.83
CA VAL B 1115 2.71 -27.55 27.34
C VAL B 1115 1.74 -27.29 26.19
N SER B 1116 0.74 -28.15 26.04
CA SER B 1116 -0.28 -28.02 25.01
C SER B 1116 -1.52 -27.38 25.61
N PHE B 1117 -2.03 -26.35 24.94
CA PHE B 1117 -3.17 -25.59 25.42
C PHE B 1117 -4.36 -25.78 24.48
N LYS B 1118 -5.52 -26.06 25.07
CA LYS B 1118 -6.75 -26.14 24.30
C LYS B 1118 -7.18 -24.75 23.86
N GLN B 1119 -7.69 -24.65 22.64
CA GLN B 1119 -8.08 -23.38 22.05
C GLN B 1119 -9.57 -23.38 21.72
N ASN B 1120 -10.19 -22.21 21.87
CA ASN B 1120 -11.59 -21.99 21.49
C ASN B 1120 -11.62 -20.81 20.54
N LEU B 1121 -11.76 -21.09 19.24
CA LEU B 1121 -11.77 -20.07 18.20
C LEU B 1121 -13.10 -20.02 17.46
N ARG B 1122 -14.14 -20.59 18.05
CA ARG B 1122 -15.45 -20.55 17.41
C ARG B 1122 -15.90 -19.11 17.22
N VAL B 1123 -16.36 -18.79 16.01
CA VAL B 1123 -16.87 -17.47 15.69
C VAL B 1123 -18.29 -17.60 15.19
N ILE B 1124 -18.46 -18.36 14.11
CA ILE B 1124 -19.77 -18.66 13.55
C ILE B 1124 -19.97 -20.17 13.56
N ASN B 1125 -21.23 -20.58 13.68
CA ASN B 1125 -21.55 -22.00 13.60
C ASN B 1125 -22.98 -22.14 13.11
N LYS B 1126 -23.24 -23.16 12.31
CA LYS B 1126 -24.57 -23.31 11.74
C LYS B 1126 -25.57 -23.62 12.86
N ALA B 1127 -26.77 -23.04 12.74
CA ALA B 1127 -27.83 -23.24 13.70
C ALA B 1127 -29.11 -23.63 12.98
N THR B 1128 -29.88 -24.51 13.61
CA THR B 1128 -31.14 -24.99 13.07
C THR B 1128 -32.30 -24.40 13.85
N ASN B 1129 -33.32 -23.95 13.13
CA ASN B 1129 -34.49 -23.32 13.73
C ASN B 1129 -35.73 -24.04 13.23
N TYR B 1130 -36.48 -24.64 14.15
CA TYR B 1130 -37.76 -25.26 13.87
C TYR B 1130 -38.85 -24.44 14.54
N TYR B 1131 -39.81 -23.97 13.75
CA TYR B 1131 -40.88 -23.12 14.28
C TYR B 1131 -42.24 -23.65 13.86
N GLU B 1132 -43.24 -23.41 14.70
CA GLU B 1132 -44.58 -23.87 14.43
C GLU B 1132 -45.17 -23.11 13.24
N LYS B 1133 -45.99 -23.79 12.45
CA LYS B 1133 -46.55 -23.19 11.26
C LYS B 1133 -47.59 -24.15 10.69
N TYR B 1134 -48.60 -23.58 10.04
CA TYR B 1134 -49.64 -24.37 9.40
C TYR B 1134 -49.18 -24.80 8.01
N VAL B 1135 -49.19 -26.09 7.76
CA VAL B 1135 -48.81 -26.66 6.47
C VAL B 1135 -50.05 -27.26 5.82
N GLU B 1136 -50.14 -27.13 4.50
CA GLU B 1136 -51.27 -27.63 3.74
C GLU B 1136 -50.90 -28.97 3.13
N LYS B 1137 -51.39 -30.05 3.73
CA LYS B 1137 -51.14 -31.41 3.26
C LYS B 1137 -52.48 -32.10 3.04
N ASP B 1138 -52.59 -32.80 1.91
CA ASP B 1138 -53.81 -33.54 1.57
C ASP B 1138 -55.04 -32.66 1.67
N GLY B 1139 -54.91 -31.42 1.19
CA GLY B 1139 -56.02 -30.50 1.20
C GLY B 1139 -56.49 -30.07 2.57
N THR B 1140 -55.63 -30.19 3.59
CA THR B 1140 -56.00 -29.82 4.95
C THR B 1140 -54.85 -29.08 5.60
N LYS B 1141 -55.19 -28.08 6.42
CA LYS B 1141 -54.19 -27.32 7.18
C LYS B 1141 -53.93 -28.03 8.50
N ASN B 1142 -52.65 -28.23 8.81
CA ASN B 1142 -52.24 -28.87 10.05
C ASN B 1142 -51.02 -28.18 10.62
N LYS B 1143 -51.01 -27.97 11.92
CA LYS B 1143 -49.90 -27.30 12.57
C LYS B 1143 -48.73 -28.26 12.76
N GLU B 1144 -47.55 -27.86 12.33
CA GLU B 1144 -46.36 -28.69 12.46
C GLU B 1144 -45.13 -27.79 12.44
N ARG B 1145 -43.98 -28.40 12.72
CA ARG B 1145 -42.74 -27.66 12.86
C ARG B 1145 -41.99 -27.62 11.53
N VAL B 1146 -41.89 -26.42 10.96
CA VAL B 1146 -41.16 -26.21 9.72
C VAL B 1146 -39.76 -25.71 10.05
N GLU B 1147 -38.79 -26.13 9.26
CA GLU B 1147 -37.41 -25.72 9.44
C GLU B 1147 -37.17 -24.38 8.75
N GLN B 1148 -36.28 -23.58 9.34
CA GLN B 1148 -35.91 -22.31 8.72
C GLN B 1148 -34.99 -22.57 7.54
N ALA B 1149 -35.35 -21.98 6.39
CA ALA B 1149 -34.57 -22.21 5.17
C ALA B 1149 -33.32 -21.33 5.16
N GLY B 1150 -32.63 -21.34 4.03
CA GLY B 1150 -31.45 -20.53 3.88
C GLY B 1150 -30.37 -20.89 4.87
N THR B 1151 -29.26 -20.14 4.79
CA THR B 1151 -28.13 -20.31 5.69
C THR B 1151 -28.27 -19.30 6.81
N ASN B 1152 -28.37 -19.80 8.04
CA ASN B 1152 -28.50 -18.96 9.23
C ASN B 1152 -27.36 -19.32 10.17
N TRP B 1153 -26.42 -18.39 10.35
CA TRP B 1153 -25.31 -18.63 11.25
C TRP B 1153 -25.63 -18.13 12.65
N ALA B 1154 -24.96 -18.71 13.63
CA ALA B 1154 -25.03 -18.29 15.02
C ALA B 1154 -23.65 -17.78 15.41
N ILE B 1155 -23.61 -16.58 15.95
CA ILE B 1155 -22.35 -15.95 16.36
C ILE B 1155 -21.98 -16.48 17.74
N ARG B 1156 -20.83 -17.14 17.81
CA ARG B 1156 -20.43 -17.87 19.02
C ARG B 1156 -19.56 -17.04 19.95
N LYS B 1157 -19.59 -15.72 19.84
CA LYS B 1157 -18.89 -14.84 20.76
C LYS B 1157 -19.74 -13.59 21.00
N PRO B 1158 -19.53 -12.91 22.13
CA PRO B 1158 -20.18 -11.61 22.32
C PRO B 1158 -19.57 -10.58 21.39
N MET B 1159 -20.41 -9.97 20.56
CA MET B 1159 -19.91 -9.07 19.52
C MET B 1159 -19.45 -7.72 20.06
N HIS B 1160 -19.84 -7.34 21.27
CA HIS B 1160 -19.46 -6.03 21.79
C HIS B 1160 -19.82 -5.97 23.27
N LYS B 1161 -19.39 -4.89 23.92
CA LYS B 1161 -19.73 -4.64 25.29
C LYS B 1161 -21.13 -4.01 25.39
N ASP B 1162 -21.70 -4.06 26.59
CA ASP B 1162 -23.10 -3.67 26.75
C ASP B 1162 -23.28 -2.16 26.71
N THR B 1163 -22.35 -1.42 27.29
CA THR B 1163 -22.51 0.04 27.36
C THR B 1163 -22.54 0.64 25.96
N VAL B 1164 -23.49 1.55 25.74
CA VAL B 1164 -23.68 2.20 24.44
C VAL B 1164 -23.48 3.70 24.63
N SER B 1165 -22.66 4.29 23.78
CA SER B 1165 -22.31 5.69 23.85
C SER B 1165 -22.72 6.39 22.56
N GLY B 1166 -23.17 7.64 22.70
CA GLY B 1166 -23.57 8.45 21.57
C GLY B 1166 -22.39 9.20 20.97
N LYS B 1167 -22.58 9.69 19.76
CA LYS B 1167 -21.54 10.43 19.05
C LYS B 1167 -21.72 11.93 19.27
N VAL B 1168 -20.61 12.59 19.60
CA VAL B 1168 -20.63 14.02 19.88
C VAL B 1168 -19.43 14.71 19.23
N ASP B 1169 -19.59 15.97 18.84
CA ASP B 1169 -18.52 16.75 18.23
C ASP B 1169 -18.34 18.02 19.06
N LEU B 1170 -17.26 18.06 19.83
CA LEU B 1170 -16.95 19.22 20.66
C LEU B 1170 -15.88 20.06 19.97
N PRO B 1171 -16.19 21.28 19.53
CA PRO B 1171 -15.16 22.09 18.87
C PRO B 1171 -13.96 22.39 19.75
N TRP B 1172 -14.14 22.42 21.07
CA TRP B 1172 -13.08 22.84 21.99
C TRP B 1172 -12.14 21.71 22.38
N VAL B 1173 -12.06 20.65 21.58
CA VAL B 1173 -11.10 19.57 21.79
C VAL B 1173 -10.51 19.20 20.45
N LYS B 1174 -9.26 18.77 20.44
CA LYS B 1174 -8.59 18.36 19.22
C LYS B 1174 -8.82 16.88 18.97
N VAL B 1175 -9.35 16.55 17.80
CA VAL B 1175 -9.63 15.17 17.43
C VAL B 1175 -8.60 14.70 16.41
N PRO B 1176 -7.66 13.83 16.78
CA PRO B 1176 -6.72 13.31 15.78
C PRO B 1176 -7.46 12.48 14.73
N LYS B 1177 -6.92 12.49 13.51
CA LYS B 1177 -7.51 11.72 12.43
C LYS B 1177 -7.55 10.25 12.79
N GLY B 1178 -8.68 9.61 12.51
CA GLY B 1178 -8.87 8.21 12.84
C GLY B 1178 -9.41 7.93 14.23
N LYS B 1179 -9.82 8.96 14.97
CA LYS B 1179 -10.38 8.79 16.30
C LYS B 1179 -11.64 9.65 16.43
N ILE B 1180 -12.50 9.25 17.37
CA ILE B 1180 -13.82 9.86 17.52
C ILE B 1180 -14.12 10.08 18.99
N LEU B 1181 -15.03 11.02 19.24
CA LEU B 1181 -15.46 11.36 20.59
C LEU B 1181 -16.84 10.79 20.85
N THR B 1182 -16.97 9.98 21.90
CA THR B 1182 -18.22 9.33 22.25
C THR B 1182 -18.56 9.64 23.70
N ALA B 1183 -19.80 10.03 23.95
CA ALA B 1183 -20.25 10.46 25.27
C ALA B 1183 -21.33 9.54 25.80
N THR B 1184 -21.24 9.24 27.09
CA THR B 1184 -22.22 8.41 27.78
C THR B 1184 -22.56 9.05 29.11
N ARG B 1185 -23.78 8.79 29.58
CA ARG B 1185 -24.26 9.39 30.81
C ARG B 1185 -23.65 8.69 32.02
N LYS B 1186 -23.36 9.46 33.06
CA LYS B 1186 -22.80 8.94 34.31
C LYS B 1186 -23.41 9.70 35.48
N SER B 1187 -23.55 9.01 36.60
CA SER B 1187 -24.06 9.63 37.80
C SER B 1187 -23.00 10.53 38.43
N LEU B 1188 -23.45 11.68 38.94
CA LEU B 1188 -22.55 12.61 39.62
C LEU B 1188 -22.29 12.10 41.03
N ASP B 1189 -21.02 11.90 41.36
CA ASP B 1189 -20.66 11.27 42.63
C ASP B 1189 -19.35 11.89 43.13
N SER B 1190 -18.79 11.29 44.19
CA SER B 1190 -17.57 11.79 44.80
C SER B 1190 -16.34 11.54 43.95
N SER B 1191 -16.44 10.76 42.88
CA SER B 1191 -15.30 10.47 42.02
C SER B 1191 -15.10 11.53 40.95
N PHE B 1192 -15.72 12.71 41.10
CA PHE B 1192 -15.64 13.78 40.12
C PHE B 1192 -14.72 14.86 40.65
N ASP B 1193 -13.46 14.83 40.22
CA ASP B 1193 -12.51 15.87 40.54
C ASP B 1193 -12.43 16.84 39.36
N LEU B 1194 -11.49 17.81 39.44
CA LEU B 1194 -11.34 18.76 38.34
C LEU B 1194 -10.95 18.05 37.05
N LYS B 1195 -10.04 17.08 37.13
CA LYS B 1195 -9.65 16.33 35.94
C LYS B 1195 -10.86 15.67 35.29
N SER B 1196 -11.63 14.91 36.07
CA SER B 1196 -12.82 14.26 35.55
C SER B 1196 -13.88 15.28 35.14
N ILE B 1197 -14.07 16.34 35.93
CA ILE B 1197 -15.04 17.36 35.59
C ILE B 1197 -14.70 17.99 34.24
N GLY B 1198 -13.42 17.97 33.87
CA GLY B 1198 -13.00 18.48 32.58
C GLY B 1198 -13.39 17.62 31.41
N SER B 1199 -13.99 16.45 31.66
CA SER B 1199 -14.41 15.55 30.60
C SER B 1199 -15.92 15.55 30.39
N ILE B 1200 -16.63 16.51 30.99
CA ILE B 1200 -18.06 16.65 30.78
C ILE B 1200 -18.29 17.43 29.49
N THR B 1201 -19.16 16.90 28.63
CA THR B 1201 -19.39 17.56 27.34
C THR B 1201 -19.96 18.95 27.51
N ASP B 1202 -21.01 19.09 28.31
CA ASP B 1202 -21.65 20.39 28.49
C ASP B 1202 -20.71 21.33 29.24
N THR B 1203 -20.67 22.58 28.78
CA THR B 1203 -19.79 23.57 29.40
C THR B 1203 -20.46 24.30 30.55
N GLY B 1204 -21.77 24.54 30.49
CA GLY B 1204 -22.46 25.13 31.62
C GLY B 1204 -22.39 24.25 32.85
N ILE B 1205 -22.54 22.93 32.66
CA ILE B 1205 -22.37 22.01 33.78
C ILE B 1205 -20.95 22.05 34.30
N GLN B 1206 -19.95 22.13 33.41
CA GLN B 1206 -18.58 22.25 33.88
C GLN B 1206 -18.40 23.49 34.75
N LYS B 1207 -18.95 24.62 34.30
CA LYS B 1207 -18.86 25.86 35.07
C LYS B 1207 -19.49 25.69 36.45
N ILE B 1208 -20.72 25.18 36.49
CA ILE B 1208 -21.45 25.09 37.76
C ILE B 1208 -20.73 24.12 38.69
N LEU B 1209 -20.28 22.99 38.17
CA LEU B 1209 -19.59 22.00 38.99
C LEU B 1209 -18.28 22.56 39.54
N LYS B 1210 -17.51 23.27 38.71
CA LYS B 1210 -16.28 23.87 39.21
C LYS B 1210 -16.57 24.88 40.31
N ASN B 1211 -17.61 25.71 40.12
CA ASN B 1211 -17.95 26.69 41.14
C ASN B 1211 -18.32 26.00 42.45
N TYR B 1212 -19.18 24.98 42.38
CA TYR B 1212 -19.58 24.27 43.59
C TYR B 1212 -18.39 23.62 44.27
N LEU B 1213 -17.53 22.97 43.50
CA LEU B 1213 -16.37 22.29 44.09
C LEU B 1213 -15.44 23.29 44.75
N ALA B 1214 -15.24 24.45 44.13
CA ALA B 1214 -14.41 25.48 44.74
C ALA B 1214 -15.03 25.97 46.04
N PHE B 1215 -16.35 26.19 46.04
CA PHE B 1215 -17.01 26.62 47.27
C PHE B 1215 -16.89 25.58 48.37
N LYS B 1216 -16.61 24.32 48.00
CA LYS B 1216 -16.44 23.23 48.95
C LYS B 1216 -14.98 22.86 49.16
N ASP B 1217 -14.09 23.85 49.18
CA ASP B 1217 -12.67 23.64 49.46
C ASP B 1217 -12.02 22.76 48.40
N GLY B 1218 -12.68 22.59 47.26
CA GLY B 1218 -12.14 21.73 46.22
C GLY B 1218 -12.06 20.27 46.64
N ASN B 1219 -13.05 19.81 47.40
CA ASN B 1219 -13.07 18.44 47.92
C ASN B 1219 -14.28 17.70 47.36
N PRO B 1220 -14.11 16.86 46.33
CA PRO B 1220 -15.28 16.18 45.75
C PRO B 1220 -16.03 15.31 46.75
N GLU B 1221 -15.32 14.68 47.69
CA GLU B 1221 -15.98 13.84 48.67
C GLU B 1221 -17.10 14.61 49.39
N LEU B 1222 -16.80 15.82 49.86
CA LEU B 1222 -17.80 16.66 50.50
C LEU B 1222 -18.78 17.24 49.49
N ALA B 1223 -18.28 17.66 48.32
CA ALA B 1223 -19.11 18.38 47.37
C ALA B 1223 -20.15 17.48 46.74
N PHE B 1224 -19.74 16.29 46.29
CA PHE B 1224 -20.59 15.43 45.47
C PHE B 1224 -21.10 14.20 46.23
N SER B 1225 -21.14 14.27 47.56
CA SER B 1225 -21.89 13.28 48.31
C SER B 1225 -23.38 13.53 48.11
N PRO B 1226 -24.23 12.54 48.40
CA PRO B 1226 -25.67 12.74 48.19
C PRO B 1226 -26.20 13.98 48.87
N GLU B 1227 -25.74 14.26 50.10
CA GLU B 1227 -26.14 15.50 50.77
C GLU B 1227 -25.59 16.71 50.03
N GLY B 1228 -24.35 16.64 49.58
CA GLY B 1228 -23.78 17.74 48.81
C GLY B 1228 -24.52 17.97 47.50
N ILE B 1229 -24.89 16.89 46.83
CA ILE B 1229 -25.63 17.03 45.57
C ILE B 1229 -27.01 17.63 45.83
N ASP B 1230 -27.66 17.21 46.92
CA ASP B 1230 -28.94 17.82 47.28
C ASP B 1230 -28.79 19.31 47.53
N ASP B 1231 -27.77 19.68 48.31
CA ASP B 1231 -27.51 21.10 48.55
C ASP B 1231 -27.31 21.85 47.25
N LEU B 1232 -26.51 21.28 46.34
CA LEU B 1232 -26.23 21.94 45.08
C LEU B 1232 -27.51 22.15 44.27
N ASN B 1233 -28.34 21.11 44.16
CA ASN B 1233 -29.58 21.25 43.40
C ASN B 1233 -30.52 22.24 44.05
N LYS B 1234 -30.49 22.36 45.38
CA LYS B 1234 -31.35 23.34 46.05
C LYS B 1234 -30.96 24.77 45.65
N ASN B 1235 -29.66 25.04 45.56
CA ASN B 1235 -29.14 26.39 45.38
C ASN B 1235 -28.32 26.51 44.10
N ILE B 1236 -28.86 26.02 42.99
CA ILE B 1236 -28.14 26.07 41.73
C ILE B 1236 -28.01 27.51 41.23
N GLU B 1237 -28.76 28.44 41.83
CA GLU B 1237 -28.62 29.85 41.47
C GLU B 1237 -27.26 30.39 41.87
N LYS B 1238 -26.80 30.05 43.08
CA LYS B 1238 -25.60 30.67 43.63
C LYS B 1238 -24.34 30.26 42.90
N TYR B 1239 -24.37 29.19 42.12
CA TYR B 1239 -23.19 28.69 41.42
C TYR B 1239 -23.30 28.84 39.91
N ASN B 1240 -24.34 29.52 39.42
CA ASN B 1240 -24.52 29.75 38.00
C ASN B 1240 -24.71 31.23 37.70
N ASP B 1241 -23.97 32.09 38.40
CA ASP B 1241 -24.03 33.53 38.19
C ASP B 1241 -25.43 34.08 38.41
N GLY B 1242 -26.24 33.35 39.18
CA GLY B 1242 -27.61 33.76 39.43
C GLY B 1242 -28.58 33.41 38.32
N LYS B 1243 -28.13 32.80 37.23
CA LYS B 1243 -29.07 32.37 36.21
C LYS B 1243 -29.64 31.00 36.56
N PRO B 1244 -30.94 30.78 36.40
CA PRO B 1244 -31.53 29.51 36.79
C PRO B 1244 -31.08 28.37 35.89
N HIS B 1245 -31.24 27.15 36.40
CA HIS B 1245 -30.90 25.94 35.65
C HIS B 1245 -31.73 24.79 36.19
N GLN B 1246 -31.81 23.72 35.41
CA GLN B 1246 -32.48 22.52 35.85
C GLN B 1246 -31.60 21.77 36.84
N PRO B 1247 -32.19 21.01 37.76
CA PRO B 1247 -31.38 20.19 38.65
C PRO B 1247 -30.45 19.28 37.85
N ILE B 1248 -29.39 18.82 38.49
CA ILE B 1248 -28.40 17.95 37.86
C ILE B 1248 -28.35 16.65 38.64
N ASN B 1249 -28.53 15.55 37.94
CA ASN B 1249 -28.40 14.22 38.52
C ASN B 1249 -27.44 13.34 37.75
N LYS B 1250 -27.43 13.45 36.41
CA LYS B 1250 -26.50 12.71 35.57
C LYS B 1250 -25.89 13.67 34.56
N VAL B 1251 -24.66 13.36 34.13
CA VAL B 1251 -23.92 14.21 33.21
C VAL B 1251 -23.24 13.33 32.17
N ARG B 1252 -23.17 13.82 30.94
CA ARG B 1252 -22.60 13.06 29.83
C ARG B 1252 -21.10 13.28 29.80
N VAL B 1253 -20.33 12.25 30.15
CA VAL B 1253 -18.88 12.28 30.07
C VAL B 1253 -18.45 11.68 28.75
N PHE B 1254 -17.47 12.30 28.11
CA PHE B 1254 -17.01 11.89 26.79
C PHE B 1254 -15.62 11.26 26.87
N GLU B 1255 -15.30 10.50 25.84
CA GLU B 1255 -14.02 9.85 25.71
C GLU B 1255 -13.60 9.85 24.25
N LEU B 1256 -12.31 10.02 24.01
CA LEU B 1256 -11.74 9.99 22.67
C LEU B 1256 -11.15 8.60 22.45
N GLY B 1257 -11.62 7.92 21.42
CA GLY B 1257 -11.17 6.58 21.12
C GLY B 1257 -11.73 6.07 19.82
N SER B 1258 -11.69 4.75 19.65
CA SER B 1258 -12.15 4.09 18.43
C SER B 1258 -13.29 3.14 18.81
N LYS B 1259 -14.51 3.61 18.67
CA LYS B 1259 -15.70 2.80 18.90
C LYS B 1259 -16.49 2.68 17.61
N PHE B 1260 -16.88 1.45 17.28
CA PHE B 1260 -17.58 1.15 16.04
C PHE B 1260 -19.07 1.07 16.28
N GLN B 1261 -19.84 1.38 15.25
CA GLN B 1261 -21.29 1.36 15.36
C GLN B 1261 -21.78 -0.06 15.62
N VAL B 1262 -22.88 -0.16 16.36
CA VAL B 1262 -23.45 -1.48 16.66
C VAL B 1262 -23.98 -2.11 15.38
N GLY B 1263 -24.73 -1.34 14.59
CA GLY B 1263 -25.31 -1.85 13.37
C GLY B 1263 -25.44 -0.80 12.30
N GLN B 1264 -26.38 -1.00 11.36
CA GLN B 1264 -26.55 -0.08 10.25
C GLN B 1264 -28.00 0.24 9.92
N THR B 1265 -28.97 -0.34 10.63
CA THR B 1265 -30.38 -0.15 10.34
C THR B 1265 -31.04 0.67 11.44
N GLY B 1266 -32.03 1.46 11.06
CA GLY B 1266 -32.73 2.28 12.05
C GLY B 1266 -31.78 3.21 12.78
N ASN B 1267 -31.93 3.26 14.10
CA ASN B 1267 -31.05 4.08 14.93
C ASN B 1267 -29.81 3.34 15.40
N LYS B 1268 -29.63 2.08 14.99
CA LYS B 1268 -28.47 1.32 15.42
C LYS B 1268 -27.17 1.94 14.92
N LYS B 1269 -27.21 2.78 13.90
CA LYS B 1269 -25.99 3.47 13.49
C LYS B 1269 -25.53 4.40 14.60
N GLY B 1270 -26.45 4.92 15.40
CA GLY B 1270 -26.12 5.86 16.44
C GLY B 1270 -25.60 5.26 17.73
N LYS B 1271 -25.34 3.95 17.76
CA LYS B 1271 -24.87 3.27 18.95
C LYS B 1271 -23.42 2.86 18.72
N TYR B 1272 -22.54 3.31 19.61
CA TYR B 1272 -21.11 3.06 19.51
C TYR B 1272 -20.66 2.21 20.69
N VAL B 1273 -19.95 1.13 20.40
CA VAL B 1273 -19.60 0.12 21.41
C VAL B 1273 -18.14 -0.28 21.23
N GLU B 1274 -17.60 -0.95 22.23
CA GLU B 1274 -16.22 -1.41 22.25
C GLU B 1274 -16.18 -2.92 22.17
N ALA B 1275 -15.07 -3.44 21.64
CA ALA B 1275 -14.92 -4.89 21.49
C ALA B 1275 -15.07 -5.58 22.84
N ALA B 1276 -15.79 -6.69 22.84
CA ALA B 1276 -16.03 -7.43 24.07
C ALA B 1276 -14.75 -8.09 24.58
N LYS B 1277 -14.72 -8.40 25.86
CA LYS B 1277 -13.56 -9.03 26.46
C LYS B 1277 -13.25 -10.34 25.76
N GLY B 1278 -11.98 -10.56 25.46
CA GLY B 1278 -11.55 -11.80 24.83
C GLY B 1278 -12.12 -12.02 23.45
N THR B 1279 -12.21 -10.98 22.62
CA THR B 1279 -12.66 -11.09 21.25
C THR B 1279 -11.60 -10.70 20.23
N ASN B 1280 -10.42 -10.29 20.67
CA ASN B 1280 -9.30 -10.03 19.77
C ASN B 1280 -8.56 -11.35 19.54
N LEU B 1281 -9.25 -12.26 18.85
CA LEU B 1281 -8.76 -13.62 18.68
C LEU B 1281 -7.73 -13.76 17.57
N PHE B 1282 -7.61 -12.77 16.68
CA PHE B 1282 -6.75 -12.88 15.52
C PHE B 1282 -5.79 -11.70 15.45
N PHE B 1283 -4.53 -12.01 15.14
CA PHE B 1283 -3.46 -11.02 15.10
C PHE B 1283 -2.60 -11.35 13.88
N ALA B 1284 -2.80 -10.59 12.80
CA ALA B 1284 -2.15 -10.90 11.54
C ALA B 1284 -0.76 -10.32 11.47
N VAL B 1285 0.16 -11.08 10.87
CA VAL B 1285 1.54 -10.66 10.65
C VAL B 1285 1.85 -10.86 9.18
N TYR B 1286 2.10 -9.76 8.48
CA TYR B 1286 2.50 -9.73 7.08
C TYR B 1286 3.97 -9.36 6.99
N GLU B 1287 4.56 -9.59 5.82
CA GLU B 1287 5.92 -9.15 5.54
C GLU B 1287 5.98 -8.61 4.13
N ASP B 1288 6.62 -7.45 3.96
CA ASP B 1288 6.82 -6.87 2.64
C ASP B 1288 8.02 -7.51 1.96
N GLU B 1289 8.11 -7.31 0.65
CA GLU B 1289 9.20 -7.88 -0.12
C GLU B 1289 10.54 -7.59 0.51
N LYS B 1290 10.69 -6.39 1.07
CA LYS B 1290 11.96 -6.03 1.68
C LYS B 1290 12.32 -6.99 2.81
N GLY B 1291 11.35 -7.37 3.62
CA GLY B 1291 11.58 -8.23 4.75
C GLY B 1291 11.03 -7.67 6.05
N LYS B 1292 10.54 -6.42 5.98
CA LYS B 1292 9.98 -5.78 7.15
C LYS B 1292 8.63 -6.39 7.52
N ARG B 1293 8.36 -6.45 8.82
CA ARG B 1293 7.15 -7.05 9.35
C ARG B 1293 6.09 -5.99 9.61
N SER B 1294 4.85 -6.32 9.33
CA SER B 1294 3.70 -5.49 9.63
C SER B 1294 2.71 -6.30 10.45
N TYR B 1295 2.06 -5.65 11.42
CA TYR B 1295 1.16 -6.33 12.33
C TYR B 1295 -0.18 -5.64 12.37
N GLU B 1296 -1.23 -6.44 12.58
CA GLU B 1296 -2.59 -5.91 12.63
C GLU B 1296 -3.42 -6.79 13.56
N THR B 1297 -4.52 -6.21 14.05
CA THR B 1297 -5.50 -6.95 14.83
C THR B 1297 -6.84 -6.87 14.12
N ILE B 1298 -7.39 -8.02 13.75
CA ILE B 1298 -8.61 -8.06 12.95
C ILE B 1298 -9.82 -7.95 13.87
N PRO B 1299 -10.71 -6.97 13.67
CA PRO B 1299 -11.92 -6.91 14.50
C PRO B 1299 -12.82 -8.11 14.26
N LEU B 1300 -13.63 -8.42 15.28
CA LEU B 1300 -14.46 -9.61 15.23
C LEU B 1300 -15.44 -9.58 14.07
N ASN B 1301 -16.04 -8.42 13.80
CA ASN B 1301 -17.03 -8.34 12.73
C ASN B 1301 -16.41 -8.66 11.37
N GLU B 1302 -15.19 -8.18 11.14
CA GLU B 1302 -14.50 -8.51 9.90
C GLU B 1302 -14.29 -10.01 9.77
N VAL B 1303 -13.87 -10.66 10.86
CA VAL B 1303 -13.67 -12.10 10.84
C VAL B 1303 -14.99 -12.80 10.56
N ILE B 1304 -16.08 -12.33 11.18
CA ILE B 1304 -17.38 -12.94 10.98
C ILE B 1304 -17.76 -12.87 9.50
N GLU B 1305 -17.61 -11.69 8.90
CA GLU B 1305 -17.98 -11.54 7.49
C GLU B 1305 -17.11 -12.42 6.60
N ARG B 1306 -15.80 -12.42 6.85
CA ARG B 1306 -14.91 -13.23 6.02
C ARG B 1306 -15.24 -14.71 6.13
N GLN B 1307 -15.50 -15.20 7.35
CA GLN B 1307 -15.81 -16.61 7.53
C GLN B 1307 -17.17 -16.95 6.92
N LYS B 1308 -18.12 -16.02 6.99
CA LYS B 1308 -19.39 -16.23 6.31
C LYS B 1308 -19.20 -16.37 4.81
N GLN B 1309 -18.30 -15.56 4.24
CA GLN B 1309 -18.02 -15.64 2.82
C GLN B 1309 -17.19 -16.88 2.46
N GLY B 1310 -16.88 -17.73 3.42
CA GLY B 1310 -16.07 -18.90 3.15
C GLY B 1310 -14.60 -18.64 3.04
N LEU B 1311 -14.16 -17.42 3.35
CA LEU B 1311 -12.76 -17.02 3.24
C LEU B 1311 -12.06 -17.20 4.58
N THR B 1312 -10.74 -17.03 4.55
CA THR B 1312 -9.95 -17.13 5.77
C THR B 1312 -10.27 -15.96 6.71
N SER B 1313 -10.05 -16.20 8.01
CA SER B 1313 -10.37 -15.19 9.00
C SER B 1313 -9.57 -13.91 8.78
N VAL B 1314 -8.29 -14.04 8.43
CA VAL B 1314 -7.41 -12.88 8.27
C VAL B 1314 -7.18 -12.66 6.78
N PRO B 1315 -7.20 -11.42 6.28
CA PRO B 1315 -6.80 -11.20 4.89
C PRO B 1315 -5.37 -11.64 4.66
N LEU B 1316 -5.12 -12.23 3.49
CA LEU B 1316 -3.80 -12.73 3.17
C LEU B 1316 -2.83 -11.63 2.75
N GLU B 1317 -3.33 -10.42 2.49
CA GLU B 1317 -2.48 -9.27 2.20
C GLU B 1317 -3.06 -8.06 2.90
N ASN B 1318 -2.19 -7.13 3.27
CA ASN B 1318 -2.62 -5.87 3.87
C ASN B 1318 -2.88 -4.86 2.76
N GLU B 1319 -3.20 -3.62 3.14
CA GLU B 1319 -3.47 -2.60 2.13
C GLU B 1319 -2.24 -2.34 1.27
N LYS B 1320 -1.06 -2.28 1.90
CA LYS B 1320 0.17 -2.06 1.16
C LYS B 1320 0.54 -3.21 0.25
N GLY B 1321 -0.08 -4.38 0.42
CA GLY B 1321 0.21 -5.53 -0.40
C GLY B 1321 1.20 -6.50 0.20
N SER B 1322 1.58 -6.34 1.47
CA SER B 1322 2.50 -7.27 2.10
C SER B 1322 1.82 -8.62 2.30
N ARG B 1323 2.42 -9.67 1.76
CA ARG B 1323 1.85 -11.00 1.91
C ARG B 1323 1.80 -11.40 3.37
N LEU B 1324 0.74 -12.10 3.73
CA LEU B 1324 0.52 -12.49 5.12
C LEU B 1324 1.46 -13.62 5.51
N LEU B 1325 2.30 -13.38 6.51
CA LEU B 1325 3.15 -14.44 7.03
C LEU B 1325 2.32 -15.45 7.81
N PHE B 1326 1.57 -14.98 8.80
CA PHE B 1326 0.72 -15.88 9.57
C PHE B 1326 -0.06 -15.08 10.61
N ASP B 1327 -1.11 -15.69 11.14
CA ASP B 1327 -1.94 -15.08 12.16
C ASP B 1327 -1.80 -15.82 13.47
N LEU B 1328 -1.82 -15.07 14.57
CA LEU B 1328 -1.69 -15.60 15.91
C LEU B 1328 -3.01 -15.43 16.66
N SER B 1329 -3.32 -16.41 17.51
CA SER B 1329 -4.48 -16.39 18.37
C SER B 1329 -4.04 -16.76 19.77
N PRO B 1330 -4.82 -16.39 20.79
CA PRO B 1330 -4.41 -16.70 22.17
C PRO B 1330 -4.17 -18.18 22.35
N ASN B 1331 -3.16 -18.51 23.15
CA ASN B 1331 -2.71 -19.87 23.45
C ASN B 1331 -1.93 -20.49 22.30
N ASP B 1332 -1.69 -19.76 21.21
CA ASP B 1332 -0.82 -20.25 20.17
C ASP B 1332 0.63 -20.27 20.66
N LEU B 1333 1.43 -21.16 20.09
CA LEU B 1333 2.83 -21.34 20.48
C LEU B 1333 3.73 -20.85 19.36
N VAL B 1334 4.71 -20.02 19.73
CA VAL B 1334 5.70 -19.49 18.80
C VAL B 1334 7.09 -19.78 19.34
N TYR B 1335 8.04 -19.93 18.43
CA TYR B 1335 9.44 -20.10 18.76
C TYR B 1335 10.17 -18.81 18.40
N VAL B 1336 10.97 -18.31 19.32
CA VAL B 1336 11.75 -17.09 19.11
C VAL B 1336 13.19 -17.50 18.86
N PRO B 1337 13.72 -17.34 17.65
CA PRO B 1337 15.10 -17.75 17.39
C PRO B 1337 16.09 -16.87 18.14
N GLU B 1338 17.27 -17.43 18.39
CA GLU B 1338 18.33 -16.66 19.01
C GLU B 1338 18.70 -15.47 18.15
N ILE B 1339 19.34 -14.48 18.77
CA ILE B 1339 19.69 -13.26 18.05
C ILE B 1339 20.55 -13.58 16.85
N ASP B 1340 21.50 -14.50 17.00
CA ASP B 1340 22.36 -14.89 15.88
C ASP B 1340 21.64 -15.77 14.88
N GLU B 1341 20.67 -16.57 15.33
CA GLU B 1341 20.02 -17.53 14.45
C GLU B 1341 19.33 -16.83 13.29
N ASN B 1342 19.40 -17.46 12.12
CA ASN B 1342 18.71 -16.99 10.91
C ASN B 1342 17.71 -18.07 10.52
N ILE B 1343 16.53 -18.00 11.13
CA ILE B 1343 15.50 -19.01 10.88
C ILE B 1343 14.56 -18.58 9.77
N ASP B 1344 14.91 -18.93 8.54
CA ASP B 1344 14.08 -18.59 7.38
C ASP B 1344 13.37 -19.87 6.97
N SER B 1345 14.11 -20.96 6.76
CA SER B 1345 13.50 -22.25 6.48
C SER B 1345 14.09 -23.29 7.41
N ASN B 1346 14.25 -22.90 8.68
CA ASN B 1346 14.85 -23.77 9.68
C ASN B 1346 14.34 -25.20 9.64
N PHE B 1347 13.03 -25.38 9.80
CA PHE B 1347 12.45 -26.71 9.80
C PHE B 1347 13.06 -27.48 10.97
N VAL B 1348 13.46 -28.72 10.76
CA VAL B 1348 14.15 -29.54 11.76
C VAL B 1348 13.58 -29.27 13.15
N PHE B 1349 12.26 -29.39 13.28
CA PHE B 1349 11.58 -29.25 14.57
C PHE B 1349 11.56 -30.57 15.34
N SER B 1350 12.52 -31.47 15.08
CA SER B 1350 12.69 -32.68 15.85
C SER B 1350 13.83 -32.62 16.85
N ASN B 1351 14.87 -31.84 16.57
CA ASN B 1351 16.01 -31.74 17.47
C ASN B 1351 15.78 -30.64 18.50
N LEU B 1352 14.65 -30.71 19.21
CA LEU B 1352 14.31 -29.71 20.22
C LEU B 1352 15.01 -30.07 21.51
N ASN B 1353 16.14 -29.42 21.76
CA ASN B 1353 16.84 -29.54 23.02
C ASN B 1353 16.22 -28.60 24.05
N LYS B 1354 16.85 -28.52 25.22
CA LYS B 1354 16.33 -27.65 26.27
C LYS B 1354 16.40 -26.19 25.85
N GLU B 1355 17.46 -25.82 25.13
CA GLU B 1355 17.63 -24.42 24.72
C GLU B 1355 16.52 -23.99 23.78
N LYS B 1356 16.19 -24.83 22.80
CA LYS B 1356 15.10 -24.49 21.88
C LYS B 1356 13.78 -24.36 22.62
N ILE B 1357 13.49 -25.29 23.52
CA ILE B 1357 12.23 -25.27 24.25
C ILE B 1357 12.14 -24.05 25.14
N SER B 1358 13.27 -23.63 25.72
CA SER B 1358 13.29 -22.45 26.57
C SER B 1358 12.96 -21.17 25.82
N ARG B 1359 12.97 -21.21 24.48
CA ARG B 1359 12.61 -20.06 23.65
C ARG B 1359 11.25 -20.26 22.98
N ILE B 1360 10.31 -20.87 23.70
CA ILE B 1360 8.95 -21.09 23.21
C ILE B 1360 8.01 -20.25 24.07
N TYR B 1361 7.16 -19.47 23.42
CA TYR B 1361 6.25 -18.56 24.10
C TYR B 1361 4.82 -18.78 23.62
N LYS B 1362 3.88 -18.31 24.44
CA LYS B 1362 2.45 -18.48 24.22
C LYS B 1362 1.80 -17.11 24.17
N VAL B 1363 1.00 -16.87 23.14
CA VAL B 1363 0.26 -15.61 23.03
C VAL B 1363 -0.76 -15.54 24.15
N GLU B 1364 -0.97 -14.33 24.68
CA GLU B 1364 -1.92 -14.12 25.75
C GLU B 1364 -3.02 -13.14 25.39
N LYS B 1365 -2.67 -11.98 24.83
CA LYS B 1365 -3.68 -11.01 24.42
C LYS B 1365 -3.10 -10.13 23.33
N THR B 1366 -3.98 -9.38 22.68
CA THR B 1366 -3.62 -8.56 21.53
C THR B 1366 -4.41 -7.26 21.57
N SER B 1367 -3.80 -6.21 21.02
CA SER B 1367 -4.46 -4.92 20.87
C SER B 1367 -3.65 -4.06 19.92
N GLY B 1368 -4.32 -3.47 18.94
CA GLY B 1368 -3.59 -2.71 17.94
C GLY B 1368 -2.56 -3.59 17.26
N THR B 1369 -1.31 -3.15 17.29
CA THR B 1369 -0.19 -3.93 16.76
C THR B 1369 0.64 -4.58 17.86
N GLU B 1370 0.10 -4.62 19.09
CA GLU B 1370 0.83 -5.12 20.25
C GLU B 1370 0.31 -6.49 20.63
N CYS B 1371 1.22 -7.46 20.75
CA CYS B 1371 0.89 -8.83 21.10
C CYS B 1371 1.73 -9.25 22.30
N TYR B 1372 1.06 -9.67 23.37
CA TYR B 1372 1.72 -10.02 24.62
C TYR B 1372 1.93 -11.53 24.70
N PHE B 1373 3.04 -11.92 25.31
CA PHE B 1373 3.47 -13.31 25.35
C PHE B 1373 3.85 -13.70 26.76
N VAL B 1374 3.86 -15.01 27.01
CA VAL B 1374 4.34 -15.58 28.27
C VAL B 1374 4.96 -16.93 27.96
N ARG B 1375 6.09 -17.24 28.61
CA ARG B 1375 6.73 -18.52 28.34
C ARG B 1375 5.78 -19.66 28.69
N GLN B 1376 5.81 -20.71 27.87
CA GLN B 1376 4.75 -21.72 27.93
C GLN B 1376 4.71 -22.41 29.28
N ASP B 1377 5.86 -22.75 29.86
CA ASP B 1377 5.88 -23.49 31.11
C ASP B 1377 5.48 -22.62 32.30
N ILE B 1378 5.36 -21.31 32.13
CA ILE B 1378 4.94 -20.43 33.21
C ILE B 1378 3.43 -20.50 33.37
N ALA B 1379 2.98 -20.77 34.59
CA ALA B 1379 1.57 -20.81 34.93
C ALA B 1379 1.13 -19.58 35.70
N TYR B 1380 1.82 -19.27 36.79
CA TYR B 1380 1.50 -18.14 37.64
C TYR B 1380 2.78 -17.41 38.04
N LEU B 1381 2.71 -16.09 38.07
CA LEU B 1381 3.86 -15.28 38.41
C LEU B 1381 4.25 -15.48 39.88
N ILE B 1382 5.55 -15.34 40.15
CA ILE B 1382 6.01 -15.37 41.53
C ILE B 1382 5.36 -14.26 42.33
N LYS B 1383 5.32 -13.06 41.76
CA LYS B 1383 4.62 -11.93 42.34
C LYS B 1383 3.95 -11.15 41.22
N GLN B 1384 2.68 -10.82 41.41
CA GLN B 1384 1.96 -10.02 40.43
C GLN B 1384 2.33 -8.55 40.59
N TYR B 1385 1.69 -7.71 39.77
CA TYR B 1385 1.98 -6.28 39.75
C TYR B 1385 0.98 -5.53 40.62
N ASP B 1386 1.50 -4.66 41.48
CA ASP B 1386 0.69 -3.77 42.30
C ASP B 1386 1.09 -2.33 42.01
N ALA B 1387 0.08 -1.48 41.80
CA ALA B 1387 0.35 -0.09 41.43
C ALA B 1387 1.17 0.63 42.50
N LYS B 1388 1.09 0.21 43.75
CA LYS B 1388 1.82 0.88 44.82
C LYS B 1388 3.31 0.57 44.75
N THR B 1389 3.68 -0.69 44.91
CA THR B 1389 5.08 -1.06 44.86
C THR B 1389 5.64 -0.97 43.45
N LYS B 1390 4.80 -1.22 42.44
CA LYS B 1390 5.19 -1.10 41.03
C LYS B 1390 6.30 -2.11 40.68
N ILE B 1391 6.12 -3.35 41.11
CA ILE B 1391 7.01 -4.44 40.73
C ILE B 1391 6.17 -5.65 40.38
N GLY B 1392 6.71 -6.49 39.50
CA GLY B 1392 6.04 -7.70 39.11
C GLY B 1392 6.95 -8.58 38.28
N GLU B 1393 6.63 -9.87 38.24
CA GLU B 1393 7.44 -10.81 37.47
C GLU B 1393 7.51 -10.38 36.01
N LEU B 1394 6.44 -9.78 35.50
CA LEU B 1394 6.33 -9.39 34.09
C LEU B 1394 5.71 -8.01 33.96
N GLU B 1395 6.15 -7.09 34.82
CA GLU B 1395 5.79 -5.67 34.71
C GLU B 1395 4.29 -5.47 34.89
N SER B 1396 3.77 -4.36 34.37
CA SER B 1396 2.40 -3.94 34.68
C SER B 1396 1.35 -4.90 34.16
N GLN B 1397 1.55 -5.47 32.98
CA GLN B 1397 0.54 -6.30 32.34
C GLN B 1397 0.60 -7.76 32.76
N ASN B 1398 1.56 -8.14 33.61
CA ASN B 1398 1.77 -9.54 33.97
C ASN B 1398 2.09 -10.38 32.74
N LYS B 1399 2.52 -9.73 31.66
CA LYS B 1399 2.97 -10.37 30.45
C LYS B 1399 3.73 -9.34 29.64
N LEU B 1400 4.63 -9.82 28.78
CA LEU B 1400 5.58 -8.95 28.11
C LEU B 1400 5.47 -9.10 26.59
N GLN B 1401 5.87 -8.05 25.88
CA GLN B 1401 5.99 -8.09 24.43
C GLN B 1401 7.35 -8.61 23.98
N VAL B 1402 8.27 -8.87 24.92
CA VAL B 1402 9.62 -9.31 24.59
C VAL B 1402 9.91 -10.61 25.36
N THR B 1403 11.10 -11.17 25.14
CA THR B 1403 11.53 -12.32 25.91
C THR B 1403 11.90 -11.89 27.33
N MET B 1404 11.88 -12.86 28.24
CA MET B 1404 12.34 -12.58 29.60
C MET B 1404 13.86 -12.62 29.71
N THR B 1405 14.55 -13.16 28.72
CA THR B 1405 16.00 -13.25 28.76
C THR B 1405 16.59 -11.85 28.61
N ASP B 1406 17.89 -11.72 28.86
CA ASP B 1406 18.51 -10.40 28.91
C ASP B 1406 18.41 -9.67 27.58
N ASP B 1407 18.22 -10.38 26.48
CA ASP B 1407 18.22 -9.71 25.18
C ASP B 1407 17.04 -8.76 24.99
N ARG B 1408 15.90 -9.05 25.63
CA ARG B 1408 14.73 -8.16 25.51
C ARG B 1408 14.47 -7.81 24.04
N ILE B 1409 14.12 -8.81 23.25
CA ILE B 1409 13.83 -8.64 21.84
C ILE B 1409 12.33 -8.80 21.62
N ARG B 1410 11.77 -7.94 20.77
CA ARG B 1410 10.36 -8.04 20.43
C ARG B 1410 10.06 -9.42 19.87
N ILE B 1411 9.05 -10.08 20.43
CA ILE B 1411 8.73 -11.44 20.02
C ILE B 1411 8.23 -11.45 18.58
N THR B 1412 7.30 -10.56 18.26
CA THR B 1412 6.67 -10.56 16.95
C THR B 1412 7.64 -10.22 15.82
N ASP B 1413 8.83 -9.70 16.14
CA ASP B 1413 9.76 -9.32 15.09
C ASP B 1413 10.42 -10.53 14.44
N THR B 1414 10.61 -11.62 15.19
CA THR B 1414 11.29 -12.78 14.65
C THR B 1414 10.64 -14.11 15.06
N CYS B 1415 9.46 -14.08 15.67
CA CYS B 1415 8.82 -15.32 16.09
C CYS B 1415 8.36 -16.12 14.88
N VAL B 1416 8.31 -17.44 15.06
CA VAL B 1416 7.78 -18.35 14.05
C VAL B 1416 6.75 -19.26 14.71
N LYS B 1417 5.55 -19.32 14.14
CA LYS B 1417 4.49 -20.14 14.71
C LYS B 1417 4.87 -21.62 14.65
N ILE B 1418 4.36 -22.39 15.62
CA ILE B 1418 4.52 -23.83 15.61
C ILE B 1418 3.18 -24.47 15.92
N ASN B 1419 3.07 -25.75 15.59
CA ASN B 1419 1.86 -26.53 15.80
C ASN B 1419 2.19 -27.75 16.64
N CYS B 1420 1.46 -27.92 17.74
CA CYS B 1420 1.63 -29.05 18.64
C CYS B 1420 0.28 -29.73 18.85
N ASP B 1421 0.32 -31.03 19.10
CA ASP B 1421 -0.88 -31.83 19.26
C ASP B 1421 -1.24 -31.92 20.75
N ARG B 1422 -2.26 -32.74 21.06
CA ARG B 1422 -2.66 -32.90 22.45
C ARG B 1422 -1.50 -33.38 23.32
N LEU B 1423 -0.63 -34.22 22.77
CA LEU B 1423 0.49 -34.77 23.51
C LEU B 1423 1.72 -33.87 23.47
N GLY B 1424 1.62 -32.69 22.88
CA GLY B 1424 2.74 -31.76 22.87
C GLY B 1424 3.89 -32.15 21.97
N ASN B 1425 3.60 -32.71 20.80
CA ASN B 1425 4.62 -33.00 19.81
C ASN B 1425 4.48 -32.01 18.66
N ILE B 1426 5.55 -31.27 18.37
CA ILE B 1426 5.50 -30.28 17.31
C ILE B 1426 5.30 -30.98 15.96
N ASN B 1427 4.67 -30.27 15.03
CA ASN B 1427 4.41 -30.79 13.71
C ASN B 1427 5.05 -29.89 12.67
N PHE B 1428 5.51 -30.49 11.57
CA PHE B 1428 6.30 -29.78 10.58
C PHE B 1428 6.27 -30.56 9.26
N ILE B 1429 6.32 -29.81 8.16
CA ILE B 1429 6.00 -30.38 6.85
C ILE B 1429 7.16 -31.25 6.35
N THR B 1430 7.02 -32.55 6.53
CA THR B 1430 8.08 -33.49 6.20
C THR B 1430 7.78 -34.10 4.83
N LYS B 1431 8.74 -34.90 4.35
CA LYS B 1431 8.59 -35.59 3.07
C LYS B 1431 7.28 -36.37 3.03
N GLU B 1432 7.03 -37.18 4.06
CA GLU B 1432 5.80 -37.97 4.08
C GLU B 1432 4.58 -37.07 4.13
N LYS B 1433 4.63 -36.01 4.95
CA LYS B 1433 3.48 -35.12 5.06
C LYS B 1433 3.18 -34.45 3.72
N ILE B 1434 4.22 -33.94 3.05
CA ILE B 1434 4.01 -33.27 1.78
C ILE B 1434 3.47 -34.25 0.75
N LYS B 1435 3.97 -35.49 0.75
CA LYS B 1435 3.36 -36.51 -0.08
C LYS B 1435 1.87 -36.61 0.21
N GLN B 1436 1.52 -36.78 1.49
CA GLN B 1436 0.13 -37.00 1.86
C GLN B 1436 -0.77 -35.84 1.43
N ILE B 1437 -0.23 -34.62 1.44
CA ILE B 1437 -1.06 -33.44 1.18
C ILE B 1437 -1.93 -33.67 -0.05
N PHE B 1438 -1.30 -33.95 -1.19
CA PHE B 1438 -2.03 -34.25 -2.41
C PHE B 1438 -2.20 -35.74 -2.66
N ASN B 1439 -1.65 -36.61 -1.82
CA ASN B 1439 -1.95 -38.03 -1.94
C ASN B 1439 -3.39 -38.30 -1.55
N GLU B 1440 -3.88 -37.63 -0.51
CA GLU B 1440 -5.22 -37.94 -0.03
C GLU B 1440 -6.28 -37.62 -1.06
N PHE B 1441 -5.95 -36.81 -2.08
CA PHE B 1441 -6.79 -36.71 -3.26
C PHE B 1441 -6.52 -37.83 -4.26
N ARG B 1442 -5.28 -38.31 -4.34
CA ARG B 1442 -4.93 -39.38 -5.26
C ARG B 1442 -5.50 -40.71 -4.78
N LEU F 3 -22.38 4.24 -10.76
CA LEU F 3 -23.61 3.78 -10.10
C LEU F 3 -23.67 2.26 -10.07
N ASP F 4 -22.93 1.61 -10.98
CA ASP F 4 -22.86 0.16 -11.00
C ASP F 4 -21.61 -0.25 -11.76
N LYS F 5 -20.67 -0.88 -11.07
CA LYS F 5 -19.44 -1.33 -11.72
C LYS F 5 -19.76 -2.47 -12.68
N ILE F 6 -19.20 -2.40 -13.89
CA ILE F 6 -19.53 -3.30 -14.97
C ILE F 6 -18.26 -4.02 -15.41
N ALA F 7 -18.34 -5.34 -15.56
CA ALA F 7 -17.25 -6.16 -16.03
C ALA F 7 -17.66 -6.89 -17.30
N ILE F 8 -16.69 -7.55 -17.93
CA ILE F 8 -16.90 -8.25 -19.20
C ILE F 8 -16.20 -9.60 -19.14
N ASP F 9 -16.59 -10.47 -20.06
CA ASP F 9 -15.98 -11.78 -20.24
C ASP F 9 -15.25 -11.82 -21.58
N THR F 10 -14.58 -12.94 -21.86
CA THR F 10 -13.82 -13.06 -23.09
C THR F 10 -14.71 -12.91 -24.31
N ASN F 11 -15.92 -13.49 -24.26
CA ASN F 11 -16.77 -13.53 -25.44
C ASN F 11 -17.06 -12.13 -25.97
N ILE F 12 -17.17 -11.13 -25.11
CA ILE F 12 -17.44 -9.77 -25.58
C ILE F 12 -16.31 -9.29 -26.48
N LEU F 13 -15.07 -9.41 -26.00
CA LEU F 13 -13.94 -8.98 -26.80
C LEU F 13 -13.76 -9.83 -28.04
N LEU F 14 -14.07 -11.13 -27.96
CA LEU F 14 -14.03 -11.96 -29.16
C LEU F 14 -15.03 -11.48 -30.21
N TYR F 15 -16.28 -11.24 -29.81
CA TYR F 15 -17.25 -10.74 -30.76
C TYR F 15 -16.83 -9.40 -31.33
N ALA F 16 -16.14 -8.58 -30.52
CA ALA F 16 -15.56 -7.36 -31.06
C ALA F 16 -14.52 -7.70 -32.13
N TYR F 17 -13.65 -8.67 -31.85
CA TYR F 17 -12.56 -9.00 -32.75
C TYR F 17 -13.07 -9.68 -34.02
N ASP F 18 -14.22 -10.32 -33.95
CA ASP F 18 -14.79 -11.05 -35.08
C ASP F 18 -15.72 -10.13 -35.86
N ASN F 19 -15.60 -10.16 -37.18
CA ASN F 19 -16.42 -9.34 -38.07
C ASN F 19 -17.40 -10.14 -38.90
N ARG F 20 -17.41 -11.48 -38.78
CA ARG F 20 -18.42 -12.26 -39.48
C ARG F 20 -19.82 -11.77 -39.14
N ASP F 21 -20.03 -11.37 -37.89
CA ASP F 21 -21.33 -10.95 -37.37
C ASP F 21 -21.30 -9.45 -37.11
N LEU F 22 -21.72 -8.67 -38.11
CA LEU F 22 -21.61 -7.22 -38.01
C LEU F 22 -22.38 -6.68 -36.81
N ASP F 23 -23.61 -7.15 -36.60
CA ASP F 23 -24.44 -6.62 -35.52
C ASP F 23 -23.81 -6.92 -34.16
N LYS F 24 -23.37 -8.16 -33.95
CA LYS F 24 -22.80 -8.53 -32.66
C LYS F 24 -21.47 -7.84 -32.42
N GLN F 25 -20.64 -7.74 -33.46
CA GLN F 25 -19.40 -6.98 -33.32
C GLN F 25 -19.69 -5.53 -32.95
N ASP F 26 -20.70 -4.95 -33.59
CA ASP F 26 -21.06 -3.59 -33.27
C ASP F 26 -21.47 -3.47 -31.82
N ARG F 27 -22.30 -4.40 -31.36
CA ARG F 27 -22.78 -4.34 -29.99
C ARG F 27 -21.61 -4.42 -29.01
N ALA F 28 -20.69 -5.35 -29.27
CA ALA F 28 -19.53 -5.54 -28.38
C ALA F 28 -18.66 -4.30 -28.36
N VAL F 29 -18.41 -3.71 -29.54
CA VAL F 29 -17.65 -2.47 -29.60
C VAL F 29 -18.38 -1.36 -28.85
N GLU F 30 -19.71 -1.35 -28.94
CA GLU F 30 -20.50 -0.36 -28.22
C GLU F 30 -20.27 -0.48 -26.72
N ILE F 31 -20.23 -1.70 -26.19
CA ILE F 31 -19.90 -1.87 -24.78
C ILE F 31 -18.55 -1.25 -24.47
N LEU F 32 -17.56 -1.51 -25.32
CA LEU F 32 -16.20 -1.09 -25.02
C LEU F 32 -16.06 0.42 -24.96
N LEU F 33 -17.00 1.16 -25.55
CA LEU F 33 -16.98 2.61 -25.46
C LEU F 33 -17.20 3.13 -24.04
N LYS F 34 -17.65 2.27 -23.13
CA LYS F 34 -17.96 2.66 -21.76
C LYS F 34 -16.82 2.38 -20.79
N LYS F 35 -15.65 2.01 -21.29
CA LYS F 35 -14.50 1.69 -20.46
C LYS F 35 -14.85 0.63 -19.41
N PRO F 36 -15.47 -0.48 -19.81
CA PRO F 36 -15.85 -1.50 -18.84
C PRO F 36 -14.65 -2.12 -18.17
N PHE F 37 -14.83 -2.50 -16.91
CA PHE F 37 -13.79 -3.22 -16.20
C PHE F 37 -13.66 -4.64 -16.75
N VAL F 38 -12.59 -5.33 -16.35
CA VAL F 38 -12.31 -6.67 -16.85
C VAL F 38 -11.37 -7.34 -15.87
N THR F 39 -11.34 -8.67 -15.90
CA THR F 39 -10.53 -9.47 -15.01
C THR F 39 -9.33 -10.03 -15.78
N GLN F 40 -8.17 -10.07 -15.11
CA GLN F 40 -6.96 -10.52 -15.78
C GLN F 40 -7.13 -11.89 -16.40
N LEU F 41 -7.90 -12.78 -15.76
CA LEU F 41 -8.12 -14.09 -16.35
C LEU F 41 -8.83 -13.98 -17.69
N VAL F 42 -9.71 -12.99 -17.84
CA VAL F 42 -10.29 -12.73 -19.15
C VAL F 42 -9.20 -12.41 -20.15
N VAL F 43 -8.21 -11.62 -19.74
CA VAL F 43 -7.12 -11.25 -20.65
C VAL F 43 -6.34 -12.49 -21.06
N PHE F 44 -5.99 -13.33 -20.09
CA PHE F 44 -5.20 -14.52 -20.40
C PHE F 44 -5.97 -15.47 -21.32
N GLU F 45 -7.26 -15.68 -21.03
CA GLU F 45 -8.07 -16.56 -21.87
C GLU F 45 -8.20 -15.98 -23.27
N PHE F 46 -8.34 -14.65 -23.37
CA PHE F 46 -8.35 -13.99 -24.67
C PHE F 46 -7.07 -14.26 -25.43
N ILE F 47 -5.94 -14.18 -24.75
CA ILE F 47 -4.65 -14.43 -25.39
C ILE F 47 -4.60 -15.86 -25.92
N LYS F 48 -5.02 -16.82 -25.08
CA LYS F 48 -5.00 -18.22 -25.51
C LYS F 48 -5.88 -18.42 -26.74
N VAL F 49 -7.13 -17.95 -26.69
CA VAL F 49 -8.03 -18.16 -27.82
C VAL F 49 -7.48 -17.50 -29.07
N LEU F 50 -6.89 -16.30 -28.92
CA LEU F 50 -6.31 -15.64 -30.07
C LEU F 50 -5.20 -16.48 -30.69
N GLU F 51 -4.35 -17.07 -29.86
CA GLU F 51 -3.22 -17.83 -30.39
C GLU F 51 -3.60 -19.21 -30.90
N ARG F 52 -4.75 -19.75 -30.49
CA ARG F 52 -5.14 -21.10 -30.89
C ARG F 52 -6.11 -21.09 -32.07
N ARG F 53 -7.27 -20.43 -31.92
CA ARG F 53 -8.24 -20.41 -33.00
C ARG F 53 -7.74 -19.58 -34.18
N PHE F 54 -7.23 -18.38 -33.91
CA PHE F 54 -6.87 -17.45 -34.96
C PHE F 54 -5.41 -17.52 -35.36
N LYS F 55 -4.56 -18.19 -34.59
CA LYS F 55 -3.14 -18.38 -34.90
C LYS F 55 -2.40 -17.07 -35.06
N MET F 56 -2.97 -15.95 -34.61
CA MET F 56 -2.32 -14.66 -34.77
C MET F 56 -0.92 -14.69 -34.13
N ASP F 57 -0.07 -13.79 -34.61
CA ASP F 57 1.31 -13.74 -34.12
C ASP F 57 1.34 -13.34 -32.66
N LYS F 58 2.35 -13.82 -31.95
CA LYS F 58 2.54 -13.43 -30.56
C LYS F 58 2.76 -11.92 -30.45
N LYS F 59 3.55 -11.36 -31.36
CA LYS F 59 3.83 -9.92 -31.31
C LYS F 59 2.53 -9.13 -31.46
N GLU F 60 1.72 -9.45 -32.47
CA GLU F 60 0.50 -8.69 -32.71
C GLU F 60 -0.48 -8.83 -31.55
N ILE F 61 -0.63 -10.05 -31.03
CA ILE F 61 -1.55 -10.26 -29.92
C ILE F 61 -1.11 -9.47 -28.69
N THR F 62 0.19 -9.49 -28.39
CA THR F 62 0.70 -8.73 -27.26
C THR F 62 0.48 -7.23 -27.46
N LYS F 63 0.74 -6.74 -28.67
CA LYS F 63 0.55 -5.32 -28.95
C LYS F 63 -0.92 -4.92 -28.78
N LEU F 64 -1.84 -5.75 -29.27
CA LEU F 64 -3.25 -5.42 -29.12
C LEU F 64 -3.69 -5.50 -27.66
N THR F 65 -3.19 -6.49 -26.92
CA THR F 65 -3.50 -6.56 -25.50
C THR F 65 -3.06 -5.29 -24.80
N ILE F 66 -1.84 -4.84 -25.08
CA ILE F 66 -1.33 -3.63 -24.45
C ILE F 66 -2.18 -2.42 -24.84
N LYS F 67 -2.52 -2.36 -26.13
CA LYS F 67 -3.34 -1.27 -26.64
C LYS F 67 -4.64 -1.18 -25.90
N LEU F 68 -5.39 -2.27 -25.86
CA LEU F 68 -6.71 -2.30 -25.24
C LEU F 68 -6.61 -2.01 -23.74
N LEU F 69 -5.68 -2.68 -23.05
CA LEU F 69 -5.53 -2.44 -21.62
C LEU F 69 -5.10 -1.02 -21.32
N LYS F 70 -4.45 -0.35 -22.26
CA LYS F 70 -3.99 1.02 -22.01
C LYS F 70 -5.10 2.03 -22.25
N GLU F 71 -5.87 1.87 -23.32
CA GLU F 71 -6.84 2.90 -23.70
C GLU F 71 -8.29 2.60 -23.52
N VAL F 72 -8.71 1.36 -23.77
CA VAL F 72 -10.14 1.07 -23.78
C VAL F 72 -10.62 0.57 -22.41
N ILE F 73 -10.14 -0.60 -22.03
CA ILE F 73 -10.61 -1.24 -20.82
C ILE F 73 -9.70 -1.06 -19.63
N ILE F 74 -10.13 -1.55 -18.49
CA ILE F 74 -9.37 -1.42 -17.25
C ILE F 74 -9.18 -2.80 -16.63
N PRO F 75 -7.96 -3.32 -16.54
CA PRO F 75 -7.77 -4.61 -15.88
C PRO F 75 -8.05 -4.52 -14.39
N LEU F 76 -8.53 -5.63 -13.83
CA LEU F 76 -8.84 -5.73 -12.41
C LEU F 76 -7.74 -6.51 -11.72
N SER F 77 -7.18 -5.92 -10.67
CA SER F 77 -6.13 -6.58 -9.92
C SER F 77 -6.62 -7.92 -9.38
N LEU F 78 -5.80 -8.96 -9.53
CA LEU F 78 -6.16 -10.27 -9.02
C LEU F 78 -6.33 -10.21 -7.50
N HIS F 79 -7.42 -10.79 -7.02
CA HIS F 79 -7.72 -10.79 -5.60
C HIS F 79 -7.24 -12.09 -4.97
N ARG F 80 -6.49 -11.97 -3.86
CA ARG F 80 -5.91 -13.14 -3.22
C ARG F 80 -6.97 -14.05 -2.61
N ASP F 81 -8.19 -13.58 -2.43
CA ASP F 81 -9.29 -14.38 -1.89
C ASP F 81 -10.09 -15.07 -2.99
N ILE F 82 -9.50 -15.21 -4.18
CA ILE F 82 -10.26 -15.75 -5.31
C ILE F 82 -10.54 -17.24 -5.10
N TYR F 83 -9.54 -18.00 -4.63
CA TYR F 83 -9.71 -19.45 -4.54
C TYR F 83 -10.67 -19.83 -3.42
N ASN F 84 -10.53 -19.21 -2.25
CA ASN F 84 -11.43 -19.52 -1.15
C ASN F 84 -12.87 -19.19 -1.51
N TYR F 85 -13.08 -18.01 -2.11
CA TYR F 85 -14.42 -17.64 -2.51
C TYR F 85 -14.95 -18.59 -3.58
N SER F 86 -14.10 -18.99 -4.52
CA SER F 86 -14.54 -19.91 -5.56
C SER F 86 -14.99 -21.23 -4.96
N GLN F 87 -14.25 -21.74 -3.97
CA GLN F 87 -14.72 -22.91 -3.24
C GLN F 87 -16.05 -22.63 -2.55
N PHE F 88 -16.21 -21.43 -2.00
CA PHE F 88 -17.49 -21.07 -1.40
C PHE F 88 -18.60 -21.05 -2.43
N LEU F 89 -18.31 -20.56 -3.64
CA LEU F 89 -19.33 -20.48 -4.67
C LEU F 89 -19.65 -21.85 -5.26
N LEU F 90 -18.68 -22.78 -5.26
CA LEU F 90 -18.90 -24.04 -5.93
C LEU F 90 -20.03 -24.83 -5.30
N GLN F 91 -20.15 -24.81 -3.97
CA GLN F 91 -21.21 -25.57 -3.30
C GLN F 91 -22.58 -25.14 -3.79
N ARG F 92 -22.82 -23.84 -3.88
CA ARG F 92 -24.11 -23.33 -4.28
C ARG F 92 -24.26 -23.20 -5.79
N TYR F 93 -23.16 -23.22 -6.55
CA TYR F 93 -23.19 -22.97 -7.98
C TYR F 93 -22.44 -24.07 -8.71
N ASN F 94 -23.00 -24.52 -9.82
CA ASN F 94 -22.40 -25.57 -10.64
C ASN F 94 -22.17 -25.00 -12.04
N PHE F 95 -21.00 -24.40 -12.23
CA PHE F 95 -20.54 -23.90 -13.52
C PHE F 95 -19.15 -24.45 -13.79
N GLY F 96 -18.59 -24.06 -14.93
CA GLY F 96 -17.19 -24.35 -15.18
C GLY F 96 -16.30 -23.60 -14.20
N LEU F 97 -15.29 -24.30 -13.68
CA LEU F 97 -14.42 -23.70 -12.70
C LEU F 97 -13.79 -22.41 -13.23
N SER F 98 -13.58 -22.32 -14.54
CA SER F 98 -13.09 -21.08 -15.12
C SER F 98 -14.11 -19.96 -14.98
N ASP F 99 -15.37 -20.25 -15.30
CA ASP F 99 -16.42 -19.24 -15.13
C ASP F 99 -16.58 -18.88 -13.66
N ILE F 100 -16.49 -19.87 -12.77
CA ILE F 100 -16.60 -19.60 -11.35
C ILE F 100 -15.47 -18.69 -10.90
N LEU F 101 -14.25 -18.93 -11.40
CA LEU F 101 -13.13 -18.06 -11.05
C LEU F 101 -13.36 -16.65 -11.56
N VAL F 102 -13.86 -16.51 -12.78
CA VAL F 102 -14.12 -15.19 -13.35
C VAL F 102 -15.13 -14.45 -12.48
N LEU F 103 -16.23 -15.12 -12.14
CA LEU F 103 -17.25 -14.50 -11.29
C LEU F 103 -16.71 -14.17 -9.92
N SER F 104 -15.90 -15.06 -9.35
CA SER F 104 -15.31 -14.82 -8.04
C SER F 104 -14.50 -13.54 -8.06
N ASP F 105 -13.60 -13.40 -9.04
CA ASP F 105 -12.77 -12.20 -9.08
C ASP F 105 -13.61 -10.96 -9.36
N SER F 106 -14.60 -11.07 -10.25
CA SER F 106 -15.45 -9.92 -10.54
C SER F 106 -16.15 -9.43 -9.28
N ILE F 107 -16.77 -10.35 -8.54
CA ILE F 107 -17.50 -9.97 -7.33
C ILE F 107 -16.52 -9.42 -6.30
N LEU F 108 -15.37 -10.06 -6.13
CA LEU F 108 -14.40 -9.61 -5.15
C LEU F 108 -13.90 -8.19 -5.41
N ASN F 109 -14.13 -7.71 -6.64
CA ASN F 109 -13.74 -6.34 -7.02
C ASN F 109 -14.97 -5.43 -7.05
N ASN F 110 -16.07 -5.87 -6.46
CA ASN F 110 -17.29 -5.08 -6.37
C ASN F 110 -17.97 -4.87 -7.71
N CYS F 111 -17.66 -5.70 -8.71
CA CYS F 111 -18.34 -5.60 -9.99
C CYS F 111 -19.82 -5.87 -9.81
N THR F 112 -20.66 -4.99 -10.38
CA THR F 112 -22.10 -5.09 -10.20
C THR F 112 -22.80 -5.76 -11.37
N ILE F 113 -22.22 -5.72 -12.57
CA ILE F 113 -22.79 -6.37 -13.74
C ILE F 113 -21.68 -7.09 -14.49
N LEU F 114 -21.95 -8.34 -14.87
CA LEU F 114 -21.04 -9.12 -15.71
C LEU F 114 -21.73 -9.38 -17.04
N LEU F 115 -21.00 -9.16 -18.12
CA LEU F 115 -21.54 -9.30 -19.47
C LEU F 115 -21.00 -10.60 -20.07
N SER F 116 -21.89 -11.51 -20.41
CA SER F 116 -21.49 -12.78 -21.01
C SER F 116 -22.73 -13.51 -21.49
N GLU F 117 -22.50 -14.50 -22.36
CA GLU F 117 -23.58 -15.31 -22.92
C GLU F 117 -23.70 -16.67 -22.23
N ASP F 118 -22.62 -17.45 -22.23
CA ASP F 118 -22.66 -18.83 -21.76
C ASP F 118 -22.55 -18.91 -20.24
N MET F 119 -23.43 -18.18 -19.54
CA MET F 119 -23.42 -18.24 -18.08
C MET F 119 -24.84 -18.21 -17.51
N CYS F 120 -25.83 -18.65 -18.28
CA CYS F 120 -27.22 -18.68 -17.82
C CYS F 120 -27.70 -17.28 -17.43
N ASN F 121 -27.82 -16.44 -18.47
CA ASN F 121 -28.09 -15.01 -18.30
C ASN F 121 -29.20 -14.73 -17.30
N GLY F 122 -29.14 -13.56 -16.66
CA GLY F 122 -30.12 -13.17 -15.68
C GLY F 122 -29.92 -13.77 -14.31
N MET F 123 -28.99 -14.71 -14.17
CA MET F 123 -28.78 -15.37 -12.89
C MET F 123 -27.94 -14.49 -11.97
N ILE F 124 -28.33 -14.43 -10.70
CA ILE F 124 -27.67 -13.60 -9.70
C ILE F 124 -26.74 -14.48 -8.89
N VAL F 125 -25.51 -14.01 -8.70
CA VAL F 125 -24.47 -14.78 -8.03
C VAL F 125 -24.30 -14.21 -6.62
N ASP F 126 -24.81 -14.92 -5.63
CA ASP F 126 -24.63 -14.57 -4.23
C ASP F 126 -25.17 -13.18 -3.90
N LYS F 127 -26.22 -12.76 -4.60
CA LYS F 127 -26.90 -11.50 -4.27
C LYS F 127 -25.97 -10.29 -4.41
N LYS F 128 -25.00 -10.38 -5.32
CA LYS F 128 -24.02 -9.30 -5.50
C LYS F 128 -23.74 -8.89 -6.94
N LEU F 129 -24.11 -9.73 -7.91
CA LEU F 129 -23.73 -9.46 -9.29
C LEU F 129 -24.71 -10.17 -10.20
N LYS F 130 -25.41 -9.44 -11.04
CA LYS F 130 -26.36 -10.01 -11.98
C LYS F 130 -25.74 -10.08 -13.36
N ILE F 131 -25.77 -11.27 -13.96
CA ILE F 131 -25.27 -11.45 -15.31
C ILE F 131 -26.22 -10.78 -16.30
N VAL F 132 -25.66 -10.07 -17.27
CA VAL F 132 -26.43 -9.40 -18.31
C VAL F 132 -25.97 -9.93 -19.66
N ASN F 133 -26.93 -10.39 -20.47
CA ASN F 133 -26.65 -10.83 -21.82
C ASN F 133 -26.97 -9.67 -22.76
N PRO F 134 -25.97 -9.00 -23.34
CA PRO F 134 -26.25 -7.76 -24.07
C PRO F 134 -26.71 -7.95 -25.51
N PHE F 135 -26.29 -9.04 -26.15
CA PHE F 135 -26.50 -9.19 -27.58
C PHE F 135 -27.96 -9.47 -27.94
N LEU F 136 -28.79 -9.89 -26.99
CA LEU F 136 -30.18 -10.20 -27.29
C LEU F 136 -30.91 -8.97 -27.81
N LEU G 3 19.19 -16.32 -0.61
CA LEU G 3 20.36 -16.02 -1.42
C LEU G 3 20.01 -16.05 -2.91
N ASP G 4 18.92 -16.73 -3.25
CA ASP G 4 18.44 -16.78 -4.63
C ASP G 4 16.98 -17.18 -4.62
N LYS G 5 16.10 -16.28 -5.05
CA LYS G 5 14.68 -16.58 -5.11
C LYS G 5 14.42 -17.62 -6.18
N ILE G 6 13.61 -18.63 -5.85
CA ILE G 6 13.39 -19.79 -6.69
C ILE G 6 11.90 -19.89 -7.01
N ALA G 7 11.58 -20.09 -8.28
CA ALA G 7 10.22 -20.27 -8.75
C ALA G 7 10.08 -21.62 -9.43
N ILE G 8 8.84 -21.98 -9.74
CA ILE G 8 8.52 -23.27 -10.34
C ILE G 8 7.51 -23.06 -11.46
N ASP G 9 7.39 -24.08 -12.31
CA ASP G 9 6.43 -24.13 -13.40
C ASP G 9 5.41 -25.22 -13.11
N THR G 10 4.41 -25.33 -13.98
CA THR G 10 3.35 -26.32 -13.79
C THR G 10 3.91 -27.73 -13.75
N ASN G 11 4.88 -28.01 -14.63
CA ASN G 11 5.36 -29.38 -14.76
C ASN G 11 5.89 -29.94 -13.44
N ILE G 12 6.48 -29.11 -12.59
CA ILE G 12 6.99 -29.60 -11.32
C ILE G 12 5.84 -30.15 -10.47
N LEU G 13 4.78 -29.35 -10.32
CA LEU G 13 3.64 -29.80 -9.51
C LEU G 13 2.94 -30.98 -10.17
N LEU G 14 2.88 -31.02 -11.50
CA LEU G 14 2.31 -32.19 -12.18
C LEU G 14 3.10 -33.45 -11.87
N TYR G 15 4.43 -33.39 -12.00
CA TYR G 15 5.23 -34.56 -11.68
C TYR G 15 5.07 -34.96 -10.22
N ALA G 16 4.86 -33.98 -9.35
CA ALA G 16 4.51 -34.31 -7.97
C ALA G 16 3.19 -35.06 -7.91
N TYR G 17 2.19 -34.58 -8.66
CA TYR G 17 0.86 -35.17 -8.59
C TYR G 17 0.82 -36.54 -9.25
N ASP G 18 1.73 -36.81 -10.18
CA ASP G 18 1.77 -38.06 -10.90
C ASP G 18 2.69 -39.04 -10.18
N ASN G 19 2.23 -40.28 -10.06
CA ASN G 19 3.00 -41.33 -9.39
C ASN G 19 3.46 -42.42 -10.34
N ARG G 20 3.15 -42.35 -11.63
CA ARG G 20 3.68 -43.32 -12.58
C ARG G 20 5.20 -43.36 -12.50
N ASP G 21 5.81 -42.19 -12.30
CA ASP G 21 7.27 -42.04 -12.28
C ASP G 21 7.73 -41.73 -10.86
N LEU G 22 8.08 -42.78 -10.11
CA LEU G 22 8.41 -42.63 -8.70
C LEU G 22 9.57 -41.66 -8.51
N ASP G 23 10.64 -41.81 -9.30
CA ASP G 23 11.82 -40.97 -9.11
C ASP G 23 11.51 -39.51 -9.37
N LYS G 24 10.81 -39.22 -10.47
CA LYS G 24 10.50 -37.83 -10.81
C LYS G 24 9.53 -37.22 -9.82
N GLN G 25 8.52 -38.00 -9.41
CA GLN G 25 7.61 -37.52 -8.37
C GLN G 25 8.37 -37.20 -7.09
N ASP G 26 9.31 -38.06 -6.73
CA ASP G 26 10.10 -37.82 -5.54
C ASP G 26 10.87 -36.53 -5.69
N ARG G 27 11.51 -36.34 -6.83
CA ARG G 27 12.31 -35.14 -7.05
C ARG G 27 11.45 -33.90 -6.91
N ALA G 28 10.28 -33.92 -7.54
CA ALA G 28 9.39 -32.76 -7.51
C ALA G 28 8.92 -32.47 -6.09
N VAL G 29 8.56 -33.51 -5.34
CA VAL G 29 8.18 -33.32 -3.95
C VAL G 29 9.35 -32.79 -3.15
N GLU G 30 10.56 -33.22 -3.49
CA GLU G 30 11.74 -32.71 -2.80
C GLU G 30 11.89 -31.21 -3.00
N ILE G 31 11.64 -30.73 -4.22
CA ILE G 31 11.65 -29.28 -4.44
C ILE G 31 10.65 -28.60 -3.52
N LEU G 32 9.44 -29.15 -3.44
CA LEU G 32 8.37 -28.50 -2.70
C LEU G 32 8.68 -28.36 -1.22
N LEU G 33 9.61 -29.17 -0.70
CA LEU G 33 10.00 -29.04 0.69
C LEU G 33 10.71 -27.72 0.99
N LYS G 34 11.13 -26.99 -0.04
CA LYS G 34 11.87 -25.75 0.13
C LYS G 34 10.98 -24.51 0.04
N LYS G 35 9.67 -24.68 0.05
CA LYS G 35 8.72 -23.57 -0.05
C LYS G 35 9.02 -22.69 -1.27
N PRO G 36 9.18 -23.28 -2.45
CA PRO G 36 9.50 -22.47 -3.63
C PRO G 36 8.39 -21.51 -3.98
N PHE G 37 8.77 -20.36 -4.51
CA PHE G 37 7.79 -19.41 -5.01
C PHE G 37 7.13 -19.95 -6.29
N VAL G 38 6.06 -19.29 -6.71
CA VAL G 38 5.30 -19.73 -7.87
C VAL G 38 4.48 -18.56 -8.37
N THR G 39 4.09 -18.61 -9.64
CA THR G 39 3.33 -17.55 -10.29
C THR G 39 1.87 -17.98 -10.44
N GLN G 40 0.96 -17.02 -10.24
CA GLN G 40 -0.46 -17.35 -10.29
C GLN G 40 -0.83 -18.04 -11.59
N LEU G 41 -0.22 -17.65 -12.71
CA LEU G 41 -0.51 -18.31 -13.98
C LEU G 41 -0.17 -19.80 -13.90
N VAL G 42 0.88 -20.14 -13.17
CA VAL G 42 1.17 -21.56 -12.95
C VAL G 42 -0.01 -22.22 -12.25
N VAL G 43 -0.60 -21.54 -11.28
CA VAL G 43 -1.74 -22.09 -10.55
C VAL G 43 -2.91 -22.32 -11.49
N PHE G 44 -3.23 -21.31 -12.31
CA PHE G 44 -4.36 -21.44 -13.22
C PHE G 44 -4.14 -22.55 -14.24
N GLU G 45 -2.94 -22.62 -14.81
CA GLU G 45 -2.65 -23.67 -15.77
C GLU G 45 -2.72 -25.05 -15.11
N PHE G 46 -2.24 -25.14 -13.87
CA PHE G 46 -2.37 -26.38 -13.11
C PHE G 46 -3.84 -26.77 -12.95
N ILE G 47 -4.69 -25.80 -12.65
CA ILE G 47 -6.12 -26.09 -12.50
C ILE G 47 -6.69 -26.62 -13.80
N LYS G 48 -6.36 -25.95 -14.92
CA LYS G 48 -6.87 -26.39 -16.21
C LYS G 48 -6.42 -27.82 -16.51
N VAL G 49 -5.12 -28.10 -16.39
CA VAL G 49 -4.63 -29.44 -16.72
C VAL G 49 -5.28 -30.47 -15.81
N LEU G 50 -5.44 -30.13 -14.52
CA LEU G 50 -6.10 -31.07 -13.61
C LEU G 50 -7.50 -31.38 -14.08
N GLU G 51 -8.25 -30.37 -14.52
CA GLU G 51 -9.65 -30.61 -14.89
C GLU G 51 -9.79 -31.23 -16.26
N ARG G 52 -8.78 -31.16 -17.12
CA ARG G 52 -8.89 -31.69 -18.48
C ARG G 52 -8.28 -33.08 -18.61
N ARG G 53 -6.99 -33.23 -18.29
CA ARG G 53 -6.36 -34.54 -18.42
C ARG G 53 -6.90 -35.52 -17.37
N PHE G 54 -6.97 -35.09 -16.12
CA PHE G 54 -7.31 -35.97 -15.01
C PHE G 54 -8.80 -35.96 -14.66
N LYS G 55 -9.56 -35.01 -15.17
CA LYS G 55 -11.00 -34.93 -14.96
C LYS G 55 -11.38 -34.85 -13.48
N MET G 56 -10.43 -34.54 -12.60
CA MET G 56 -10.72 -34.48 -11.18
C MET G 56 -11.86 -33.49 -10.91
N ASP G 57 -12.52 -33.70 -9.78
CA ASP G 57 -13.66 -32.86 -9.42
C ASP G 57 -13.20 -31.43 -9.17
N LYS G 58 -14.10 -30.48 -9.44
CA LYS G 58 -13.81 -29.08 -9.16
C LYS G 58 -13.57 -28.88 -7.66
N LYS G 59 -14.38 -29.52 -6.82
CA LYS G 59 -14.23 -29.37 -5.38
C LYS G 59 -12.85 -29.83 -4.94
N GLU G 60 -12.44 -31.03 -5.35
CA GLU G 60 -11.16 -31.58 -4.92
C GLU G 60 -10.00 -30.73 -5.42
N ILE G 61 -10.05 -30.30 -6.68
CA ILE G 61 -8.98 -29.48 -7.24
C ILE G 61 -8.87 -28.17 -6.48
N THR G 62 -10.00 -27.53 -6.20
CA THR G 62 -9.97 -26.29 -5.44
C THR G 62 -9.41 -26.50 -4.05
N LYS G 63 -9.82 -27.58 -3.39
CA LYS G 63 -9.32 -27.85 -2.05
C LYS G 63 -7.81 -28.07 -2.06
N LEU G 64 -7.31 -28.82 -3.04
CA LEU G 64 -5.86 -29.05 -3.10
C LEU G 64 -5.11 -27.77 -3.44
N THR G 65 -5.66 -26.96 -4.34
CA THR G 65 -5.04 -25.67 -4.62
C THR G 65 -4.92 -24.84 -3.36
N ILE G 66 -6.00 -24.76 -2.59
CA ILE G 66 -5.97 -23.99 -1.36
C ILE G 66 -4.95 -24.57 -0.38
N LYS G 67 -4.93 -25.89 -0.24
CA LYS G 67 -3.99 -26.53 0.68
C LYS G 67 -2.55 -26.20 0.32
N LEU G 68 -2.19 -26.41 -0.95
CA LEU G 68 -0.82 -26.17 -1.39
C LEU G 68 -0.45 -24.70 -1.23
N LEU G 69 -1.32 -23.79 -1.70
CA LEU G 69 -1.03 -22.38 -1.58
C LEU G 69 -0.96 -21.92 -0.13
N LYS G 70 -1.62 -22.64 0.78
CA LYS G 70 -1.60 -22.24 2.18
C LYS G 70 -0.35 -22.74 2.89
N GLU G 71 0.07 -23.97 2.61
CA GLU G 71 1.07 -24.62 3.45
C GLU G 71 2.41 -24.86 2.76
N VAL G 72 2.43 -25.20 1.47
CA VAL G 72 3.66 -25.60 0.81
C VAL G 72 4.31 -24.44 0.08
N ILE G 73 3.64 -23.98 -0.97
CA ILE G 73 4.21 -22.94 -1.82
C ILE G 73 3.72 -21.55 -1.52
N ILE G 74 4.27 -20.58 -2.23
CA ILE G 74 3.91 -19.18 -2.02
C ILE G 74 3.52 -18.57 -3.36
N PRO G 75 2.27 -18.16 -3.56
CA PRO G 75 1.90 -17.51 -4.82
C PRO G 75 2.56 -16.15 -4.96
N LEU G 76 2.84 -15.78 -6.20
CA LEU G 76 3.46 -14.50 -6.51
C LEU G 76 2.41 -13.55 -7.04
N SER G 77 2.31 -12.37 -6.44
CA SER G 77 1.34 -11.38 -6.88
C SER G 77 1.57 -11.02 -8.34
N LEU G 78 0.48 -10.99 -9.11
CA LEU G 78 0.58 -10.63 -10.52
C LEU G 78 1.14 -9.22 -10.66
N HIS G 79 2.11 -9.05 -11.54
CA HIS G 79 2.75 -7.76 -11.76
C HIS G 79 2.11 -7.07 -12.95
N ARG G 80 1.73 -5.80 -12.75
CA ARG G 80 1.03 -5.05 -13.78
C ARG G 80 1.90 -4.78 -15.01
N ASP G 81 3.22 -4.92 -14.89
CA ASP G 81 4.14 -4.72 -15.99
C ASP G 81 4.42 -6.02 -16.75
N ILE G 82 3.55 -7.02 -16.61
CA ILE G 82 3.80 -8.32 -17.22
C ILE G 82 3.71 -8.23 -18.74
N TYR G 83 2.70 -7.53 -19.26
CA TYR G 83 2.47 -7.52 -20.69
C TYR G 83 3.54 -6.71 -21.43
N ASN G 84 3.88 -5.53 -20.92
CA ASN G 84 4.90 -4.72 -21.56
C ASN G 84 6.24 -5.46 -21.57
N TYR G 85 6.61 -6.05 -20.44
CA TYR G 85 7.86 -6.80 -20.39
C TYR G 85 7.82 -8.00 -21.33
N SER G 86 6.68 -8.69 -21.39
CA SER G 86 6.56 -9.83 -22.29
C SER G 86 6.78 -9.41 -23.74
N GLN G 87 6.20 -8.27 -24.14
CA GLN G 87 6.48 -7.73 -25.45
C GLN G 87 7.97 -7.42 -25.60
N PHE G 88 8.59 -6.89 -24.54
CA PHE G 88 10.03 -6.65 -24.58
C PHE G 88 10.80 -7.95 -24.75
N LEU G 89 10.36 -9.01 -24.09
CA LEU G 89 11.07 -10.29 -24.17
C LEU G 89 10.84 -10.97 -25.51
N LEU G 90 9.69 -10.73 -26.15
CA LEU G 90 9.37 -11.47 -27.36
C LEU G 90 10.36 -11.20 -28.48
N GLN G 91 10.81 -9.95 -28.61
CA GLN G 91 11.75 -9.61 -29.68
C GLN G 91 13.03 -10.44 -29.58
N ARG G 92 13.58 -10.55 -28.37
CA ARG G 92 14.82 -11.28 -28.18
C ARG G 92 14.61 -12.77 -27.95
N TYR G 93 13.40 -13.20 -27.61
CA TYR G 93 13.13 -14.58 -27.24
C TYR G 93 11.94 -15.10 -28.03
N ASN G 94 12.06 -16.34 -28.49
CA ASN G 94 11.00 -17.00 -29.26
C ASN G 94 10.59 -18.26 -28.52
N PHE G 95 9.63 -18.12 -27.61
CA PHE G 95 9.01 -19.22 -26.89
C PHE G 95 7.50 -19.11 -27.03
N GLY G 96 6.80 -20.05 -26.40
CA GLY G 96 5.35 -19.92 -26.28
C GLY G 96 5.00 -18.71 -25.44
N LEU G 97 3.99 -17.96 -25.90
CA LEU G 97 3.59 -16.76 -25.19
C LEU G 97 3.24 -17.06 -23.74
N SER G 98 2.74 -18.27 -23.47
CA SER G 98 2.47 -18.66 -22.09
C SER G 98 3.77 -18.77 -21.29
N ASP G 99 4.78 -19.43 -21.87
CA ASP G 99 6.07 -19.52 -21.19
C ASP G 99 6.70 -18.15 -21.04
N ILE G 100 6.56 -17.29 -22.05
CA ILE G 100 7.10 -15.95 -21.95
C ILE G 100 6.41 -15.18 -20.83
N LEU G 101 5.09 -15.33 -20.70
CA LEU G 101 4.38 -14.67 -19.61
C LEU G 101 4.85 -15.18 -18.26
N VAL G 102 5.04 -16.50 -18.14
CA VAL G 102 5.50 -17.08 -16.88
C VAL G 102 6.87 -16.50 -16.51
N LEU G 103 7.79 -16.48 -17.48
CA LEU G 103 9.12 -15.93 -17.23
C LEU G 103 9.06 -14.45 -16.91
N SER G 104 8.20 -13.71 -17.62
CA SER G 104 8.05 -12.29 -17.35
C SER G 104 7.65 -12.05 -15.91
N ASP G 105 6.60 -12.74 -15.45
CA ASP G 105 6.16 -12.53 -14.08
C ASP G 105 7.21 -12.99 -13.08
N SER G 106 7.87 -14.12 -13.35
CA SER G 106 8.90 -14.60 -12.44
C SER G 106 10.02 -13.57 -12.28
N ILE G 107 10.52 -13.04 -13.39
CA ILE G 107 11.60 -12.06 -13.33
C ILE G 107 11.12 -10.78 -12.66
N LEU G 108 9.90 -10.33 -12.99
CA LEU G 108 9.38 -9.11 -12.40
C LEU G 108 9.25 -9.21 -10.89
N ASN G 109 9.28 -10.43 -10.35
CA ASN G 109 9.20 -10.65 -8.90
C ASN G 109 10.57 -10.99 -8.35
N ASN G 110 11.63 -10.74 -9.11
CA ASN G 110 13.01 -10.95 -8.67
C ASN G 110 13.36 -12.42 -8.52
N CYS G 111 12.59 -13.32 -9.14
CA CYS G 111 12.91 -14.73 -9.09
C CYS G 111 14.27 -14.98 -9.75
N THR G 112 15.14 -15.72 -9.07
CA THR G 112 16.49 -15.95 -9.55
C THR G 112 16.65 -17.27 -10.26
N ILE G 113 15.83 -18.27 -9.95
CA ILE G 113 15.88 -19.57 -10.60
C ILE G 113 14.47 -20.00 -10.94
N LEU G 114 14.27 -20.48 -12.17
CA LEU G 114 13.00 -21.06 -12.60
C LEU G 114 13.23 -22.53 -12.90
N LEU G 115 12.34 -23.38 -12.39
CA LEU G 115 12.46 -24.83 -12.52
C LEU G 115 11.45 -25.29 -13.57
N SER G 116 11.94 -25.88 -14.65
CA SER G 116 11.06 -26.38 -15.70
C SER G 116 11.88 -27.20 -16.68
N GLU G 117 11.19 -28.00 -17.49
CA GLU G 117 11.82 -28.86 -18.49
C GLU G 117 11.73 -28.26 -19.89
N ASP G 118 10.51 -27.99 -20.36
CA ASP G 118 10.28 -27.58 -21.74
C ASP G 118 10.55 -26.09 -21.95
N MET G 119 11.74 -25.64 -21.54
CA MET G 119 12.09 -24.23 -21.74
C MET G 119 13.56 -24.07 -22.14
N CYS G 120 14.17 -25.09 -22.74
CA CYS G 120 15.56 -25.03 -23.18
C CYS G 120 16.48 -24.75 -21.99
N ASN G 121 16.57 -25.76 -21.12
CA ASN G 121 17.24 -25.62 -19.83
C ASN G 121 18.60 -24.95 -19.94
N GLY G 122 19.04 -24.30 -18.87
CA GLY G 122 20.31 -23.61 -18.85
C GLY G 122 20.30 -22.25 -19.50
N MET G 123 19.22 -21.88 -20.18
CA MET G 123 19.17 -20.61 -20.88
C MET G 123 18.86 -19.48 -19.92
N ILE G 124 19.56 -18.37 -20.09
CA ILE G 124 19.44 -17.20 -19.22
C ILE G 124 18.53 -16.19 -19.90
N VAL G 125 17.57 -15.65 -19.16
CA VAL G 125 16.56 -14.76 -19.70
C VAL G 125 16.92 -13.34 -19.24
N ASP G 126 17.44 -12.54 -20.16
CA ASP G 126 17.73 -11.12 -19.92
C ASP G 126 18.70 -10.93 -18.75
N LYS G 127 19.61 -11.87 -18.55
CA LYS G 127 20.67 -11.72 -17.55
C LYS G 127 20.11 -11.56 -16.14
N LYS G 128 18.95 -12.17 -15.88
CA LYS G 128 18.30 -12.05 -14.56
C LYS G 128 17.79 -13.35 -13.96
N LEU G 129 17.65 -14.40 -14.75
CA LEU G 129 17.03 -15.63 -14.26
C LEU G 129 17.50 -16.79 -15.11
N LYS G 130 18.15 -17.77 -14.49
CA LYS G 130 18.64 -18.94 -15.22
C LYS G 130 17.69 -20.11 -14.97
N ILE G 131 17.24 -20.72 -16.06
CA ILE G 131 16.37 -21.89 -15.97
C ILE G 131 17.20 -23.08 -15.48
N VAL G 132 16.62 -23.85 -14.55
CA VAL G 132 17.27 -25.04 -14.01
C VAL G 132 16.35 -26.23 -14.27
N ASN G 133 16.91 -27.27 -14.86
CA ASN G 133 16.18 -28.51 -15.08
C ASN G 133 16.56 -29.47 -13.97
N PRO G 134 15.67 -29.75 -13.00
CA PRO G 134 16.09 -30.49 -11.81
C PRO G 134 16.10 -31.99 -11.97
N PHE G 135 15.25 -32.53 -12.85
CA PHE G 135 15.04 -33.97 -12.91
C PHE G 135 16.22 -34.73 -13.51
N LEU G 136 17.10 -34.04 -14.23
CA LEU G 136 18.25 -34.72 -14.86
C LEU G 136 19.13 -35.37 -13.81
MG MG K . -15.30 -19.24 -20.09
MG MG L . 3.93 -23.94 -20.07
#